data_3P9P
#
_entry.id   3P9P
#
_cell.length_a   93.500
_cell.length_b   132.820
_cell.length_c   122.590
_cell.angle_alpha   90.00
_cell.angle_beta   109.47
_cell.angle_gamma   90.00
#
_symmetry.space_group_name_H-M   'P 1 21 1'
#
loop_
_entity.id
_entity.type
_entity.pdbx_description
1 polymer 'Catalase HPII'
2 non-polymer 'PROTOPORPHYRIN IX CONTAINING FE'
3 non-polymer 'CIS-HEME D HYDROXYCHLORIN GAMMA-SPIROLACTONE 17R, 18S'
4 non-polymer 'CIS-HEME D HYDROXYCHLORIN GAMMA-SPIROLACTONE'
5 water water
#
_entity_poly.entity_id   1
_entity_poly.type   'polypeptide(L)'
_entity_poly.pdbx_seq_one_letter_code
;MSQHNEKNPHQHQSPLHDSSEAKPGMDSLAPEDGSHRPAAEPTPPGAQPTAPGSLKAPDTRNEKLNSLEDVRKGSENYAL
TTNQGVRIADDQNSLRAGSRGPTLLEDFILREKITHFDHERIPERIVHARGSAAHGYFQPYKSLSDITKADFLSDPNKIT
PVFVRFSTVQGGAGSADTVRDIRGFATKFYTEEGIFDLVGNNTPIFFIQDAHKFPDFVHAVKPEPHWAIPQGQSAHDTFW
DYVSLQPETLHNVMWAMSDRGIPRSYRTMEGFGVHTFRLINAEGKATFVRFHWKPLAGKASLVWDEAQKLTGRDPDFHRR
ELWEAIEAGDFPEYELGFQLIPEEDEFKFDFDLLDPTKLIPEELVPVQRVGKMVLNRNPDNFFAENEQAAFHPGHIVPGL
DFTNDPLLQGRLFSYTDTQISRLGGPNFHEIPINRPTCPYHNFQRDGMHRMGIDTNPANYEPNSINDNWPRETPPGPKRG
GFESYQERVEGNKVRERSPSFGEYYSHPRLFWLSQTPFEQRHIVDGFSFELSKVVRPYIRERVVDQLAHIDLTLAQAVAK
NLGIELTDDQLNITPPPDVNGLKKDPSLSLYAIPDGDVKGRVVAILLNDEVRSADLLAILKALKAKGVHAKLLYSRMGEV
TADDGTVLPIAATFAGAPSLTVDAVIVPCGNIADIADNGDANYYLMEAYKHLKPIALAGDARKFKATIKIADQGEEGIVE
ADSADGSFMDELLTLMAAHRVWSRIPKIDKIPA
;
_entity_poly.pdbx_strand_id   A,B,C,D
#
# COMPACT_ATOMS: atom_id res chain seq x y z
N SER A 28 14.01 36.57 -11.11
CA SER A 28 13.61 35.32 -11.78
C SER A 28 12.11 35.47 -11.82
N LEU A 29 11.68 36.47 -12.55
CA LEU A 29 10.47 36.94 -12.18
C LEU A 29 9.72 37.18 -13.44
N ALA A 30 8.47 37.48 -13.19
CA ALA A 30 7.54 37.70 -14.25
C ALA A 30 8.05 38.88 -15.12
N PRO A 31 7.69 38.85 -16.40
CA PRO A 31 7.89 39.98 -17.30
C PRO A 31 7.09 41.23 -16.75
N GLU A 32 7.64 42.43 -16.92
CA GLU A 32 6.90 43.65 -16.47
C GLU A 32 5.54 43.91 -17.16
N ASP A 33 5.33 43.33 -18.34
CA ASP A 33 4.07 43.59 -19.09
C ASP A 33 2.91 42.67 -18.70
N GLY A 34 3.14 41.76 -17.73
CA GLY A 34 2.08 40.84 -17.31
C GLY A 34 1.72 39.71 -18.25
N SER A 35 2.50 39.53 -19.34
CA SER A 35 2.19 38.51 -20.39
C SER A 35 2.42 37.03 -19.93
N HIS A 36 2.97 36.88 -18.73
CA HIS A 36 3.07 35.50 -18.19
C HIS A 36 1.67 34.96 -17.86
N ARG A 37 0.66 35.83 -17.61
CA ARG A 37 -0.62 35.41 -17.04
C ARG A 37 -1.79 35.51 -18.05
N PRO A 38 -2.49 34.39 -18.34
CA PRO A 38 -3.69 34.37 -19.23
C PRO A 38 -4.81 35.23 -18.66
N ALA A 39 -5.47 35.97 -19.55
CA ALA A 39 -6.71 36.66 -19.20
C ALA A 39 -7.78 35.66 -18.66
N ALA A 40 -8.48 36.07 -17.58
CA ALA A 40 -9.53 35.26 -16.98
C ALA A 40 -10.81 35.66 -17.72
N GLU A 41 -10.86 35.38 -19.01
CA GLU A 41 -12.02 35.59 -19.80
C GLU A 41 -11.92 34.50 -20.92
N PRO A 42 -13.01 34.16 -21.60
CA PRO A 42 -12.93 33.17 -22.66
C PRO A 42 -12.07 33.63 -23.85
N THR A 43 -11.21 32.76 -24.36
CA THR A 43 -10.25 33.17 -25.39
C THR A 43 -10.16 31.95 -26.35
N PRO A 44 -9.93 32.20 -27.64
CA PRO A 44 -9.84 31.09 -28.56
C PRO A 44 -8.54 30.31 -28.36
N PRO A 45 -8.49 29.08 -28.93
CA PRO A 45 -7.32 28.27 -28.70
C PRO A 45 -6.08 29.00 -29.19
N GLY A 46 -5.02 28.92 -28.41
CA GLY A 46 -3.70 29.55 -28.80
C GLY A 46 -3.57 31.02 -28.46
N ALA A 47 -4.62 31.70 -28.01
CA ALA A 47 -4.50 33.11 -27.81
C ALA A 47 -3.79 33.45 -26.48
N GLN A 48 -3.89 32.56 -25.50
CA GLN A 48 -3.34 32.81 -24.16
C GLN A 48 -2.83 31.42 -23.71
N PRO A 49 -1.85 31.35 -22.82
CA PRO A 49 -1.51 30.08 -22.15
C PRO A 49 -2.74 29.53 -21.45
N THR A 50 -2.86 28.20 -21.45
CA THR A 50 -3.92 27.56 -20.69
C THR A 50 -3.64 27.65 -19.18
N ALA A 51 -4.66 27.46 -18.35
CA ALA A 51 -4.52 27.71 -16.92
C ALA A 51 -5.48 26.79 -16.17
N PRO A 52 -5.22 26.56 -14.86
CA PRO A 52 -6.21 25.89 -13.99
C PRO A 52 -7.57 26.54 -14.12
N GLY A 53 -8.61 25.72 -14.12
CA GLY A 53 -9.95 26.23 -14.26
C GLY A 53 -10.38 27.32 -13.32
N SER A 54 -10.00 27.24 -12.08
CA SER A 54 -10.49 28.24 -11.15
C SER A 54 -9.81 29.58 -11.38
N LEU A 55 -8.67 29.64 -12.12
CA LEU A 55 -7.99 30.88 -12.34
C LEU A 55 -8.51 31.40 -13.73
N LYS A 56 -8.80 30.48 -14.63
CA LYS A 56 -9.28 30.92 -15.96
C LYS A 56 -10.71 31.39 -15.94
N ALA A 57 -11.58 30.80 -15.14
CA ALA A 57 -13.02 31.08 -15.11
C ALA A 57 -13.46 31.07 -13.67
N PRO A 58 -12.97 32.08 -12.90
CA PRO A 58 -13.29 32.18 -11.51
C PRO A 58 -14.77 32.37 -11.19
N ASP A 59 -15.55 32.90 -12.15
CA ASP A 59 -17.00 33.12 -11.93
C ASP A 59 -17.88 31.94 -12.35
N THR A 60 -17.27 30.87 -12.89
CA THR A 60 -18.04 29.70 -13.27
C THR A 60 -18.10 28.81 -12.08
N ARG A 61 -19.30 28.61 -11.55
CA ARG A 61 -19.51 27.86 -10.33
C ARG A 61 -20.64 26.86 -10.44
N ASN A 62 -20.56 25.86 -9.55
CA ASN A 62 -21.66 24.94 -9.29
C ASN A 62 -21.44 24.33 -7.89
N GLU A 63 -22.46 23.67 -7.35
CA GLU A 63 -22.38 23.27 -5.94
C GLU A 63 -21.15 22.37 -5.70
N LYS A 64 -20.78 21.51 -6.69
CA LYS A 64 -19.61 20.68 -6.44
C LYS A 64 -18.30 21.47 -6.53
N LEU A 65 -18.21 22.34 -7.52
CA LEU A 65 -17.02 23.20 -7.64
C LEU A 65 -16.81 24.02 -6.33
N ASN A 66 -17.91 24.56 -5.82
CA ASN A 66 -17.78 25.31 -4.56
C ASN A 66 -17.30 24.48 -3.40
N SER A 67 -17.89 23.29 -3.30
CA SER A 67 -17.54 22.38 -2.24
C SER A 67 -16.05 22.05 -2.23
N LEU A 68 -15.34 22.18 -3.35
CA LEU A 68 -13.91 21.85 -3.35
C LEU A 68 -13.08 23.02 -2.81
N GLU A 69 -13.74 24.15 -2.43
CA GLU A 69 -12.93 25.27 -1.92
C GLU A 69 -12.13 24.96 -0.71
N ASP A 70 -12.57 23.98 0.10
CA ASP A 70 -11.84 23.66 1.36
C ASP A 70 -10.45 23.14 1.10
N VAL A 71 -10.28 22.53 -0.06
CA VAL A 71 -8.96 22.00 -0.39
C VAL A 71 -8.21 22.70 -1.47
N ARG A 72 -8.76 23.73 -2.15
CA ARG A 72 -7.98 24.48 -3.15
C ARG A 72 -6.87 25.26 -2.44
N LYS A 73 -5.70 25.25 -2.97
CA LYS A 73 -4.57 25.99 -2.36
C LYS A 73 -4.02 26.98 -3.42
N GLY A 74 -3.85 28.22 -3.01
CA GLY A 74 -3.29 29.31 -3.83
C GLY A 74 -1.81 29.27 -3.61
N SER A 75 -1.17 30.39 -3.88
CA SER A 75 0.28 30.44 -3.89
C SER A 75 0.77 31.87 -3.85
N GLU A 76 0.09 32.82 -4.52
CA GLU A 76 0.65 34.21 -4.60
C GLU A 76 0.74 34.82 -3.24
N ASN A 77 1.88 35.45 -2.98
CA ASN A 77 2.16 36.11 -1.74
C ASN A 77 2.42 35.22 -0.56
N TYR A 78 2.56 33.92 -0.76
CA TYR A 78 2.80 33.02 0.39
C TYR A 78 4.24 32.61 0.37
N ALA A 79 4.76 32.42 1.58
CA ALA A 79 6.15 31.89 1.72
C ALA A 79 6.21 30.38 1.38
N LEU A 80 7.35 30.00 0.78
CA LEU A 80 7.58 28.57 0.53
C LEU A 80 7.93 27.89 1.85
N THR A 81 7.30 26.73 2.10
CA THR A 81 7.45 26.06 3.37
C THR A 81 7.62 24.57 3.14
N THR A 82 8.09 23.91 4.19
CA THR A 82 7.92 22.42 4.30
C THR A 82 6.44 22.11 4.50
N ASN A 83 6.12 20.80 4.36
CA ASN A 83 4.75 20.38 4.57
C ASN A 83 4.30 20.53 6.03
N GLN A 84 5.25 20.78 6.97
CA GLN A 84 4.98 21.08 8.33
C GLN A 84 4.80 22.56 8.63
N GLY A 85 4.91 23.41 7.58
CA GLY A 85 4.72 24.87 7.75
C GLY A 85 5.98 25.61 8.12
N VAL A 86 7.18 24.98 8.00
CA VAL A 86 8.39 25.74 8.28
C VAL A 86 8.88 26.47 7.02
N ARG A 87 9.11 27.78 7.15
CA ARG A 87 9.61 28.57 5.98
C ARG A 87 10.97 28.11 5.57
N ILE A 88 11.15 28.03 4.25
CA ILE A 88 12.45 27.62 3.69
C ILE A 88 13.20 28.91 3.28
N ALA A 89 14.50 28.99 3.63
CA ALA A 89 15.36 30.13 3.27
C ALA A 89 16.11 29.86 1.94
N ASP A 90 16.56 28.61 1.74
CA ASP A 90 17.34 28.31 0.55
C ASP A 90 16.81 27.01 -0.06
N ASP A 91 16.04 27.11 -1.15
CA ASP A 91 15.50 25.93 -1.82
C ASP A 91 16.37 25.56 -3.00
N GLN A 92 17.65 25.96 -2.98
CA GLN A 92 18.51 25.65 -4.16
C GLN A 92 19.65 24.68 -3.77
N ASN A 93 19.82 24.39 -2.49
CA ASN A 93 21.00 23.64 -2.04
C ASN A 93 20.65 22.70 -0.97
N SER A 94 21.34 21.54 -1.02
CA SER A 94 21.38 20.59 0.11
C SER A 94 22.33 21.11 1.19
N LEU A 95 22.06 20.67 2.46
CA LEU A 95 22.96 20.96 3.59
C LEU A 95 24.20 20.08 3.51
N ARG A 96 25.37 20.69 3.53
CA ARG A 96 26.57 19.85 3.39
C ARG A 96 27.61 20.31 4.36
N ALA A 97 28.61 19.46 4.60
CA ALA A 97 29.77 19.90 5.44
C ALA A 97 30.85 20.51 4.63
N GLY A 98 30.79 21.83 4.47
CA GLY A 98 31.55 22.65 3.50
C GLY A 98 30.86 22.63 2.18
N SER A 99 31.11 23.66 1.36
CA SER A 99 30.34 23.83 0.14
C SER A 99 30.72 22.84 -0.97
N ARG A 100 31.82 22.10 -0.79
CA ARG A 100 32.15 20.95 -1.64
C ARG A 100 32.10 19.63 -0.88
N GLY A 101 31.38 19.57 0.21
CA GLY A 101 31.36 18.43 1.13
C GLY A 101 30.14 17.50 0.95
N PRO A 102 30.09 16.48 1.78
CA PRO A 102 29.03 15.49 1.67
C PRO A 102 27.71 16.07 2.22
N THR A 103 26.62 15.54 1.69
CA THR A 103 25.29 15.95 2.16
C THR A 103 25.04 15.29 3.49
N LEU A 104 24.42 16.03 4.41
CA LEU A 104 24.21 15.57 5.78
C LEU A 104 22.77 14.99 5.91
N LEU A 105 22.71 13.91 6.68
CA LEU A 105 21.41 13.20 6.95
C LEU A 105 20.44 14.10 7.71
N GLU A 106 20.96 15.13 8.42
CA GLU A 106 20.02 16.02 9.16
C GLU A 106 19.32 17.07 8.25
N ASP A 107 19.61 17.06 6.93
CA ASP A 107 18.86 17.92 5.99
C ASP A 107 17.42 17.36 5.80
N PHE A 108 16.53 17.79 6.70
CA PHE A 108 15.11 17.34 6.69
C PHE A 108 14.35 18.07 5.62
N ILE A 109 14.81 19.22 5.19
CA ILE A 109 14.09 19.92 4.12
C ILE A 109 14.29 19.20 2.76
N LEU A 110 15.53 18.83 2.46
CA LEU A 110 15.82 18.00 1.28
C LEU A 110 15.09 16.67 1.39
N ARG A 111 15.21 16.00 2.50
CA ARG A 111 14.59 14.68 2.56
C ARG A 111 13.04 14.74 2.45
N GLU A 112 12.37 15.74 3.05
CA GLU A 112 10.93 15.78 2.84
C GLU A 112 10.58 16.04 1.35
N LYS A 113 11.30 16.96 0.70
CA LYS A 113 10.96 17.31 -0.67
C LYS A 113 11.19 16.05 -1.58
N ILE A 114 12.36 15.39 -1.42
CA ILE A 114 12.65 14.26 -2.25
C ILE A 114 11.73 13.03 -1.83
N THR A 115 11.40 12.85 -0.57
CA THR A 115 10.45 11.75 -0.24
C THR A 115 9.12 12.00 -0.95
N HIS A 116 8.63 13.26 -0.90
CA HIS A 116 7.33 13.42 -1.56
C HIS A 116 7.44 13.10 -3.06
N PHE A 117 8.52 13.62 -3.71
CA PHE A 117 8.69 13.36 -5.08
C PHE A 117 8.73 11.84 -5.36
N ASP A 118 9.48 11.11 -4.52
CA ASP A 118 9.74 9.67 -4.76
C ASP A 118 8.45 8.83 -4.68
N HIS A 119 7.42 9.42 -4.07
CA HIS A 119 6.14 8.71 -3.90
C HIS A 119 5.02 9.43 -4.63
N GLU A 120 5.29 10.15 -5.71
CA GLU A 120 4.19 10.85 -6.35
C GLU A 120 3.23 9.96 -7.11
N ARG A 121 3.72 8.83 -7.61
CA ARG A 121 2.89 8.00 -8.53
C ARG A 121 2.03 6.98 -7.84
N ILE A 122 0.80 6.85 -8.38
CA ILE A 122 -0.10 5.82 -7.88
C ILE A 122 -0.40 4.93 -9.07
N PRO A 123 -0.95 3.72 -8.81
CA PRO A 123 -1.19 2.82 -9.94
C PRO A 123 -2.17 3.43 -10.90
N GLU A 124 -1.96 3.24 -12.20
CA GLU A 124 -2.95 3.73 -13.16
C GLU A 124 -4.16 2.76 -13.21
N ARG A 125 -5.27 3.23 -13.75
CA ARG A 125 -6.48 2.36 -13.86
C ARG A 125 -6.12 1.13 -14.74
N ILE A 126 -6.70 -0.01 -14.38
CA ILE A 126 -6.34 -1.21 -15.13
C ILE A 126 -6.68 -1.11 -16.60
N VAL A 127 -7.83 -0.48 -16.89
CA VAL A 127 -8.28 -0.15 -18.24
C VAL A 127 -8.71 1.31 -18.18
N HIS A 128 -8.77 1.93 -19.31
CA HIS A 128 -9.12 3.38 -19.46
C HIS A 128 -8.14 4.27 -18.73
N ALA A 129 -6.87 3.83 -18.61
CA ALA A 129 -5.87 4.66 -17.93
C ALA A 129 -5.63 6.04 -18.57
N ARG A 130 -5.83 6.18 -19.91
CA ARG A 130 -5.62 7.44 -20.57
C ARG A 130 -6.97 8.16 -20.60
N GLY A 131 -7.10 9.29 -19.96
CA GLY A 131 -8.43 9.99 -19.99
C GLY A 131 -8.30 11.49 -19.63
N SER A 132 -9.36 12.18 -20.03
CA SER A 132 -9.31 13.68 -19.94
C SER A 132 -10.73 14.03 -19.39
N ALA A 133 -10.75 15.00 -18.44
CA ALA A 133 -12.00 15.23 -17.65
C ALA A 133 -12.33 16.72 -17.49
N ALA A 134 -13.62 16.97 -17.20
CA ALA A 134 -14.01 18.32 -16.95
C ALA A 134 -15.26 18.35 -16.05
N HIS A 135 -15.49 19.51 -15.45
CA HIS A 135 -16.72 19.74 -14.65
C HIS A 135 -17.81 20.30 -15.51
N GLY A 136 -19.01 20.16 -15.02
CA GLY A 136 -20.17 20.76 -15.71
C GLY A 136 -21.45 20.52 -14.92
N TYR A 137 -22.57 20.63 -15.66
CA TYR A 137 -23.89 20.48 -14.94
C TYR A 137 -24.90 19.85 -15.90
N PHE A 138 -25.90 19.26 -15.28
CA PHE A 138 -26.99 18.63 -16.04
C PHE A 138 -28.33 19.09 -15.52
N GLN A 139 -29.30 19.14 -16.44
CA GLN A 139 -30.67 19.34 -15.98
C GLN A 139 -31.63 18.62 -16.96
N PRO A 140 -32.69 18.06 -16.42
CA PRO A 140 -33.66 17.39 -17.33
C PRO A 140 -34.59 18.40 -17.98
N TYR A 141 -35.16 18.04 -19.15
CA TYR A 141 -36.00 18.95 -19.89
C TYR A 141 -37.37 19.00 -19.19
N LYS A 142 -37.81 17.87 -18.69
CA LYS A 142 -39.13 17.80 -17.95
C LYS A 142 -39.03 16.78 -16.84
N SER A 143 -39.92 16.84 -15.84
CA SER A 143 -39.91 15.76 -14.88
C SER A 143 -40.20 14.41 -15.50
N LEU A 144 -39.42 13.44 -15.04
CA LEU A 144 -39.59 12.05 -15.44
C LEU A 144 -40.26 11.24 -14.32
N SER A 145 -41.02 11.89 -13.41
CA SER A 145 -41.57 11.13 -12.25
C SER A 145 -42.54 10.00 -12.61
N ASP A 146 -43.16 10.06 -13.79
CA ASP A 146 -44.02 8.95 -14.22
C ASP A 146 -43.25 7.64 -14.46
N ILE A 147 -41.97 7.74 -14.79
CA ILE A 147 -41.20 6.52 -15.08
C ILE A 147 -40.08 6.28 -14.06
N THR A 148 -39.68 7.31 -13.29
CA THR A 148 -38.55 7.06 -12.34
C THR A 148 -38.73 8.00 -11.17
N LYS A 149 -38.42 7.50 -9.97
CA LYS A 149 -38.42 8.38 -8.82
C LYS A 149 -37.07 9.06 -8.56
N ALA A 150 -36.12 8.88 -9.51
CA ALA A 150 -34.76 9.46 -9.28
C ALA A 150 -34.83 10.97 -9.16
N ASP A 151 -34.25 11.48 -8.09
CA ASP A 151 -34.42 12.89 -7.77
C ASP A 151 -33.81 13.78 -8.84
N PHE A 152 -32.67 13.37 -9.39
CA PHE A 152 -32.02 14.25 -10.36
C PHE A 152 -32.79 14.40 -11.68
N LEU A 153 -33.80 13.55 -11.93
CA LEU A 153 -34.64 13.62 -13.10
C LEU A 153 -36.02 14.14 -12.81
N SER A 154 -36.22 14.72 -11.63
CA SER A 154 -37.57 15.02 -11.15
C SER A 154 -38.04 16.42 -11.42
N ASP A 155 -37.12 17.31 -11.78
CA ASP A 155 -37.47 18.75 -11.84
C ASP A 155 -36.62 19.44 -12.88
N PRO A 156 -37.25 20.02 -13.92
CA PRO A 156 -36.42 20.68 -14.91
C PRO A 156 -35.61 21.86 -14.45
N ASN A 157 -35.87 22.39 -13.29
CA ASN A 157 -35.09 23.52 -12.83
C ASN A 157 -34.17 23.17 -11.68
N LYS A 158 -34.02 21.89 -11.39
CA LYS A 158 -33.04 21.50 -10.40
C LYS A 158 -31.82 21.00 -11.20
N ILE A 159 -30.72 21.68 -10.99
CA ILE A 159 -29.43 21.39 -11.68
C ILE A 159 -28.59 20.46 -10.83
N THR A 160 -27.94 19.53 -11.52
CA THR A 160 -27.06 18.53 -10.86
C THR A 160 -25.67 18.79 -11.46
N PRO A 161 -24.68 19.07 -10.58
CA PRO A 161 -23.30 19.13 -11.08
C PRO A 161 -22.84 17.78 -11.56
N VAL A 162 -21.95 17.80 -12.51
CA VAL A 162 -21.33 16.59 -13.01
C VAL A 162 -19.83 16.73 -13.11
N PHE A 163 -19.15 15.58 -13.10
CA PHE A 163 -17.74 15.51 -13.50
C PHE A 163 -17.65 14.39 -14.52
N VAL A 164 -17.03 14.67 -15.65
CA VAL A 164 -17.03 13.71 -16.78
C VAL A 164 -15.57 13.40 -17.09
N ARG A 165 -15.30 12.10 -17.29
CA ARG A 165 -13.96 11.68 -17.83
C ARG A 165 -14.20 10.88 -19.07
N PHE A 166 -13.50 11.33 -20.13
CA PHE A 166 -13.44 10.56 -21.39
C PHE A 166 -12.13 9.86 -21.48
N SER A 167 -12.12 8.71 -22.17
CA SER A 167 -10.84 7.91 -22.07
C SER A 167 -10.75 7.03 -23.33
N THR A 168 -9.55 6.46 -23.52
CA THR A 168 -9.40 5.33 -24.41
C THR A 168 -9.42 4.08 -23.51
N VAL A 169 -9.20 2.90 -24.03
CA VAL A 169 -9.39 1.67 -23.20
C VAL A 169 -8.02 1.04 -22.90
N GLN A 170 -7.24 0.80 -24.00
CA GLN A 170 -6.09 -0.16 -23.91
C GLN A 170 -4.86 0.50 -23.30
N GLY A 171 -4.56 1.69 -23.78
CA GLY A 171 -3.23 2.25 -23.49
C GLY A 171 -3.02 2.79 -22.12
N GLY A 172 -1.75 2.95 -21.77
CA GLY A 172 -1.46 3.50 -20.42
C GLY A 172 -1.75 4.99 -20.33
N ALA A 173 -1.57 5.54 -19.11
CA ALA A 173 -1.89 6.95 -18.92
C ALA A 173 -1.05 7.89 -19.80
N GLY A 174 0.14 7.41 -20.21
CA GLY A 174 1.03 8.20 -21.09
C GLY A 174 0.91 7.86 -22.55
N SER A 175 -0.09 7.06 -22.99
CA SER A 175 -0.25 6.73 -24.38
C SER A 175 -0.99 7.89 -25.10
N ALA A 176 -1.12 7.68 -26.38
CA ALA A 176 -1.67 8.72 -27.29
C ALA A 176 -3.20 8.81 -27.32
N ASP A 177 -3.73 9.96 -27.70
CA ASP A 177 -5.17 10.15 -27.70
C ASP A 177 -5.82 9.59 -28.95
N THR A 178 -5.29 9.82 -30.15
CA THR A 178 -6.02 9.53 -31.41
C THR A 178 -5.67 8.17 -31.97
N VAL A 179 -5.54 7.20 -31.06
CA VAL A 179 -5.43 5.78 -31.45
C VAL A 179 -6.76 5.25 -31.99
N ARG A 180 -6.73 4.07 -32.61
CA ARG A 180 -7.97 3.38 -32.87
C ARG A 180 -8.34 2.59 -31.62
N ASP A 181 -9.50 2.90 -30.99
CA ASP A 181 -9.87 2.18 -29.79
C ASP A 181 -11.33 2.53 -29.54
N ILE A 182 -11.94 1.74 -28.64
CA ILE A 182 -13.20 2.20 -28.05
C ILE A 182 -12.88 3.36 -27.13
N ARG A 183 -13.82 4.29 -26.92
CA ARG A 183 -13.64 5.38 -25.91
C ARG A 183 -14.61 5.23 -24.80
N GLY A 184 -14.10 5.54 -23.63
CA GLY A 184 -14.96 5.59 -22.35
C GLY A 184 -15.59 6.98 -22.25
N PHE A 185 -16.79 7.03 -21.62
CA PHE A 185 -17.51 8.30 -21.43
C PHE A 185 -18.20 8.08 -20.08
N ALA A 186 -17.54 8.53 -19.02
CA ALA A 186 -18.04 8.26 -17.62
C ALA A 186 -18.47 9.61 -17.00
N THR A 187 -19.69 9.58 -16.44
CA THR A 187 -20.25 10.81 -15.84
C THR A 187 -20.62 10.56 -14.39
N LYS A 188 -20.15 11.37 -13.47
CA LYS A 188 -20.49 11.32 -12.07
C LYS A 188 -21.50 12.43 -11.89
N PHE A 189 -22.70 12.04 -11.48
CA PHE A 189 -23.77 13.05 -11.16
C PHE A 189 -23.82 13.18 -9.61
N TYR A 190 -23.63 14.41 -9.13
CA TYR A 190 -23.60 14.61 -7.69
C TYR A 190 -25.05 15.04 -7.31
N THR A 191 -25.87 13.99 -7.09
CA THR A 191 -27.31 14.26 -6.85
C THR A 191 -27.61 14.54 -5.37
N GLU A 192 -28.86 15.01 -5.12
CA GLU A 192 -29.24 15.24 -3.73
C GLU A 192 -29.54 13.97 -2.99
N GLU A 193 -29.65 12.83 -3.68
CA GLU A 193 -29.90 11.53 -3.04
C GLU A 193 -28.77 10.55 -3.31
N GLY A 194 -27.61 11.09 -3.62
CA GLY A 194 -26.44 10.23 -3.79
C GLY A 194 -25.72 10.45 -5.08
N ILE A 195 -24.48 9.93 -5.15
CA ILE A 195 -23.74 9.92 -6.39
C ILE A 195 -24.26 8.85 -7.31
N PHE A 196 -24.66 9.21 -8.54
CA PHE A 196 -24.95 8.26 -9.63
C PHE A 196 -23.80 8.42 -10.64
N ASP A 197 -23.16 7.29 -10.96
CA ASP A 197 -22.11 7.25 -12.03
C ASP A 197 -22.69 6.48 -13.25
N LEU A 198 -22.68 7.11 -14.41
CA LEU A 198 -23.13 6.49 -15.63
C LEU A 198 -21.83 6.26 -16.40
N VAL A 199 -21.40 5.02 -16.38
CA VAL A 199 -20.02 4.65 -16.82
C VAL A 199 -20.13 3.92 -18.16
N GLY A 200 -20.05 4.73 -19.22
CA GLY A 200 -20.45 4.26 -20.56
C GLY A 200 -19.27 4.27 -21.50
N ASN A 201 -19.49 3.85 -22.77
CA ASN A 201 -18.46 3.91 -23.85
C ASN A 201 -19.06 4.63 -25.04
N ASN A 202 -18.29 4.77 -26.10
CA ASN A 202 -18.83 5.45 -27.31
C ASN A 202 -19.40 4.53 -28.38
N THR A 203 -19.66 3.27 -28.01
CA THR A 203 -20.41 2.36 -28.91
C THR A 203 -21.47 1.68 -28.03
N PRO A 204 -22.57 1.20 -28.66
CA PRO A 204 -23.72 0.78 -27.89
C PRO A 204 -23.67 -0.66 -27.35
N ILE A 205 -22.52 -1.32 -27.55
CA ILE A 205 -22.36 -2.74 -27.16
C ILE A 205 -20.94 -2.88 -26.60
N PHE A 206 -20.73 -4.02 -26.00
CA PHE A 206 -19.35 -4.35 -25.66
C PHE A 206 -18.89 -5.64 -26.45
N PHE A 207 -17.61 -5.99 -26.23
CA PHE A 207 -17.03 -7.09 -26.96
C PHE A 207 -17.41 -8.45 -26.43
N ILE A 208 -17.77 -8.59 -25.13
CA ILE A 208 -17.96 -9.90 -24.51
C ILE A 208 -19.28 -9.89 -23.77
N GLN A 209 -19.77 -11.15 -23.51
CA GLN A 209 -21.08 -11.33 -22.90
C GLN A 209 -20.98 -11.48 -21.38
N ASP A 210 -19.95 -12.12 -20.81
CA ASP A 210 -20.00 -12.41 -19.38
C ASP A 210 -18.73 -11.90 -18.72
N ALA A 211 -18.88 -11.23 -17.60
CA ALA A 211 -17.73 -10.63 -16.92
C ALA A 211 -16.61 -11.60 -16.61
N HIS A 212 -16.88 -12.89 -16.55
CA HIS A 212 -15.79 -13.82 -16.25
C HIS A 212 -14.75 -13.78 -17.30
N LYS A 213 -15.08 -13.38 -18.53
CA LYS A 213 -14.08 -13.33 -19.60
C LYS A 213 -13.41 -11.98 -19.69
N PHE A 214 -13.74 -11.03 -18.84
CA PHE A 214 -13.14 -9.69 -19.01
C PHE A 214 -11.61 -9.75 -18.93
N PRO A 215 -11.02 -10.44 -17.99
CA PRO A 215 -9.52 -10.41 -17.95
C PRO A 215 -8.97 -11.06 -19.20
N ASP A 216 -9.64 -12.13 -19.67
CA ASP A 216 -9.14 -12.74 -20.95
C ASP A 216 -9.17 -11.78 -22.14
N PHE A 217 -10.31 -11.10 -22.36
CA PHE A 217 -10.35 -10.17 -23.42
C PHE A 217 -9.34 -8.99 -23.26
N VAL A 218 -9.30 -8.40 -22.06
CA VAL A 218 -8.38 -7.28 -21.79
C VAL A 218 -6.96 -7.74 -22.01
N HIS A 219 -6.59 -8.89 -21.49
CA HIS A 219 -5.21 -9.37 -21.67
C HIS A 219 -4.95 -9.56 -23.15
N ALA A 220 -5.91 -10.07 -23.93
CA ALA A 220 -5.65 -10.23 -25.36
C ALA A 220 -5.45 -8.89 -26.12
N VAL A 221 -6.20 -7.84 -25.69
CA VAL A 221 -6.06 -6.58 -26.47
C VAL A 221 -4.87 -5.73 -26.00
N LYS A 222 -4.45 -5.95 -24.77
CA LYS A 222 -3.32 -5.18 -24.12
C LYS A 222 -1.99 -5.62 -24.68
N PRO A 223 -0.91 -4.89 -24.40
CA PRO A 223 0.41 -5.28 -24.94
C PRO A 223 0.70 -6.72 -24.47
N GLU A 224 1.34 -7.46 -25.41
CA GLU A 224 1.54 -8.90 -25.15
C GLU A 224 2.56 -9.08 -24.05
N PRO A 225 2.46 -10.12 -23.22
CA PRO A 225 3.13 -10.18 -21.88
C PRO A 225 4.63 -10.39 -21.94
N HIS A 226 5.14 -10.91 -23.04
CA HIS A 226 6.61 -11.13 -23.07
C HIS A 226 7.36 -9.82 -23.25
N TRP A 227 6.89 -9.03 -24.18
CA TRP A 227 7.67 -7.83 -24.49
C TRP A 227 6.94 -6.53 -24.24
N ALA A 228 5.66 -6.55 -23.86
CA ALA A 228 4.84 -5.35 -23.64
C ALA A 228 4.79 -4.44 -24.87
N ILE A 229 4.39 -5.08 -26.00
CA ILE A 229 4.11 -4.34 -27.27
C ILE A 229 2.85 -5.00 -27.83
N PRO A 230 1.90 -4.26 -28.39
CA PRO A 230 1.97 -2.83 -28.74
C PRO A 230 1.11 -1.92 -27.88
N GLN A 231 1.55 -0.67 -27.73
CA GLN A 231 0.77 0.24 -26.88
C GLN A 231 -0.34 0.90 -27.71
N GLY A 232 -1.53 0.99 -27.17
CA GLY A 232 -2.59 1.77 -27.83
C GLY A 232 -3.09 1.14 -29.12
N GLN A 233 -2.98 -0.21 -29.29
CA GLN A 233 -3.24 -0.77 -30.66
C GLN A 233 -3.87 -2.14 -30.41
N SER A 234 -4.90 -2.49 -31.19
CA SER A 234 -5.40 -3.88 -31.19
C SER A 234 -4.78 -4.61 -32.38
N ALA A 235 -3.90 -3.97 -33.14
CA ALA A 235 -3.33 -4.55 -34.33
C ALA A 235 -2.15 -5.51 -33.97
N HIS A 236 -2.49 -6.69 -33.45
CA HIS A 236 -1.46 -7.60 -33.03
C HIS A 236 -2.10 -8.96 -32.83
N ASP A 237 -1.25 -10.00 -32.81
CA ASP A 237 -1.76 -11.42 -32.84
C ASP A 237 -2.74 -11.75 -31.77
N THR A 238 -2.42 -11.49 -30.51
CA THR A 238 -3.31 -12.02 -29.45
C THR A 238 -4.75 -11.45 -29.52
N PHE A 239 -4.89 -10.21 -29.96
CA PHE A 239 -6.25 -9.66 -29.99
C PHE A 239 -7.08 -10.38 -31.06
N TRP A 240 -6.44 -10.58 -32.18
CA TRP A 240 -7.15 -11.17 -33.36
C TRP A 240 -7.31 -12.70 -33.13
N ASP A 241 -6.33 -13.31 -32.40
CA ASP A 241 -6.57 -14.71 -31.94
C ASP A 241 -7.86 -14.84 -31.11
N TYR A 242 -7.98 -14.01 -30.06
CA TYR A 242 -9.18 -14.00 -29.23
C TYR A 242 -10.43 -13.70 -30.04
N VAL A 243 -10.41 -12.72 -30.91
CA VAL A 243 -11.62 -12.46 -31.70
C VAL A 243 -12.00 -13.67 -32.58
N SER A 244 -10.99 -14.28 -33.20
CA SER A 244 -11.30 -15.39 -34.14
C SER A 244 -11.90 -16.58 -33.40
N LEU A 245 -11.59 -16.73 -32.12
CA LEU A 245 -12.08 -17.79 -31.31
C LEU A 245 -13.32 -17.45 -30.46
N GLN A 246 -13.76 -16.19 -30.48
CA GLN A 246 -14.91 -15.76 -29.62
C GLN A 246 -15.73 -14.83 -30.55
N PRO A 247 -16.53 -15.41 -31.46
CA PRO A 247 -17.34 -14.55 -32.40
C PRO A 247 -18.31 -13.58 -31.73
N GLU A 248 -18.64 -13.77 -30.43
CA GLU A 248 -19.42 -12.68 -29.75
C GLU A 248 -18.74 -11.34 -29.80
N THR A 249 -17.43 -11.32 -30.00
CA THR A 249 -16.74 -10.00 -30.11
C THR A 249 -16.98 -9.27 -31.39
N LEU A 250 -17.54 -9.93 -32.42
CA LEU A 250 -17.48 -9.33 -33.74
C LEU A 250 -18.25 -8.03 -33.86
N HIS A 251 -19.34 -7.89 -33.11
CA HIS A 251 -20.12 -6.69 -33.25
C HIS A 251 -19.26 -5.48 -32.84
N ASN A 252 -18.73 -5.51 -31.63
CA ASN A 252 -17.97 -4.31 -31.18
C ASN A 252 -16.67 -4.16 -32.00
N VAL A 253 -16.08 -5.28 -32.51
CA VAL A 253 -14.94 -5.19 -33.43
C VAL A 253 -15.33 -4.42 -34.70
N MET A 254 -16.52 -4.68 -35.26
CA MET A 254 -17.00 -3.88 -36.40
C MET A 254 -17.03 -2.39 -36.08
N TRP A 255 -17.56 -2.01 -34.89
CA TRP A 255 -17.54 -0.61 -34.51
C TRP A 255 -16.14 -0.08 -34.41
N ALA A 256 -15.24 -0.84 -33.83
CA ALA A 256 -13.86 -0.36 -33.63
C ALA A 256 -13.11 -0.17 -34.93
N MET A 257 -13.37 -1.00 -35.92
CA MET A 257 -12.72 -0.94 -37.21
C MET A 257 -13.34 0.17 -38.08
N SER A 258 -14.53 0.63 -37.75
CA SER A 258 -15.11 1.77 -38.48
C SER A 258 -14.47 3.08 -37.96
N ASP A 259 -14.84 4.17 -38.63
CA ASP A 259 -14.34 5.45 -38.15
C ASP A 259 -14.87 5.83 -36.76
N ARG A 260 -15.79 5.08 -36.18
CA ARG A 260 -16.13 5.27 -34.75
C ARG A 260 -14.95 5.07 -33.83
N GLY A 261 -13.97 4.31 -34.31
CA GLY A 261 -12.77 4.00 -33.50
C GLY A 261 -11.80 5.15 -33.42
N ILE A 262 -12.02 6.21 -34.21
CA ILE A 262 -11.06 7.35 -34.30
C ILE A 262 -11.84 8.68 -34.33
N PRO A 263 -12.54 9.01 -33.20
CA PRO A 263 -13.33 10.28 -33.20
C PRO A 263 -12.42 11.54 -33.34
N ARG A 264 -13.02 12.56 -33.95
CA ARG A 264 -12.33 13.83 -34.12
C ARG A 264 -12.14 14.51 -32.78
N SER A 265 -13.06 14.32 -31.81
CA SER A 265 -13.00 15.02 -30.54
C SER A 265 -13.91 14.27 -29.61
N TYR A 266 -13.70 14.37 -28.26
CA TYR A 266 -14.73 13.81 -27.40
C TYR A 266 -16.06 14.59 -27.49
N ARG A 267 -16.04 15.81 -28.04
CA ARG A 267 -17.28 16.52 -28.27
C ARG A 267 -18.08 15.97 -29.44
N THR A 268 -17.46 15.13 -30.30
CA THR A 268 -18.12 14.69 -31.55
C THR A 268 -18.28 13.19 -31.61
N MET A 269 -18.51 12.56 -30.46
CA MET A 269 -18.84 11.13 -30.43
C MET A 269 -20.11 10.89 -29.62
N GLU A 270 -20.73 9.76 -29.89
CA GLU A 270 -21.89 9.36 -29.01
C GLU A 270 -21.44 8.64 -27.74
N GLY A 271 -22.30 8.58 -26.78
CA GLY A 271 -22.08 7.81 -25.55
C GLY A 271 -23.25 6.86 -25.34
N PHE A 272 -22.93 5.75 -24.68
CA PHE A 272 -23.98 4.68 -24.42
C PHE A 272 -23.70 4.03 -23.13
N GLY A 273 -24.73 3.78 -22.34
CA GLY A 273 -24.55 2.93 -21.14
C GLY A 273 -24.30 1.43 -21.39
N VAL A 274 -24.57 1.01 -22.63
CA VAL A 274 -24.47 -0.41 -23.12
C VAL A 274 -25.57 -1.28 -22.51
N HIS A 275 -25.54 -1.47 -21.19
CA HIS A 275 -26.50 -2.42 -20.59
C HIS A 275 -27.91 -1.91 -20.53
N THR A 276 -28.85 -2.87 -20.53
CA THR A 276 -30.19 -2.51 -20.07
C THR A 276 -30.18 -2.41 -18.55
N PHE A 277 -30.70 -1.29 -18.05
CA PHE A 277 -30.85 -1.06 -16.63
C PHE A 277 -32.38 -0.95 -16.41
N ARG A 278 -32.82 -0.69 -15.19
CA ARG A 278 -34.24 -0.39 -14.91
C ARG A 278 -34.44 0.99 -14.38
N LEU A 279 -35.61 1.61 -14.74
CA LEU A 279 -36.11 2.76 -14.01
C LEU A 279 -37.25 2.26 -13.14
N ILE A 280 -37.37 2.82 -11.96
CA ILE A 280 -38.41 2.39 -11.02
C ILE A 280 -39.12 3.67 -10.53
N ASN A 281 -40.45 3.71 -10.77
CA ASN A 281 -41.20 4.92 -10.39
C ASN A 281 -41.83 4.75 -8.98
N ALA A 282 -42.50 5.81 -8.53
CA ALA A 282 -42.94 5.83 -7.15
C ALA A 282 -44.04 4.75 -6.88
N GLU A 283 -44.74 4.30 -7.92
CA GLU A 283 -45.76 3.24 -7.75
C GLU A 283 -45.10 1.82 -7.80
N GLY A 284 -43.77 1.76 -7.91
CA GLY A 284 -43.04 0.46 -7.95
C GLY A 284 -42.89 -0.14 -9.38
N LYS A 285 -43.44 0.49 -10.38
CA LYS A 285 -43.33 -0.01 -11.78
C LYS A 285 -41.88 0.08 -12.25
N ALA A 286 -41.40 -1.03 -12.82
CA ALA A 286 -40.11 -1.11 -13.57
C ALA A 286 -40.25 -0.93 -15.05
N THR A 287 -39.39 -0.11 -15.65
CA THR A 287 -39.29 0.01 -17.10
C THR A 287 -37.83 -0.32 -17.45
N PHE A 288 -37.57 -1.11 -18.48
CA PHE A 288 -36.16 -1.28 -18.91
C PHE A 288 -35.72 -0.04 -19.67
N VAL A 289 -34.44 0.28 -19.52
CA VAL A 289 -33.88 1.48 -20.15
C VAL A 289 -32.45 1.21 -20.68
N ARG A 290 -32.14 1.78 -21.82
CA ARG A 290 -30.71 1.97 -22.17
C ARG A 290 -30.43 3.40 -22.36
N PHE A 291 -29.28 3.81 -21.82
CA PHE A 291 -28.87 5.23 -21.79
C PHE A 291 -28.03 5.64 -22.99
N HIS A 292 -28.32 6.88 -23.52
CA HIS A 292 -27.61 7.43 -24.69
C HIS A 292 -27.15 8.84 -24.38
N TRP A 293 -25.97 9.20 -24.88
CA TRP A 293 -25.60 10.66 -24.95
C TRP A 293 -25.50 11.02 -26.41
N LYS A 294 -26.18 12.10 -26.80
CA LYS A 294 -26.08 12.61 -28.18
C LYS A 294 -25.23 13.89 -28.18
N PRO A 295 -24.20 13.96 -29.03
CA PRO A 295 -23.32 15.13 -28.99
C PRO A 295 -24.00 16.25 -29.77
N LEU A 296 -24.19 17.36 -29.09
CA LEU A 296 -24.87 18.46 -29.77
C LEU A 296 -23.94 19.13 -30.78
N ALA A 297 -22.62 18.88 -30.79
CA ALA A 297 -21.65 19.38 -31.78
C ALA A 297 -21.70 18.46 -33.04
N GLY A 298 -22.46 17.37 -32.96
CA GLY A 298 -22.61 16.43 -34.10
C GLY A 298 -21.59 15.34 -34.02
N LYS A 299 -21.73 14.34 -34.87
CA LYS A 299 -20.82 13.16 -34.86
C LYS A 299 -19.71 13.43 -35.90
N ALA A 300 -18.48 13.20 -35.55
CA ALA A 300 -17.37 13.40 -36.55
C ALA A 300 -16.19 12.56 -36.13
N SER A 301 -15.52 11.98 -37.13
CA SER A 301 -14.30 11.20 -36.85
C SER A 301 -13.23 11.53 -37.85
N LEU A 302 -12.02 11.12 -37.48
CA LEU A 302 -10.82 11.34 -38.33
C LEU A 302 -10.84 10.22 -39.42
N VAL A 303 -9.86 10.31 -40.29
CA VAL A 303 -9.55 9.15 -41.11
C VAL A 303 -8.27 8.48 -40.60
N TRP A 304 -8.07 7.18 -40.90
CA TRP A 304 -7.01 6.41 -40.20
C TRP A 304 -5.62 7.02 -40.37
N ASP A 305 -5.22 7.31 -41.58
CA ASP A 305 -3.85 7.84 -41.75
C ASP A 305 -3.61 9.11 -40.94
N GLU A 306 -4.62 9.96 -40.90
CA GLU A 306 -4.58 11.18 -40.09
C GLU A 306 -4.50 10.88 -38.61
N ALA A 307 -5.39 10.03 -38.14
CA ALA A 307 -5.36 9.64 -36.73
C ALA A 307 -4.00 9.08 -36.33
N GLN A 308 -3.44 8.21 -37.15
CA GLN A 308 -2.21 7.55 -36.71
C GLN A 308 -1.03 8.51 -36.79
N LYS A 309 -1.03 9.37 -37.77
CA LYS A 309 0.05 10.34 -37.79
C LYS A 309 -0.10 11.34 -36.64
N LEU A 310 -1.33 11.69 -36.29
CA LEU A 310 -1.53 12.66 -35.20
C LEU A 310 -1.11 12.07 -33.86
N THR A 311 -1.16 10.76 -33.69
CA THR A 311 -0.58 10.19 -32.46
C THR A 311 0.90 10.50 -32.28
N GLY A 312 1.62 10.73 -33.38
CA GLY A 312 2.99 11.17 -33.30
C GLY A 312 3.13 12.67 -33.27
N ARG A 313 2.35 13.41 -34.06
CA ARG A 313 2.54 14.89 -34.05
C ARG A 313 1.95 15.57 -32.81
N ASP A 314 0.87 15.02 -32.24
CA ASP A 314 0.26 15.51 -30.95
C ASP A 314 -0.45 14.38 -30.28
N PRO A 315 0.28 13.67 -29.46
CA PRO A 315 -0.36 12.58 -28.76
C PRO A 315 -1.39 13.06 -27.73
N ASP A 316 -1.40 14.35 -27.45
CA ASP A 316 -2.42 14.88 -26.51
C ASP A 316 -3.54 15.65 -27.19
N PHE A 317 -3.77 15.31 -28.48
CA PHE A 317 -4.68 16.11 -29.30
C PHE A 317 -6.11 16.20 -28.67
N HIS A 318 -6.69 15.07 -28.17
CA HIS A 318 -8.08 15.15 -27.66
C HIS A 318 -8.13 15.86 -26.30
N ARG A 319 -7.12 15.59 -25.43
CA ARG A 319 -7.07 16.22 -24.13
C ARG A 319 -7.00 17.76 -24.36
N ARG A 320 -6.11 18.18 -25.26
CA ARG A 320 -5.88 19.61 -25.52
C ARG A 320 -7.13 20.21 -26.14
N GLU A 321 -7.75 19.54 -27.12
CA GLU A 321 -8.93 20.12 -27.77
C GLU A 321 -10.09 20.27 -26.75
N LEU A 322 -10.27 19.32 -25.81
CA LEU A 322 -11.31 19.45 -24.85
C LEU A 322 -10.99 20.66 -23.94
N TRP A 323 -9.80 20.76 -23.42
CA TRP A 323 -9.49 21.85 -22.48
C TRP A 323 -9.68 23.20 -23.17
N GLU A 324 -9.22 23.28 -24.43
CA GLU A 324 -9.26 24.57 -25.16
C GLU A 324 -10.65 24.92 -25.56
N ALA A 325 -11.48 23.95 -25.87
CA ALA A 325 -12.89 24.27 -26.22
C ALA A 325 -13.55 24.87 -24.99
N ILE A 326 -13.27 24.28 -23.81
CA ILE A 326 -13.87 24.83 -22.61
C ILE A 326 -13.35 26.29 -22.32
N GLU A 327 -12.05 26.45 -22.43
CA GLU A 327 -11.46 27.85 -22.26
C GLU A 327 -12.05 28.83 -23.24
N ALA A 328 -12.44 28.36 -24.47
CA ALA A 328 -13.00 29.27 -25.53
C ALA A 328 -14.49 29.51 -25.31
N GLY A 329 -15.14 28.81 -24.43
CA GLY A 329 -16.60 28.91 -24.38
C GLY A 329 -17.34 27.94 -25.29
N ASP A 330 -16.64 27.09 -26.06
CA ASP A 330 -17.29 26.10 -26.91
C ASP A 330 -17.58 24.90 -26.02
N PHE A 331 -18.42 25.09 -25.05
CA PHE A 331 -18.58 24.01 -24.02
C PHE A 331 -19.11 22.76 -24.64
N PRO A 332 -18.52 21.61 -24.34
CA PRO A 332 -19.13 20.28 -24.78
C PRO A 332 -20.55 20.16 -24.24
N GLU A 333 -21.48 19.94 -25.17
CA GLU A 333 -22.86 19.70 -24.72
C GLU A 333 -23.35 18.37 -25.22
N TYR A 334 -24.09 17.69 -24.37
CA TYR A 334 -24.64 16.38 -24.81
C TYR A 334 -26.07 16.25 -24.28
N GLU A 335 -26.89 15.58 -25.06
CA GLU A 335 -28.26 15.31 -24.67
C GLU A 335 -28.41 13.88 -24.18
N LEU A 336 -28.84 13.74 -22.93
CA LEU A 336 -29.13 12.39 -22.34
C LEU A 336 -30.45 11.95 -22.99
N GLY A 337 -30.46 10.69 -23.37
CA GLY A 337 -31.66 10.07 -24.02
C GLY A 337 -31.83 8.66 -23.46
N PHE A 338 -33.08 8.20 -23.45
CA PHE A 338 -33.38 6.89 -22.90
C PHE A 338 -34.09 6.11 -24.03
N GLN A 339 -33.73 4.85 -24.25
CA GLN A 339 -34.61 3.87 -24.99
C GLN A 339 -35.36 3.16 -23.86
N LEU A 340 -36.71 3.16 -23.92
CA LEU A 340 -37.52 2.58 -22.88
C LEU A 340 -38.32 1.43 -23.44
N ILE A 341 -38.26 0.32 -22.73
CA ILE A 341 -39.01 -0.90 -23.12
C ILE A 341 -39.80 -1.30 -21.90
N PRO A 342 -41.15 -1.48 -22.00
CA PRO A 342 -41.88 -1.98 -20.83
C PRO A 342 -41.51 -3.41 -20.48
N GLU A 343 -41.77 -3.72 -19.24
CA GLU A 343 -41.40 -4.98 -18.68
C GLU A 343 -42.01 -6.13 -19.44
N GLU A 344 -43.24 -5.96 -19.90
CA GLU A 344 -43.90 -6.99 -20.67
C GLU A 344 -43.34 -7.24 -22.08
N ASP A 345 -42.42 -6.38 -22.50
CA ASP A 345 -41.85 -6.50 -23.85
C ASP A 345 -40.41 -7.05 -23.78
N GLU A 346 -40.01 -7.56 -22.64
CA GLU A 346 -38.65 -8.09 -22.45
C GLU A 346 -38.23 -9.06 -23.56
N PHE A 347 -39.16 -9.93 -23.96
CA PHE A 347 -38.78 -11.02 -24.88
C PHE A 347 -39.27 -10.79 -26.27
N LYS A 348 -39.70 -9.56 -26.56
CA LYS A 348 -40.35 -9.32 -27.88
C LYS A 348 -39.39 -9.09 -29.06
N PHE A 349 -38.08 -9.09 -28.81
CA PHE A 349 -37.10 -8.88 -29.91
C PHE A 349 -36.39 -10.15 -30.33
N ASP A 350 -35.70 -10.11 -31.46
CA ASP A 350 -35.04 -11.31 -31.82
C ASP A 350 -33.67 -11.56 -31.16
N PHE A 351 -33.35 -10.65 -30.25
CA PHE A 351 -32.12 -10.72 -29.41
C PHE A 351 -32.59 -10.56 -27.99
N ASP A 352 -31.69 -10.93 -27.07
CA ASP A 352 -31.97 -10.85 -25.66
C ASP A 352 -31.62 -9.43 -25.19
N LEU A 353 -32.54 -8.78 -24.45
CA LEU A 353 -32.22 -7.41 -24.00
C LEU A 353 -31.05 -7.42 -23.02
N LEU A 354 -30.77 -8.54 -22.36
CA LEU A 354 -29.72 -8.59 -21.35
C LEU A 354 -28.39 -8.95 -21.98
N ASP A 355 -28.31 -9.02 -23.32
CA ASP A 355 -27.03 -9.39 -23.95
C ASP A 355 -26.31 -8.10 -24.45
N PRO A 356 -25.16 -7.79 -23.81
CA PRO A 356 -24.47 -6.51 -24.07
C PRO A 356 -23.71 -6.54 -25.36
N THR A 357 -23.79 -7.61 -26.16
CA THR A 357 -23.19 -7.53 -27.48
C THR A 357 -24.28 -7.19 -28.52
N LYS A 358 -25.51 -7.00 -28.04
CA LYS A 358 -26.62 -6.61 -28.93
C LYS A 358 -27.03 -5.18 -28.72
N LEU A 359 -27.30 -4.44 -29.81
CA LEU A 359 -27.82 -3.07 -29.62
C LEU A 359 -29.33 -3.14 -29.82
N ILE A 360 -29.99 -2.06 -29.39
CA ILE A 360 -31.47 -1.95 -29.61
C ILE A 360 -31.53 -0.92 -30.77
N PRO A 361 -31.93 -1.33 -31.97
CA PRO A 361 -31.98 -0.35 -33.06
C PRO A 361 -32.96 0.77 -32.77
N GLU A 362 -32.57 2.04 -33.03
CA GLU A 362 -33.48 3.14 -32.83
C GLU A 362 -34.73 3.07 -33.72
N GLU A 363 -34.62 2.40 -34.88
CA GLU A 363 -35.85 2.20 -35.67
C GLU A 363 -36.89 1.35 -34.91
N LEU A 364 -36.45 0.50 -34.00
CA LEU A 364 -37.37 -0.36 -33.23
C LEU A 364 -37.81 0.30 -31.93
N VAL A 365 -36.87 0.96 -31.27
CA VAL A 365 -37.17 1.65 -30.01
C VAL A 365 -36.49 3.04 -30.02
N PRO A 366 -37.27 4.12 -30.21
CA PRO A 366 -36.63 5.45 -30.32
C PRO A 366 -36.01 5.92 -29.02
N VAL A 367 -35.01 6.79 -29.20
CA VAL A 367 -34.37 7.44 -28.04
C VAL A 367 -35.25 8.61 -27.61
N GLN A 368 -35.76 8.58 -26.40
CA GLN A 368 -36.56 9.71 -25.86
C GLN A 368 -35.61 10.73 -25.19
N ARG A 369 -35.65 12.01 -25.63
CA ARG A 369 -34.76 13.06 -25.10
C ARG A 369 -35.11 13.31 -23.62
N VAL A 370 -34.08 13.38 -22.74
CA VAL A 370 -34.31 13.45 -21.31
C VAL A 370 -33.69 14.73 -20.70
N GLY A 371 -32.51 15.13 -21.15
CA GLY A 371 -31.94 16.36 -20.56
C GLY A 371 -30.65 16.74 -21.25
N LYS A 372 -30.02 17.79 -20.73
CA LYS A 372 -28.83 18.32 -21.35
C LYS A 372 -27.72 18.42 -20.30
N MET A 373 -26.51 18.08 -20.74
CA MET A 373 -25.30 18.19 -19.92
C MET A 373 -24.37 19.13 -20.65
N VAL A 374 -23.79 20.03 -19.87
CA VAL A 374 -22.89 21.06 -20.43
C VAL A 374 -21.59 20.93 -19.59
N LEU A 375 -20.44 20.78 -20.26
CA LEU A 375 -19.14 20.82 -19.50
C LEU A 375 -18.54 22.23 -19.66
N ASN A 376 -18.41 22.94 -18.53
CA ASN A 376 -18.08 24.35 -18.65
C ASN A 376 -16.94 24.75 -17.76
N ARG A 377 -16.19 23.80 -17.20
CA ARG A 377 -14.98 24.25 -16.49
C ARG A 377 -13.95 23.15 -16.41
N ASN A 378 -12.73 23.51 -16.68
CA ASN A 378 -11.62 22.53 -16.55
C ASN A 378 -11.22 22.37 -15.12
N PRO A 379 -10.58 21.23 -14.76
CA PRO A 379 -10.09 21.07 -13.38
C PRO A 379 -8.97 22.07 -13.06
N ASP A 380 -8.59 22.17 -11.81
CA ASP A 380 -7.38 22.94 -11.40
C ASP A 380 -6.13 22.09 -11.46
N ASN A 381 -6.20 20.83 -10.98
CA ASN A 381 -4.97 19.99 -10.96
C ASN A 381 -5.43 18.62 -11.53
N PHE A 382 -4.73 18.20 -12.60
CA PHE A 382 -5.14 16.93 -13.27
C PHE A 382 -4.99 15.76 -12.30
N PHE A 383 -3.86 15.66 -11.59
CA PHE A 383 -3.77 14.50 -10.71
C PHE A 383 -4.85 14.42 -9.69
N ALA A 384 -5.05 15.54 -8.98
CA ALA A 384 -5.93 15.48 -7.79
C ALA A 384 -7.36 15.24 -8.22
N GLU A 385 -7.79 15.77 -9.36
CA GLU A 385 -9.23 15.70 -9.82
C GLU A 385 -9.46 14.59 -10.81
N ASN A 386 -8.65 14.57 -11.89
CA ASN A 386 -8.84 13.51 -12.94
C ASN A 386 -8.23 12.21 -12.50
N GLU A 387 -6.92 12.17 -12.21
CA GLU A 387 -6.34 10.86 -11.90
C GLU A 387 -6.97 10.15 -10.76
N GLN A 388 -7.32 10.91 -9.70
CA GLN A 388 -7.93 10.27 -8.49
C GLN A 388 -9.48 10.07 -8.55
N ALA A 389 -10.17 10.50 -9.63
CA ALA A 389 -11.63 10.31 -9.64
C ALA A 389 -11.93 8.84 -9.77
N ALA A 390 -12.97 8.38 -9.06
CA ALA A 390 -13.36 7.01 -9.20
C ALA A 390 -14.82 6.93 -9.60
N PHE A 391 -15.08 6.30 -10.72
CA PHE A 391 -16.47 6.13 -11.25
C PHE A 391 -16.78 4.67 -11.14
N HIS A 392 -18.03 4.33 -10.87
CA HIS A 392 -18.37 2.92 -10.76
C HIS A 392 -19.83 2.77 -11.05
N PRO A 393 -20.17 1.84 -11.97
CA PRO A 393 -21.62 1.74 -12.36
C PRO A 393 -22.55 1.19 -11.29
N GLY A 394 -22.01 0.57 -10.25
CA GLY A 394 -22.85 0.22 -9.13
C GLY A 394 -23.28 1.40 -8.31
N HIS A 395 -22.74 2.64 -8.58
CA HIS A 395 -23.21 3.85 -7.81
C HIS A 395 -24.45 4.31 -8.48
N ILE A 396 -25.57 3.74 -8.05
CA ILE A 396 -26.90 4.14 -8.55
C ILE A 396 -27.65 4.79 -7.35
N VAL A 397 -28.86 5.28 -7.65
CA VAL A 397 -29.67 5.94 -6.64
C VAL A 397 -31.11 5.42 -6.72
N PRO A 398 -31.92 5.71 -5.70
CA PRO A 398 -33.32 5.31 -5.74
C PRO A 398 -34.01 5.82 -7.00
N GLY A 399 -34.79 4.92 -7.67
CA GLY A 399 -35.34 5.19 -8.94
C GLY A 399 -34.64 4.55 -10.10
N LEU A 400 -33.44 4.01 -9.80
CA LEU A 400 -32.71 3.16 -10.75
C LEU A 400 -32.46 1.76 -10.17
N ASP A 401 -32.29 0.81 -11.09
CA ASP A 401 -31.85 -0.52 -10.64
C ASP A 401 -31.13 -1.25 -11.75
N PHE A 402 -30.58 -2.42 -11.37
CA PHE A 402 -29.80 -3.15 -12.33
C PHE A 402 -30.69 -4.20 -13.06
N THR A 403 -30.10 -4.94 -13.99
CA THR A 403 -30.76 -6.11 -14.55
C THR A 403 -29.75 -7.25 -14.42
N ASN A 404 -30.16 -8.44 -14.92
CA ASN A 404 -29.25 -9.59 -14.84
C ASN A 404 -28.28 -9.69 -16.01
N ASP A 405 -28.05 -8.62 -16.79
CA ASP A 405 -27.03 -8.66 -17.83
C ASP A 405 -25.73 -9.19 -17.15
N PRO A 406 -25.13 -10.27 -17.68
CA PRO A 406 -24.05 -10.97 -16.92
C PRO A 406 -22.72 -10.22 -17.02
N LEU A 407 -22.62 -9.24 -17.91
CA LEU A 407 -21.41 -8.39 -17.94
C LEU A 407 -21.57 -7.32 -16.88
N LEU A 408 -22.74 -6.64 -16.87
CA LEU A 408 -23.02 -5.62 -15.81
C LEU A 408 -22.87 -6.26 -14.43
N GLN A 409 -23.40 -7.49 -14.24
CA GLN A 409 -23.39 -8.10 -12.92
C GLN A 409 -21.99 -8.18 -12.36
N GLY A 410 -21.03 -8.61 -13.21
CA GLY A 410 -19.65 -8.67 -12.79
C GLY A 410 -18.93 -7.35 -12.62
N ARG A 411 -19.32 -6.31 -13.40
CA ARG A 411 -18.77 -5.01 -13.21
C ARG A 411 -19.07 -4.51 -11.83
N LEU A 412 -20.24 -4.86 -11.28
CA LEU A 412 -20.56 -4.31 -9.95
C LEU A 412 -19.57 -4.76 -8.87
N PHE A 413 -18.89 -5.86 -9.09
CA PHE A 413 -17.82 -6.29 -8.17
C PHE A 413 -16.53 -5.42 -8.29
N SER A 414 -16.13 -5.20 -9.52
CA SER A 414 -14.76 -4.73 -9.87
C SER A 414 -14.54 -3.32 -9.47
N TYR A 415 -15.51 -2.41 -9.68
CA TYR A 415 -15.16 -1.02 -9.51
C TYR A 415 -14.95 -0.58 -8.04
N THR A 416 -15.47 -1.31 -7.05
CA THR A 416 -15.13 -0.95 -5.67
C THR A 416 -13.84 -1.69 -5.26
N ASP A 417 -13.72 -2.92 -5.75
CA ASP A 417 -12.47 -3.68 -5.45
C ASP A 417 -11.20 -2.92 -5.92
N THR A 418 -11.18 -2.52 -7.17
CA THR A 418 -9.93 -1.95 -7.74
C THR A 418 -9.44 -0.66 -7.04
N GLN A 419 -10.39 0.08 -6.41
CA GLN A 419 -9.90 1.31 -5.76
C GLN A 419 -9.11 1.07 -4.53
N ILE A 420 -9.23 -0.12 -3.90
CA ILE A 420 -8.42 -0.40 -2.75
C ILE A 420 -6.91 -0.30 -3.01
N SER A 421 -6.44 -0.76 -4.18
CA SER A 421 -5.04 -0.54 -4.57
C SER A 421 -4.87 0.77 -5.30
N ARG A 422 -5.73 1.12 -6.23
CA ARG A 422 -5.42 2.29 -7.01
C ARG A 422 -5.35 3.55 -6.17
N LEU A 423 -6.33 3.64 -5.24
CA LEU A 423 -6.52 4.91 -4.44
C LEU A 423 -6.15 4.65 -2.98
N GLY A 424 -5.61 3.48 -2.67
CA GLY A 424 -4.84 3.34 -1.41
C GLY A 424 -5.72 2.92 -0.25
N GLY A 425 -7.02 2.67 -0.44
CA GLY A 425 -7.81 2.07 0.66
C GLY A 425 -9.25 2.41 0.51
N PRO A 426 -10.03 2.12 1.54
CA PRO A 426 -11.49 2.13 1.42
C PRO A 426 -12.09 3.53 1.65
N ASN A 427 -11.20 4.53 1.94
CA ASN A 427 -11.71 5.90 2.12
C ASN A 427 -11.62 6.72 0.83
N PHE A 428 -11.65 6.06 -0.31
CA PHE A 428 -11.49 6.82 -1.58
C PHE A 428 -12.63 7.82 -1.78
N HIS A 429 -13.80 7.66 -1.15
CA HIS A 429 -14.92 8.57 -1.28
C HIS A 429 -14.62 9.90 -0.55
N GLU A 430 -13.55 9.96 0.28
CA GLU A 430 -13.16 11.21 0.94
C GLU A 430 -12.13 11.94 0.16
N ILE A 431 -11.63 11.38 -0.93
CA ILE A 431 -10.82 12.15 -1.83
C ILE A 431 -11.72 13.23 -2.46
N PRO A 432 -11.29 14.52 -2.45
CA PRO A 432 -12.28 15.54 -2.71
C PRO A 432 -13.16 15.42 -3.95
N ILE A 433 -12.58 15.11 -5.10
CA ILE A 433 -13.38 14.95 -6.29
C ILE A 433 -14.46 13.89 -6.14
N ASN A 434 -14.24 12.88 -5.31
CA ASN A 434 -15.25 11.76 -5.18
C ASN A 434 -16.29 12.01 -4.16
N ARG A 435 -16.14 13.06 -3.33
CA ARG A 435 -17.09 13.22 -2.21
C ARG A 435 -18.49 13.56 -2.73
N PRO A 436 -19.53 12.96 -2.15
CA PRO A 436 -20.91 13.47 -2.39
C PRO A 436 -21.04 14.91 -1.91
N THR A 437 -22.01 15.60 -2.52
CA THR A 437 -22.32 16.91 -2.00
C THR A 437 -23.59 16.83 -1.12
N CYS A 438 -24.28 15.71 -1.11
CA CYS A 438 -25.40 15.44 -0.18
C CYS A 438 -24.81 14.83 1.09
N PRO A 439 -25.63 14.67 2.13
CA PRO A 439 -25.18 14.15 3.41
C PRO A 439 -24.76 12.71 3.24
N TYR A 440 -23.76 12.29 4.03
CA TYR A 440 -23.48 10.86 4.11
C TYR A 440 -23.07 10.59 5.53
N HIS A 441 -23.74 9.63 6.14
CA HIS A 441 -23.50 9.25 7.50
C HIS A 441 -23.74 7.75 7.66
N ASN A 442 -22.80 7.08 8.36
CA ASN A 442 -22.98 5.63 8.63
C ASN A 442 -22.04 5.18 9.71
N PHE A 443 -21.93 3.87 9.90
CA PHE A 443 -21.25 3.39 11.07
C PHE A 443 -19.87 2.84 10.63
N GLN A 444 -19.45 3.11 9.39
CA GLN A 444 -18.16 2.60 8.97
C GLN A 444 -17.09 3.54 9.57
N ARG A 445 -15.93 2.91 9.84
CA ARG A 445 -14.92 3.68 10.55
C ARG A 445 -13.52 3.25 10.10
N ASP A 446 -12.56 4.12 10.39
CA ASP A 446 -11.10 3.81 10.21
C ASP A 446 -10.75 3.62 8.72
N GLY A 447 -9.76 2.74 8.51
CA GLY A 447 -9.14 2.61 7.17
C GLY A 447 -8.06 3.64 6.88
N MET A 448 -7.16 3.26 5.97
CA MET A 448 -6.09 4.20 5.70
C MET A 448 -6.56 5.58 5.24
N HIS A 449 -5.80 6.58 5.74
N HIS A 449 -5.86 6.65 5.56
CA HIS A 449 -6.00 8.05 5.52
CA HIS A 449 -6.27 7.95 4.99
C HIS A 449 -7.45 8.46 5.68
C HIS A 449 -7.70 8.31 5.53
N ARG A 450 -7.98 8.05 6.80
CA ARG A 450 -9.33 8.46 7.27
C ARG A 450 -9.35 9.95 7.53
N MET A 451 -10.21 10.67 6.82
CA MET A 451 -10.33 12.12 7.02
C MET A 451 -11.42 12.44 8.04
N GLY A 452 -12.54 11.76 7.89
CA GLY A 452 -13.70 12.16 8.69
C GLY A 452 -13.49 11.75 10.14
N ILE A 453 -13.76 12.68 11.10
CA ILE A 453 -13.62 12.38 12.53
C ILE A 453 -15.03 12.18 13.03
N ASP A 454 -15.41 10.92 13.29
CA ASP A 454 -16.80 10.66 13.74
C ASP A 454 -16.99 11.01 15.22
N THR A 455 -18.03 11.72 15.57
CA THR A 455 -18.23 12.00 16.95
C THR A 455 -19.34 11.04 17.52
N ASN A 456 -20.01 10.27 16.67
CA ASN A 456 -21.08 9.41 17.18
C ASN A 456 -20.61 8.50 18.26
N PRO A 457 -21.23 8.45 19.42
CA PRO A 457 -20.72 7.55 20.45
C PRO A 457 -20.85 6.07 20.02
N ALA A 458 -21.77 5.77 19.10
CA ALA A 458 -21.97 4.47 18.50
C ALA A 458 -21.27 4.28 17.17
N ASN A 459 -20.68 3.10 16.99
CA ASN A 459 -20.19 2.75 15.66
C ASN A 459 -20.89 1.44 15.18
N TYR A 460 -22.12 1.21 15.61
CA TYR A 460 -22.90 0.01 15.21
C TYR A 460 -24.35 0.38 15.33
N GLU A 461 -25.15 -0.44 14.67
CA GLU A 461 -26.61 -0.35 14.92
C GLU A 461 -27.13 -1.82 14.85
N PRO A 462 -28.19 -2.09 15.58
CA PRO A 462 -28.93 -1.08 16.38
C PRO A 462 -28.21 -0.65 17.63
N ASN A 463 -28.35 0.64 18.00
CA ASN A 463 -27.79 1.11 19.23
C ASN A 463 -28.85 1.92 19.99
N SER A 464 -28.76 1.89 21.31
CA SER A 464 -29.55 2.79 22.14
C SER A 464 -28.72 4.04 22.52
N ILE A 465 -27.38 3.94 22.51
CA ILE A 465 -26.56 5.00 23.12
C ILE A 465 -26.51 6.28 22.30
N ASN A 466 -26.92 6.20 21.02
CA ASN A 466 -27.14 7.37 20.23
C ASN A 466 -28.57 7.41 19.67
N ASP A 467 -29.47 6.72 20.39
CA ASP A 467 -30.89 6.61 19.98
C ASP A 467 -30.97 6.15 18.51
N ASN A 468 -30.03 5.25 18.16
CA ASN A 468 -30.03 4.56 16.89
C ASN A 468 -29.74 5.43 15.64
N TRP A 469 -29.13 6.63 15.82
CA TRP A 469 -28.79 7.46 14.69
C TRP A 469 -27.37 7.11 14.27
N PRO A 470 -27.06 7.28 12.95
CA PRO A 470 -28.02 7.62 11.93
C PRO A 470 -28.95 6.41 11.62
N ARG A 471 -30.19 6.72 11.21
CA ARG A 471 -31.22 5.71 11.00
C ARG A 471 -31.56 5.31 9.58
N GLU A 472 -31.98 4.06 9.43
CA GLU A 472 -32.51 3.60 8.17
C GLU A 472 -33.76 4.41 7.78
N THR A 473 -34.05 4.44 6.48
CA THR A 473 -35.21 5.26 5.97
C THR A 473 -35.99 4.30 5.06
N PRO A 474 -37.33 4.14 5.29
CA PRO A 474 -38.12 3.35 4.36
C PRO A 474 -38.10 3.86 2.96
N PRO A 475 -38.31 2.96 1.98
CA PRO A 475 -38.43 3.44 0.63
C PRO A 475 -39.68 4.26 0.50
N GLY A 476 -39.66 5.14 -0.49
CA GLY A 476 -40.87 5.95 -0.74
C GLY A 476 -40.70 6.75 -1.99
N PRO A 477 -41.64 7.64 -2.25
CA PRO A 477 -41.63 8.37 -3.48
C PRO A 477 -40.47 9.30 -3.65
N LYS A 478 -39.96 9.92 -2.59
CA LYS A 478 -38.79 10.82 -2.68
C LYS A 478 -38.04 10.71 -1.33
N ARG A 479 -36.74 10.89 -1.37
CA ARG A 479 -35.91 10.94 -0.14
C ARG A 479 -36.03 9.62 0.65
N GLY A 480 -36.41 8.55 -0.02
CA GLY A 480 -36.51 7.25 0.62
C GLY A 480 -35.27 6.41 0.56
N GLY A 481 -35.25 5.36 1.36
CA GLY A 481 -34.13 4.39 1.32
C GLY A 481 -34.16 3.55 0.08
N PHE A 482 -32.96 3.07 -0.31
CA PHE A 482 -32.89 2.21 -1.48
C PHE A 482 -33.49 0.80 -1.23
N GLU A 483 -34.35 0.35 -2.14
CA GLU A 483 -34.81 -1.06 -2.06
C GLU A 483 -34.65 -1.60 -3.49
N SER A 484 -34.16 -2.81 -3.64
CA SER A 484 -34.07 -3.41 -4.98
C SER A 484 -35.45 -3.79 -5.50
N TYR A 485 -35.65 -3.69 -6.82
CA TYR A 485 -36.90 -4.14 -7.44
C TYR A 485 -36.96 -5.69 -7.23
N GLN A 486 -38.13 -6.15 -6.83
CA GLN A 486 -38.27 -7.54 -6.40
C GLN A 486 -38.48 -8.44 -7.62
N GLU A 487 -37.48 -8.48 -8.50
CA GLU A 487 -37.50 -9.36 -9.69
C GLU A 487 -37.60 -10.82 -9.27
N ARG A 488 -38.40 -11.62 -9.96
CA ARG A 488 -38.47 -13.07 -9.66
C ARG A 488 -37.23 -13.76 -10.24
N VAL A 489 -36.64 -14.70 -9.49
CA VAL A 489 -35.46 -15.47 -9.84
C VAL A 489 -35.87 -16.92 -9.77
N GLU A 490 -35.67 -17.65 -10.88
CA GLU A 490 -36.07 -19.09 -10.92
C GLU A 490 -35.06 -19.81 -11.79
N GLY A 491 -34.27 -20.66 -11.17
CA GLY A 491 -33.32 -21.41 -12.01
C GLY A 491 -32.43 -22.19 -11.08
N ASN A 492 -31.60 -23.03 -11.64
CA ASN A 492 -30.65 -23.76 -10.80
C ASN A 492 -29.31 -22.98 -10.80
N LYS A 493 -28.47 -23.24 -9.81
CA LYS A 493 -27.12 -22.57 -9.77
C LYS A 493 -26.27 -23.16 -10.89
N VAL A 494 -26.05 -22.39 -11.93
CA VAL A 494 -25.33 -22.89 -13.12
C VAL A 494 -24.25 -21.91 -13.57
N ARG A 495 -23.17 -22.47 -14.15
CA ARG A 495 -22.23 -21.62 -14.93
C ARG A 495 -22.53 -21.92 -16.36
N GLU A 496 -23.45 -21.18 -16.97
CA GLU A 496 -23.92 -21.49 -18.31
C GLU A 496 -24.36 -20.20 -19.01
N ARG A 497 -24.03 -20.10 -20.28
CA ARG A 497 -24.42 -18.93 -21.07
C ARG A 497 -25.86 -19.13 -21.49
N SER A 498 -26.68 -18.10 -21.40
CA SER A 498 -28.07 -18.29 -21.93
C SER A 498 -28.06 -18.67 -23.45
N PRO A 499 -28.87 -19.67 -23.90
CA PRO A 499 -28.87 -20.01 -25.34
C PRO A 499 -29.28 -18.78 -26.20
N SER A 500 -30.07 -17.88 -25.63
CA SER A 500 -30.49 -16.70 -26.38
C SER A 500 -29.39 -15.72 -26.66
N PHE A 501 -28.22 -15.90 -26.05
CA PHE A 501 -27.09 -15.03 -26.34
C PHE A 501 -26.24 -15.66 -27.47
N GLY A 502 -26.62 -16.85 -27.99
CA GLY A 502 -25.67 -17.55 -28.92
C GLY A 502 -25.91 -17.21 -30.36
N GLU A 503 -25.98 -15.94 -30.69
CA GLU A 503 -26.08 -15.52 -32.07
C GLU A 503 -25.11 -14.32 -32.19
N TYR A 504 -24.28 -14.34 -33.25
CA TYR A 504 -23.14 -13.41 -33.21
C TYR A 504 -23.00 -12.59 -34.46
N TYR A 505 -23.78 -12.86 -35.52
CA TYR A 505 -23.50 -12.27 -36.83
C TYR A 505 -24.52 -11.24 -37.31
N SER A 506 -25.74 -11.33 -36.81
CA SER A 506 -26.82 -10.45 -37.33
C SER A 506 -26.61 -8.99 -36.93
N HIS A 507 -26.11 -8.71 -35.71
CA HIS A 507 -25.87 -7.31 -35.39
C HIS A 507 -24.68 -6.70 -36.12
N PRO A 508 -23.57 -7.45 -36.27
CA PRO A 508 -22.49 -6.92 -37.13
C PRO A 508 -22.96 -6.62 -38.57
N ARG A 509 -23.77 -7.54 -39.12
CA ARG A 509 -24.33 -7.32 -40.43
C ARG A 509 -25.23 -6.04 -40.53
N LEU A 510 -26.12 -5.86 -39.57
CA LEU A 510 -26.98 -4.68 -39.55
C LEU A 510 -26.07 -3.44 -39.52
N PHE A 511 -25.03 -3.48 -38.70
CA PHE A 511 -24.14 -2.31 -38.64
C PHE A 511 -23.48 -2.07 -39.99
N TRP A 512 -22.95 -3.09 -40.62
CA TRP A 512 -22.27 -2.99 -41.87
C TRP A 512 -23.23 -2.37 -42.95
N LEU A 513 -24.47 -2.90 -42.97
CA LEU A 513 -25.42 -2.49 -44.06
C LEU A 513 -25.91 -1.05 -43.83
N SER A 514 -25.74 -0.53 -42.60
CA SER A 514 -26.22 0.79 -42.28
C SER A 514 -25.19 1.86 -42.53
N GLN A 515 -23.99 1.46 -42.92
CA GLN A 515 -22.91 2.48 -43.18
C GLN A 515 -22.99 3.03 -44.63
N THR A 516 -22.52 4.25 -44.83
CA THR A 516 -22.41 4.72 -46.20
C THR A 516 -21.34 3.92 -46.96
N PRO A 517 -21.24 4.09 -48.27
CA PRO A 517 -20.21 3.34 -49.01
C PRO A 517 -18.82 3.73 -48.52
N PHE A 518 -18.58 5.01 -48.24
CA PHE A 518 -17.20 5.40 -47.85
C PHE A 518 -16.92 4.87 -46.47
N GLU A 519 -17.95 4.77 -45.62
CA GLU A 519 -17.75 4.21 -44.23
C GLU A 519 -17.43 2.73 -44.32
N GLN A 520 -18.09 2.04 -45.26
CA GLN A 520 -17.77 0.59 -45.51
C GLN A 520 -16.34 0.44 -45.99
N ARG A 521 -15.85 1.30 -46.91
CA ARG A 521 -14.50 1.26 -47.41
C ARG A 521 -13.54 1.41 -46.19
N HIS A 522 -13.84 2.36 -45.30
CA HIS A 522 -12.94 2.56 -44.14
C HIS A 522 -12.95 1.41 -43.16
N ILE A 523 -14.07 0.71 -43.02
CA ILE A 523 -14.11 -0.50 -42.26
C ILE A 523 -13.26 -1.62 -42.87
N VAL A 524 -13.41 -1.87 -44.16
CA VAL A 524 -12.54 -2.81 -44.86
C VAL A 524 -11.08 -2.42 -44.67
N ASP A 525 -10.73 -1.12 -44.79
CA ASP A 525 -9.36 -0.70 -44.59
C ASP A 525 -8.90 -0.92 -43.21
N GLY A 526 -9.79 -0.73 -42.23
CA GLY A 526 -9.35 -0.91 -40.81
C GLY A 526 -9.04 -2.39 -40.54
N PHE A 527 -9.90 -3.30 -40.93
CA PHE A 527 -9.62 -4.74 -40.74
C PHE A 527 -8.34 -5.11 -41.53
N SER A 528 -8.18 -4.57 -42.76
CA SER A 528 -7.05 -4.98 -43.66
C SER A 528 -5.72 -4.52 -43.01
N PHE A 529 -5.72 -3.30 -42.53
CA PHE A 529 -4.53 -2.77 -41.85
C PHE A 529 -4.19 -3.58 -40.64
N GLU A 530 -5.18 -3.80 -39.79
CA GLU A 530 -4.91 -4.53 -38.59
C GLU A 530 -4.44 -5.95 -38.82
N LEU A 531 -5.16 -6.70 -39.68
CA LEU A 531 -4.77 -8.10 -39.85
C LEU A 531 -3.42 -8.19 -40.62
N SER A 532 -3.05 -7.14 -41.31
CA SER A 532 -1.72 -7.19 -41.99
C SER A 532 -0.59 -7.20 -40.93
N LYS A 533 -0.89 -6.73 -39.71
CA LYS A 533 0.13 -6.66 -38.66
C LYS A 533 0.06 -7.93 -37.79
N VAL A 534 -0.82 -8.88 -38.10
CA VAL A 534 -0.86 -10.17 -37.38
C VAL A 534 0.18 -11.05 -38.03
N VAL A 535 1.12 -11.50 -37.23
CA VAL A 535 2.27 -12.23 -37.82
C VAL A 535 1.92 -13.66 -38.21
N ARG A 536 1.02 -14.31 -37.49
CA ARG A 536 0.69 -15.72 -37.78
C ARG A 536 -0.43 -15.79 -38.80
N PRO A 537 -0.17 -16.25 -40.05
CA PRO A 537 -1.21 -16.05 -41.10
C PRO A 537 -2.51 -16.79 -40.87
N TYR A 538 -2.45 -17.91 -40.15
CA TYR A 538 -3.68 -18.63 -39.95
C TYR A 538 -4.72 -17.80 -39.13
N ILE A 539 -4.23 -16.83 -38.32
CA ILE A 539 -5.18 -16.04 -37.51
C ILE A 539 -5.92 -15.13 -38.49
N ARG A 540 -5.18 -14.55 -39.47
CA ARG A 540 -5.81 -13.70 -40.48
C ARG A 540 -6.90 -14.52 -41.18
N GLU A 541 -6.54 -15.74 -41.58
CA GLU A 541 -7.50 -16.58 -42.31
C GLU A 541 -8.75 -16.82 -41.47
N ARG A 542 -8.56 -17.13 -40.19
CA ARG A 542 -9.72 -17.38 -39.33
C ARG A 542 -10.62 -16.17 -39.17
N VAL A 543 -10.04 -14.97 -39.05
CA VAL A 543 -10.90 -13.77 -38.96
C VAL A 543 -11.61 -13.56 -40.30
N VAL A 544 -10.94 -13.77 -41.43
CA VAL A 544 -11.67 -13.57 -42.71
C VAL A 544 -12.85 -14.56 -42.78
N ASP A 545 -12.65 -15.79 -42.27
CA ASP A 545 -13.79 -16.76 -42.24
C ASP A 545 -14.94 -16.29 -41.36
N GLN A 546 -14.62 -15.64 -40.23
CA GLN A 546 -15.72 -15.02 -39.48
CA GLN A 546 -15.71 -14.99 -39.45
C GLN A 546 -16.41 -13.92 -40.27
N LEU A 547 -15.64 -13.07 -40.94
CA LEU A 547 -16.25 -12.01 -41.72
C LEU A 547 -17.24 -12.61 -42.78
N ALA A 548 -16.85 -13.73 -43.37
CA ALA A 548 -17.72 -14.37 -44.38
C ALA A 548 -19.08 -14.78 -43.82
N HIS A 549 -19.17 -14.92 -42.49
CA HIS A 549 -20.45 -15.24 -41.82
C HIS A 549 -21.30 -13.96 -41.58
N ILE A 550 -20.70 -12.81 -41.77
CA ILE A 550 -21.40 -11.49 -41.62
C ILE A 550 -21.87 -10.97 -42.97
N ASP A 551 -20.93 -10.76 -43.90
CA ASP A 551 -21.24 -10.21 -45.23
C ASP A 551 -20.15 -10.63 -46.19
N LEU A 552 -20.52 -11.29 -47.30
CA LEU A 552 -19.50 -11.74 -48.26
C LEU A 552 -18.80 -10.56 -48.97
N THR A 553 -19.45 -9.42 -49.18
CA THR A 553 -18.74 -8.31 -49.83
C THR A 553 -17.59 -7.80 -48.89
N LEU A 554 -17.90 -7.63 -47.61
CA LEU A 554 -16.90 -7.23 -46.59
C LEU A 554 -15.77 -8.27 -46.58
N ALA A 555 -16.13 -9.53 -46.50
CA ALA A 555 -15.12 -10.59 -46.34
C ALA A 555 -14.25 -10.61 -47.61
N GLN A 556 -14.86 -10.54 -48.80
CA GLN A 556 -14.02 -10.59 -50.00
C GLN A 556 -13.09 -9.38 -50.10
N ALA A 557 -13.54 -8.20 -49.65
CA ALA A 557 -12.73 -7.00 -49.81
C ALA A 557 -11.54 -7.05 -48.83
N VAL A 558 -11.77 -7.55 -47.61
CA VAL A 558 -10.69 -7.75 -46.66
C VAL A 558 -9.73 -8.85 -47.15
N ALA A 559 -10.30 -9.95 -47.69
CA ALA A 559 -9.45 -11.05 -48.15
C ALA A 559 -8.54 -10.60 -49.31
N LYS A 560 -9.07 -9.78 -50.20
CA LYS A 560 -8.27 -9.29 -51.32
C LYS A 560 -7.02 -8.51 -50.87
N ASN A 561 -7.21 -7.61 -49.91
CA ASN A 561 -6.09 -6.88 -49.38
C ASN A 561 -5.06 -7.75 -48.67
N LEU A 562 -5.45 -8.96 -48.28
CA LEU A 562 -4.57 -9.82 -47.50
C LEU A 562 -3.99 -10.94 -48.39
N GLY A 563 -4.36 -10.93 -49.66
CA GLY A 563 -3.89 -12.02 -50.55
C GLY A 563 -4.49 -13.36 -50.23
N ILE A 564 -5.72 -13.37 -49.74
CA ILE A 564 -6.44 -14.60 -49.37
C ILE A 564 -7.60 -14.73 -50.36
N GLU A 565 -7.89 -15.97 -50.73
CA GLU A 565 -9.00 -16.26 -51.63
C GLU A 565 -9.99 -17.06 -50.80
N LEU A 566 -11.24 -16.61 -50.83
CA LEU A 566 -12.27 -17.31 -50.17
C LEU A 566 -12.50 -18.68 -50.87
N THR A 567 -12.78 -19.70 -50.06
CA THR A 567 -13.14 -21.01 -50.62
C THR A 567 -14.57 -21.03 -51.17
N ASP A 568 -14.93 -22.06 -51.95
CA ASP A 568 -16.34 -22.14 -52.37
C ASP A 568 -17.31 -22.27 -51.19
N ASP A 569 -16.97 -23.03 -50.18
CA ASP A 569 -17.82 -23.12 -48.98
C ASP A 569 -18.00 -21.74 -48.33
N GLN A 570 -16.91 -20.99 -48.24
CA GLN A 570 -17.03 -19.64 -47.69
C GLN A 570 -17.92 -18.75 -48.54
N LEU A 571 -17.82 -18.81 -49.87
CA LEU A 571 -18.72 -18.03 -50.71
C LEU A 571 -20.20 -18.45 -50.55
N ASN A 572 -20.50 -19.63 -50.04
CA ASN A 572 -21.85 -20.12 -49.90
C ASN A 572 -22.41 -20.05 -48.52
N ILE A 573 -21.73 -19.38 -47.59
CA ILE A 573 -22.31 -19.17 -46.29
C ILE A 573 -23.58 -18.31 -46.34
N THR A 574 -24.69 -18.79 -45.78
CA THR A 574 -25.94 -18.03 -45.80
C THR A 574 -25.81 -16.83 -44.83
N PRO A 575 -26.12 -15.62 -45.29
CA PRO A 575 -26.10 -14.40 -44.46
C PRO A 575 -26.99 -14.58 -43.27
N PRO A 576 -26.64 -13.93 -42.19
CA PRO A 576 -27.46 -14.06 -41.02
C PRO A 576 -28.79 -13.34 -41.23
N PRO A 577 -29.77 -13.65 -40.42
CA PRO A 577 -31.04 -12.96 -40.54
C PRO A 577 -31.01 -11.47 -40.27
N ASP A 578 -31.97 -10.78 -40.82
CA ASP A 578 -32.24 -9.37 -40.50
C ASP A 578 -32.62 -9.26 -39.03
N VAL A 579 -32.39 -8.08 -38.45
CA VAL A 579 -32.77 -7.90 -37.04
C VAL A 579 -34.19 -7.33 -36.96
N ASN A 580 -35.12 -8.19 -36.55
CA ASN A 580 -36.57 -7.83 -36.50
C ASN A 580 -37.00 -7.10 -37.74
N GLY A 581 -36.59 -7.65 -38.89
CA GLY A 581 -37.03 -7.17 -40.21
C GLY A 581 -36.20 -5.99 -40.75
N LEU A 582 -35.23 -5.48 -40.00
CA LEU A 582 -34.48 -4.32 -40.50
C LEU A 582 -33.34 -4.75 -41.44
N LYS A 583 -33.22 -4.01 -42.52
CA LYS A 583 -32.11 -4.16 -43.48
C LYS A 583 -31.09 -3.08 -43.24
N LYS A 584 -31.46 -2.10 -42.43
CA LYS A 584 -30.51 -1.03 -42.13
C LYS A 584 -31.13 -0.13 -41.10
N ASP A 585 -30.30 0.62 -40.38
CA ASP A 585 -30.80 1.61 -39.47
C ASP A 585 -29.83 2.79 -39.54
N PRO A 586 -30.23 3.90 -40.12
CA PRO A 586 -29.21 4.96 -40.42
C PRO A 586 -28.66 5.65 -39.24
N SER A 587 -29.27 5.49 -38.07
CA SER A 587 -28.76 6.04 -36.83
C SER A 587 -27.45 5.35 -36.46
N LEU A 588 -27.09 4.23 -37.10
CA LEU A 588 -25.80 3.54 -36.85
C LEU A 588 -24.67 4.13 -37.61
N SER A 589 -24.96 5.02 -38.59
CA SER A 589 -23.90 5.63 -39.37
C SER A 589 -23.49 6.95 -38.71
N LEU A 590 -22.22 7.30 -38.86
CA LEU A 590 -21.75 8.62 -38.36
C LEU A 590 -22.27 9.72 -39.26
N TYR A 591 -22.44 9.39 -40.55
CA TYR A 591 -22.53 10.46 -41.54
C TYR A 591 -23.79 10.39 -42.45
N ALA A 592 -24.53 9.28 -42.42
CA ALA A 592 -25.67 9.16 -43.40
C ALA A 592 -26.70 10.28 -43.21
N ILE A 593 -26.91 10.73 -42.00
CA ILE A 593 -27.86 11.86 -41.75
C ILE A 593 -27.06 13.11 -41.32
N PRO A 594 -27.04 14.17 -42.16
CA PRO A 594 -26.33 15.44 -41.80
C PRO A 594 -26.68 15.91 -40.37
N ASP A 595 -25.66 16.31 -39.61
CA ASP A 595 -25.84 16.78 -38.22
C ASP A 595 -24.64 17.65 -37.89
N GLY A 596 -24.00 18.27 -38.91
CA GLY A 596 -22.78 19.07 -38.70
C GLY A 596 -22.99 20.40 -37.98
N ASP A 597 -21.98 20.81 -37.21
CA ASP A 597 -22.02 22.04 -36.40
C ASP A 597 -20.60 22.56 -36.47
N VAL A 598 -20.36 23.71 -37.09
CA VAL A 598 -18.96 24.11 -37.23
C VAL A 598 -18.43 24.89 -36.06
N LYS A 599 -19.28 25.32 -35.12
CA LYS A 599 -18.78 26.12 -33.99
C LYS A 599 -17.73 25.31 -33.23
N GLY A 600 -16.60 25.95 -33.02
CA GLY A 600 -15.49 25.30 -32.23
C GLY A 600 -14.47 24.59 -33.09
N ARG A 601 -14.73 24.41 -34.42
CA ARG A 601 -13.77 23.85 -35.33
C ARG A 601 -12.68 24.90 -35.56
N VAL A 602 -11.60 24.46 -36.20
CA VAL A 602 -10.44 25.29 -36.46
C VAL A 602 -9.91 25.21 -37.86
N VAL A 603 -9.54 26.37 -38.42
CA VAL A 603 -9.02 26.42 -39.75
C VAL A 603 -7.55 26.87 -39.65
N ALA A 604 -6.68 26.30 -40.47
CA ALA A 604 -5.32 26.89 -40.66
C ALA A 604 -5.39 27.94 -41.80
N ILE A 605 -4.70 29.05 -41.57
CA ILE A 605 -4.56 30.15 -42.57
C ILE A 605 -3.06 30.22 -42.87
N LEU A 606 -2.65 29.86 -44.08
CA LEU A 606 -1.23 29.88 -44.43
C LEU A 606 -0.84 31.27 -44.85
N LEU A 607 -0.04 31.92 -44.02
CA LEU A 607 0.39 33.29 -44.34
C LEU A 607 1.52 33.35 -45.29
N ASN A 608 1.67 34.58 -45.87
CA ASN A 608 2.91 34.91 -46.60
C ASN A 608 3.46 36.24 -46.03
N ASP A 609 4.60 36.69 -46.53
CA ASP A 609 5.17 37.90 -45.91
C ASP A 609 4.52 39.24 -46.33
N GLU A 610 3.52 39.21 -47.22
CA GLU A 610 2.76 40.41 -47.50
C GLU A 610 1.30 40.09 -47.73
N VAL A 611 0.61 39.63 -46.69
CA VAL A 611 -0.73 39.07 -46.88
C VAL A 611 -1.66 40.16 -47.44
N ARG A 612 -2.58 39.76 -48.30
CA ARG A 612 -3.57 40.73 -48.76
C ARG A 612 -4.54 40.94 -47.62
N SER A 613 -4.49 42.10 -46.98
CA SER A 613 -5.29 42.31 -45.78
C SER A 613 -6.79 42.26 -46.02
N ALA A 614 -7.25 42.70 -47.21
CA ALA A 614 -8.67 42.60 -47.48
C ALA A 614 -9.13 41.11 -47.52
N ASP A 615 -8.27 40.18 -47.96
CA ASP A 615 -8.66 38.75 -47.92
C ASP A 615 -8.77 38.35 -46.45
N LEU A 616 -7.77 38.69 -45.64
CA LEU A 616 -7.77 38.22 -44.24
C LEU A 616 -8.96 38.76 -43.41
N LEU A 617 -9.25 40.05 -43.61
CA LEU A 617 -10.45 40.65 -43.02
C LEU A 617 -11.70 39.83 -43.30
N ALA A 618 -11.95 39.52 -44.60
CA ALA A 618 -13.15 38.80 -44.99
C ALA A 618 -13.18 37.37 -44.39
N ILE A 619 -12.00 36.78 -44.32
CA ILE A 619 -11.92 35.38 -43.84
C ILE A 619 -12.20 35.42 -42.38
N LEU A 620 -11.51 36.27 -41.65
CA LEU A 620 -11.76 36.28 -40.23
C LEU A 620 -13.17 36.67 -39.82
N LYS A 621 -13.74 37.62 -40.54
CA LYS A 621 -15.10 38.03 -40.21
C LYS A 621 -16.04 36.85 -40.38
N ALA A 622 -15.89 36.09 -41.45
CA ALA A 622 -16.88 35.01 -41.73
C ALA A 622 -16.71 33.89 -40.69
N LEU A 623 -15.47 33.63 -40.35
CA LEU A 623 -15.19 32.55 -39.38
C LEU A 623 -15.76 32.94 -38.03
N LYS A 624 -15.53 34.19 -37.62
CA LYS A 624 -16.04 34.68 -36.36
C LYS A 624 -17.55 34.56 -36.20
N ALA A 625 -18.26 34.92 -37.27
CA ALA A 625 -19.71 34.81 -37.26
C ALA A 625 -20.25 33.36 -37.03
N LYS A 626 -19.42 32.35 -37.30
CA LYS A 626 -19.86 30.95 -37.11
C LYS A 626 -19.16 30.28 -35.92
N GLY A 627 -18.40 31.05 -35.14
CA GLY A 627 -17.63 30.48 -34.06
C GLY A 627 -16.51 29.54 -34.43
N VAL A 628 -15.92 29.72 -35.61
CA VAL A 628 -14.84 28.89 -36.05
C VAL A 628 -13.51 29.60 -35.80
N HIS A 629 -12.54 28.88 -35.19
CA HIS A 629 -11.29 29.52 -34.82
C HIS A 629 -10.30 29.41 -35.96
N ALA A 630 -9.27 30.28 -35.95
CA ALA A 630 -8.21 30.29 -36.93
C ALA A 630 -6.86 30.16 -36.30
N LYS A 631 -5.91 29.50 -36.98
CA LYS A 631 -4.53 29.51 -36.54
C LYS A 631 -3.69 30.05 -37.69
N LEU A 632 -2.90 31.08 -37.44
CA LEU A 632 -2.14 31.77 -38.50
C LEU A 632 -0.76 31.09 -38.51
N LEU A 633 -0.40 30.52 -39.65
CA LEU A 633 0.85 29.77 -39.75
C LEU A 633 1.83 30.39 -40.74
N TYR A 634 3.11 30.15 -40.51
CA TYR A 634 4.11 30.66 -41.43
C TYR A 634 5.31 29.74 -41.40
N SER A 635 6.37 30.11 -42.10
CA SER A 635 7.56 29.25 -42.19
C SER A 635 8.57 29.53 -41.06
N ARG A 636 8.31 30.53 -40.20
CA ARG A 636 9.09 30.81 -39.02
C ARG A 636 8.13 31.38 -37.99
N MET A 637 8.60 31.60 -36.75
CA MET A 637 7.73 32.21 -35.76
C MET A 637 7.98 33.73 -35.75
N GLY A 638 7.30 34.44 -34.84
CA GLY A 638 7.43 35.94 -34.71
C GLY A 638 6.22 36.56 -35.39
N GLU A 639 6.43 37.57 -36.22
CA GLU A 639 5.32 38.29 -36.83
C GLU A 639 5.61 38.46 -38.33
N VAL A 640 4.54 38.65 -39.06
CA VAL A 640 4.71 39.16 -40.44
C VAL A 640 3.81 40.35 -40.57
N THR A 641 4.13 41.24 -41.51
CA THR A 641 3.26 42.42 -41.72
C THR A 641 2.45 42.30 -42.98
N ALA A 642 1.13 42.56 -42.86
CA ALA A 642 0.22 42.49 -44.03
C ALA A 642 0.43 43.72 -44.96
N ASP A 643 -0.25 43.72 -46.09
CA ASP A 643 -0.08 44.82 -47.06
C ASP A 643 -0.51 46.17 -46.49
N ASP A 644 -1.37 46.21 -45.47
CA ASP A 644 -1.82 47.47 -44.89
C ASP A 644 -1.11 47.83 -43.59
N GLY A 645 -0.03 47.10 -43.27
CA GLY A 645 0.70 47.41 -42.07
C GLY A 645 0.28 46.61 -40.85
N THR A 646 -0.78 45.79 -40.96
CA THR A 646 -1.28 45.05 -39.80
C THR A 646 -0.22 44.04 -39.44
N VAL A 647 0.20 44.08 -38.20
CA VAL A 647 1.20 43.08 -37.70
C VAL A 647 0.46 41.77 -37.26
N LEU A 648 0.81 40.64 -37.89
CA LEU A 648 0.14 39.35 -37.66
C LEU A 648 1.08 38.46 -36.80
N PRO A 649 0.73 38.17 -35.55
CA PRO A 649 1.56 37.19 -34.81
C PRO A 649 1.34 35.79 -35.39
N ILE A 650 2.41 35.02 -35.39
CA ILE A 650 2.34 33.65 -35.99
C ILE A 650 2.13 32.64 -34.86
N ALA A 651 1.12 31.81 -35.08
CA ALA A 651 0.78 30.80 -34.02
C ALA A 651 1.75 29.66 -34.03
N ALA A 652 2.21 29.25 -35.20
CA ALA A 652 2.98 28.03 -35.35
C ALA A 652 3.58 27.98 -36.74
N THR A 653 4.64 27.17 -36.93
CA THR A 653 5.10 26.96 -38.30
C THR A 653 4.26 25.95 -39.01
N PHE A 654 4.43 25.86 -40.31
CA PHE A 654 3.74 24.82 -41.09
C PHE A 654 4.03 23.43 -40.53
N ALA A 655 5.29 23.17 -40.18
CA ALA A 655 5.68 21.87 -39.61
C ALA A 655 5.24 21.70 -38.15
N GLY A 656 5.16 22.78 -37.44
CA GLY A 656 4.83 22.80 -36.03
C GLY A 656 3.40 22.51 -35.76
N ALA A 657 2.50 22.92 -36.67
CA ALA A 657 1.07 22.66 -36.44
C ALA A 657 0.53 22.14 -37.77
N PRO A 658 0.76 20.86 -38.02
CA PRO A 658 0.38 20.30 -39.33
C PRO A 658 -1.13 20.30 -39.59
N SER A 659 -1.51 20.01 -40.85
CA SER A 659 -2.89 20.00 -41.22
C SER A 659 -3.72 19.02 -40.42
N LEU A 660 -3.06 17.99 -39.88
CA LEU A 660 -3.77 17.02 -39.03
C LEU A 660 -4.57 17.69 -37.93
N THR A 661 -4.08 18.81 -37.44
CA THR A 661 -4.65 19.49 -36.26
C THR A 661 -5.78 20.47 -36.59
N VAL A 662 -6.10 20.61 -37.88
CA VAL A 662 -7.18 21.53 -38.27
C VAL A 662 -8.26 20.87 -39.13
N ASP A 663 -9.38 21.57 -39.32
CA ASP A 663 -10.50 21.02 -40.08
C ASP A 663 -10.57 21.44 -41.53
N ALA A 664 -9.82 22.49 -41.87
CA ALA A 664 -9.84 23.12 -43.23
C ALA A 664 -8.67 24.02 -43.31
N VAL A 665 -8.26 24.32 -44.57
CA VAL A 665 -7.07 25.15 -44.78
C VAL A 665 -7.47 26.28 -45.72
N ILE A 666 -7.06 27.49 -45.40
CA ILE A 666 -7.38 28.65 -46.32
C ILE A 666 -6.05 29.31 -46.60
N VAL A 667 -5.84 29.72 -47.85
CA VAL A 667 -4.63 30.39 -48.20
C VAL A 667 -5.06 31.72 -48.85
N PRO A 668 -4.80 32.80 -48.15
CA PRO A 668 -5.14 34.15 -48.73
C PRO A 668 -4.13 34.57 -49.76
N CYS A 669 -4.45 35.62 -50.53
CA CYS A 669 -3.47 36.12 -51.46
C CYS A 669 -2.41 37.02 -50.76
N GLY A 670 -1.56 37.65 -51.55
CA GLY A 670 -0.48 38.44 -51.03
C GLY A 670 0.73 38.11 -51.87
N ASN A 671 1.89 38.07 -51.23
CA ASN A 671 3.12 37.66 -51.91
C ASN A 671 3.21 36.13 -51.91
N ILE A 672 2.46 35.54 -52.81
CA ILE A 672 2.46 34.03 -52.86
C ILE A 672 3.86 33.46 -53.24
N ALA A 673 4.69 34.20 -53.95
CA ALA A 673 6.04 33.72 -54.26
C ALA A 673 6.87 33.40 -53.04
N ASP A 674 6.56 34.03 -51.91
CA ASP A 674 7.26 33.77 -50.66
C ASP A 674 7.08 32.32 -50.21
N ILE A 675 5.94 31.75 -50.50
CA ILE A 675 5.60 30.40 -49.99
C ILE A 675 5.40 29.35 -51.12
N ALA A 676 5.31 29.80 -52.36
CA ALA A 676 5.03 28.90 -53.47
C ALA A 676 5.90 27.67 -53.60
N ASP A 677 7.19 27.81 -53.32
CA ASP A 677 8.19 26.76 -53.42
C ASP A 677 8.62 26.23 -52.07
N ASN A 678 7.91 26.60 -51.00
CA ASN A 678 8.25 26.12 -49.69
C ASN A 678 7.66 24.71 -49.56
N GLY A 679 8.52 23.73 -49.27
CA GLY A 679 8.09 22.32 -49.28
C GLY A 679 7.03 22.05 -48.23
N ASP A 680 7.23 22.64 -47.06
CA ASP A 680 6.27 22.46 -46.00
C ASP A 680 4.89 23.04 -46.32
N ALA A 681 4.81 24.21 -46.96
CA ALA A 681 3.52 24.71 -47.32
C ALA A 681 2.80 23.87 -48.36
N ASN A 682 3.55 23.42 -49.38
CA ASN A 682 2.96 22.54 -50.37
C ASN A 682 2.53 21.22 -49.76
N TYR A 683 3.38 20.64 -48.89
CA TYR A 683 2.97 19.42 -48.24
C TYR A 683 1.72 19.58 -47.35
N TYR A 684 1.62 20.72 -46.69
CA TYR A 684 0.47 21.06 -45.84
C TYR A 684 -0.83 20.85 -46.61
N LEU A 685 -0.83 21.34 -47.84
CA LEU A 685 -2.03 21.24 -48.69
C LEU A 685 -2.23 19.81 -49.20
N MET A 686 -1.12 19.10 -49.50
CA MET A 686 -1.25 17.74 -49.99
C MET A 686 -1.78 16.83 -48.87
N GLU A 687 -1.29 16.97 -47.63
CA GLU A 687 -1.81 16.22 -46.48
C GLU A 687 -3.30 16.54 -46.22
N ALA A 688 -3.65 17.81 -46.21
CA ALA A 688 -5.04 18.18 -46.03
C ALA A 688 -5.95 17.65 -47.13
N TYR A 689 -5.44 17.70 -48.37
CA TYR A 689 -6.21 17.12 -49.45
C TYR A 689 -6.47 15.58 -49.30
N LYS A 690 -5.39 14.84 -49.01
CA LYS A 690 -5.45 13.38 -48.81
C LYS A 690 -6.45 13.04 -47.75
N HIS A 691 -6.49 13.87 -46.72
CA HIS A 691 -7.38 13.60 -45.57
C HIS A 691 -8.74 14.20 -45.71
N LEU A 692 -9.07 14.59 -46.94
CA LEU A 692 -10.46 14.95 -47.34
C LEU A 692 -10.94 16.26 -46.70
N LYS A 693 -9.99 17.12 -46.34
CA LYS A 693 -10.40 18.43 -45.73
C LYS A 693 -10.68 19.50 -46.81
N PRO A 694 -11.68 20.31 -46.55
CA PRO A 694 -11.92 21.47 -47.41
C PRO A 694 -10.67 22.41 -47.50
N ILE A 695 -10.39 22.97 -48.68
CA ILE A 695 -9.26 23.85 -48.89
C ILE A 695 -9.83 25.04 -49.63
N ALA A 696 -9.39 26.25 -49.27
CA ALA A 696 -9.93 27.43 -49.99
C ALA A 696 -8.75 28.26 -50.40
N LEU A 697 -8.68 28.68 -51.69
CA LEU A 697 -7.50 29.37 -52.21
C LEU A 697 -7.97 30.65 -52.94
N ALA A 698 -7.44 31.78 -52.49
CA ALA A 698 -7.87 33.12 -52.95
C ALA A 698 -6.76 33.73 -53.76
N GLY A 699 -7.20 34.36 -54.87
CA GLY A 699 -6.20 35.13 -55.62
C GLY A 699 -5.09 34.26 -56.11
N ASP A 700 -3.87 34.75 -55.98
CA ASP A 700 -2.71 34.09 -56.48
C ASP A 700 -2.40 32.78 -55.70
N ALA A 701 -3.11 32.56 -54.62
CA ALA A 701 -2.93 31.26 -53.89
C ALA A 701 -3.44 30.12 -54.78
N ARG A 702 -4.19 30.47 -55.83
CA ARG A 702 -4.71 29.43 -56.71
C ARG A 702 -3.60 28.70 -57.45
N LYS A 703 -2.39 29.24 -57.47
CA LYS A 703 -1.26 28.56 -58.09
C LYS A 703 -0.94 27.24 -57.33
N PHE A 704 -1.44 27.12 -56.11
CA PHE A 704 -1.27 25.83 -55.36
C PHE A 704 -2.18 24.75 -55.91
N LYS A 705 -3.15 25.07 -56.75
CA LYS A 705 -3.97 24.03 -57.36
C LYS A 705 -3.08 22.99 -57.99
N ALA A 706 -1.92 23.40 -58.52
CA ALA A 706 -1.01 22.49 -59.23
C ALA A 706 -0.38 21.43 -58.32
N THR A 707 -0.09 21.79 -57.08
CA THR A 707 0.43 20.80 -56.16
C THR A 707 -0.54 19.63 -55.87
N ILE A 708 -1.85 19.86 -55.89
CA ILE A 708 -2.84 18.82 -55.58
C ILE A 708 -3.65 18.40 -56.80
N LYS A 709 -3.16 18.76 -57.98
CA LYS A 709 -3.75 18.36 -59.25
C LYS A 709 -5.26 18.68 -59.43
N ILE A 710 -5.66 19.91 -59.12
CA ILE A 710 -7.05 20.37 -59.36
C ILE A 710 -7.16 20.91 -60.82
N ALA A 711 -8.19 20.46 -61.55
CA ALA A 711 -8.48 20.96 -62.90
C ALA A 711 -8.83 22.48 -62.89
N ASP A 712 -8.50 23.21 -63.97
CA ASP A 712 -8.91 24.63 -64.10
C ASP A 712 -10.35 24.89 -63.72
N GLN A 713 -11.24 23.98 -64.12
CA GLN A 713 -12.68 24.15 -63.85
C GLN A 713 -13.01 24.07 -62.34
N GLY A 714 -12.06 23.53 -61.55
CA GLY A 714 -12.28 23.40 -60.10
C GLY A 714 -12.78 22.01 -59.73
N GLU A 715 -13.02 21.78 -58.45
CA GLU A 715 -13.39 20.47 -57.96
C GLU A 715 -14.31 20.71 -56.78
N GLU A 716 -15.39 19.95 -56.62
CA GLU A 716 -16.11 20.09 -55.34
C GLU A 716 -15.12 19.78 -54.19
N GLY A 717 -15.11 20.68 -53.21
CA GLY A 717 -14.24 20.54 -52.03
C GLY A 717 -13.05 21.48 -52.06
N ILE A 718 -12.82 22.15 -53.21
CA ILE A 718 -11.79 23.18 -53.28
C ILE A 718 -12.48 24.48 -53.60
N VAL A 719 -12.43 25.43 -52.68
CA VAL A 719 -13.10 26.73 -52.95
C VAL A 719 -12.05 27.63 -53.55
N GLU A 720 -12.41 28.31 -54.63
CA GLU A 720 -11.39 29.18 -55.23
C GLU A 720 -12.05 30.45 -55.82
N ALA A 721 -11.33 31.57 -55.79
CA ALA A 721 -11.90 32.83 -56.36
C ALA A 721 -10.82 33.85 -56.44
N ASP A 722 -11.11 35.00 -57.10
CA ASP A 722 -10.10 36.05 -57.22
C ASP A 722 -9.80 36.66 -55.86
N SER A 723 -10.85 36.79 -55.07
CA SER A 723 -10.69 37.27 -53.68
C SER A 723 -11.54 36.48 -52.68
N ALA A 724 -11.16 36.56 -51.39
CA ALA A 724 -11.97 36.00 -50.33
C ALA A 724 -13.06 37.00 -50.14
N ASP A 725 -14.28 36.54 -50.01
CA ASP A 725 -15.41 37.46 -49.84
C ASP A 725 -16.54 36.63 -49.23
N GLY A 726 -17.76 37.17 -49.33
CA GLY A 726 -18.93 36.57 -48.70
C GLY A 726 -19.24 35.23 -49.33
N SER A 727 -19.25 35.21 -50.67
CA SER A 727 -19.57 33.95 -51.36
C SER A 727 -18.51 32.81 -51.09
N PHE A 728 -17.25 33.16 -51.23
CA PHE A 728 -16.07 32.29 -51.00
C PHE A 728 -16.18 31.66 -49.57
N MET A 729 -16.39 32.48 -48.54
CA MET A 729 -16.40 31.99 -47.15
C MET A 729 -17.66 31.15 -46.92
N ASP A 730 -18.76 31.48 -47.61
CA ASP A 730 -19.99 30.75 -47.34
C ASP A 730 -19.84 29.33 -47.91
N GLU A 731 -19.21 29.24 -49.05
CA GLU A 731 -18.95 27.95 -49.63
C GLU A 731 -18.01 27.11 -48.74
N LEU A 732 -16.96 27.74 -48.23
CA LEU A 732 -15.99 26.96 -47.40
C LEU A 732 -16.72 26.52 -46.18
N LEU A 733 -17.52 27.43 -45.62
CA LEU A 733 -18.23 27.07 -44.39
C LEU A 733 -19.27 25.95 -44.62
N THR A 734 -19.90 25.93 -45.79
CA THR A 734 -20.81 24.83 -46.13
C THR A 734 -20.08 23.48 -46.19
N LEU A 735 -18.93 23.47 -46.86
CA LEU A 735 -18.04 22.30 -46.83
C LEU A 735 -17.68 21.84 -45.41
N MET A 736 -17.36 22.79 -44.56
CA MET A 736 -16.98 22.43 -43.18
C MET A 736 -18.13 21.77 -42.44
N ALA A 737 -19.39 22.23 -42.70
CA ALA A 737 -20.58 21.69 -42.06
C ALA A 737 -20.76 20.21 -42.45
N ALA A 738 -20.23 19.81 -43.61
CA ALA A 738 -20.29 18.40 -44.03
C ALA A 738 -19.04 17.58 -43.58
N HIS A 739 -18.16 18.27 -42.86
CA HIS A 739 -16.99 17.67 -42.16
C HIS A 739 -15.87 17.32 -43.13
N ARG A 740 -16.11 16.37 -44.10
CA ARG A 740 -15.04 16.00 -45.01
C ARG A 740 -15.58 15.86 -46.40
N VAL A 741 -14.70 15.82 -47.37
CA VAL A 741 -15.06 15.83 -48.83
C VAL A 741 -14.99 14.36 -49.36
N TRP A 742 -16.05 13.61 -49.05
CA TRP A 742 -16.00 12.13 -49.27
C TRP A 742 -15.86 11.81 -50.79
N SER A 743 -16.35 12.73 -51.62
CA SER A 743 -16.30 12.53 -53.07
C SER A 743 -14.91 12.54 -53.58
N ARG A 744 -13.96 12.98 -52.77
CA ARG A 744 -12.62 13.09 -53.26
C ARG A 744 -11.87 11.76 -53.14
N ILE A 745 -12.48 10.79 -52.43
CA ILE A 745 -11.79 9.59 -52.09
C ILE A 745 -11.13 8.91 -53.30
N PRO A 746 -11.86 8.79 -54.43
CA PRO A 746 -11.17 8.08 -55.51
C PRO A 746 -9.93 8.82 -56.03
N LYS A 747 -9.85 10.14 -55.84
CA LYS A 747 -8.71 10.92 -56.34
C LYS A 747 -7.42 10.95 -55.48
N ILE A 748 -7.51 10.50 -54.21
CA ILE A 748 -6.36 10.53 -53.28
C ILE A 748 -5.37 9.33 -53.34
N ASP A 749 -5.76 8.16 -53.82
CA ASP A 749 -4.81 6.99 -53.92
C ASP A 749 -3.54 7.25 -54.77
N LYS A 750 -3.62 8.19 -55.68
CA LYS A 750 -2.51 8.49 -56.54
C LYS A 750 -1.63 9.53 -55.91
N ILE A 751 -2.15 10.26 -54.89
CA ILE A 751 -1.40 11.40 -54.33
C ILE A 751 -0.24 10.90 -53.42
N PRO A 752 1.00 11.36 -53.71
CA PRO A 752 2.13 10.90 -52.86
C PRO A 752 2.22 11.77 -51.61
N ALA A 753 1.47 11.39 -50.57
CA ALA A 753 1.45 12.17 -49.33
C ALA A 753 1.13 11.23 -48.17
N SER B 28 34.78 -15.41 20.44
CA SER B 28 33.45 -15.94 20.05
C SER B 28 32.53 -15.71 21.26
N LEU B 29 31.24 -15.40 21.01
CA LEU B 29 30.32 -14.97 22.10
C LEU B 29 29.55 -16.09 22.78
N ALA B 30 29.38 -17.22 22.12
CA ALA B 30 28.65 -18.31 22.76
C ALA B 30 29.52 -18.86 23.93
N PRO B 31 28.86 -19.47 24.93
CA PRO B 31 29.56 -20.06 26.09
C PRO B 31 30.33 -21.28 25.57
N GLU B 32 31.55 -21.46 26.10
CA GLU B 32 32.35 -22.71 25.97
C GLU B 32 31.55 -24.03 25.98
N ASP B 33 30.65 -24.19 26.96
CA ASP B 33 29.95 -25.49 27.16
C ASP B 33 28.80 -25.78 26.18
N GLY B 34 28.55 -24.84 25.23
CA GLY B 34 27.47 -24.98 24.22
C GLY B 34 26.02 -24.91 24.76
N SER B 35 25.83 -24.38 25.99
CA SER B 35 24.48 -24.32 26.64
C SER B 35 23.59 -23.23 26.05
N HIS B 36 24.08 -22.53 25.04
CA HIS B 36 23.24 -21.53 24.38
C HIS B 36 22.26 -22.27 23.44
N ARG B 37 22.61 -23.47 22.97
CA ARG B 37 21.84 -24.15 21.86
C ARG B 37 20.97 -25.31 22.45
N PRO B 38 19.63 -25.23 22.26
CA PRO B 38 18.72 -26.30 22.71
C PRO B 38 19.00 -27.63 21.99
N ALA B 39 18.82 -28.73 22.71
CA ALA B 39 18.96 -30.07 22.07
C ALA B 39 17.82 -30.25 21.05
N ALA B 40 18.16 -30.86 19.90
CA ALA B 40 17.27 -31.17 18.80
C ALA B 40 16.62 -32.56 19.07
N GLU B 41 15.93 -32.63 20.19
CA GLU B 41 15.24 -33.85 20.66
C GLU B 41 14.07 -33.33 21.48
N PRO B 42 13.03 -34.13 21.63
CA PRO B 42 11.93 -33.62 22.46
C PRO B 42 12.26 -33.47 23.90
N THR B 43 11.84 -32.34 24.50
CA THR B 43 12.21 -32.09 25.90
C THR B 43 10.98 -31.46 26.57
N PRO B 44 10.81 -31.63 27.89
CA PRO B 44 9.66 -31.11 28.58
C PRO B 44 9.69 -29.61 28.70
N PRO B 45 8.52 -29.01 29.01
CA PRO B 45 8.49 -27.52 29.13
C PRO B 45 9.53 -27.02 30.13
N GLY B 46 10.30 -26.01 29.71
CA GLY B 46 11.33 -25.40 30.59
C GLY B 46 12.72 -26.05 30.64
N ALA B 47 12.91 -27.23 30.02
CA ALA B 47 14.18 -27.93 30.17
C ALA B 47 15.23 -27.28 29.23
N GLN B 48 14.81 -26.67 28.10
CA GLN B 48 15.76 -26.13 27.15
C GLN B 48 15.13 -24.79 26.72
N PRO B 49 15.95 -23.86 26.24
CA PRO B 49 15.31 -22.75 25.51
C PRO B 49 14.53 -23.28 24.28
N THR B 50 13.43 -22.60 23.97
CA THR B 50 12.60 -22.96 22.79
C THR B 50 13.36 -22.47 21.56
N ALA B 51 13.03 -23.01 20.36
CA ALA B 51 13.80 -22.73 19.15
C ALA B 51 12.87 -22.81 17.94
N PRO B 52 13.30 -22.23 16.79
CA PRO B 52 12.60 -22.41 15.49
C PRO B 52 12.36 -23.91 15.24
N GLY B 53 11.22 -24.24 14.70
CA GLY B 53 10.87 -25.66 14.59
C GLY B 53 11.82 -26.47 13.76
N SER B 54 12.40 -25.91 12.69
CA SER B 54 13.29 -26.74 11.80
C SER B 54 14.62 -27.01 12.57
N LEU B 55 14.94 -26.22 13.61
CA LEU B 55 16.18 -26.42 14.40
C LEU B 55 15.84 -27.39 15.56
N LYS B 56 14.64 -27.29 16.14
CA LYS B 56 14.29 -28.21 17.24
C LYS B 56 13.98 -29.59 16.78
N ALA B 57 13.32 -29.69 15.63
CA ALA B 57 12.83 -30.99 15.11
C ALA B 57 13.14 -31.12 13.65
N PRO B 58 14.42 -31.22 13.33
CA PRO B 58 14.81 -31.19 11.95
C PRO B 58 14.35 -32.37 11.12
N ASP B 59 14.03 -33.47 11.79
CA ASP B 59 13.63 -34.63 11.00
C ASP B 59 12.13 -34.84 11.02
N THR B 60 11.37 -33.86 11.50
CA THR B 60 9.89 -33.91 11.34
C THR B 60 9.61 -33.31 10.02
N ARG B 61 9.01 -34.08 9.14
CA ARG B 61 8.81 -33.66 7.76
C ARG B 61 7.38 -33.95 7.29
N ASN B 62 6.92 -33.13 6.37
CA ASN B 62 5.72 -33.38 5.61
C ASN B 62 5.92 -32.67 4.30
N GLU B 63 5.07 -32.91 3.34
CA GLU B 63 5.21 -32.42 1.97
C GLU B 63 5.27 -30.89 1.98
N LYS B 64 4.44 -30.24 2.80
CA LYS B 64 4.49 -28.76 2.87
C LYS B 64 5.79 -28.25 3.51
N LEU B 65 6.18 -28.80 4.64
CA LEU B 65 7.42 -28.33 5.25
C LEU B 65 8.57 -28.57 4.32
N ASN B 66 8.61 -29.68 3.56
CA ASN B 66 9.75 -29.89 2.62
C ASN B 66 9.70 -28.85 1.48
N SER B 67 8.50 -28.48 1.00
CA SER B 67 8.37 -27.53 -0.11
C SER B 67 8.86 -26.16 0.36
N LEU B 68 8.89 -25.90 1.65
CA LEU B 68 9.38 -24.55 2.12
C LEU B 68 10.90 -24.45 2.18
N GLU B 69 11.60 -25.54 1.86
CA GLU B 69 13.07 -25.47 1.99
C GLU B 69 13.65 -24.41 1.11
N ASP B 70 13.06 -24.15 -0.06
CA ASP B 70 13.56 -23.14 -1.04
C ASP B 70 13.65 -21.74 -0.47
N VAL B 71 12.88 -21.47 0.59
CA VAL B 71 12.90 -20.15 1.16
C VAL B 71 13.45 -20.08 2.57
N ARG B 72 13.81 -21.21 3.18
CA ARG B 72 14.41 -21.15 4.52
C ARG B 72 15.82 -20.63 4.40
N LYS B 73 16.18 -19.73 5.28
CA LYS B 73 17.53 -19.21 5.29
C LYS B 73 18.18 -19.52 6.63
N GLY B 74 19.41 -20.01 6.55
CA GLY B 74 20.29 -20.25 7.73
C GLY B 74 21.09 -19.02 8.06
N SER B 75 22.20 -19.23 8.75
CA SER B 75 22.91 -18.11 9.31
C SER B 75 24.33 -18.48 9.72
N GLU B 76 24.47 -19.67 10.31
CA GLU B 76 25.81 -20.08 10.81
C GLU B 76 26.79 -20.15 9.73
N ASN B 77 27.93 -19.56 10.03
CA ASN B 77 29.06 -19.49 9.15
C ASN B 77 28.89 -18.59 7.94
N TYR B 78 27.86 -17.74 7.90
CA TYR B 78 27.75 -16.82 6.76
C TYR B 78 28.13 -15.39 7.24
N ALA B 79 28.63 -14.61 6.29
CA ALA B 79 28.97 -13.22 6.56
C ALA B 79 27.71 -12.36 6.62
N LEU B 80 27.76 -11.34 7.50
CA LEU B 80 26.66 -10.36 7.60
C LEU B 80 26.74 -9.45 6.33
N THR B 81 25.62 -9.29 5.60
CA THR B 81 25.58 -8.51 4.38
C THR B 81 24.37 -7.53 4.34
N THR B 82 24.46 -6.60 3.39
CA THR B 82 23.26 -5.85 3.06
C THR B 82 22.28 -6.80 2.33
N ASN B 83 21.09 -6.32 2.03
CA ASN B 83 20.15 -7.16 1.26
C ASN B 83 20.60 -7.34 -0.16
N GLN B 84 21.55 -6.52 -0.62
CA GLN B 84 22.18 -6.67 -1.94
C GLN B 84 23.40 -7.53 -1.97
N GLY B 85 23.72 -8.16 -0.85
CA GLY B 85 24.81 -9.16 -0.87
C GLY B 85 26.16 -8.52 -0.51
N VAL B 86 26.20 -7.23 -0.11
CA VAL B 86 27.51 -6.58 0.21
C VAL B 86 27.88 -6.84 1.64
N ARG B 87 29.07 -7.41 1.85
CA ARG B 87 29.56 -7.71 3.18
C ARG B 87 29.79 -6.43 3.98
N ILE B 88 29.28 -6.45 5.22
CA ILE B 88 29.42 -5.35 6.13
C ILE B 88 30.64 -5.53 7.03
N ALA B 89 31.48 -4.51 7.10
CA ALA B 89 32.61 -4.51 8.07
C ALA B 89 32.28 -4.04 9.54
N ASP B 90 31.49 -2.97 9.71
CA ASP B 90 31.21 -2.43 11.01
C ASP B 90 29.73 -2.26 11.10
N ASP B 91 29.03 -3.16 11.79
CA ASP B 91 27.63 -3.03 11.97
C ASP B 91 27.33 -2.34 13.32
N GLN B 92 28.26 -1.53 13.83
CA GLN B 92 28.03 -0.87 15.16
C GLN B 92 27.96 0.63 15.01
N ASN B 93 28.32 1.18 13.82
CA ASN B 93 28.44 2.65 13.70
C ASN B 93 27.88 3.16 12.40
N SER B 94 27.25 4.36 12.48
CA SER B 94 26.94 5.14 11.28
C SER B 94 28.21 5.77 10.74
N LEU B 95 28.12 6.06 9.44
CA LEU B 95 29.21 6.87 8.79
C LEU B 95 29.08 8.36 9.06
N ARG B 96 30.11 8.93 9.65
CA ARG B 96 30.09 10.34 10.06
C ARG B 96 31.32 11.06 9.62
N ALA B 97 31.21 12.38 9.58
CA ALA B 97 32.41 13.18 9.25
C ALA B 97 33.14 13.55 10.52
N GLY B 98 34.12 12.74 10.82
CA GLY B 98 34.75 12.76 12.20
C GLY B 98 33.97 11.86 13.16
N SER B 99 34.64 11.38 14.23
CA SER B 99 34.00 10.39 15.09
C SER B 99 32.94 11.05 16.03
N ARG B 100 32.95 12.39 16.12
CA ARG B 100 31.85 13.16 16.81
C ARG B 100 31.11 14.06 15.80
N GLY B 101 31.12 13.71 14.52
CA GLY B 101 30.52 14.53 13.49
C GLY B 101 29.12 14.08 13.09
N PRO B 102 28.58 14.78 12.12
CA PRO B 102 27.22 14.50 11.65
C PRO B 102 27.21 13.24 10.82
N THR B 103 26.07 12.55 10.79
CA THR B 103 25.93 11.36 10.00
C THR B 103 25.76 11.74 8.54
N LEU B 104 26.33 10.99 7.61
CA LEU B 104 26.27 11.33 6.18
C LEU B 104 25.20 10.58 5.42
N LEU B 105 24.59 11.30 4.49
CA LEU B 105 23.56 10.70 3.70
C LEU B 105 24.08 9.59 2.81
N GLU B 106 25.38 9.55 2.52
CA GLU B 106 25.87 8.45 1.65
C GLU B 106 25.97 7.07 2.44
N ASP B 107 25.62 7.06 3.74
CA ASP B 107 25.63 5.76 4.49
C ASP B 107 24.46 4.87 4.05
N PHE B 108 24.69 4.16 2.96
CA PHE B 108 23.61 3.24 2.43
C PHE B 108 23.43 2.00 3.32
N ILE B 109 24.41 1.69 4.14
CA ILE B 109 24.27 0.51 4.99
C ILE B 109 23.30 0.81 6.11
N LEU B 110 23.50 1.96 6.75
CA LEU B 110 22.62 2.43 7.80
C LEU B 110 21.23 2.60 7.19
N ARG B 111 21.11 3.25 6.06
CA ARG B 111 19.75 3.55 5.58
C ARG B 111 19.03 2.30 5.18
N GLU B 112 19.72 1.34 4.54
CA GLU B 112 18.93 0.11 4.19
C GLU B 112 18.43 -0.57 5.44
N LYS B 113 19.30 -0.61 6.46
CA LYS B 113 18.92 -1.35 7.71
C LYS B 113 17.73 -0.65 8.42
N ILE B 114 17.83 0.68 8.47
CA ILE B 114 16.76 1.43 9.14
C ILE B 114 15.49 1.46 8.30
N THR B 115 15.64 1.49 6.97
CA THR B 115 14.45 1.47 6.06
C THR B 115 13.66 0.16 6.26
N HIS B 116 14.41 -0.93 6.40
CA HIS B 116 13.77 -2.21 6.51
C HIS B 116 12.99 -2.24 7.84
N PHE B 117 13.71 -1.82 8.91
CA PHE B 117 13.10 -1.78 10.23
C PHE B 117 11.82 -0.89 10.21
N ASP B 118 11.94 0.26 9.53
CA ASP B 118 10.84 1.28 9.49
C ASP B 118 9.58 0.71 8.88
N HIS B 119 9.66 -0.37 8.11
CA HIS B 119 8.57 -0.90 7.36
C HIS B 119 8.28 -2.33 7.72
N GLU B 120 8.63 -2.70 8.94
CA GLU B 120 8.40 -4.11 9.32
C GLU B 120 7.00 -4.51 9.51
N ARG B 121 6.16 -3.55 9.92
CA ARG B 121 4.82 -3.99 10.34
C ARG B 121 3.84 -3.99 9.18
N ILE B 122 2.90 -4.96 9.27
CA ILE B 122 1.78 -5.00 8.31
C ILE B 122 0.51 -4.92 9.08
N PRO B 123 -0.60 -4.53 8.39
CA PRO B 123 -1.87 -4.46 9.15
C PRO B 123 -2.14 -5.79 9.81
N GLU B 124 -2.66 -5.75 11.01
CA GLU B 124 -3.16 -7.01 11.67
C GLU B 124 -4.51 -7.41 11.07
N ARG B 125 -4.92 -8.63 11.32
CA ARG B 125 -6.23 -9.05 10.84
C ARG B 125 -7.31 -8.25 11.54
N ILE B 126 -8.40 -8.01 10.80
CA ILE B 126 -9.49 -7.19 11.34
C ILE B 126 -10.11 -7.81 12.60
N VAL B 127 -10.29 -9.12 12.56
CA VAL B 127 -10.69 -9.92 13.70
C VAL B 127 -9.72 -11.10 13.83
N HIS B 128 -9.67 -11.74 14.98
CA HIS B 128 -8.73 -12.88 15.20
C HIS B 128 -7.25 -12.46 15.04
N ALA B 129 -6.94 -11.20 15.36
CA ALA B 129 -5.56 -10.72 15.20
C ALA B 129 -4.59 -11.45 16.09
N ARG B 130 -5.04 -11.91 17.27
CA ARG B 130 -4.13 -12.64 18.17
C ARG B 130 -4.23 -14.14 17.92
N GLY B 131 -3.17 -14.79 17.51
CA GLY B 131 -3.30 -16.23 17.10
C GLY B 131 -1.95 -16.90 17.19
N SER B 132 -2.02 -18.25 17.33
CA SER B 132 -0.81 -19.07 17.48
C SER B 132 -1.01 -20.27 16.56
N ALA B 133 0.08 -20.69 15.93
CA ALA B 133 -0.09 -21.67 14.82
C ALA B 133 0.97 -22.72 14.84
N ALA B 134 0.65 -23.84 14.15
CA ALA B 134 1.66 -24.91 14.02
C ALA B 134 1.39 -25.72 12.79
N HIS B 135 2.41 -26.45 12.37
CA HIS B 135 2.29 -27.44 11.23
C HIS B 135 1.91 -28.80 11.76
N GLY B 136 1.27 -29.52 10.86
CA GLY B 136 0.98 -30.97 11.27
C GLY B 136 0.50 -31.68 10.00
N TYR B 137 -0.26 -32.77 10.26
CA TYR B 137 -0.78 -33.55 9.14
C TYR B 137 -2.14 -34.14 9.56
N PHE B 138 -2.87 -34.52 8.50
CA PHE B 138 -4.16 -35.11 8.69
C PHE B 138 -4.21 -36.39 7.83
N GLN B 139 -4.95 -37.40 8.35
CA GLN B 139 -5.19 -38.64 7.62
C GLN B 139 -6.58 -39.11 7.94
N PRO B 140 -7.34 -39.53 6.93
CA PRO B 140 -8.68 -40.10 7.23
C PRO B 140 -8.62 -41.51 7.84
N TYR B 141 -9.71 -41.92 8.50
CA TYR B 141 -9.72 -43.29 9.02
C TYR B 141 -10.22 -44.29 7.98
N LYS B 142 -10.85 -43.79 6.94
CA LYS B 142 -11.43 -44.65 5.88
C LYS B 142 -11.77 -43.79 4.67
N SER B 143 -11.95 -44.42 3.53
CA SER B 143 -12.33 -43.67 2.34
C SER B 143 -13.74 -43.19 2.55
N LEU B 144 -13.97 -41.91 2.22
CA LEU B 144 -15.29 -41.37 2.18
C LEU B 144 -15.91 -41.23 0.81
N SER B 145 -15.41 -41.94 -0.19
CA SER B 145 -15.90 -41.76 -1.57
C SER B 145 -17.43 -41.97 -1.73
N ASP B 146 -18.11 -42.68 -0.79
CA ASP B 146 -19.55 -42.88 -0.95
C ASP B 146 -20.31 -41.55 -0.72
N ILE B 147 -19.66 -40.58 -0.03
CA ILE B 147 -20.35 -39.33 0.36
C ILE B 147 -19.64 -38.11 -0.22
N THR B 148 -18.35 -38.21 -0.53
CA THR B 148 -17.68 -37.05 -1.12
C THR B 148 -16.56 -37.50 -2.03
N LYS B 149 -16.39 -36.77 -3.11
CA LYS B 149 -15.27 -37.03 -4.02
C LYS B 149 -13.99 -36.23 -3.63
N ALA B 150 -14.03 -35.56 -2.46
CA ALA B 150 -12.84 -34.72 -2.05
C ALA B 150 -11.63 -35.65 -2.02
N ASP B 151 -10.56 -35.30 -2.74
CA ASP B 151 -9.40 -36.25 -2.87
C ASP B 151 -8.79 -36.49 -1.50
N PHE B 152 -8.72 -35.44 -0.65
CA PHE B 152 -7.96 -35.67 0.62
C PHE B 152 -8.70 -36.64 1.55
N LEU B 153 -9.99 -36.94 1.22
CA LEU B 153 -10.78 -37.88 2.05
C LEU B 153 -10.95 -39.23 1.38
N SER B 154 -10.16 -39.52 0.37
CA SER B 154 -10.48 -40.67 -0.47
C SER B 154 -9.84 -41.94 -0.03
N ASP B 155 -8.83 -41.89 0.82
CA ASP B 155 -8.04 -43.11 1.15
C ASP B 155 -7.39 -42.87 2.49
N PRO B 156 -7.40 -43.84 3.42
CA PRO B 156 -6.74 -43.64 4.72
C PRO B 156 -5.23 -43.48 4.64
N ASN B 157 -4.64 -43.90 3.54
CA ASN B 157 -3.21 -43.70 3.50
C ASN B 157 -2.84 -42.35 2.88
N LYS B 158 -3.79 -41.54 2.47
CA LYS B 158 -3.53 -40.20 1.94
C LYS B 158 -3.26 -39.25 3.10
N ILE B 159 -1.99 -38.76 3.16
CA ILE B 159 -1.60 -37.88 4.28
C ILE B 159 -1.62 -36.46 3.72
N THR B 160 -2.30 -35.56 4.40
CA THR B 160 -2.45 -34.14 3.86
C THR B 160 -1.73 -33.28 4.92
N PRO B 161 -0.68 -32.54 4.54
CA PRO B 161 -0.13 -31.54 5.46
C PRO B 161 -1.16 -30.49 5.80
N VAL B 162 -1.05 -29.99 7.01
CA VAL B 162 -1.98 -28.91 7.48
C VAL B 162 -1.10 -27.82 8.13
N PHE B 163 -1.67 -26.61 8.14
CA PHE B 163 -1.13 -25.58 9.05
C PHE B 163 -2.34 -25.03 9.74
N VAL B 164 -2.32 -24.98 11.10
CA VAL B 164 -3.48 -24.55 11.86
C VAL B 164 -3.17 -23.32 12.71
N ARG B 165 -4.10 -22.40 12.74
CA ARG B 165 -3.88 -21.20 13.58
C ARG B 165 -5.05 -21.13 14.54
N PHE B 166 -4.80 -21.03 15.82
CA PHE B 166 -5.83 -20.83 16.81
C PHE B 166 -5.80 -19.36 17.20
N SER B 167 -6.92 -18.82 17.65
CA SER B 167 -6.87 -17.35 17.91
C SER B 167 -7.98 -16.97 18.86
N THR B 168 -7.92 -15.74 19.40
CA THR B 168 -9.08 -15.11 20.01
C THR B 168 -9.73 -14.28 18.88
N VAL B 169 -10.71 -13.52 19.25
CA VAL B 169 -11.52 -12.79 18.24
C VAL B 169 -11.30 -11.29 18.32
N GLN B 170 -11.54 -10.72 19.50
CA GLN B 170 -11.66 -9.27 19.62
C GLN B 170 -10.27 -8.55 19.69
N GLY B 171 -9.33 -9.07 20.50
CA GLY B 171 -8.15 -8.26 20.79
C GLY B 171 -7.12 -8.17 19.68
N GLY B 172 -6.21 -7.22 19.83
CA GLY B 172 -5.14 -7.02 18.78
C GLY B 172 -4.12 -8.09 18.90
N ALA B 173 -3.16 -8.05 17.96
CA ALA B 173 -2.15 -9.12 17.94
C ALA B 173 -1.28 -9.11 19.21
N GLY B 174 -1.23 -8.00 19.93
CA GLY B 174 -0.49 -7.92 21.21
C GLY B 174 -1.33 -8.05 22.46
N SER B 175 -2.59 -8.47 22.30
CA SER B 175 -3.46 -8.64 23.44
C SER B 175 -3.18 -10.05 24.09
N ALA B 176 -3.83 -10.27 25.23
CA ALA B 176 -3.57 -11.51 25.99
C ALA B 176 -4.36 -12.76 25.52
N ASP B 177 -3.80 -13.91 25.88
CA ASP B 177 -4.39 -15.17 25.43
C ASP B 177 -5.58 -15.60 26.24
N THR B 178 -5.50 -15.51 27.57
CA THR B 178 -6.56 -16.18 28.38
C THR B 178 -7.71 -15.28 28.74
N VAL B 179 -8.09 -14.44 27.80
CA VAL B 179 -9.31 -13.59 27.90
C VAL B 179 -10.57 -14.45 27.82
N ARG B 180 -11.71 -13.89 28.23
CA ARG B 180 -12.97 -14.54 27.84
C ARG B 180 -13.36 -14.12 26.45
N ASP B 181 -13.42 -15.08 25.50
CA ASP B 181 -13.76 -14.71 24.11
C ASP B 181 -14.15 -16.07 23.47
N ILE B 182 -14.69 -15.97 22.27
CA ILE B 182 -14.77 -17.13 21.40
C ILE B 182 -13.32 -17.35 20.88
N ARG B 183 -12.95 -18.57 20.51
CA ARG B 183 -11.61 -18.80 19.94
C ARG B 183 -11.83 -19.21 18.49
N GLY B 184 -10.95 -18.79 17.61
CA GLY B 184 -10.93 -19.34 16.25
C GLY B 184 -10.08 -20.60 16.19
N PHE B 185 -10.34 -21.45 15.17
CA PHE B 185 -9.64 -22.73 14.98
C PHE B 185 -9.69 -22.88 13.43
N ALA B 186 -8.62 -22.44 12.79
CA ALA B 186 -8.56 -22.38 11.34
C ALA B 186 -7.53 -23.36 10.79
N THR B 187 -7.96 -24.26 9.90
CA THR B 187 -7.00 -25.26 9.35
C THR B 187 -6.86 -25.12 7.89
N LYS B 188 -5.61 -25.07 7.38
CA LYS B 188 -5.41 -25.06 5.94
C LYS B 188 -4.95 -26.51 5.60
N PHE B 189 -5.63 -27.12 4.66
CA PHE B 189 -5.26 -28.48 4.22
C PHE B 189 -4.65 -28.33 2.91
N TYR B 190 -3.39 -28.75 2.78
CA TYR B 190 -2.73 -28.61 1.48
C TYR B 190 -2.97 -29.91 0.64
N THR B 191 -4.11 -29.96 -0.03
CA THR B 191 -4.50 -31.22 -0.74
C THR B 191 -3.88 -31.32 -2.15
N GLU B 192 -4.04 -32.54 -2.71
CA GLU B 192 -3.55 -32.72 -4.07
C GLU B 192 -4.43 -32.06 -5.10
N GLU B 193 -5.61 -31.59 -4.69
CA GLU B 193 -6.63 -30.94 -5.61
C GLU B 193 -6.94 -29.50 -5.25
N GLY B 194 -6.00 -28.92 -4.49
CA GLY B 194 -6.22 -27.58 -3.99
C GLY B 194 -6.15 -27.40 -2.49
N ILE B 195 -5.91 -26.12 -2.05
CA ILE B 195 -6.02 -25.79 -0.64
C ILE B 195 -7.48 -25.73 -0.22
N PHE B 196 -7.78 -26.49 0.85
CA PHE B 196 -9.07 -26.36 1.55
C PHE B 196 -8.80 -25.74 2.88
N ASP B 197 -9.49 -24.62 3.13
CA ASP B 197 -9.42 -24.01 4.45
C ASP B 197 -10.69 -24.23 5.23
N LEU B 198 -10.57 -24.83 6.40
CA LEU B 198 -11.76 -25.06 7.28
C LEU B 198 -11.57 -24.03 8.40
N VAL B 199 -12.38 -22.99 8.36
CA VAL B 199 -12.10 -21.79 9.18
C VAL B 199 -13.23 -21.73 10.16
N GLY B 200 -12.99 -22.28 11.34
CA GLY B 200 -14.02 -22.55 12.32
C GLY B 200 -13.75 -21.81 13.65
N ASN B 201 -14.64 -22.00 14.61
CA ASN B 201 -14.48 -21.46 15.96
C ASN B 201 -14.62 -22.58 17.00
N ASN B 202 -14.52 -22.25 18.29
CA ASN B 202 -14.67 -23.25 19.35
C ASN B 202 -16.03 -23.35 19.89
N THR B 203 -17.01 -22.78 19.23
CA THR B 203 -18.40 -23.04 19.66
C THR B 203 -19.17 -23.37 18.36
N PRO B 204 -20.34 -23.96 18.42
CA PRO B 204 -20.98 -24.55 17.24
C PRO B 204 -21.91 -23.58 16.48
N ILE B 205 -21.95 -22.34 16.92
CA ILE B 205 -22.85 -21.33 16.33
C ILE B 205 -22.08 -20.03 16.28
N PHE B 206 -22.69 -19.05 15.64
CA PHE B 206 -22.14 -17.70 15.77
C PHE B 206 -23.19 -16.78 16.40
N PHE B 207 -22.77 -15.50 16.59
CA PHE B 207 -23.63 -14.52 17.23
C PHE B 207 -24.73 -14.00 16.36
N ILE B 208 -24.52 -13.99 15.07
CA ILE B 208 -25.46 -13.29 14.17
C ILE B 208 -25.82 -14.18 12.99
N GLN B 209 -26.94 -13.80 12.35
CA GLN B 209 -27.53 -14.56 11.25
C GLN B 209 -27.07 -14.18 9.87
N ASP B 210 -26.86 -12.89 9.58
CA ASP B 210 -26.67 -12.41 8.25
C ASP B 210 -25.31 -11.61 8.24
N ALA B 211 -24.45 -11.89 7.24
CA ALA B 211 -23.14 -11.21 7.17
C ALA B 211 -23.29 -9.69 7.10
N HIS B 212 -24.42 -9.16 6.63
CA HIS B 212 -24.51 -7.70 6.57
C HIS B 212 -24.36 -7.13 8.01
N LYS B 213 -24.69 -7.83 9.09
CA LYS B 213 -24.50 -7.24 10.36
C LYS B 213 -23.11 -7.50 10.95
N PHE B 214 -22.18 -8.12 10.24
CA PHE B 214 -20.90 -8.40 10.90
C PHE B 214 -20.13 -7.16 11.38
N PRO B 215 -20.09 -6.11 10.57
CA PRO B 215 -19.33 -4.91 11.05
C PRO B 215 -20.05 -4.32 12.24
N ASP B 216 -21.37 -4.45 12.33
CA ASP B 216 -22.03 -3.91 13.57
C ASP B 216 -21.71 -4.69 14.80
N PHE B 217 -21.83 -6.01 14.71
CA PHE B 217 -21.49 -6.82 15.84
C PHE B 217 -20.04 -6.62 16.26
N VAL B 218 -19.15 -6.65 15.26
CA VAL B 218 -17.71 -6.62 15.61
C VAL B 218 -17.38 -5.22 16.21
N HIS B 219 -17.92 -4.16 15.61
CA HIS B 219 -17.71 -2.83 16.21
C HIS B 219 -18.30 -2.82 17.63
N ALA B 220 -19.44 -3.45 17.90
CA ALA B 220 -19.93 -3.42 19.30
C ALA B 220 -19.07 -4.18 20.32
N VAL B 221 -18.39 -5.26 19.85
CA VAL B 221 -17.55 -6.04 20.77
C VAL B 221 -16.16 -5.47 20.94
N LYS B 222 -15.71 -4.81 19.90
CA LYS B 222 -14.35 -4.22 19.89
C LYS B 222 -14.22 -3.03 20.86
N PRO B 223 -12.99 -2.53 21.07
CA PRO B 223 -12.83 -1.37 21.97
C PRO B 223 -13.68 -0.22 21.39
N GLU B 224 -14.30 0.54 22.31
CA GLU B 224 -15.25 1.61 21.88
C GLU B 224 -14.52 2.74 21.17
N PRO B 225 -15.13 3.37 20.15
CA PRO B 225 -14.35 4.16 19.24
C PRO B 225 -13.80 5.49 19.77
N HIS B 226 -14.39 6.09 20.83
CA HIS B 226 -13.81 7.34 21.31
C HIS B 226 -12.39 7.11 21.93
N TRP B 227 -12.32 6.12 22.79
CA TRP B 227 -11.10 5.99 23.60
C TRP B 227 -10.34 4.67 23.40
N ALA B 228 -10.90 3.74 22.56
CA ALA B 228 -10.23 2.42 22.31
C ALA B 228 -9.99 1.58 23.58
N ILE B 229 -11.05 1.55 24.37
CA ILE B 229 -11.12 0.63 25.53
C ILE B 229 -12.44 -0.14 25.45
N PRO B 230 -12.48 -1.40 25.88
CA PRO B 230 -11.44 -2.21 26.51
C PRO B 230 -10.83 -3.19 25.55
N GLN B 231 -9.60 -3.61 25.88
CA GLN B 231 -8.94 -4.60 25.01
C GLN B 231 -9.24 -6.01 25.45
N GLY B 232 -9.62 -6.88 24.51
CA GLY B 232 -9.79 -8.28 24.85
C GLY B 232 -11.00 -8.61 25.74
N GLN B 233 -12.02 -7.73 25.77
CA GLN B 233 -13.11 -7.93 26.72
C GLN B 233 -14.43 -7.59 26.05
N SER B 234 -15.46 -8.41 26.33
CA SER B 234 -16.80 -7.99 25.92
C SER B 234 -17.53 -7.24 27.04
N ALA B 235 -16.84 -7.02 28.19
CA ALA B 235 -17.50 -6.51 29.41
C ALA B 235 -17.55 -4.96 29.30
N HIS B 236 -18.37 -4.46 28.38
CA HIS B 236 -18.50 -3.03 28.17
C HIS B 236 -19.85 -2.67 27.57
N ASP B 237 -20.27 -1.40 27.71
CA ASP B 237 -21.65 -1.02 27.31
C ASP B 237 -22.00 -1.39 25.86
N THR B 238 -21.13 -1.16 24.85
CA THR B 238 -21.65 -1.27 23.49
C THR B 238 -21.96 -2.70 23.15
N PHE B 239 -21.18 -3.65 23.70
CA PHE B 239 -21.40 -5.09 23.39
C PHE B 239 -22.80 -5.51 23.92
N TRP B 240 -23.05 -5.20 25.17
CA TRP B 240 -24.29 -5.59 25.83
C TRP B 240 -25.49 -4.77 25.29
N ASP B 241 -25.24 -3.55 24.80
CA ASP B 241 -26.31 -2.77 24.12
C ASP B 241 -26.71 -3.55 22.88
N TYR B 242 -25.74 -3.96 22.03
CA TYR B 242 -26.09 -4.71 20.82
C TYR B 242 -26.77 -6.01 21.17
N VAL B 243 -26.24 -6.76 22.10
CA VAL B 243 -26.90 -8.02 22.48
C VAL B 243 -28.36 -7.78 22.93
N SER B 244 -28.56 -6.79 23.83
CA SER B 244 -29.92 -6.57 24.31
C SER B 244 -30.90 -6.23 23.17
N LEU B 245 -30.39 -5.70 22.06
CA LEU B 245 -31.24 -5.30 20.94
C LEU B 245 -31.33 -6.30 19.81
N GLN B 246 -30.56 -7.37 19.93
CA GLN B 246 -30.46 -8.41 18.92
C GLN B 246 -30.44 -9.79 19.55
N PRO B 247 -31.61 -10.26 19.97
CA PRO B 247 -31.63 -11.53 20.67
C PRO B 247 -31.10 -12.76 19.88
N GLU B 248 -30.94 -12.67 18.55
CA GLU B 248 -30.26 -13.79 17.83
C GLU B 248 -28.89 -14.07 18.45
N THR B 249 -28.27 -13.03 19.07
CA THR B 249 -26.92 -13.23 19.68
C THR B 249 -26.90 -14.12 20.94
N LEU B 250 -28.04 -14.31 21.60
CA LEU B 250 -28.01 -14.89 22.91
C LEU B 250 -27.44 -16.28 22.96
N HIS B 251 -27.63 -17.08 21.92
CA HIS B 251 -27.09 -18.42 21.98
C HIS B 251 -25.53 -18.38 22.09
N ASN B 252 -24.87 -17.69 21.19
CA ASN B 252 -23.41 -17.65 21.32
C ASN B 252 -22.96 -16.89 22.53
N VAL B 253 -23.74 -15.89 23.01
CA VAL B 253 -23.43 -15.23 24.27
C VAL B 253 -23.45 -16.22 25.46
N MET B 254 -24.45 -17.11 25.48
CA MET B 254 -24.45 -18.16 26.51
C MET B 254 -23.12 -18.95 26.51
N TRP B 255 -22.69 -19.43 25.33
CA TRP B 255 -21.44 -20.14 25.23
C TRP B 255 -20.23 -19.29 25.75
N ALA B 256 -20.16 -18.04 25.36
CA ALA B 256 -19.05 -17.19 25.73
C ALA B 256 -18.97 -16.97 27.24
N MET B 257 -20.15 -16.84 27.84
CA MET B 257 -20.28 -16.67 29.33
C MET B 257 -20.01 -17.94 30.13
N SER B 258 -20.14 -19.09 29.48
CA SER B 258 -19.73 -20.32 30.11
C SER B 258 -18.21 -20.44 30.14
N ASP B 259 -17.75 -21.53 30.76
CA ASP B 259 -16.31 -21.73 30.81
C ASP B 259 -15.79 -22.15 29.41
N ARG B 260 -16.67 -22.37 28.40
CA ARG B 260 -16.17 -22.49 27.01
C ARG B 260 -15.35 -21.26 26.64
N GLY B 261 -15.67 -20.10 27.20
CA GLY B 261 -15.02 -18.86 26.79
C GLY B 261 -13.64 -18.70 27.38
N ILE B 262 -13.18 -19.65 28.22
CA ILE B 262 -11.82 -19.54 28.80
C ILE B 262 -11.14 -20.89 28.79
N PRO B 263 -10.83 -21.39 27.59
CA PRO B 263 -10.19 -22.74 27.54
C PRO B 263 -8.85 -22.82 28.28
N ARG B 264 -8.56 -24.00 28.83
CA ARG B 264 -7.27 -24.24 29.49
C ARG B 264 -6.12 -24.17 28.48
N SER B 265 -6.40 -24.65 27.26
CA SER B 265 -5.38 -24.83 26.18
C SER B 265 -6.07 -24.93 24.85
N TYR B 266 -5.38 -24.48 23.79
CA TYR B 266 -5.97 -24.81 22.51
C TYR B 266 -6.09 -26.34 22.27
N ARG B 267 -5.28 -27.16 22.97
CA ARG B 267 -5.41 -28.62 22.85
C ARG B 267 -6.68 -29.13 23.50
N THR B 268 -7.32 -28.32 24.35
CA THR B 268 -8.43 -28.87 25.15
C THR B 268 -9.76 -28.14 24.90
N MET B 269 -10.00 -27.77 23.64
CA MET B 269 -11.24 -27.15 23.27
C MET B 269 -11.74 -27.85 22.00
N GLU B 270 -13.05 -27.72 21.72
CA GLU B 270 -13.61 -28.26 20.51
C GLU B 270 -13.50 -27.21 19.41
N GLY B 271 -13.64 -27.69 18.18
CA GLY B 271 -13.73 -26.85 16.97
C GLY B 271 -14.96 -27.21 16.20
N PHE B 272 -15.49 -26.19 15.52
CA PHE B 272 -16.74 -26.34 14.68
C PHE B 272 -16.64 -25.48 13.44
N GLY B 273 -17.09 -26.01 12.31
CA GLY B 273 -17.24 -25.14 11.18
C GLY B 273 -18.47 -24.20 11.22
N VAL B 274 -19.35 -24.41 12.19
CA VAL B 274 -20.58 -23.61 12.40
C VAL B 274 -21.58 -23.84 11.29
N HIS B 275 -21.26 -23.51 10.05
CA HIS B 275 -22.28 -23.57 9.00
C HIS B 275 -22.53 -24.97 8.46
N THR B 276 -23.74 -25.17 7.92
CA THR B 276 -24.02 -26.37 7.12
C THR B 276 -23.35 -26.15 5.78
N PHE B 277 -22.47 -27.07 5.38
CA PHE B 277 -21.92 -27.10 4.10
C PHE B 277 -22.51 -28.31 3.32
N ARG B 278 -22.02 -28.56 2.09
CA ARG B 278 -22.40 -29.79 1.35
C ARG B 278 -21.18 -30.66 1.01
N LEU B 279 -21.35 -31.99 1.14
CA LEU B 279 -20.46 -32.97 0.53
C LEU B 279 -21.13 -33.39 -0.80
N ILE B 280 -20.35 -33.53 -1.85
CA ILE B 280 -20.85 -33.95 -3.14
C ILE B 280 -20.06 -35.18 -3.52
N ASN B 281 -20.73 -36.32 -3.82
CA ASN B 281 -20.06 -37.52 -4.33
C ASN B 281 -19.93 -37.58 -5.83
N ALA B 282 -19.31 -38.65 -6.29
CA ALA B 282 -19.01 -38.81 -7.72
C ALA B 282 -20.28 -38.98 -8.53
N GLU B 283 -21.34 -39.51 -7.92
CA GLU B 283 -22.67 -39.52 -8.60
C GLU B 283 -23.39 -38.21 -8.62
N GLY B 284 -22.79 -37.18 -7.99
CA GLY B 284 -23.41 -35.87 -7.88
C GLY B 284 -24.41 -35.73 -6.76
N LYS B 285 -24.52 -36.67 -5.84
CA LYS B 285 -25.48 -36.56 -4.74
C LYS B 285 -24.87 -35.66 -3.62
N ALA B 286 -25.70 -34.73 -3.14
CA ALA B 286 -25.35 -33.79 -2.07
C ALA B 286 -25.86 -34.30 -0.77
N THR B 287 -25.00 -34.20 0.23
CA THR B 287 -25.33 -34.44 1.62
C THR B 287 -25.01 -33.18 2.43
N PHE B 288 -25.87 -32.75 3.31
CA PHE B 288 -25.53 -31.66 4.18
C PHE B 288 -24.57 -32.10 5.25
N VAL B 289 -23.61 -31.22 5.60
CA VAL B 289 -22.64 -31.62 6.63
C VAL B 289 -22.35 -30.42 7.56
N ARG B 290 -22.15 -30.70 8.82
CA ARG B 290 -21.46 -29.73 9.69
C ARG B 290 -20.17 -30.40 10.19
N PHE B 291 -19.11 -29.61 10.28
CA PHE B 291 -17.77 -30.12 10.65
C PHE B 291 -17.53 -29.90 12.13
N HIS B 292 -16.83 -30.87 12.72
CA HIS B 292 -16.44 -30.85 14.13
C HIS B 292 -14.94 -31.21 14.25
N TRP B 293 -14.27 -30.66 15.27
CA TRP B 293 -12.95 -31.17 15.63
C TRP B 293 -13.12 -31.54 17.11
N LYS B 294 -12.75 -32.80 17.48
CA LYS B 294 -12.88 -33.29 18.86
C LYS B 294 -11.46 -33.45 19.43
N PRO B 295 -11.13 -32.78 20.52
CA PRO B 295 -9.73 -32.79 21.04
C PRO B 295 -9.48 -34.14 21.72
N LEU B 296 -8.42 -34.80 21.29
CA LEU B 296 -8.18 -36.12 21.89
C LEU B 296 -7.60 -35.92 23.31
N ALA B 297 -7.08 -34.75 23.67
CA ALA B 297 -6.70 -34.46 25.09
C ALA B 297 -7.89 -34.19 25.99
N GLY B 298 -9.07 -34.19 25.42
CA GLY B 298 -10.27 -33.95 26.21
C GLY B 298 -10.60 -32.47 26.34
N LYS B 299 -11.74 -32.15 26.94
CA LYS B 299 -12.20 -30.76 27.06
C LYS B 299 -11.84 -30.24 28.40
N ALA B 300 -11.26 -29.05 28.45
CA ALA B 300 -10.94 -28.50 29.77
C ALA B 300 -10.87 -26.96 29.64
N SER B 301 -11.36 -26.30 30.69
CA SER B 301 -11.29 -24.81 30.78
C SER B 301 -10.77 -24.32 32.10
N LEU B 302 -10.36 -23.06 32.12
CA LEU B 302 -9.90 -22.43 33.34
C LEU B 302 -11.13 -22.02 34.13
N VAL B 303 -10.93 -21.39 35.30
CA VAL B 303 -12.06 -20.66 35.92
C VAL B 303 -11.81 -19.17 35.78
N TRP B 304 -12.81 -18.34 35.87
CA TRP B 304 -12.67 -16.95 35.49
C TRP B 304 -11.57 -16.18 36.23
N ASP B 305 -11.49 -16.30 37.56
CA ASP B 305 -10.51 -15.52 38.28
C ASP B 305 -9.08 -15.90 37.84
N GLU B 306 -8.90 -17.20 37.62
CA GLU B 306 -7.58 -17.74 37.14
C GLU B 306 -7.27 -17.23 35.75
N ALA B 307 -8.24 -17.33 34.85
CA ALA B 307 -8.05 -16.76 33.44
C ALA B 307 -7.69 -15.28 33.49
N GLN B 308 -8.38 -14.50 34.32
CA GLN B 308 -8.15 -13.06 34.28
C GLN B 308 -6.77 -12.75 34.86
N LYS B 309 -6.44 -13.41 35.97
CA LYS B 309 -5.16 -13.14 36.57
C LYS B 309 -4.05 -13.63 35.62
N LEU B 310 -4.29 -14.71 34.90
CA LEU B 310 -3.28 -15.22 34.02
C LEU B 310 -3.04 -14.24 32.84
N THR B 311 -4.04 -13.46 32.44
CA THR B 311 -3.71 -12.44 31.44
C THR B 311 -2.63 -11.45 31.87
N GLY B 312 -2.53 -11.19 33.17
CA GLY B 312 -1.48 -10.31 33.77
C GLY B 312 -0.18 -11.07 33.98
N ARG B 313 -0.23 -12.28 34.54
CA ARG B 313 1.00 -12.97 34.91
C ARG B 313 1.65 -13.61 33.67
N ASP B 314 0.83 -14.05 32.71
CA ASP B 314 1.42 -14.57 31.42
C ASP B 314 0.41 -14.36 30.28
N PRO B 315 0.45 -13.20 29.68
CA PRO B 315 -0.50 -13.00 28.55
C PRO B 315 -0.19 -13.82 27.30
N ASP B 316 0.97 -14.52 27.28
CA ASP B 316 1.23 -15.48 26.19
C ASP B 316 0.95 -16.93 26.54
N PHE B 317 0.16 -17.17 27.60
CA PHE B 317 0.08 -18.54 28.16
C PHE B 317 -0.33 -19.61 27.14
N HIS B 318 -1.32 -19.30 26.29
CA HIS B 318 -1.78 -20.37 25.35
C HIS B 318 -0.75 -20.53 24.18
N ARG B 319 -0.17 -19.40 23.72
CA ARG B 319 0.84 -19.47 22.66
C ARG B 319 2.05 -20.34 23.18
N ARG B 320 2.43 -20.06 24.41
CA ARG B 320 3.59 -20.76 25.00
C ARG B 320 3.22 -22.24 25.23
N GLU B 321 2.03 -22.54 25.74
CA GLU B 321 1.55 -23.94 26.03
C GLU B 321 1.58 -24.75 24.74
N LEU B 322 1.09 -24.16 23.67
CA LEU B 322 1.03 -24.86 22.36
C LEU B 322 2.46 -25.21 21.86
N TRP B 323 3.30 -24.16 21.87
CA TRP B 323 4.66 -24.31 21.38
C TRP B 323 5.40 -25.40 22.23
N GLU B 324 5.26 -25.28 23.54
CA GLU B 324 6.01 -26.18 24.39
C GLU B 324 5.43 -27.62 24.36
N ALA B 325 4.12 -27.76 24.13
CA ALA B 325 3.54 -29.09 23.96
C ALA B 325 4.16 -29.80 22.76
N ILE B 326 4.30 -29.03 21.72
CA ILE B 326 4.84 -29.60 20.48
C ILE B 326 6.33 -29.91 20.65
N GLU B 327 7.07 -29.05 21.37
CA GLU B 327 8.52 -29.35 21.60
C GLU B 327 8.69 -30.56 22.52
N ALA B 328 7.71 -30.85 23.36
CA ALA B 328 7.77 -31.97 24.28
C ALA B 328 7.27 -33.27 23.65
N GLY B 329 6.74 -33.22 22.42
CA GLY B 329 6.08 -34.40 21.87
C GLY B 329 4.65 -34.62 22.33
N ASP B 330 4.08 -33.71 23.08
CA ASP B 330 2.63 -33.77 23.48
C ASP B 330 1.81 -33.19 22.34
N PHE B 331 1.89 -33.79 21.16
CA PHE B 331 1.29 -33.15 20.00
C PHE B 331 -0.19 -32.92 20.16
N PRO B 332 -0.67 -31.72 19.81
CA PRO B 332 -2.13 -31.50 19.80
C PRO B 332 -2.75 -32.49 18.82
N GLU B 333 -3.75 -33.26 19.25
CA GLU B 333 -4.42 -34.16 18.26
C GLU B 333 -5.93 -33.90 18.31
N TYR B 334 -6.59 -33.93 17.14
CA TYR B 334 -8.05 -33.69 17.05
C TYR B 334 -8.61 -34.70 16.07
N GLU B 335 -9.82 -35.19 16.35
CA GLU B 335 -10.50 -36.03 15.39
C GLU B 335 -11.49 -35.17 14.61
N LEU B 336 -11.45 -35.25 13.28
CA LEU B 336 -12.41 -34.52 12.39
C LEU B 336 -13.69 -35.36 12.39
N GLY B 337 -14.81 -34.68 12.56
CA GLY B 337 -16.11 -35.38 12.69
C GLY B 337 -17.11 -34.67 11.81
N PHE B 338 -18.00 -35.47 11.21
CA PHE B 338 -19.04 -34.89 10.33
C PHE B 338 -20.44 -35.17 10.96
N GLN B 339 -21.33 -34.17 11.02
CA GLN B 339 -22.76 -34.48 11.24
C GLN B 339 -23.34 -34.45 9.85
N LEU B 340 -24.01 -35.54 9.42
CA LEU B 340 -24.45 -35.65 8.04
C LEU B 340 -25.99 -35.70 8.06
N ILE B 341 -26.59 -34.96 7.14
CA ILE B 341 -28.05 -34.91 7.06
C ILE B 341 -28.39 -34.99 5.59
N PRO B 342 -29.21 -35.97 5.19
CA PRO B 342 -29.57 -36.14 3.79
C PRO B 342 -30.36 -34.96 3.27
N GLU B 343 -30.26 -34.70 1.96
CA GLU B 343 -30.91 -33.57 1.38
C GLU B 343 -32.43 -33.58 1.69
N GLU B 344 -33.02 -34.78 1.73
CA GLU B 344 -34.51 -34.91 1.93
C GLU B 344 -34.94 -34.59 3.38
N ASP B 345 -33.94 -34.43 4.27
CA ASP B 345 -34.21 -34.14 5.68
C ASP B 345 -34.00 -32.63 6.03
N GLU B 346 -33.79 -31.78 5.00
CA GLU B 346 -33.61 -30.36 5.20
C GLU B 346 -34.58 -29.76 6.21
N PHE B 347 -35.87 -30.13 6.12
CA PHE B 347 -36.90 -29.48 6.95
C PHE B 347 -37.41 -30.35 8.07
N LYS B 348 -36.63 -31.32 8.52
CA LYS B 348 -37.13 -32.22 9.54
C LYS B 348 -36.94 -31.76 11.00
N PHE B 349 -36.26 -30.63 11.22
CA PHE B 349 -35.98 -30.15 12.57
C PHE B 349 -36.76 -28.92 12.94
N ASP B 350 -36.78 -28.56 14.21
CA ASP B 350 -37.65 -27.40 14.46
C ASP B 350 -36.84 -26.07 14.38
N PHE B 351 -35.67 -26.17 13.77
CA PHE B 351 -34.86 -24.98 13.48
C PHE B 351 -34.33 -25.15 12.06
N ASP B 352 -33.87 -24.06 11.44
CA ASP B 352 -33.46 -24.06 10.07
C ASP B 352 -31.99 -24.51 10.03
N LEU B 353 -31.65 -25.49 9.18
CA LEU B 353 -30.22 -25.92 9.09
C LEU B 353 -29.31 -24.79 8.56
N LEU B 354 -29.89 -23.82 7.86
CA LEU B 354 -29.10 -22.70 7.35
C LEU B 354 -28.84 -21.59 8.29
N ASP B 355 -29.39 -21.73 9.51
CA ASP B 355 -29.28 -20.63 10.49
C ASP B 355 -28.05 -20.88 11.38
N PRO B 356 -27.03 -20.00 11.33
CA PRO B 356 -25.78 -20.30 12.03
C PRO B 356 -25.86 -19.89 13.48
N THR B 357 -27.00 -19.46 14.01
CA THR B 357 -27.22 -19.30 15.44
C THR B 357 -27.81 -20.60 16.08
N LYS B 358 -28.05 -21.60 15.25
CA LYS B 358 -28.65 -22.84 15.78
C LYS B 358 -27.61 -23.93 15.69
N LEU B 359 -27.60 -24.83 16.68
CA LEU B 359 -26.67 -26.01 16.61
C LEU B 359 -27.51 -27.21 16.23
N ILE B 360 -26.85 -28.25 15.77
CA ILE B 360 -27.53 -29.54 15.55
C ILE B 360 -27.15 -30.41 16.75
N PRO B 361 -28.12 -30.75 17.61
CA PRO B 361 -27.68 -31.53 18.77
C PRO B 361 -27.17 -32.88 18.32
N GLU B 362 -26.09 -33.33 18.93
CA GLU B 362 -25.52 -34.65 18.57
C GLU B 362 -26.52 -35.78 18.95
N GLU B 363 -27.39 -35.55 19.93
CA GLU B 363 -28.46 -36.58 20.22
C GLU B 363 -29.37 -36.83 19.01
N LEU B 364 -29.58 -35.77 18.19
CA LEU B 364 -30.39 -35.87 16.98
C LEU B 364 -29.60 -36.33 15.79
N VAL B 365 -28.37 -35.81 15.59
CA VAL B 365 -27.55 -36.21 14.45
C VAL B 365 -26.15 -36.46 14.99
N PRO B 366 -25.73 -37.71 15.07
CA PRO B 366 -24.43 -37.98 15.69
C PRO B 366 -23.26 -37.50 14.82
N VAL B 367 -22.13 -37.29 15.51
CA VAL B 367 -20.92 -36.92 14.77
C VAL B 367 -20.21 -38.21 14.31
N GLN B 368 -20.05 -38.39 13.00
CA GLN B 368 -19.27 -39.58 12.49
C GLN B 368 -17.79 -39.19 12.52
N ARG B 369 -16.92 -40.00 13.10
CA ARG B 369 -15.50 -39.71 13.24
C ARG B 369 -14.84 -40.08 11.89
N VAL B 370 -14.12 -39.15 11.24
CA VAL B 370 -13.74 -39.29 9.84
C VAL B 370 -12.18 -39.36 9.74
N GLY B 371 -11.43 -38.79 10.71
CA GLY B 371 -9.97 -38.75 10.54
C GLY B 371 -9.29 -38.01 11.68
N LYS B 372 -7.98 -37.99 11.69
CA LYS B 372 -7.24 -37.44 12.85
C LYS B 372 -6.23 -36.46 12.29
N MET B 373 -6.11 -35.33 13.01
CA MET B 373 -5.09 -34.33 12.68
C MET B 373 -4.14 -34.26 13.87
N VAL B 374 -2.84 -34.22 13.54
CA VAL B 374 -1.77 -34.10 14.60
C VAL B 374 -0.93 -32.89 14.28
N LEU B 375 -0.76 -32.02 15.27
CA LEU B 375 0.16 -30.83 15.05
C LEU B 375 1.53 -31.15 15.70
N ASN B 376 2.51 -31.32 14.84
CA ASN B 376 3.81 -31.87 15.33
C ASN B 376 5.02 -31.02 15.02
N ARG B 377 4.84 -29.75 14.56
CA ARG B 377 6.03 -28.93 14.35
C ARG B 377 5.70 -27.48 14.45
N ASN B 378 6.49 -26.75 15.24
CA ASN B 378 6.27 -25.30 15.31
C ASN B 378 6.90 -24.60 14.11
N PRO B 379 6.44 -23.39 13.83
CA PRO B 379 7.06 -22.67 12.69
C PRO B 379 8.53 -22.28 13.01
N ASP B 380 9.22 -21.84 11.96
CA ASP B 380 10.55 -21.25 12.14
C ASP B 380 10.51 -19.77 12.48
N ASN B 381 9.64 -19.02 11.77
CA ASN B 381 9.59 -17.54 11.98
C ASN B 381 8.08 -17.19 12.10
N PHE B 382 7.72 -16.66 13.28
CA PHE B 382 6.30 -16.38 13.56
C PHE B 382 5.74 -15.42 12.51
N PHE B 383 6.44 -14.31 12.18
CA PHE B 383 5.84 -13.39 11.22
C PHE B 383 5.67 -13.99 9.83
N ALA B 384 6.68 -14.73 9.35
CA ALA B 384 6.62 -15.18 7.97
C ALA B 384 5.57 -16.26 7.81
N GLU B 385 5.39 -17.11 8.81
CA GLU B 385 4.49 -18.25 8.67
C GLU B 385 3.11 -18.02 9.32
N ASN B 386 3.09 -17.52 10.57
CA ASN B 386 1.83 -17.27 11.23
C ASN B 386 1.23 -15.94 10.70
N GLU B 387 1.93 -14.85 10.94
CA GLU B 387 1.25 -13.55 10.67
C GLU B 387 0.78 -13.51 9.23
N GLN B 388 1.60 -13.91 8.26
CA GLN B 388 1.25 -13.83 6.90
C GLN B 388 0.32 -14.94 6.38
N ALA B 389 -0.04 -15.96 7.19
CA ALA B 389 -0.92 -17.01 6.69
C ALA B 389 -2.29 -16.40 6.36
N ALA B 390 -2.93 -16.88 5.30
CA ALA B 390 -4.26 -16.37 4.89
C ALA B 390 -5.21 -17.56 4.77
N PHE B 391 -6.20 -17.60 5.68
CA PHE B 391 -7.16 -18.68 5.58
C PHE B 391 -8.49 -18.09 5.06
N HIS B 392 -9.30 -18.88 4.34
CA HIS B 392 -10.56 -18.28 3.89
C HIS B 392 -11.50 -19.42 3.57
N PRO B 393 -12.73 -19.37 4.12
CA PRO B 393 -13.70 -20.53 3.98
C PRO B 393 -14.18 -20.74 2.59
N GLY B 394 -14.00 -19.76 1.72
CA GLY B 394 -14.32 -19.96 0.31
C GLY B 394 -13.29 -20.83 -0.38
N HIS B 395 -12.16 -21.18 0.27
CA HIS B 395 -11.14 -22.06 -0.36
C HIS B 395 -11.64 -23.48 -0.16
N ILE B 396 -12.53 -23.91 -1.06
CA ILE B 396 -12.97 -25.32 -1.01
C ILE B 396 -12.44 -26.09 -2.20
N VAL B 397 -12.73 -27.38 -2.24
CA VAL B 397 -12.17 -28.25 -3.35
C VAL B 397 -13.33 -29.07 -3.87
N PRO B 398 -13.14 -29.70 -5.05
CA PRO B 398 -14.23 -30.56 -5.57
C PRO B 398 -14.58 -31.67 -4.62
N GLY B 399 -15.90 -31.87 -4.46
CA GLY B 399 -16.32 -32.79 -3.43
C GLY B 399 -16.94 -32.04 -2.23
N LEU B 400 -16.72 -30.72 -2.15
CA LEU B 400 -17.37 -29.83 -1.10
C LEU B 400 -18.19 -28.75 -1.81
N ASP B 401 -19.21 -28.20 -1.12
CA ASP B 401 -19.89 -27.06 -1.69
C ASP B 401 -20.53 -26.27 -0.58
N PHE B 402 -20.99 -25.07 -0.94
CA PHE B 402 -21.58 -24.17 0.06
C PHE B 402 -23.08 -24.43 0.20
N THR B 403 -23.67 -23.75 1.15
CA THR B 403 -25.16 -23.65 1.20
C THR B 403 -25.53 -22.17 1.24
N ASN B 404 -26.85 -21.91 1.28
CA ASN B 404 -27.28 -20.53 1.35
C ASN B 404 -27.31 -19.91 2.73
N ASP B 405 -26.61 -20.51 3.70
CA ASP B 405 -26.51 -19.87 5.02
C ASP B 405 -26.05 -18.38 4.81
N PRO B 406 -26.82 -17.39 5.30
CA PRO B 406 -26.56 -16.00 4.79
C PRO B 406 -25.38 -15.40 5.51
N LEU B 407 -24.84 -16.07 6.56
CA LEU B 407 -23.61 -15.60 7.20
C LEU B 407 -22.41 -16.16 6.38
N LEU B 408 -22.45 -17.46 5.98
CA LEU B 408 -21.39 -18.03 5.19
C LEU B 408 -21.36 -17.32 3.89
N GLN B 409 -22.50 -16.99 3.28
CA GLN B 409 -22.50 -16.39 1.97
C GLN B 409 -21.71 -15.09 1.93
N GLY B 410 -21.82 -14.28 2.99
CA GLY B 410 -21.09 -12.99 3.07
C GLY B 410 -19.62 -13.17 3.39
N ARG B 411 -19.33 -14.17 4.24
CA ARG B 411 -17.94 -14.53 4.49
C ARG B 411 -17.22 -14.71 3.17
N LEU B 412 -17.81 -15.37 2.21
CA LEU B 412 -17.14 -15.74 0.92
C LEU B 412 -16.55 -14.48 0.27
N PHE B 413 -17.17 -13.32 0.42
CA PHE B 413 -16.63 -12.08 -0.08
C PHE B 413 -15.40 -11.56 0.70
N SER B 414 -15.42 -11.65 1.99
CA SER B 414 -14.54 -10.84 2.84
C SER B 414 -13.13 -11.41 2.83
N TYR B 415 -12.99 -12.71 2.88
CA TYR B 415 -11.64 -13.20 3.13
C TYR B 415 -10.73 -13.07 1.92
N THR B 416 -11.25 -12.89 0.69
CA THR B 416 -10.32 -12.54 -0.44
C THR B 416 -10.02 -11.02 -0.42
N ASP B 417 -11.07 -10.30 -0.14
CA ASP B 417 -10.93 -8.83 -0.21
C ASP B 417 -9.93 -8.37 0.82
N THR B 418 -10.05 -8.84 2.07
CA THR B 418 -9.23 -8.28 3.19
C THR B 418 -7.70 -8.45 2.95
N GLN B 419 -7.37 -9.49 2.16
CA GLN B 419 -5.89 -9.72 1.93
C GLN B 419 -5.20 -8.70 1.10
N ILE B 420 -5.98 -8.00 0.25
CA ILE B 420 -5.40 -7.00 -0.55
C ILE B 420 -4.71 -5.90 0.28
N SER B 421 -5.28 -5.51 1.42
CA SER B 421 -4.57 -4.53 2.24
C SER B 421 -3.65 -5.29 3.23
N ARG B 422 -4.13 -6.38 3.85
CA ARG B 422 -3.34 -6.98 4.88
C ARG B 422 -1.99 -7.50 4.43
N LEU B 423 -2.05 -8.17 3.25
CA LEU B 423 -0.87 -8.82 2.66
C LEU B 423 -0.37 -8.16 1.42
N GLY B 424 -0.93 -6.99 1.09
CA GLY B 424 -0.24 -6.12 0.15
C GLY B 424 -0.60 -6.28 -1.31
N GLY B 425 -1.51 -7.21 -1.60
CA GLY B 425 -1.89 -7.28 -3.02
C GLY B 425 -2.42 -8.66 -3.30
N PRO B 426 -2.67 -8.92 -4.58
CA PRO B 426 -3.39 -10.10 -4.96
C PRO B 426 -2.54 -11.35 -5.14
N ASN B 427 -1.22 -11.18 -4.96
CA ASN B 427 -0.30 -12.36 -5.03
C ASN B 427 -0.03 -12.95 -3.65
N PHE B 428 -1.02 -12.84 -2.74
CA PHE B 428 -0.80 -13.40 -1.37
C PHE B 428 -0.66 -14.93 -1.35
N HIS B 429 -1.12 -15.60 -2.42
CA HIS B 429 -0.92 -17.01 -2.51
C HIS B 429 0.53 -17.39 -2.80
N GLU B 430 1.36 -16.45 -3.23
CA GLU B 430 2.79 -16.76 -3.52
C GLU B 430 3.64 -16.60 -2.22
N ILE B 431 3.07 -16.03 -1.16
CA ILE B 431 3.76 -15.96 0.13
C ILE B 431 3.94 -17.42 0.57
N PRO B 432 5.18 -17.87 0.89
CA PRO B 432 5.44 -19.31 0.96
C PRO B 432 4.43 -20.10 1.79
N ILE B 433 4.03 -19.68 2.98
CA ILE B 433 3.10 -20.51 3.76
C ILE B 433 1.74 -20.71 3.05
N ASN B 434 1.37 -19.76 2.18
CA ASN B 434 0.05 -19.85 1.53
C ASN B 434 0.08 -20.64 0.26
N ARG B 435 1.29 -21.00 -0.21
CA ARG B 435 1.37 -21.65 -1.53
C ARG B 435 0.76 -23.06 -1.53
N PRO B 436 -0.01 -23.42 -2.59
CA PRO B 436 -0.47 -24.82 -2.69
C PRO B 436 0.81 -25.67 -2.92
N THR B 437 0.64 -26.94 -2.53
CA THR B 437 1.72 -27.91 -2.82
C THR B 437 1.40 -28.64 -4.13
N CYS B 438 0.17 -28.50 -4.65
CA CYS B 438 -0.25 -29.15 -5.90
C CYS B 438 -0.03 -28.10 -7.01
N PRO B 439 -0.16 -28.51 -8.28
CA PRO B 439 0.04 -27.56 -9.34
C PRO B 439 -0.96 -26.44 -9.35
N TYR B 440 -0.47 -25.27 -9.83
CA TYR B 440 -1.44 -24.20 -10.07
C TYR B 440 -0.93 -23.40 -11.31
N HIS B 441 -1.83 -23.22 -12.29
CA HIS B 441 -1.49 -22.54 -13.50
C HIS B 441 -2.71 -21.83 -14.06
N ASN B 442 -2.59 -20.57 -14.43
CA ASN B 442 -3.76 -19.86 -14.99
C ASN B 442 -3.27 -18.68 -15.74
N PHE B 443 -4.21 -17.85 -16.11
CA PHE B 443 -3.85 -16.74 -17.03
C PHE B 443 -3.76 -15.41 -16.26
N GLN B 444 -3.79 -15.46 -14.94
CA GLN B 444 -3.63 -14.28 -14.06
C GLN B 444 -2.19 -13.80 -14.12
N ARG B 445 -2.00 -12.46 -14.19
CA ARG B 445 -0.62 -11.95 -14.34
C ARG B 445 -0.46 -10.69 -13.45
N ASP B 446 0.80 -10.35 -13.21
CA ASP B 446 1.20 -9.07 -12.54
C ASP B 446 0.68 -8.93 -11.16
N GLY B 447 0.39 -7.69 -10.75
CA GLY B 447 0.13 -7.37 -9.32
C GLY B 447 1.39 -7.17 -8.50
N MET B 448 1.24 -6.43 -7.41
CA MET B 448 2.37 -6.15 -6.58
C MET B 448 3.03 -7.45 -6.09
N HIS B 449 4.37 -7.32 -6.13
N HIS B 449 4.31 -7.44 -5.92
CA HIS B 449 5.44 -8.33 -5.76
CA HIS B 449 4.95 -8.65 -5.34
C HIS B 449 5.07 -9.73 -6.30
C HIS B 449 4.77 -9.87 -6.26
N ARG B 450 4.92 -9.74 -7.57
CA ARG B 450 4.74 -10.91 -8.35
C ARG B 450 6.02 -11.72 -8.36
N MET B 451 5.92 -12.96 -7.88
CA MET B 451 7.05 -13.85 -7.81
C MET B 451 7.11 -14.71 -9.11
N GLY B 452 6.01 -15.36 -9.43
CA GLY B 452 6.06 -16.30 -10.59
C GLY B 452 6.30 -15.59 -11.89
N ILE B 453 7.27 -16.14 -12.70
CA ILE B 453 7.59 -15.56 -13.99
C ILE B 453 6.96 -16.49 -15.03
N ASP B 454 5.84 -16.04 -15.59
CA ASP B 454 5.12 -16.91 -16.50
C ASP B 454 5.81 -16.96 -17.88
N THR B 455 5.96 -18.15 -18.41
CA THR B 455 6.53 -18.24 -19.76
C THR B 455 5.50 -18.49 -20.85
N ASN B 456 4.23 -18.68 -20.47
CA ASN B 456 3.21 -18.95 -21.44
C ASN B 456 3.18 -17.79 -22.46
N PRO B 457 3.21 -18.07 -23.79
CA PRO B 457 3.08 -16.97 -24.79
C PRO B 457 1.70 -16.30 -24.62
N ALA B 458 0.72 -17.04 -24.11
CA ALA B 458 -0.65 -16.52 -23.91
C ALA B 458 -0.94 -16.14 -22.48
N ASN B 459 -1.69 -15.06 -22.28
CA ASN B 459 -2.21 -14.71 -20.97
C ASN B 459 -3.73 -14.55 -21.05
N TYR B 460 -4.31 -15.33 -21.93
CA TYR B 460 -5.79 -15.26 -22.11
C TYR B 460 -6.20 -16.64 -22.65
N GLU B 461 -7.48 -16.90 -22.47
CA GLU B 461 -8.02 -18.05 -23.22
C GLU B 461 -9.46 -17.67 -23.61
N PRO B 462 -9.93 -18.23 -24.70
CA PRO B 462 -9.27 -19.26 -25.54
C PRO B 462 -8.11 -18.66 -26.30
N ASN B 463 -7.05 -19.47 -26.45
CA ASN B 463 -5.93 -19.05 -27.30
C ASN B 463 -5.53 -20.21 -28.23
N SER B 464 -4.96 -19.82 -29.35
CA SER B 464 -4.38 -20.82 -30.30
C SER B 464 -2.84 -20.83 -30.07
N ILE B 465 -2.28 -19.71 -29.55
CA ILE B 465 -0.85 -19.57 -29.69
C ILE B 465 -0.14 -20.45 -28.67
N ASN B 466 -0.82 -20.92 -27.64
CA ASN B 466 -0.27 -21.96 -26.74
C ASN B 466 -1.17 -23.19 -26.74
N ASP B 467 -1.86 -23.44 -27.86
CA ASP B 467 -2.83 -24.56 -27.95
C ASP B 467 -3.77 -24.63 -26.76
N ASN B 468 -4.15 -23.47 -26.28
CA ASN B 468 -5.17 -23.32 -25.25
C ASN B 468 -4.80 -23.73 -23.83
N TRP B 469 -3.49 -23.94 -23.62
CA TRP B 469 -3.01 -24.36 -22.31
C TRP B 469 -2.70 -23.14 -21.44
N PRO B 470 -2.94 -23.21 -20.12
CA PRO B 470 -3.51 -24.39 -19.41
C PRO B 470 -5.04 -24.47 -19.65
N ARG B 471 -5.50 -25.71 -19.74
CA ARG B 471 -6.92 -26.02 -20.17
C ARG B 471 -7.90 -26.35 -19.05
N GLU B 472 -9.16 -25.96 -19.26
CA GLU B 472 -10.29 -26.34 -18.36
C GLU B 472 -10.36 -27.91 -18.31
N THR B 473 -10.92 -28.39 -17.22
CA THR B 473 -11.10 -29.87 -17.01
C THR B 473 -12.54 -30.09 -16.60
N PRO B 474 -13.27 -30.98 -17.31
CA PRO B 474 -14.66 -31.25 -16.92
C PRO B 474 -14.74 -31.83 -15.45
N PRO B 475 -15.87 -31.62 -14.75
CA PRO B 475 -16.02 -32.21 -13.43
C PRO B 475 -16.02 -33.73 -13.58
N GLY B 476 -15.56 -34.38 -12.57
CA GLY B 476 -15.56 -35.88 -12.58
C GLY B 476 -15.20 -36.41 -11.24
N PRO B 477 -15.03 -37.76 -11.16
CA PRO B 477 -14.91 -38.44 -9.87
C PRO B 477 -13.58 -38.17 -9.21
N LYS B 478 -12.55 -37.79 -9.98
CA LYS B 478 -11.20 -37.57 -9.43
C LYS B 478 -10.50 -36.65 -10.39
N ARG B 479 -9.75 -35.68 -9.79
CA ARG B 479 -8.97 -34.73 -10.63
C ARG B 479 -9.78 -33.97 -11.67
N GLY B 480 -11.06 -33.76 -11.34
CA GLY B 480 -11.95 -32.99 -12.22
C GLY B 480 -12.06 -31.51 -11.84
N GLY B 481 -12.59 -30.72 -12.77
CA GLY B 481 -12.77 -29.29 -12.45
C GLY B 481 -13.97 -29.07 -11.52
N PHE B 482 -13.94 -27.93 -10.85
CA PHE B 482 -15.01 -27.61 -9.91
C PHE B 482 -16.28 -27.20 -10.61
N GLU B 483 -17.35 -27.84 -10.19
CA GLU B 483 -18.67 -27.41 -10.64
C GLU B 483 -19.55 -27.27 -9.41
N SER B 484 -20.33 -26.19 -9.37
CA SER B 484 -21.30 -26.03 -8.29
C SER B 484 -22.44 -27.02 -8.40
N TYR B 485 -22.84 -27.50 -7.22
CA TYR B 485 -24.09 -28.30 -7.09
C TYR B 485 -25.25 -27.44 -7.56
N GLN B 486 -26.05 -28.03 -8.46
CA GLN B 486 -27.14 -27.33 -9.17
C GLN B 486 -28.40 -27.14 -8.36
N GLU B 487 -28.23 -26.51 -7.22
CA GLU B 487 -29.37 -26.27 -6.30
C GLU B 487 -30.41 -25.39 -7.01
N ARG B 488 -31.68 -25.68 -6.78
CA ARG B 488 -32.77 -24.88 -7.37
C ARG B 488 -32.93 -23.58 -6.53
N VAL B 489 -33.04 -22.44 -7.24
CA VAL B 489 -33.22 -21.16 -6.58
C VAL B 489 -34.53 -20.60 -7.07
N GLU B 490 -35.46 -20.25 -6.16
CA GLU B 490 -36.79 -19.71 -6.60
C GLU B 490 -37.14 -18.69 -5.55
N GLY B 491 -37.24 -17.43 -6.00
CA GLY B 491 -37.70 -16.40 -5.04
C GLY B 491 -37.55 -15.05 -5.65
N ASN B 492 -37.99 -13.99 -4.95
CA ASN B 492 -37.77 -12.66 -5.52
C ASN B 492 -36.54 -12.09 -4.87
N LYS B 493 -35.94 -11.10 -5.54
CA LYS B 493 -34.74 -10.43 -4.98
C LYS B 493 -35.18 -9.59 -3.77
N VAL B 494 -34.83 -10.06 -2.57
CA VAL B 494 -35.26 -9.36 -1.40
C VAL B 494 -34.17 -9.26 -0.38
N ARG B 495 -34.25 -8.18 0.41
CA ARG B 495 -33.42 -8.01 1.63
C ARG B 495 -34.30 -8.42 2.84
N GLU B 496 -34.40 -9.68 3.20
CA GLU B 496 -35.42 -10.11 4.16
C GLU B 496 -34.85 -11.35 4.88
N ARG B 497 -35.05 -11.42 6.18
CA ARG B 497 -34.57 -12.57 7.03
C ARG B 497 -35.64 -13.67 6.88
N SER B 498 -35.21 -14.89 6.63
CA SER B 498 -36.24 -15.95 6.66
C SER B 498 -37.02 -15.99 7.98
N PRO B 499 -38.36 -16.19 7.89
CA PRO B 499 -39.11 -16.27 9.16
C PRO B 499 -38.64 -17.47 9.98
N SER B 500 -38.13 -18.51 9.28
CA SER B 500 -37.63 -19.69 9.97
C SER B 500 -36.48 -19.39 10.92
N PHE B 501 -35.81 -18.24 10.77
CA PHE B 501 -34.67 -17.87 11.63
C PHE B 501 -35.11 -17.08 12.84
N GLY B 502 -36.42 -16.81 12.91
CA GLY B 502 -36.86 -15.89 13.97
C GLY B 502 -37.17 -16.48 15.33
N GLU B 503 -36.36 -17.39 15.81
CA GLU B 503 -36.57 -18.00 17.09
C GLU B 503 -35.21 -17.94 17.82
N TYR B 504 -35.15 -17.37 19.00
CA TYR B 504 -33.88 -16.99 19.59
C TYR B 504 -33.59 -17.59 20.94
N TYR B 505 -34.56 -18.26 21.53
CA TYR B 505 -34.43 -18.64 22.92
C TYR B 505 -34.29 -20.13 23.20
N SER B 506 -34.72 -20.96 22.28
CA SER B 506 -34.76 -22.41 22.61
C SER B 506 -33.39 -23.05 22.62
N HIS B 507 -32.51 -22.56 21.72
CA HIS B 507 -31.14 -23.15 21.74
C HIS B 507 -30.33 -22.67 22.97
N PRO B 508 -30.42 -21.38 23.36
CA PRO B 508 -29.78 -20.94 24.60
C PRO B 508 -30.33 -21.77 25.77
N ARG B 509 -31.64 -22.08 25.77
CA ARG B 509 -32.16 -22.88 26.89
C ARG B 509 -31.66 -24.28 26.87
N LEU B 510 -31.58 -24.88 25.67
CA LEU B 510 -31.05 -26.24 25.59
C LEU B 510 -29.62 -26.28 26.13
N PHE B 511 -28.81 -25.29 25.72
CA PHE B 511 -27.44 -25.24 26.21
C PHE B 511 -27.43 -25.15 27.76
N TRP B 512 -28.29 -24.27 28.31
CA TRP B 512 -28.28 -23.98 29.71
C TRP B 512 -28.62 -25.29 30.49
N LEU B 513 -29.68 -25.94 30.03
CA LEU B 513 -30.16 -27.18 30.69
C LEU B 513 -29.16 -28.36 30.56
N SER B 514 -28.19 -28.30 29.62
CA SER B 514 -27.25 -29.43 29.40
C SER B 514 -25.99 -29.25 30.26
N GLN B 515 -25.86 -28.11 30.95
CA GLN B 515 -24.66 -27.86 31.80
C GLN B 515 -24.83 -28.53 33.15
N THR B 516 -23.72 -28.84 33.80
CA THR B 516 -23.71 -29.36 35.23
C THR B 516 -24.11 -28.14 36.15
N PRO B 517 -24.42 -28.38 37.42
CA PRO B 517 -24.75 -27.26 38.29
C PRO B 517 -23.60 -26.27 38.49
N PHE B 518 -22.36 -26.75 38.57
CA PHE B 518 -21.19 -25.81 38.65
C PHE B 518 -21.00 -25.05 37.34
N GLU B 519 -21.21 -25.69 36.20
CA GLU B 519 -21.11 -24.92 34.95
C GLU B 519 -22.21 -23.89 34.90
N GLN B 520 -23.43 -24.23 35.39
CA GLN B 520 -24.49 -23.21 35.44
C GLN B 520 -24.10 -21.97 36.32
N ARG B 521 -23.48 -22.22 37.47
CA ARG B 521 -22.97 -21.17 38.38
C ARG B 521 -21.93 -20.33 37.65
N HIS B 522 -21.03 -20.96 36.90
CA HIS B 522 -20.02 -20.18 36.23
C HIS B 522 -20.66 -19.28 35.16
N ILE B 523 -21.67 -19.79 34.46
CA ILE B 523 -22.40 -18.92 33.51
C ILE B 523 -23.05 -17.72 34.18
N VAL B 524 -23.72 -17.96 35.31
CA VAL B 524 -24.34 -16.89 36.07
C VAL B 524 -23.31 -15.85 36.43
N ASP B 525 -22.17 -16.34 36.92
CA ASP B 525 -21.10 -15.44 37.32
C ASP B 525 -20.49 -14.71 36.16
N GLY B 526 -20.45 -15.31 34.96
CA GLY B 526 -19.91 -14.62 33.82
C GLY B 526 -20.87 -13.48 33.42
N PHE B 527 -22.15 -13.77 33.26
CA PHE B 527 -23.08 -12.67 32.97
C PHE B 527 -22.99 -11.61 34.07
N SER B 528 -22.96 -12.03 35.34
CA SER B 528 -22.96 -11.04 36.43
C SER B 528 -21.76 -10.12 36.42
N PHE B 529 -20.60 -10.72 36.23
CA PHE B 529 -19.35 -9.93 36.19
C PHE B 529 -19.36 -8.93 35.00
N GLU B 530 -19.69 -9.43 33.80
CA GLU B 530 -19.75 -8.59 32.60
C GLU B 530 -20.72 -7.48 32.73
N LEU B 531 -21.93 -7.79 33.22
CA LEU B 531 -22.95 -6.71 33.22
C LEU B 531 -22.65 -5.67 34.34
N SER B 532 -21.90 -6.07 35.35
CA SER B 532 -21.52 -5.14 36.44
C SER B 532 -20.55 -4.09 35.86
N LYS B 533 -19.91 -4.39 34.72
CA LYS B 533 -19.00 -3.42 34.09
C LYS B 533 -19.72 -2.56 33.07
N VAL B 534 -21.01 -2.76 32.88
CA VAL B 534 -21.73 -1.91 31.93
C VAL B 534 -22.17 -0.72 32.76
N VAL B 535 -21.84 0.49 32.31
CA VAL B 535 -22.04 1.69 33.14
C VAL B 535 -23.50 2.14 33.08
N ARG B 536 -24.16 1.98 31.91
CA ARG B 536 -25.59 2.42 31.75
C ARG B 536 -26.52 1.38 32.34
N PRO B 537 -27.21 1.65 33.48
CA PRO B 537 -27.86 0.49 34.07
C PRO B 537 -29.03 -0.04 33.26
N TYR B 538 -29.69 0.80 32.44
CA TYR B 538 -30.80 0.25 31.64
C TYR B 538 -30.37 -0.91 30.73
N ILE B 539 -29.09 -0.90 30.33
CA ILE B 539 -28.63 -1.99 29.47
C ILE B 539 -28.64 -3.28 30.22
N ARG B 540 -28.18 -3.25 31.48
CA ARG B 540 -28.19 -4.44 32.32
C ARG B 540 -29.58 -4.97 32.47
N GLU B 541 -30.55 -4.06 32.65
CA GLU B 541 -31.94 -4.47 32.84
C GLU B 541 -32.52 -5.13 31.59
N ARG B 542 -32.15 -4.58 30.41
CA ARG B 542 -32.63 -5.13 29.14
C ARG B 542 -32.05 -6.52 28.90
N VAL B 543 -30.77 -6.71 29.31
CA VAL B 543 -30.20 -8.08 29.22
C VAL B 543 -30.88 -9.05 30.17
N VAL B 544 -31.04 -8.68 31.42
CA VAL B 544 -31.78 -9.55 32.33
C VAL B 544 -33.23 -9.91 31.80
N ASP B 545 -33.92 -8.98 31.19
CA ASP B 545 -35.20 -9.29 30.51
C ASP B 545 -35.03 -10.36 29.43
N GLN B 546 -33.96 -10.26 28.65
CA GLN B 546 -33.75 -11.35 27.69
C GLN B 546 -33.43 -12.68 28.31
N LEU B 547 -32.63 -12.67 29.40
CA LEU B 547 -32.37 -13.94 30.14
C LEU B 547 -33.68 -14.55 30.63
N ALA B 548 -34.64 -13.70 31.01
CA ALA B 548 -35.90 -14.29 31.51
C ALA B 548 -36.72 -14.99 30.45
N HIS B 549 -36.44 -14.71 29.19
CA HIS B 549 -37.03 -15.47 28.05
C HIS B 549 -36.40 -16.86 27.83
N ILE B 550 -35.27 -17.10 28.48
CA ILE B 550 -34.46 -18.30 28.28
C ILE B 550 -34.74 -19.23 29.45
N ASP B 551 -34.49 -18.79 30.68
CA ASP B 551 -34.74 -19.61 31.84
C ASP B 551 -34.84 -18.66 33.01
N LEU B 552 -35.89 -18.84 33.80
CA LEU B 552 -36.09 -18.01 34.94
C LEU B 552 -35.06 -18.17 36.06
N THR B 553 -34.57 -19.38 36.33
CA THR B 553 -33.52 -19.57 37.36
C THR B 553 -32.24 -18.78 37.01
N LEU B 554 -31.81 -18.86 35.75
CA LEU B 554 -30.69 -18.06 35.27
C LEU B 554 -30.96 -16.54 35.47
N ALA B 555 -32.12 -16.13 35.01
CA ALA B 555 -32.44 -14.71 35.01
C ALA B 555 -32.48 -14.20 36.47
N GLN B 556 -33.10 -14.96 37.37
CA GLN B 556 -33.16 -14.55 38.76
C GLN B 556 -31.80 -14.46 39.45
N ALA B 557 -30.91 -15.38 39.11
CA ALA B 557 -29.58 -15.46 39.71
C ALA B 557 -28.72 -14.28 39.24
N VAL B 558 -28.81 -13.94 37.96
CA VAL B 558 -28.08 -12.81 37.45
C VAL B 558 -28.63 -11.55 38.04
N ALA B 559 -29.95 -11.44 38.01
CA ALA B 559 -30.60 -10.29 38.60
C ALA B 559 -30.21 -10.02 40.07
N LYS B 560 -30.17 -11.05 40.90
CA LYS B 560 -29.77 -10.89 42.30
C LYS B 560 -28.40 -10.28 42.43
N ASN B 561 -27.48 -10.72 41.57
CA ASN B 561 -26.12 -10.20 41.63
C ASN B 561 -26.03 -8.79 41.15
N LEU B 562 -27.06 -8.35 40.47
CA LEU B 562 -27.03 -7.00 39.95
C LEU B 562 -27.91 -6.07 40.73
N GLY B 563 -28.54 -6.56 41.78
CA GLY B 563 -29.50 -5.66 42.53
C GLY B 563 -30.74 -5.28 41.75
N ILE B 564 -31.17 -6.15 40.85
CA ILE B 564 -32.36 -5.95 40.03
C ILE B 564 -33.44 -6.97 40.54
N GLU B 565 -34.71 -6.56 40.57
CA GLU B 565 -35.82 -7.49 40.83
C GLU B 565 -36.62 -7.73 39.56
N LEU B 566 -36.92 -9.00 39.26
CA LEU B 566 -37.74 -9.35 38.09
C LEU B 566 -39.15 -8.81 38.38
N THR B 567 -39.82 -8.27 37.37
CA THR B 567 -41.21 -7.92 37.57
C THR B 567 -42.06 -9.16 37.55
N ASP B 568 -43.28 -9.01 38.07
CA ASP B 568 -44.42 -9.93 37.81
C ASP B 568 -44.51 -10.52 36.39
N ASP B 569 -44.49 -9.66 35.37
CA ASP B 569 -44.48 -10.11 33.96
C ASP B 569 -43.26 -11.00 33.64
N GLN B 570 -42.08 -10.62 34.13
CA GLN B 570 -40.89 -11.38 33.81
C GLN B 570 -40.94 -12.77 34.45
N LEU B 571 -41.48 -12.86 35.67
CA LEU B 571 -41.56 -14.15 36.36
C LEU B 571 -42.53 -15.10 35.61
N ASN B 572 -43.37 -14.53 34.76
CA ASN B 572 -44.45 -15.28 34.11
C ASN B 572 -44.18 -15.60 32.66
N ILE B 573 -42.97 -15.26 32.14
CA ILE B 573 -42.67 -15.59 30.74
C ILE B 573 -42.61 -17.10 30.54
N THR B 574 -43.42 -17.62 29.64
CA THR B 574 -43.39 -19.05 29.28
C THR B 574 -42.02 -19.48 28.69
N PRO B 575 -41.36 -20.54 29.23
CA PRO B 575 -40.12 -21.12 28.71
C PRO B 575 -40.26 -21.39 27.21
N PRO B 576 -39.16 -21.25 26.47
CA PRO B 576 -39.26 -21.63 25.06
C PRO B 576 -39.40 -23.15 24.93
N PRO B 577 -39.80 -23.61 23.74
CA PRO B 577 -39.99 -25.04 23.53
C PRO B 577 -38.66 -25.83 23.52
N ASP B 578 -38.76 -27.11 23.75
CA ASP B 578 -37.64 -28.03 23.65
C ASP B 578 -37.21 -28.08 22.19
N VAL B 579 -36.01 -28.59 21.94
CA VAL B 579 -35.59 -28.71 20.56
C VAL B 579 -35.85 -30.12 20.08
N ASN B 580 -36.82 -30.34 19.18
CA ASN B 580 -37.22 -31.70 18.70
C ASN B 580 -37.33 -32.70 19.81
N GLY B 581 -37.95 -32.25 20.93
CA GLY B 581 -38.19 -33.11 22.09
C GLY B 581 -37.06 -33.26 23.09
N LEU B 582 -35.90 -32.65 22.84
CA LEU B 582 -34.79 -32.70 23.78
C LEU B 582 -34.89 -31.67 24.88
N LYS B 583 -34.78 -32.13 26.11
CA LYS B 583 -34.65 -31.22 27.25
C LYS B 583 -33.16 -31.12 27.72
N LYS B 584 -32.25 -31.84 27.07
CA LYS B 584 -30.82 -31.53 27.29
C LYS B 584 -30.02 -32.40 26.38
N ASP B 585 -28.71 -32.07 26.24
CA ASP B 585 -27.83 -32.90 25.46
C ASP B 585 -26.47 -32.83 26.10
N PRO B 586 -26.02 -33.91 26.71
CA PRO B 586 -24.77 -33.80 27.52
C PRO B 586 -23.51 -33.49 26.74
N SER B 587 -23.54 -33.70 25.42
CA SER B 587 -22.41 -33.36 24.60
C SER B 587 -22.13 -31.84 24.59
N LEU B 588 -23.07 -31.03 25.04
CA LEU B 588 -22.92 -29.58 25.10
C LEU B 588 -22.17 -29.11 26.35
N SER B 589 -21.99 -30.01 27.30
CA SER B 589 -21.28 -29.65 28.53
C SER B 589 -19.80 -29.96 28.35
N LEU B 590 -18.92 -29.20 29.03
CA LEU B 590 -17.50 -29.52 29.03
C LEU B 590 -17.22 -30.75 29.88
N TYR B 591 -18.03 -30.93 30.95
CA TYR B 591 -17.60 -31.84 32.00
C TYR B 591 -18.56 -32.97 32.34
N ALA B 592 -19.76 -32.92 31.81
CA ALA B 592 -20.81 -33.93 32.20
C ALA B 592 -20.39 -35.37 31.94
N ILE B 593 -19.74 -35.59 30.81
CA ILE B 593 -19.16 -36.89 30.44
C ILE B 593 -17.63 -36.85 30.58
N PRO B 594 -17.04 -37.61 31.53
CA PRO B 594 -15.57 -37.72 31.71
C PRO B 594 -14.84 -37.96 30.41
N ASP B 595 -13.79 -37.18 30.17
CA ASP B 595 -13.03 -37.41 28.93
C ASP B 595 -11.63 -36.83 29.13
N GLY B 596 -11.28 -36.79 30.42
CA GLY B 596 -10.04 -36.17 30.90
C GLY B 596 -8.77 -36.95 30.62
N ASP B 597 -7.69 -36.22 30.33
CA ASP B 597 -6.42 -36.89 29.97
C ASP B 597 -5.26 -36.11 30.56
N VAL B 598 -4.38 -36.78 31.28
CA VAL B 598 -3.41 -36.04 32.03
C VAL B 598 -2.10 -35.82 31.27
N LYS B 599 -1.89 -36.51 30.17
CA LYS B 599 -0.60 -36.37 29.44
C LYS B 599 -0.45 -34.90 28.97
N GLY B 600 0.70 -34.32 29.31
CA GLY B 600 1.07 -32.98 28.86
C GLY B 600 0.67 -31.91 29.89
N ARG B 601 -0.04 -32.27 30.94
CA ARG B 601 -0.34 -31.38 32.04
C ARG B 601 0.92 -31.17 32.85
N VAL B 602 0.82 -30.27 33.81
CA VAL B 602 2.01 -29.79 34.60
C VAL B 602 1.66 -29.58 36.04
N VAL B 603 2.55 -30.05 36.93
CA VAL B 603 2.37 -29.89 38.36
C VAL B 603 3.51 -29.01 38.87
N ALA B 604 3.20 -28.16 39.84
CA ALA B 604 4.21 -27.39 40.60
C ALA B 604 4.64 -28.26 41.76
N ILE B 605 5.96 -28.36 42.00
CA ILE B 605 6.42 -29.06 43.23
C ILE B 605 7.12 -27.99 44.09
N LEU B 606 6.60 -27.73 45.26
CA LEU B 606 7.14 -26.65 46.12
C LEU B 606 8.29 -27.24 46.99
N LEU B 607 9.52 -26.87 46.63
CA LEU B 607 10.71 -27.37 47.36
C LEU B 607 10.96 -26.59 48.63
N ASN B 608 11.90 -27.15 49.41
CA ASN B 608 12.41 -26.52 50.61
C ASN B 608 13.94 -26.75 50.60
N ASP B 609 14.68 -26.21 51.57
CA ASP B 609 16.17 -26.32 51.42
C ASP B 609 16.75 -27.68 51.86
N GLU B 610 15.89 -28.57 52.38
CA GLU B 610 16.28 -29.97 52.65
C GLU B 610 15.22 -31.03 52.27
N VAL B 611 14.88 -31.08 50.98
CA VAL B 611 13.81 -31.97 50.52
C VAL B 611 14.08 -33.44 50.84
N ARG B 612 13.05 -34.09 51.39
CA ARG B 612 13.02 -35.55 51.47
C ARG B 612 13.05 -36.21 50.11
N SER B 613 14.23 -36.74 49.74
CA SER B 613 14.50 -37.20 48.37
C SER B 613 13.69 -38.41 47.98
N ALA B 614 13.33 -39.26 48.97
CA ALA B 614 12.43 -40.38 48.70
C ALA B 614 11.05 -39.91 48.21
N ASP B 615 10.55 -38.81 48.78
CA ASP B 615 9.27 -38.23 48.32
C ASP B 615 9.38 -37.82 46.84
N LEU B 616 10.43 -37.09 46.52
CA LEU B 616 10.62 -36.54 45.17
C LEU B 616 10.78 -37.65 44.13
N LEU B 617 11.54 -38.69 44.48
CA LEU B 617 11.81 -39.75 43.51
C LEU B 617 10.50 -40.40 43.12
N ALA B 618 9.64 -40.66 44.12
CA ALA B 618 8.33 -41.32 43.94
C ALA B 618 7.37 -40.46 43.14
N ILE B 619 7.43 -39.16 43.39
CA ILE B 619 6.54 -38.23 42.71
C ILE B 619 6.92 -38.21 41.26
N LEU B 620 8.22 -38.03 41.01
CA LEU B 620 8.69 -37.77 39.63
C LEU B 620 8.54 -38.98 38.75
N LYS B 621 8.74 -40.12 39.37
CA LYS B 621 8.50 -41.38 38.73
C LYS B 621 7.04 -41.58 38.36
N ALA B 622 6.10 -41.29 39.28
CA ALA B 622 4.70 -41.54 38.94
C ALA B 622 4.23 -40.55 37.82
N LEU B 623 4.69 -39.30 37.93
CA LEU B 623 4.35 -38.26 36.91
C LEU B 623 4.87 -38.68 35.56
N LYS B 624 6.18 -38.99 35.46
CA LYS B 624 6.76 -39.51 34.21
C LYS B 624 5.99 -40.64 33.54
N ALA B 625 5.52 -41.61 34.33
CA ALA B 625 4.76 -42.71 33.80
C ALA B 625 3.44 -42.27 33.15
N LYS B 626 2.87 -41.19 33.59
CA LYS B 626 1.64 -40.67 32.96
C LYS B 626 1.93 -39.52 31.93
N GLY B 627 3.20 -39.21 31.69
CA GLY B 627 3.55 -38.07 30.79
C GLY B 627 3.16 -36.71 31.36
N VAL B 628 3.07 -36.58 32.68
CA VAL B 628 2.80 -35.30 33.33
C VAL B 628 4.14 -34.62 33.62
N HIS B 629 4.26 -33.32 33.31
CA HIS B 629 5.49 -32.55 33.54
C HIS B 629 5.48 -31.99 34.96
N ALA B 630 6.67 -31.67 35.47
CA ALA B 630 6.82 -31.00 36.74
C ALA B 630 7.65 -29.75 36.66
N LYS B 631 7.36 -28.80 37.57
CA LYS B 631 8.21 -27.59 37.71
C LYS B 631 8.59 -27.44 39.21
N LEU B 632 9.90 -27.44 39.45
CA LEU B 632 10.46 -27.41 40.79
C LEU B 632 10.63 -25.97 41.18
N LEU B 633 9.90 -25.54 42.23
CA LEU B 633 9.81 -24.11 42.59
C LEU B 633 10.48 -23.78 43.94
N TYR B 634 11.07 -22.60 44.07
CA TYR B 634 11.62 -22.27 45.37
C TYR B 634 11.57 -20.75 45.50
N SER B 635 12.21 -20.20 46.55
CA SER B 635 12.11 -18.77 46.82
C SER B 635 13.20 -17.97 46.16
N ARG B 636 14.15 -18.65 45.51
CA ARG B 636 15.21 -17.97 44.75
C ARG B 636 15.60 -18.91 43.63
N MET B 637 16.33 -18.44 42.64
CA MET B 637 16.83 -19.34 41.59
C MET B 637 18.10 -20.14 42.07
N GLY B 638 18.65 -20.97 41.18
CA GLY B 638 19.88 -21.78 41.45
C GLY B 638 19.52 -23.20 41.85
N GLU B 639 20.03 -23.65 42.99
CA GLU B 639 19.84 -25.06 43.32
C GLU B 639 19.53 -25.17 44.79
N VAL B 640 18.87 -26.25 45.17
CA VAL B 640 18.88 -26.63 46.55
C VAL B 640 19.41 -28.06 46.60
N THR B 641 19.66 -28.52 47.82
CA THR B 641 20.22 -29.86 48.06
C THR B 641 19.34 -30.63 48.98
N ALA B 642 18.97 -31.83 48.51
CA ALA B 642 18.06 -32.76 49.19
C ALA B 642 18.85 -33.45 50.25
N ASP B 643 18.11 -34.10 51.15
CA ASP B 643 18.69 -34.75 52.36
C ASP B 643 19.76 -35.81 52.01
N ASP B 644 19.57 -36.53 50.91
CA ASP B 644 20.57 -37.51 50.49
C ASP B 644 21.66 -36.89 49.63
N GLY B 645 21.69 -35.56 49.56
CA GLY B 645 22.72 -34.82 48.81
C GLY B 645 22.49 -34.60 47.32
N THR B 646 21.38 -35.12 46.78
CA THR B 646 20.94 -34.80 45.41
C THR B 646 20.76 -33.25 45.28
N VAL B 647 21.37 -32.71 44.24
CA VAL B 647 21.23 -31.30 43.89
C VAL B 647 19.98 -31.24 43.01
N LEU B 648 19.09 -30.30 43.32
CA LEU B 648 17.81 -30.10 42.59
C LEU B 648 17.85 -28.69 42.03
N PRO B 649 17.94 -28.54 40.69
CA PRO B 649 17.84 -27.24 40.01
C PRO B 649 16.43 -26.64 40.15
N ILE B 650 16.40 -25.34 40.39
CA ILE B 650 15.13 -24.63 40.54
C ILE B 650 14.66 -24.02 39.26
N ALA B 651 13.39 -24.28 38.89
CA ALA B 651 12.94 -23.80 37.60
C ALA B 651 12.51 -22.33 37.63
N ALA B 652 11.85 -21.97 38.73
CA ALA B 652 11.25 -20.63 38.90
C ALA B 652 11.02 -20.43 40.39
N THR B 653 10.79 -19.17 40.73
CA THR B 653 10.36 -18.86 42.08
C THR B 653 8.85 -19.07 42.24
N PHE B 654 8.40 -19.10 43.46
CA PHE B 654 6.96 -19.08 43.77
C PHE B 654 6.21 -17.94 43.03
N ALA B 655 6.76 -16.72 43.10
CA ALA B 655 6.10 -15.59 42.43
C ALA B 655 6.34 -15.59 40.95
N GLY B 656 7.46 -16.17 40.49
CA GLY B 656 7.80 -16.18 39.07
C GLY B 656 6.96 -17.11 38.23
N ALA B 657 6.49 -18.19 38.85
CA ALA B 657 5.69 -19.24 38.15
C ALA B 657 4.49 -19.59 39.02
N PRO B 658 3.50 -18.67 39.06
CA PRO B 658 2.39 -18.86 40.00
C PRO B 658 1.52 -20.08 39.73
N SER B 659 0.69 -20.45 40.71
CA SER B 659 -0.18 -21.61 40.55
C SER B 659 -1.12 -21.54 39.33
N LEU B 660 -1.33 -20.34 38.83
CA LEU B 660 -2.14 -20.11 37.63
C LEU B 660 -1.63 -20.97 36.50
N THR B 661 -0.31 -21.15 36.46
CA THR B 661 0.29 -21.81 35.34
C THR B 661 0.40 -23.35 35.42
N VAL B 662 -0.13 -23.94 36.50
CA VAL B 662 -0.07 -25.39 36.67
C VAL B 662 -1.43 -26.00 36.89
N ASP B 663 -1.48 -27.33 36.79
CA ASP B 663 -2.75 -28.08 36.91
C ASP B 663 -2.95 -28.62 38.31
N ALA B 664 -1.88 -28.70 39.10
CA ALA B 664 -1.98 -29.32 40.47
C ALA B 664 -0.70 -28.91 41.18
N VAL B 665 -0.73 -28.93 42.51
CA VAL B 665 0.44 -28.60 43.29
C VAL B 665 0.73 -29.77 44.30
N ILE B 666 2.01 -30.14 44.36
CA ILE B 666 2.51 -31.17 45.30
C ILE B 666 3.58 -30.50 46.18
N VAL B 667 3.51 -30.76 47.50
CA VAL B 667 4.57 -30.26 48.39
C VAL B 667 5.15 -31.49 49.11
N PRO B 668 6.41 -31.85 48.75
CA PRO B 668 7.05 -33.03 49.45
C PRO B 668 7.40 -32.67 50.90
N CYS B 669 7.80 -33.68 51.69
CA CYS B 669 8.41 -33.43 53.01
C CYS B 669 9.85 -32.87 52.93
N GLY B 670 10.40 -32.53 54.08
CA GLY B 670 11.80 -32.07 54.18
C GLY B 670 11.84 -31.04 55.29
N ASN B 671 12.71 -30.05 55.15
CA ASN B 671 12.72 -28.92 56.07
C ASN B 671 11.53 -27.94 55.77
N ILE B 672 10.31 -28.33 56.16
CA ILE B 672 9.11 -27.47 55.90
C ILE B 672 9.13 -26.08 56.59
N ALA B 673 9.89 -25.96 57.70
CA ALA B 673 10.05 -24.70 58.40
C ALA B 673 10.77 -23.67 57.52
N ASP B 674 11.52 -24.09 56.50
CA ASP B 674 12.22 -23.17 55.61
C ASP B 674 11.16 -22.36 54.83
N ILE B 675 9.96 -22.94 54.68
CA ILE B 675 8.90 -22.33 53.81
C ILE B 675 7.54 -22.07 54.46
N ALA B 676 7.33 -22.74 55.60
CA ALA B 676 6.13 -22.63 56.46
C ALA B 676 5.64 -21.21 56.59
N ASP B 677 6.57 -20.26 56.65
CA ASP B 677 6.22 -18.84 56.91
C ASP B 677 6.48 -17.92 55.74
N ASN B 678 6.81 -18.52 54.59
CA ASN B 678 6.94 -17.80 53.35
C ASN B 678 5.50 -17.46 52.87
N GLY B 679 5.18 -16.16 52.86
CA GLY B 679 3.90 -15.65 52.37
C GLY B 679 3.62 -16.13 50.95
N ASP B 680 4.62 -16.10 50.07
CA ASP B 680 4.52 -16.54 48.68
C ASP B 680 4.16 -18.05 48.61
N ALA B 681 4.75 -18.89 49.48
CA ALA B 681 4.37 -20.32 49.53
C ALA B 681 2.96 -20.60 50.00
N ASN B 682 2.59 -19.94 51.09
CA ASN B 682 1.24 -20.00 51.54
C ASN B 682 0.23 -19.54 50.47
N TYR B 683 0.53 -18.45 49.80
CA TYR B 683 -0.40 -17.89 48.84
C TYR B 683 -0.53 -18.83 47.64
N TYR B 684 0.58 -19.44 47.25
CA TYR B 684 0.61 -20.41 46.12
C TYR B 684 -0.49 -21.46 46.30
N LEU B 685 -0.56 -22.02 47.52
CA LEU B 685 -1.52 -23.06 47.82
C LEU B 685 -2.95 -22.48 48.00
N MET B 686 -3.06 -21.29 48.61
CA MET B 686 -4.36 -20.60 48.64
C MET B 686 -4.98 -20.32 47.24
N GLU B 687 -4.16 -19.83 46.31
CA GLU B 687 -4.62 -19.51 44.95
C GLU B 687 -5.00 -20.85 44.25
N ALA B 688 -4.16 -21.90 44.38
CA ALA B 688 -4.46 -23.19 43.76
C ALA B 688 -5.77 -23.76 44.32
N TYR B 689 -5.96 -23.59 45.63
CA TYR B 689 -7.13 -24.09 46.28
C TYR B 689 -8.37 -23.37 45.78
N LYS B 690 -8.31 -22.04 45.79
CA LYS B 690 -9.42 -21.23 45.27
C LYS B 690 -9.80 -21.62 43.82
N HIS B 691 -8.79 -21.93 43.03
CA HIS B 691 -9.01 -22.29 41.60
C HIS B 691 -9.33 -23.77 41.36
N LEU B 692 -9.61 -24.51 42.44
CA LEU B 692 -10.17 -25.84 42.40
C LEU B 692 -9.15 -26.89 41.94
N LYS B 693 -7.87 -26.58 42.05
CA LYS B 693 -6.82 -27.50 41.63
C LYS B 693 -6.49 -28.56 42.73
N PRO B 694 -6.19 -29.77 42.25
CA PRO B 694 -5.71 -30.84 43.18
C PRO B 694 -4.47 -30.41 43.90
N ILE B 695 -4.41 -30.71 45.21
CA ILE B 695 -3.24 -30.36 45.99
C ILE B 695 -2.85 -31.65 46.74
N ALA B 696 -1.55 -31.98 46.74
CA ALA B 696 -1.07 -33.18 47.49
C ALA B 696 -0.03 -32.75 48.52
N LEU B 697 -0.21 -33.17 49.78
CA LEU B 697 0.72 -32.78 50.86
C LEU B 697 1.27 -34.06 51.54
N ALA B 698 2.60 -34.17 51.58
CA ALA B 698 3.28 -35.40 52.13
C ALA B 698 4.00 -35.03 53.43
N GLY B 699 3.86 -35.89 54.45
CA GLY B 699 4.65 -35.78 55.65
C GLY B 699 4.40 -34.45 56.27
N ASP B 700 5.48 -33.73 56.63
CA ASP B 700 5.38 -32.41 57.32
C ASP B 700 4.76 -31.28 56.44
N ALA B 701 4.57 -31.56 55.15
CA ALA B 701 3.85 -30.59 54.29
C ALA B 701 2.41 -30.48 54.68
N ARG B 702 1.90 -31.44 55.43
CA ARG B 702 0.56 -31.33 55.95
C ARG B 702 0.38 -30.16 56.94
N LYS B 703 1.46 -29.52 57.37
CA LYS B 703 1.30 -28.27 58.15
C LYS B 703 0.57 -27.15 57.36
N PHE B 704 0.73 -27.18 56.05
CA PHE B 704 0.07 -26.24 55.15
C PHE B 704 -1.45 -26.45 55.13
N LYS B 705 -1.98 -27.59 55.61
CA LYS B 705 -3.45 -27.70 55.74
C LYS B 705 -4.11 -26.54 56.47
N ALA B 706 -3.41 -25.93 57.42
CA ALA B 706 -4.00 -24.86 58.19
C ALA B 706 -4.22 -23.57 57.36
N THR B 707 -3.42 -23.33 56.32
CA THR B 707 -3.51 -22.06 55.53
C THR B 707 -4.74 -22.08 54.63
N ILE B 708 -5.13 -23.29 54.21
CA ILE B 708 -6.31 -23.52 53.38
C ILE B 708 -7.52 -24.06 54.17
N LYS B 709 -7.38 -24.00 55.51
CA LYS B 709 -8.43 -24.37 56.47
C LYS B 709 -9.02 -25.76 56.23
N ILE B 710 -8.18 -26.78 56.08
CA ILE B 710 -8.67 -28.17 55.86
C ILE B 710 -8.81 -28.89 57.25
N ALA B 711 -9.98 -29.46 57.55
CA ALA B 711 -10.20 -30.18 58.83
C ALA B 711 -9.25 -31.38 58.95
N ASP B 712 -9.01 -31.81 60.19
CA ASP B 712 -8.00 -32.87 60.44
C ASP B 712 -8.36 -34.16 59.71
N GLN B 713 -9.63 -34.44 59.59
CA GLN B 713 -10.09 -35.64 58.89
C GLN B 713 -9.95 -35.61 57.35
N GLY B 714 -9.36 -34.53 56.82
CA GLY B 714 -9.24 -34.39 55.37
C GLY B 714 -10.46 -33.86 54.62
N GLU B 715 -10.32 -33.82 53.30
CA GLU B 715 -11.27 -33.19 52.38
C GLU B 715 -11.00 -33.80 51.01
N GLU B 716 -12.07 -34.20 50.34
CA GLU B 716 -12.04 -34.60 48.93
C GLU B 716 -11.29 -33.51 48.08
N GLY B 717 -10.23 -33.91 47.39
CA GLY B 717 -9.46 -33.02 46.52
C GLY B 717 -8.14 -32.55 47.14
N ILE B 718 -7.90 -32.89 48.41
CA ILE B 718 -6.58 -32.71 49.04
C ILE B 718 -6.03 -34.08 49.36
N VAL B 719 -4.87 -34.41 48.79
CA VAL B 719 -4.30 -35.74 49.02
C VAL B 719 -3.28 -35.58 50.10
N GLU B 720 -3.32 -36.43 51.12
CA GLU B 720 -2.34 -36.27 52.18
C GLU B 720 -1.97 -37.68 52.67
N ALA B 721 -0.71 -37.82 53.01
CA ALA B 721 -0.15 -39.06 53.57
C ALA B 721 1.19 -38.77 54.28
N ASP B 722 1.61 -39.75 55.08
CA ASP B 722 2.91 -39.74 55.68
C ASP B 722 4.06 -39.57 54.73
N SER B 723 3.97 -40.24 53.58
CA SER B 723 4.97 -40.06 52.52
C SER B 723 4.32 -40.13 51.12
N ALA B 724 5.11 -39.83 50.10
CA ALA B 724 4.64 -39.89 48.70
C ALA B 724 4.53 -41.27 48.01
N ASP B 725 4.46 -42.38 48.73
CA ASP B 725 4.29 -43.69 48.04
C ASP B 725 3.42 -43.76 46.70
N GLY B 726 3.34 -44.99 46.18
CA GLY B 726 2.48 -45.33 44.99
C GLY B 726 1.01 -44.93 45.11
N SER B 727 0.43 -45.20 46.30
CA SER B 727 -1.00 -44.85 46.58
C SER B 727 -1.36 -43.30 46.54
N PHE B 728 -0.57 -42.49 47.23
CA PHE B 728 -0.61 -41.00 47.24
C PHE B 728 -0.59 -40.46 45.81
N MET B 729 0.39 -40.90 45.02
CA MET B 729 0.44 -40.41 43.64
C MET B 729 -0.74 -40.84 42.77
N ASP B 730 -1.25 -42.07 42.96
CA ASP B 730 -2.40 -42.51 42.14
C ASP B 730 -3.66 -41.67 42.44
N GLU B 731 -3.81 -41.29 43.71
CA GLU B 731 -4.96 -40.50 44.17
C GLU B 731 -4.85 -39.14 43.49
N LEU B 732 -3.65 -38.58 43.52
CA LEU B 732 -3.40 -37.26 42.91
C LEU B 732 -3.64 -37.27 41.39
N LEU B 733 -3.10 -38.28 40.70
CA LEU B 733 -3.34 -38.44 39.25
C LEU B 733 -4.84 -38.69 38.86
N THR B 734 -5.57 -39.41 39.70
CA THR B 734 -7.03 -39.50 39.53
C THR B 734 -7.73 -38.12 39.62
N LEU B 735 -7.29 -37.29 40.58
CA LEU B 735 -7.89 -35.97 40.72
C LEU B 735 -7.56 -35.20 39.47
N MET B 736 -6.35 -35.38 38.98
CA MET B 736 -5.93 -34.62 37.80
C MET B 736 -6.73 -35.01 36.59
N ALA B 737 -7.09 -36.30 36.47
CA ALA B 737 -7.91 -36.74 35.29
C ALA B 737 -9.32 -36.14 35.33
N ALA B 738 -9.81 -35.75 36.52
CA ALA B 738 -11.07 -35.04 36.56
C ALA B 738 -10.93 -33.50 36.47
N HIS B 739 -9.70 -33.03 36.32
CA HIS B 739 -9.32 -31.63 35.98
C HIS B 739 -9.41 -30.71 37.21
N ARG B 740 -10.63 -30.48 37.71
CA ARG B 740 -10.69 -29.65 38.87
C ARG B 740 -11.65 -30.24 39.94
N VAL B 741 -11.58 -29.72 41.14
CA VAL B 741 -12.29 -30.34 42.26
C VAL B 741 -13.58 -29.52 42.45
N TRP B 742 -14.61 -29.85 41.67
CA TRP B 742 -15.82 -29.03 41.64
C TRP B 742 -16.56 -28.96 42.98
N SER B 743 -16.41 -30.01 43.75
CA SER B 743 -17.06 -30.08 45.06
C SER B 743 -16.51 -29.08 46.05
N ARG B 744 -15.34 -28.48 45.78
CA ARG B 744 -14.75 -27.47 46.67
C ARG B 744 -15.42 -26.08 46.53
N ILE B 745 -16.30 -25.91 45.53
CA ILE B 745 -16.80 -24.58 45.24
C ILE B 745 -17.47 -23.87 46.44
N PRO B 746 -18.31 -24.60 47.21
CA PRO B 746 -18.84 -23.93 48.42
C PRO B 746 -17.80 -23.49 49.46
N LYS B 747 -16.61 -24.07 49.47
CA LYS B 747 -15.63 -23.71 50.51
C LYS B 747 -14.73 -22.55 50.12
N ILE B 748 -14.67 -22.22 48.83
CA ILE B 748 -13.71 -21.21 48.43
C ILE B 748 -14.10 -19.77 48.81
N ASP B 749 -15.40 -19.48 48.95
CA ASP B 749 -15.88 -18.11 49.28
C ASP B 749 -15.26 -17.48 50.56
N LYS B 750 -14.79 -18.34 51.47
CA LYS B 750 -14.30 -17.92 52.79
C LYS B 750 -12.81 -17.55 52.73
N ILE B 751 -12.07 -18.23 51.86
CA ILE B 751 -10.64 -18.02 51.78
C ILE B 751 -10.35 -16.63 51.18
N PRO B 752 -9.52 -15.84 51.88
CA PRO B 752 -9.13 -14.60 51.20
C PRO B 752 -7.94 -14.83 50.23
N ALA B 753 -8.24 -15.06 48.95
CA ALA B 753 -7.22 -15.28 47.90
C ALA B 753 -7.71 -14.64 46.58
N SER C 28 -36.99 4.84 18.50
CA SER C 28 -37.17 4.88 19.98
C SER C 28 -36.39 3.82 20.83
N LEU C 29 -35.08 3.60 20.56
CA LEU C 29 -34.33 2.64 21.37
C LEU C 29 -33.69 3.18 22.66
N ALA C 30 -33.43 4.48 22.72
CA ALA C 30 -32.93 5.13 23.93
C ALA C 30 -33.96 5.03 25.07
N PRO C 31 -33.50 4.89 26.30
CA PRO C 31 -34.43 4.91 27.43
C PRO C 31 -35.13 6.28 27.53
N GLU C 32 -36.41 6.22 27.95
CA GLU C 32 -37.22 7.42 28.12
C GLU C 32 -36.57 8.48 29.09
N ASP C 33 -35.81 8.04 30.08
CA ASP C 33 -35.22 8.99 31.04
C ASP C 33 -33.91 9.67 30.62
N GLY C 34 -33.42 9.40 29.41
CA GLY C 34 -32.22 10.08 28.90
C GLY C 34 -30.93 9.54 29.53
N SER C 35 -31.01 8.42 30.26
CA SER C 35 -29.83 7.98 31.01
C SER C 35 -28.73 7.33 30.14
N HIS C 36 -29.00 7.27 28.83
CA HIS C 36 -28.01 6.77 27.86
C HIS C 36 -26.96 7.83 27.61
N ARG C 37 -27.26 9.10 27.84
CA ARG C 37 -26.38 10.20 27.36
C ARG C 37 -25.56 10.77 28.52
N PRO C 38 -24.20 10.78 28.44
CA PRO C 38 -23.37 11.34 29.50
C PRO C 38 -23.60 12.88 29.63
N ALA C 39 -23.63 13.36 30.89
CA ALA C 39 -23.66 14.80 31.15
C ALA C 39 -22.49 15.49 30.45
N ALA C 40 -22.75 16.60 29.77
CA ALA C 40 -21.81 17.40 29.04
C ALA C 40 -21.21 18.42 29.98
N GLU C 41 -20.60 17.95 31.04
CA GLU C 41 -20.02 18.77 32.07
C GLU C 41 -18.99 17.91 32.83
N PRO C 42 -18.05 18.52 33.53
CA PRO C 42 -17.08 17.66 34.32
C PRO C 42 -17.68 16.80 35.36
N THR C 43 -17.32 15.53 35.35
CA THR C 43 -17.86 14.56 36.32
C THR C 43 -16.74 13.62 36.77
N PRO C 44 -16.81 13.09 37.98
CA PRO C 44 -15.69 12.32 38.47
C PRO C 44 -15.67 10.88 37.91
N PRO C 45 -14.53 10.16 38.01
CA PRO C 45 -14.45 8.87 37.31
C PRO C 45 -15.57 7.95 37.80
N GLY C 46 -16.19 7.32 36.82
CA GLY C 46 -17.26 6.36 37.13
C GLY C 46 -18.66 6.92 37.23
N ALA C 47 -18.80 8.23 37.29
CA ALA C 47 -20.11 8.82 37.51
C ALA C 47 -21.02 8.76 36.26
N GLN C 48 -20.43 8.73 35.07
CA GLN C 48 -21.21 8.80 33.85
C GLN C 48 -20.37 7.96 32.87
N PRO C 49 -21.01 7.47 31.81
CA PRO C 49 -20.17 6.81 30.81
C PRO C 49 -19.29 7.87 30.18
N THR C 50 -18.15 7.42 29.67
CA THR C 50 -17.25 8.33 28.95
C THR C 50 -17.77 8.59 27.59
N ALA C 51 -17.28 9.68 27.00
CA ALA C 51 -17.77 10.12 25.69
C ALA C 51 -16.72 10.81 24.83
N PRO C 52 -16.95 10.89 23.52
CA PRO C 52 -16.06 11.70 22.68
C PRO C 52 -15.86 13.08 23.24
N GLY C 53 -14.69 13.64 23.10
CA GLY C 53 -14.33 14.94 23.78
C GLY C 53 -15.18 16.10 23.37
N SER C 54 -15.54 16.19 22.09
CA SER C 54 -16.33 17.38 21.67
C SER C 54 -17.79 17.26 22.18
N LEU C 55 -18.25 16.04 22.56
CA LEU C 55 -19.60 15.86 23.15
C LEU C 55 -19.51 16.07 24.67
N LYS C 56 -18.41 15.61 25.30
CA LYS C 56 -18.30 15.72 26.78
C LYS C 56 -18.02 17.15 27.16
N ALA C 57 -17.20 17.85 26.39
CA ALA C 57 -16.69 19.19 26.73
C ALA C 57 -16.81 20.14 25.56
N PRO C 58 -18.07 20.44 25.12
CA PRO C 58 -18.26 21.24 23.92
C PRO C 58 -17.64 22.65 24.11
N ASP C 59 -17.55 23.15 25.33
CA ASP C 59 -17.01 24.48 25.50
C ASP C 59 -15.51 24.63 25.42
N THR C 60 -14.79 23.51 25.46
CA THR C 60 -13.37 23.61 25.48
C THR C 60 -12.86 23.80 24.05
N ARG C 61 -11.96 24.73 23.90
CA ARG C 61 -11.47 25.03 22.53
C ARG C 61 -10.04 25.44 22.50
N ASN C 62 -9.42 25.31 21.31
CA ASN C 62 -8.15 25.98 21.05
C ASN C 62 -8.03 26.02 19.52
N GLU C 63 -7.00 26.63 18.98
CA GLU C 63 -6.96 26.91 17.57
C GLU C 63 -6.92 25.60 16.70
N LYS C 64 -6.23 24.56 17.20
CA LYS C 64 -6.23 23.30 16.49
C LYS C 64 -7.57 22.55 16.58
N LEU C 65 -8.18 22.54 17.77
CA LEU C 65 -9.53 21.92 17.85
C LEU C 65 -10.51 22.65 16.96
N ASN C 66 -10.38 23.97 16.83
CA ASN C 66 -11.32 24.71 15.95
C ASN C 66 -11.08 24.41 14.50
N SER C 67 -9.79 24.23 14.12
CA SER C 67 -9.48 23.91 12.74
C SER C 67 -9.90 22.51 12.37
N LEU C 68 -10.12 21.63 13.34
CA LEU C 68 -10.63 20.28 12.96
C LEU C 68 -12.12 20.23 12.74
N GLU C 69 -12.83 21.33 12.94
CA GLU C 69 -14.29 21.24 12.84
C GLU C 69 -14.74 20.87 11.45
N ASP C 70 -14.01 21.26 10.43
CA ASP C 70 -14.40 20.95 9.05
C ASP C 70 -14.42 19.46 8.70
N VAL C 71 -13.76 18.62 9.51
CA VAL C 71 -13.88 17.22 9.28
C VAL C 71 -14.65 16.49 10.36
N ARG C 72 -15.13 17.15 11.41
CA ARG C 72 -15.94 16.43 12.36
C ARG C 72 -17.32 16.07 11.81
N LYS C 73 -17.72 14.84 12.02
CA LYS C 73 -19.04 14.37 11.49
C LYS C 73 -19.94 14.02 12.68
N GLY C 74 -21.15 14.54 12.61
CA GLY C 74 -22.24 14.32 13.59
C GLY C 74 -22.99 13.07 13.15
N SER C 75 -24.21 12.94 13.63
CA SER C 75 -24.98 11.71 13.51
C SER C 75 -26.43 11.89 13.84
N GLU C 76 -26.77 12.64 14.89
CA GLU C 76 -28.19 12.74 15.31
C GLU C 76 -28.99 13.38 14.28
N ASN C 77 -30.11 12.70 14.01
CA ASN C 77 -31.11 13.14 13.09
C ASN C 77 -30.79 12.94 11.64
N TYR C 78 -29.64 12.30 11.31
CA TYR C 78 -29.30 12.03 9.94
C TYR C 78 -29.72 10.62 9.50
N ALA C 79 -29.99 10.52 8.20
CA ALA C 79 -30.27 9.16 7.70
C ALA C 79 -28.97 8.36 7.54
N LEU C 80 -29.12 7.04 7.64
CA LEU C 80 -28.00 6.12 7.35
C LEU C 80 -27.86 5.98 5.85
N THR C 81 -26.62 6.13 5.39
CA THR C 81 -26.33 6.10 3.95
C THR C 81 -25.13 5.24 3.63
N THR C 82 -25.04 4.98 2.30
CA THR C 82 -23.71 4.50 1.82
C THR C 82 -22.69 5.65 1.90
N ASN C 83 -21.45 5.28 1.61
CA ASN C 83 -20.44 6.36 1.46
C ASN C 83 -20.65 7.23 0.25
N GLN C 84 -21.51 6.84 -0.69
CA GLN C 84 -21.85 7.70 -1.80
C GLN C 84 -23.11 8.52 -1.60
N GLY C 85 -23.66 8.52 -0.35
CA GLY C 85 -24.78 9.31 0.06
C GLY C 85 -26.13 8.69 -0.23
N VAL C 86 -26.18 7.42 -0.66
CA VAL C 86 -27.50 6.77 -0.93
C VAL C 86 -28.08 6.27 0.38
N ARG C 87 -29.34 6.67 0.66
CA ARG C 87 -30.00 6.26 1.87
C ARG C 87 -30.31 4.74 1.82
N ILE C 88 -30.05 4.12 2.95
CA ILE C 88 -30.22 2.66 3.15
C ILE C 88 -31.62 2.45 3.80
N ALA C 89 -32.38 1.52 3.23
CA ALA C 89 -33.71 1.16 3.80
C ALA C 89 -33.61 -0.01 4.80
N ASP C 90 -32.81 -1.01 4.45
CA ASP C 90 -32.70 -2.18 5.34
C ASP C 90 -31.23 -2.48 5.61
N ASP C 91 -30.76 -2.12 6.81
CA ASP C 91 -29.34 -2.44 7.19
C ASP C 91 -29.22 -3.70 8.01
N GLN C 92 -30.23 -4.59 7.93
CA GLN C 92 -30.17 -5.85 8.70
C GLN C 92 -30.02 -7.08 7.76
N ASN C 93 -30.10 -6.92 6.44
CA ASN C 93 -30.16 -8.09 5.56
C ASN C 93 -29.38 -7.90 4.30
N SER C 94 -28.74 -8.97 3.86
CA SER C 94 -28.22 -8.99 2.46
C SER C 94 -29.33 -9.20 1.45
N LEU C 95 -29.04 -8.83 0.19
CA LEU C 95 -29.97 -9.09 -0.92
C LEU C 95 -29.78 -10.54 -1.40
N ARG C 96 -30.86 -11.27 -1.38
CA ARG C 96 -30.81 -12.65 -1.82
C ARG C 96 -31.94 -13.01 -2.71
N ALA C 97 -31.78 -14.15 -3.38
CA ALA C 97 -32.89 -14.62 -4.26
C ALA C 97 -33.78 -15.53 -3.46
N GLY C 98 -34.84 -14.95 -2.86
CA GLY C 98 -35.70 -15.60 -1.92
C GLY C 98 -35.13 -15.42 -0.53
N SER C 99 -36.00 -15.46 0.50
CA SER C 99 -35.48 -15.15 1.82
C SER C 99 -34.59 -16.27 2.43
N ARG C 100 -34.54 -17.47 1.82
CA ARG C 100 -33.55 -18.48 2.20
C ARG C 100 -32.63 -18.77 1.02
N GLY C 101 -32.44 -17.82 0.10
CA GLY C 101 -31.59 -18.13 -1.08
C GLY C 101 -30.19 -17.50 -0.99
N PRO C 102 -29.48 -17.61 -2.09
CA PRO C 102 -28.08 -17.18 -2.14
C PRO C 102 -27.99 -15.63 -2.18
N THR C 103 -26.92 -15.09 -1.61
CA THR C 103 -26.65 -13.67 -1.67
C THR C 103 -26.22 -13.29 -3.03
N LEU C 104 -26.75 -12.13 -3.53
CA LEU C 104 -26.49 -11.72 -4.93
C LEU C 104 -25.28 -10.74 -4.99
N LEU C 105 -24.50 -10.89 -6.04
CA LEU C 105 -23.31 -10.01 -6.26
C LEU C 105 -23.75 -8.58 -6.44
N GLU C 106 -25.00 -8.35 -6.92
CA GLU C 106 -25.43 -6.96 -7.11
C GLU C 106 -25.72 -6.16 -5.81
N ASP C 107 -25.55 -6.82 -4.69
CA ASP C 107 -25.72 -6.11 -3.41
C ASP C 107 -24.50 -5.21 -3.11
N PHE C 108 -24.61 -3.98 -3.67
CA PHE C 108 -23.55 -3.02 -3.49
C PHE C 108 -23.55 -2.45 -2.07
N ILE C 109 -24.69 -2.44 -1.38
CA ILE C 109 -24.73 -1.88 -0.04
C ILE C 109 -23.92 -2.81 0.89
N LEU C 110 -24.18 -4.13 0.82
CA LEU C 110 -23.44 -5.12 1.66
C LEU C 110 -21.96 -5.01 1.25
N ARG C 111 -21.64 -4.99 -0.07
CA ARG C 111 -20.17 -5.08 -0.41
C ARG C 111 -19.44 -3.77 0.01
N GLU C 112 -20.08 -2.59 -0.11
CA GLU C 112 -19.35 -1.42 0.38
C GLU C 112 -19.12 -1.49 1.87
N LYS C 113 -20.14 -1.89 2.62
CA LYS C 113 -19.99 -1.90 4.09
C LYS C 113 -18.91 -2.97 4.49
N ILE C 114 -18.97 -4.18 3.88
CA ILE C 114 -17.94 -5.23 4.24
C ILE C 114 -16.57 -4.85 3.72
N THR C 115 -16.51 -4.20 2.57
CA THR C 115 -15.14 -3.78 2.04
C THR C 115 -14.55 -2.80 3.03
N HIS C 116 -15.34 -1.83 3.45
CA HIS C 116 -14.71 -0.85 4.39
C HIS C 116 -14.21 -1.52 5.66
N PHE C 117 -15.07 -2.43 6.24
CA PHE C 117 -14.69 -3.15 7.38
C PHE C 117 -13.38 -3.98 7.14
N ASP C 118 -13.33 -4.64 5.98
CA ASP C 118 -12.19 -5.51 5.63
C ASP C 118 -10.85 -4.76 5.57
N HIS C 119 -10.92 -3.43 5.42
CA HIS C 119 -9.65 -2.61 5.30
C HIS C 119 -9.50 -1.62 6.35
N GLU C 120 -10.10 -1.90 7.52
CA GLU C 120 -10.04 -0.93 8.63
C GLU C 120 -8.69 -0.75 9.21
N ARG C 121 -7.85 -1.77 9.14
CA ARG C 121 -6.62 -1.72 9.93
C ARG C 121 -5.45 -1.19 9.17
N ILE C 122 -4.60 -0.39 9.85
CA ILE C 122 -3.35 0.05 9.27
C ILE C 122 -2.18 -0.49 10.11
N PRO C 123 -0.94 -0.50 9.54
CA PRO C 123 0.18 -1.01 10.31
C PRO C 123 0.31 -0.23 11.62
N GLU C 124 0.60 -0.92 12.72
CA GLU C 124 0.86 -0.18 13.98
C GLU C 124 2.30 0.38 13.92
N ARG C 125 2.57 1.32 14.80
CA ARG C 125 3.92 1.90 14.86
C ARG C 125 4.95 0.82 15.18
N ILE C 126 6.16 0.93 14.62
CA ILE C 126 7.17 -0.18 14.79
C ILE C 126 7.52 -0.28 16.26
N VAL C 127 7.64 0.87 16.93
CA VAL C 127 7.80 0.92 18.41
C VAL C 127 6.79 1.95 18.91
N HIS C 128 6.51 1.90 20.20
CA HIS C 128 5.50 2.78 20.79
C HIS C 128 4.12 2.57 20.23
N ALA C 129 3.83 1.34 19.76
CA ALA C 129 2.50 1.06 19.22
C ALA C 129 1.34 1.30 20.20
N ARG C 130 1.58 1.07 21.49
CA ARG C 130 0.53 1.25 22.51
C ARG C 130 0.67 2.68 23.05
N GLY C 131 -0.38 3.47 22.82
CA GLY C 131 -0.32 4.82 23.35
C GLY C 131 -1.67 5.48 23.49
N SER C 132 -1.67 6.56 24.30
CA SER C 132 -2.93 7.24 24.69
C SER C 132 -2.65 8.75 24.59
N ALA C 133 -3.64 9.48 24.03
CA ALA C 133 -3.39 10.86 23.67
C ALA C 133 -4.49 11.84 24.03
N ALA C 134 -4.11 13.12 24.15
CA ALA C 134 -5.08 14.14 24.44
C ALA C 134 -4.63 15.46 23.81
N HIS C 135 -5.61 16.34 23.61
CA HIS C 135 -5.35 17.74 23.16
C HIS C 135 -5.13 18.65 24.38
N GLY C 136 -4.43 19.75 24.13
CA GLY C 136 -4.24 20.71 25.23
C GLY C 136 -3.60 21.98 24.66
N TYR C 137 -2.96 22.73 25.58
CA TYR C 137 -2.36 23.97 25.16
C TYR C 137 -1.08 24.22 26.04
N PHE C 138 -0.23 25.02 25.46
CA PHE C 138 1.03 25.42 26.09
C PHE C 138 1.14 26.95 26.02
N GLN C 139 1.73 27.51 27.12
CA GLN C 139 2.06 28.93 27.14
C GLN C 139 3.39 29.11 27.88
N PRO C 140 4.27 29.99 27.42
CA PRO C 140 5.52 30.19 28.16
C PRO C 140 5.28 31.18 29.25
N TYR C 141 6.14 31.11 30.26
CA TYR C 141 6.01 32.07 31.37
C TYR C 141 6.51 33.45 31.00
N LYS C 142 7.58 33.54 30.21
CA LYS C 142 8.08 34.80 29.72
C LYS C 142 8.72 34.59 28.35
N SER C 143 8.99 35.67 27.62
CA SER C 143 9.62 35.56 26.36
C SER C 143 11.04 35.07 26.54
N LEU C 144 11.47 34.18 25.67
CA LEU C 144 12.83 33.63 25.70
C LEU C 144 13.58 34.17 24.51
N SER C 145 13.18 35.34 23.98
CA SER C 145 13.87 35.87 22.81
C SER C 145 15.42 36.07 23.01
N ASP C 146 15.89 36.22 24.27
CA ASP C 146 17.34 36.36 24.46
C ASP C 146 18.15 35.08 24.11
N ILE C 147 17.49 33.92 24.09
CA ILE C 147 18.18 32.67 23.80
C ILE C 147 17.63 31.88 22.63
N THR C 148 16.40 32.20 22.21
CA THR C 148 15.84 31.46 21.04
C THR C 148 14.92 32.38 20.32
N LYS C 149 15.01 32.34 18.99
CA LYS C 149 13.98 33.03 18.19
C LYS C 149 12.71 32.22 17.86
N ALA C 150 12.55 31.12 18.55
CA ALA C 150 11.36 30.26 18.30
C ALA C 150 10.11 31.06 18.65
N ASP C 151 9.19 31.18 17.70
CA ASP C 151 7.98 32.01 17.89
C ASP C 151 7.12 31.61 19.06
N PHE C 152 6.98 30.31 19.23
CA PHE C 152 6.09 29.82 20.30
C PHE C 152 6.56 30.14 21.69
N LEU C 153 7.86 30.47 21.81
CA LEU C 153 8.44 30.87 23.12
C LEU C 153 8.70 32.38 23.16
N SER C 154 8.03 33.16 22.31
CA SER C 154 8.45 34.59 22.24
C SER C 154 7.58 35.54 23.06
N ASP C 155 6.48 35.06 23.62
CA ASP C 155 5.49 35.98 24.20
C ASP C 155 4.70 35.18 25.18
N PRO C 156 4.66 35.61 26.46
CA PRO C 156 3.88 34.87 27.45
C PRO C 156 2.35 34.87 27.16
N ASN C 157 1.84 35.74 26.27
CA ASN C 157 0.40 35.67 25.94
C ASN C 157 0.17 34.74 24.77
N LYS C 158 1.21 34.18 24.18
CA LYS C 158 1.01 33.38 22.95
C LYS C 158 0.76 31.94 23.38
N ILE C 159 -0.42 31.49 23.01
CA ILE C 159 -0.81 30.19 23.44
C ILE C 159 -0.71 29.26 22.19
N THR C 160 -0.09 28.09 22.40
CA THR C 160 0.15 27.13 21.26
C THR C 160 -0.67 25.90 21.55
N PRO C 161 -1.58 25.50 20.65
CA PRO C 161 -2.23 24.18 20.88
C PRO C 161 -1.20 23.07 20.84
N VAL C 162 -1.54 22.02 21.58
CA VAL C 162 -0.71 20.77 21.54
C VAL C 162 -1.56 19.58 21.38
N PHE C 163 -0.88 18.53 20.87
CA PHE C 163 -1.51 17.18 20.97
C PHE C 163 -0.41 16.27 21.52
N VAL C 164 -0.69 15.51 22.59
CA VAL C 164 0.36 14.74 23.27
C VAL C 164 -0.04 13.26 23.23
N ARG C 165 0.89 12.37 22.88
CA ARG C 165 0.59 10.94 22.99
C ARG C 165 1.68 10.37 23.94
N PHE C 166 1.21 9.65 24.92
CA PHE C 166 2.05 8.86 25.89
C PHE C 166 2.01 7.41 25.44
N SER C 167 3.06 6.63 25.73
CA SER C 167 3.07 5.28 25.16
C SER C 167 3.98 4.41 26.00
N THR C 168 3.88 3.14 25.72
CA THR C 168 5.01 2.19 26.07
C THR C 168 5.88 2.01 24.81
N VAL C 169 6.90 1.19 24.85
CA VAL C 169 7.82 1.06 23.69
C VAL C 169 7.64 -0.30 23.03
N GLN C 170 7.59 -1.41 23.85
CA GLN C 170 7.80 -2.70 23.22
C GLN C 170 6.51 -3.30 22.66
N GLY C 171 5.42 -3.21 23.45
CA GLY C 171 4.21 -3.99 23.12
C GLY C 171 3.44 -3.49 21.90
N GLY C 172 2.57 -4.35 21.38
CA GLY C 172 1.72 -3.87 20.27
C GLY C 172 0.61 -3.00 20.78
N ALA C 173 -0.19 -2.49 19.84
CA ALA C 173 -1.28 -1.60 20.16
C ALA C 173 -2.29 -2.17 21.08
N GLY C 174 -2.41 -3.51 21.14
CA GLY C 174 -3.41 -4.15 21.99
C GLY C 174 -2.76 -4.76 23.25
N SER C 175 -1.48 -4.37 23.54
CA SER C 175 -0.82 -4.83 24.79
C SER C 175 -1.24 -4.00 25.99
N ALA C 176 -0.75 -4.38 27.16
CA ALA C 176 -1.26 -3.74 28.40
C ALA C 176 -0.52 -2.45 28.75
N ASP C 177 -1.18 -1.58 29.51
CA ASP C 177 -0.59 -0.30 29.88
C ASP C 177 0.49 -0.40 31.03
N THR C 178 0.25 -1.17 32.08
CA THR C 178 1.15 -1.09 33.26
C THR C 178 2.23 -2.15 33.29
N VAL C 179 2.80 -2.36 32.12
CA VAL C 179 4.00 -3.18 31.98
C VAL C 179 5.19 -2.47 32.59
N ARG C 180 6.27 -3.25 32.84
CA ARG C 180 7.55 -2.58 33.06
C ARG C 180 8.19 -2.20 31.71
N ASP C 181 8.40 -0.91 31.50
CA ASP C 181 8.92 -0.49 30.17
C ASP C 181 9.32 0.99 30.34
N ILE C 182 10.04 1.50 29.35
CA ILE C 182 10.25 2.94 29.17
C ILE C 182 8.89 3.47 28.63
N ARG C 183 8.55 4.70 28.94
CA ARG C 183 7.37 5.31 28.37
C ARG C 183 7.77 6.42 27.42
N GLY C 184 7.05 6.56 26.30
CA GLY C 184 7.17 7.71 25.47
C GLY C 184 6.26 8.86 25.89
N PHE C 185 6.75 10.08 25.55
CA PHE C 185 6.04 11.35 25.83
C PHE C 185 6.30 12.25 24.68
N ALA C 186 5.35 12.25 23.75
CA ALA C 186 5.53 12.98 22.48
C ALA C 186 4.53 14.10 22.39
N THR C 187 5.04 15.30 22.11
CA THR C 187 4.19 16.57 22.09
C THR C 187 4.31 17.17 20.75
N LYS C 188 3.18 17.38 20.05
CA LYS C 188 3.11 18.19 18.84
C LYS C 188 2.60 19.56 19.18
N PHE C 189 3.50 20.54 18.94
CA PHE C 189 3.17 21.97 19.08
C PHE C 189 2.78 22.54 17.78
N TYR C 190 1.56 23.05 17.70
CA TYR C 190 1.12 23.62 16.48
C TYR C 190 1.40 25.12 16.53
N THR C 191 2.63 25.49 16.08
CA THR C 191 3.07 26.88 16.22
C THR C 191 2.75 27.68 14.99
N GLU C 192 2.89 29.00 15.15
CA GLU C 192 2.63 29.91 14.05
C GLU C 192 3.70 29.87 12.94
N GLU C 193 4.81 29.20 13.25
CA GLU C 193 5.96 29.08 12.30
C GLU C 193 6.25 27.62 11.98
N GLY C 194 5.28 26.75 12.21
CA GLY C 194 5.48 25.35 11.83
C GLY C 194 5.20 24.45 13.02
N ILE C 195 5.06 23.16 12.71
CA ILE C 195 4.90 22.10 13.74
C ILE C 195 6.24 21.80 14.31
N PHE C 196 6.29 21.87 15.64
CA PHE C 196 7.47 21.40 16.40
C PHE C 196 7.02 20.17 17.17
N ASP C 197 7.66 19.03 16.91
CA ASP C 197 7.38 17.80 17.70
C ASP C 197 8.56 17.55 18.69
N LEU C 198 8.22 17.50 19.97
CA LEU C 198 9.20 17.13 21.01
C LEU C 198 8.90 15.70 21.35
N VAL C 199 9.76 14.80 20.87
CA VAL C 199 9.40 13.36 20.91
C VAL C 199 10.34 12.75 21.97
N GLY C 200 9.86 12.63 23.21
CA GLY C 200 10.71 12.26 24.32
C GLY C 200 10.28 11.00 25.02
N ASN C 201 11.03 10.62 26.08
CA ASN C 201 10.70 9.47 26.89
C ASN C 201 10.60 9.90 28.35
N ASN C 202 10.31 8.97 29.25
CA ASN C 202 10.22 9.33 30.68
C ASN C 202 11.47 8.99 31.46
N THR C 203 12.58 8.80 30.74
CA THR C 203 13.91 8.77 31.38
C THR C 203 14.82 9.65 30.60
N PRO C 204 15.95 10.08 31.17
CA PRO C 204 16.74 11.14 30.52
C PRO C 204 17.80 10.68 29.55
N ILE C 205 17.83 9.38 29.34
CA ILE C 205 18.85 8.80 28.44
C ILE C 205 18.17 7.70 27.65
N PHE C 206 18.93 7.18 26.70
CA PHE C 206 18.40 6.01 25.98
C PHE C 206 19.37 4.85 26.18
N PHE C 207 19.02 3.66 25.66
CA PHE C 207 19.82 2.46 25.86
C PHE C 207 21.04 2.43 24.96
N ILE C 208 21.03 3.09 23.79
CA ILE C 208 22.15 2.85 22.89
C ILE C 208 22.67 4.22 22.44
N GLN C 209 23.87 4.20 21.85
CA GLN C 209 24.60 5.42 21.45
C GLN C 209 24.40 5.80 19.97
N ASP C 210 24.33 4.83 19.05
CA ASP C 210 24.35 5.14 17.62
C ASP C 210 23.10 4.54 17.01
N ALA C 211 22.38 5.32 16.18
CA ALA C 211 21.13 4.79 15.60
C ALA C 211 21.29 3.53 14.75
N HIS C 212 22.52 3.26 14.26
CA HIS C 212 22.69 2.06 13.47
C HIS C 212 22.32 0.77 14.28
N LYS C 213 22.47 0.84 15.60
CA LYS C 213 22.10 -0.28 16.44
C LYS C 213 20.64 -0.32 16.84
N PHE C 214 19.84 0.68 16.40
CA PHE C 214 18.47 0.62 16.92
C PHE C 214 17.70 -0.66 16.54
N PRO C 215 17.81 -1.12 15.29
CA PRO C 215 17.05 -2.35 14.97
C PRO C 215 17.55 -3.55 15.78
N ASP C 216 18.84 -3.60 16.12
CA ASP C 216 19.33 -4.69 16.91
C ASP C 216 18.78 -4.63 18.32
N PHE C 217 18.85 -3.47 18.96
CA PHE C 217 18.32 -3.34 20.28
C PHE C 217 16.80 -3.61 20.26
N VAL C 218 16.08 -3.01 19.35
CA VAL C 218 14.61 -3.21 19.41
C VAL C 218 14.26 -4.68 19.11
N HIS C 219 14.94 -5.34 18.18
CA HIS C 219 14.68 -6.75 17.95
C HIS C 219 15.00 -7.54 19.23
N ALA C 220 16.07 -7.22 19.94
CA ALA C 220 16.30 -7.98 21.20
C ALA C 220 15.24 -7.79 22.26
N VAL C 221 14.63 -6.59 22.38
CA VAL C 221 13.63 -6.40 23.47
C VAL C 221 12.25 -6.94 23.09
N LYS C 222 11.98 -6.87 21.79
CA LYS C 222 10.68 -7.31 21.15
C LYS C 222 10.49 -8.81 21.35
N PRO C 223 9.27 -9.28 21.09
CA PRO C 223 8.99 -10.74 21.22
C PRO C 223 9.95 -11.51 20.32
N GLU C 224 10.52 -12.63 20.78
CA GLU C 224 11.58 -13.35 19.97
C GLU C 224 10.98 -13.94 18.73
N PRO C 225 11.73 -14.06 17.64
CA PRO C 225 11.16 -14.13 16.29
C PRO C 225 10.60 -15.52 16.01
N HIS C 226 10.99 -16.59 16.73
CA HIS C 226 10.38 -17.92 16.41
C HIS C 226 8.93 -17.93 16.80
N TRP C 227 8.67 -17.57 18.06
CA TRP C 227 7.35 -17.84 18.62
C TRP C 227 6.56 -16.55 18.98
N ALA C 228 7.18 -15.37 18.83
CA ALA C 228 6.56 -14.06 19.13
C ALA C 228 6.08 -14.00 20.58
N ILE C 229 7.01 -14.38 21.47
CA ILE C 229 6.83 -14.22 22.93
C ILE C 229 8.09 -13.57 23.45
N PRO C 230 7.98 -12.73 24.49
CA PRO C 230 6.80 -12.29 25.30
C PRO C 230 6.36 -10.94 24.91
N GLN C 231 5.12 -10.67 25.19
CA GLN C 231 4.56 -9.35 24.81
C GLN C 231 4.71 -8.40 25.97
N GLY C 232 5.21 -7.20 25.68
CA GLY C 232 5.21 -6.13 26.74
C GLY C 232 6.22 -6.40 27.83
N GLN C 233 7.27 -7.19 27.56
CA GLN C 233 8.19 -7.62 28.62
C GLN C 233 9.62 -7.64 28.08
N SER C 234 10.55 -7.15 28.93
CA SER C 234 11.97 -7.33 28.62
C SER C 234 12.53 -8.55 29.32
N ALA C 235 11.71 -9.27 30.07
CA ALA C 235 12.17 -10.42 30.85
C ALA C 235 12.29 -11.66 30.00
N HIS C 236 13.26 -11.66 29.09
CA HIS C 236 13.50 -12.81 28.27
C HIS C 236 14.91 -12.81 27.75
N ASP C 237 15.42 -13.99 27.30
CA ASP C 237 16.86 -14.19 27.00
C ASP C 237 17.47 -13.20 25.99
N THR C 238 16.77 -12.89 24.93
CA THR C 238 17.47 -12.05 23.90
C THR C 238 17.72 -10.64 24.45
N PHE C 239 16.80 -10.08 25.24
CA PHE C 239 17.03 -8.73 25.73
C PHE C 239 18.30 -8.70 26.60
N TRP C 240 18.35 -9.64 27.54
CA TRP C 240 19.47 -9.66 28.48
C TRP C 240 20.77 -10.14 27.81
N ASP C 241 20.68 -10.95 26.72
CA ASP C 241 21.83 -11.29 25.91
C ASP C 241 22.45 -9.98 25.37
N TYR C 242 21.58 -9.15 24.75
CA TYR C 242 22.11 -7.93 24.14
C TYR C 242 22.69 -7.04 25.21
N VAL C 243 21.96 -6.80 26.29
CA VAL C 243 22.47 -5.92 27.39
C VAL C 243 23.87 -6.40 27.87
N SER C 244 23.98 -7.72 28.10
CA SER C 244 25.25 -8.28 28.65
C SER C 244 26.40 -8.08 27.72
N LEU C 245 26.12 -7.91 26.41
CA LEU C 245 27.16 -7.75 25.38
C LEU C 245 27.36 -6.26 25.02
N GLN C 246 26.47 -5.39 25.54
CA GLN C 246 26.45 -4.00 25.11
C GLN C 246 26.33 -3.13 26.36
N PRO C 247 27.46 -2.95 27.10
CA PRO C 247 27.27 -2.25 28.40
C PRO C 247 26.80 -0.80 28.30
N GLU C 248 26.82 -0.19 27.11
CA GLU C 248 26.24 1.17 26.99
C GLU C 248 24.76 1.16 27.39
N THR C 249 24.10 -0.03 27.38
CA THR C 249 22.68 -0.08 27.69
C THR C 249 22.43 0.00 29.19
N LEU C 250 23.48 -0.17 30.03
CA LEU C 250 23.15 -0.38 31.43
C LEU C 250 22.54 0.81 32.13
N HIS C 251 22.83 2.03 31.69
CA HIS C 251 22.25 3.16 32.35
C HIS C 251 20.69 3.13 32.20
N ASN C 252 20.22 3.08 30.98
CA ASN C 252 18.75 3.11 30.81
C ASN C 252 18.17 1.80 31.35
N VAL C 253 18.94 0.71 31.34
CA VAL C 253 18.38 -0.50 31.99
C VAL C 253 18.19 -0.32 33.53
N MET C 254 19.08 0.42 34.19
CA MET C 254 18.90 0.69 35.60
C MET C 254 17.58 1.45 35.86
N TRP C 255 17.30 2.44 34.98
CA TRP C 255 16.05 3.19 35.10
C TRP C 255 14.87 2.29 34.90
N ALA C 256 14.90 1.47 33.83
CA ALA C 256 13.82 0.55 33.60
C ALA C 256 13.55 -0.42 34.74
N MET C 257 14.61 -0.91 35.43
CA MET C 257 14.43 -1.86 36.53
C MET C 257 13.92 -1.16 37.81
N SER C 258 14.06 0.15 37.86
CA SER C 258 13.59 0.91 39.00
C SER C 258 12.10 1.10 38.87
N ASP C 259 11.49 1.63 39.88
CA ASP C 259 10.08 1.94 39.76
C ASP C 259 9.77 3.00 38.72
N ARG C 260 10.75 3.72 38.18
CA ARG C 260 10.46 4.52 36.96
C ARG C 260 9.83 3.70 35.83
N GLY C 261 10.11 2.42 35.78
CA GLY C 261 9.57 1.46 34.77
C GLY C 261 8.11 1.20 34.91
N ILE C 262 7.46 1.62 35.99
CA ILE C 262 6.02 1.28 36.25
C ILE C 262 5.32 2.49 36.85
N PRO C 263 5.20 3.60 36.06
CA PRO C 263 4.51 4.81 36.59
C PRO C 263 3.08 4.55 37.01
N ARG C 264 2.64 5.32 38.02
CA ARG C 264 1.26 5.23 38.45
C ARG C 264 0.31 5.77 37.39
N SER C 265 0.72 6.79 36.65
CA SER C 265 -0.13 7.43 35.63
C SER C 265 0.79 8.18 34.73
N TYR C 266 0.32 8.41 33.47
CA TYR C 266 1.06 9.36 32.67
C TYR C 266 1.15 10.75 33.32
N ARG C 267 0.24 11.09 34.23
CA ARG C 267 0.24 12.37 34.93
C ARG C 267 1.36 12.46 35.96
N THR C 268 1.95 11.33 36.34
CA THR C 268 2.89 11.34 37.43
C THR C 268 4.26 10.78 37.01
N MET C 269 4.69 11.12 35.79
CA MET C 269 6.04 10.71 35.37
C MET C 269 6.69 11.91 34.80
N GLU C 270 8.04 11.86 34.84
CA GLU C 270 8.80 12.89 34.10
C GLU C 270 8.89 12.68 32.60
N GLY C 271 9.19 13.72 31.86
CA GLY C 271 9.54 13.58 30.46
C GLY C 271 10.87 14.25 30.16
N PHE C 272 11.53 13.75 29.12
CA PHE C 272 12.86 14.26 28.70
C PHE C 272 12.99 14.16 27.20
N GLY C 273 13.62 15.15 26.59
CA GLY C 273 14.00 15.01 25.19
C GLY C 273 15.18 14.10 24.93
N VAL C 274 15.90 13.77 26.02
CA VAL C 274 17.13 12.93 25.98
C VAL C 274 18.31 13.64 25.32
N HIS C 275 18.20 13.95 24.04
CA HIS C 275 19.36 14.48 23.33
C HIS C 275 19.65 15.94 23.70
N THR C 276 20.94 16.33 23.51
CA THR C 276 21.26 17.76 23.49
C THR C 276 20.89 18.32 22.13
N PHE C 277 20.07 19.37 22.13
CA PHE C 277 19.74 20.10 20.94
C PHE C 277 20.37 21.48 21.02
N ARG C 278 20.05 22.34 20.07
CA ARG C 278 20.47 23.76 20.20
C ARG C 278 19.28 24.72 20.14
N LEU C 279 19.43 25.83 20.88
CA LEU C 279 18.59 27.01 20.69
C LEU C 279 19.39 28.06 19.97
N ILE C 280 18.76 28.78 19.04
CA ILE C 280 19.45 29.75 18.25
C ILE C 280 18.70 31.07 18.42
N ASN C 281 19.39 32.13 18.88
CA ASN C 281 18.69 33.42 19.03
C ASN C 281 18.84 34.26 17.74
N ALA C 282 18.20 35.44 17.75
CA ALA C 282 18.16 36.31 16.58
C ALA C 282 19.57 36.81 16.20
N GLU C 283 20.50 36.90 17.13
CA GLU C 283 21.92 37.29 16.82
C GLU C 283 22.73 36.10 16.24
N GLY C 284 22.15 34.88 16.22
CA GLY C 284 22.86 33.73 15.63
C GLY C 284 23.58 32.92 16.71
N LYS C 285 23.44 33.29 17.97
CA LYS C 285 24.16 32.57 19.02
C LYS C 285 23.46 31.27 19.31
N ALA C 286 24.27 30.22 19.44
CA ALA C 286 23.78 28.88 19.79
C ALA C 286 23.99 28.57 21.25
N THR C 287 23.00 27.97 21.87
CA THR C 287 23.12 27.47 23.24
C THR C 287 22.72 26.01 23.20
N PHE C 288 23.46 25.13 23.86
CA PHE C 288 23.05 23.74 23.96
C PHE C 288 21.89 23.62 24.96
N VAL C 289 20.91 22.75 24.65
CA VAL C 289 19.78 22.60 25.54
C VAL C 289 19.38 21.12 25.63
N ARG C 290 18.96 20.71 26.83
CA ARG C 290 18.20 19.45 26.97
C ARG C 290 16.83 19.80 27.55
N PHE C 291 15.82 19.15 27.00
CA PHE C 291 14.43 19.44 27.35
C PHE C 291 13.91 18.53 28.45
N HIS C 292 13.10 19.14 29.35
CA HIS C 292 12.46 18.45 30.45
C HIS C 292 10.97 18.75 30.56
N TRP C 293 10.18 17.74 30.92
CA TRP C 293 8.80 17.97 31.43
C TRP C 293 8.77 17.58 32.86
N LYS C 294 8.23 18.48 33.71
CA LYS C 294 8.06 18.22 35.15
C LYS C 294 6.56 18.01 35.41
N PRO C 295 6.14 16.88 35.98
CA PRO C 295 4.68 16.67 36.22
C PRO C 295 4.25 17.48 37.43
N LEU C 296 3.24 18.31 37.21
CA LEU C 296 2.78 19.14 38.36
C LEU C 296 1.98 18.33 39.38
N ALA C 297 1.49 17.13 39.07
CA ALA C 297 0.85 16.21 39.98
C ALA C 297 1.91 15.53 40.80
N GLY C 298 3.20 15.74 40.50
CA GLY C 298 4.27 15.02 41.21
C GLY C 298 4.62 13.66 40.63
N LYS C 299 5.68 13.06 41.14
CA LYS C 299 6.20 11.75 40.61
C LYS C 299 5.67 10.59 41.42
N ALA C 300 5.17 9.54 40.76
CA ALA C 300 4.59 8.40 41.53
C ALA C 300 4.57 7.21 40.65
N SER C 301 4.99 6.10 41.24
CA SER C 301 4.99 4.79 40.53
C SER C 301 4.28 3.73 41.36
N LEU C 302 3.89 2.64 40.68
CA LEU C 302 3.26 1.47 41.27
C LEU C 302 4.43 0.67 41.87
N VAL C 303 4.10 -0.44 42.50
CA VAL C 303 5.09 -1.45 42.82
C VAL C 303 4.90 -2.65 41.90
N TRP C 304 5.92 -3.46 41.71
CA TRP C 304 5.89 -4.46 40.62
C TRP C 304 4.71 -5.47 40.70
N ASP C 305 4.42 -6.03 41.87
CA ASP C 305 3.35 -7.05 41.94
C ASP C 305 2.00 -6.44 41.53
N GLU C 306 1.79 -5.18 41.94
CA GLU C 306 0.60 -4.39 41.62
C GLU C 306 0.55 -4.11 40.11
N ALA C 307 1.66 -3.62 39.57
CA ALA C 307 1.69 -3.35 38.12
C ALA C 307 1.37 -4.61 37.29
N GLN C 308 1.96 -5.72 37.68
CA GLN C 308 1.82 -6.94 36.87
C GLN C 308 0.39 -7.45 36.97
N LYS C 309 -0.12 -7.49 38.19
CA LYS C 309 -1.50 -7.89 38.36
C LYS C 309 -2.46 -6.97 37.62
N LEU C 310 -2.21 -5.65 37.69
CA LEU C 310 -3.07 -4.75 36.97
C LEU C 310 -3.08 -4.98 35.45
N THR C 311 -1.97 -5.43 34.81
CA THR C 311 -2.03 -5.78 33.39
C THR C 311 -3.10 -6.82 33.10
N GLY C 312 -3.45 -7.66 34.10
CA GLY C 312 -4.48 -8.65 33.94
C GLY C 312 -5.86 -8.07 34.28
N ARG C 313 -5.97 -7.34 35.38
CA ARG C 313 -7.28 -6.89 35.81
C ARG C 313 -7.77 -5.70 35.00
N ASP C 314 -6.84 -4.82 34.56
CA ASP C 314 -7.20 -3.69 33.67
C ASP C 314 -6.06 -3.32 32.77
N PRO C 315 -5.96 -4.01 31.65
CA PRO C 315 -4.85 -3.71 30.76
C PRO C 315 -4.93 -2.30 30.15
N ASP C 316 -6.06 -1.60 30.33
CA ASP C 316 -6.19 -0.24 29.80
C ASP C 316 -6.12 0.78 30.94
N PHE C 317 -5.45 0.46 32.04
CA PHE C 317 -5.51 1.36 33.19
C PHE C 317 -4.95 2.75 32.99
N HIS C 318 -3.84 2.88 32.26
CA HIS C 318 -3.33 4.24 32.08
C HIS C 318 -4.13 5.04 31.03
N ARG C 319 -4.59 4.39 29.95
CA ARG C 319 -5.42 5.08 29.01
C ARG C 319 -6.71 5.57 29.72
N ARG C 320 -7.32 4.70 30.56
CA ARG C 320 -8.56 5.02 31.21
C ARG C 320 -8.32 6.15 32.21
N GLU C 321 -7.19 6.14 32.93
CA GLU C 321 -6.95 7.14 34.00
C GLU C 321 -6.77 8.50 33.34
N LEU C 322 -6.07 8.51 32.21
CA LEU C 322 -5.81 9.77 31.51
C LEU C 322 -7.14 10.34 31.03
N TRP C 323 -7.93 9.49 30.34
CA TRP C 323 -9.20 10.00 29.81
C TRP C 323 -10.14 10.51 30.89
N GLU C 324 -10.19 9.74 31.98
CA GLU C 324 -11.13 10.10 33.05
C GLU C 324 -10.65 11.33 33.84
N ALA C 325 -9.34 11.46 34.03
CA ALA C 325 -8.80 12.72 34.66
C ALA C 325 -9.27 13.93 33.84
N ILE C 326 -9.10 13.86 32.49
CA ILE C 326 -9.53 14.99 31.69
C ILE C 326 -11.05 15.21 31.77
N GLU C 327 -11.83 14.11 31.77
CA GLU C 327 -13.32 14.30 31.92
C GLU C 327 -13.67 14.87 33.28
N ALA C 328 -12.83 14.64 34.30
CA ALA C 328 -13.14 15.17 35.66
C ALA C 328 -12.66 16.57 35.86
N GLY C 329 -11.88 17.14 34.96
CA GLY C 329 -11.23 18.45 35.20
C GLY C 329 -9.91 18.32 35.97
N ASP C 330 -9.35 17.13 36.11
CA ASP C 330 -8.07 16.90 36.77
C ASP C 330 -7.06 16.95 35.66
N PHE C 331 -7.01 18.07 34.97
CA PHE C 331 -6.18 18.07 33.76
C PHE C 331 -4.73 17.74 34.04
N PRO C 332 -4.16 16.84 33.25
CA PRO C 332 -2.67 16.63 33.30
C PRO C 332 -1.94 17.96 33.06
N GLU C 333 -1.04 18.34 33.97
CA GLU C 333 -0.29 19.59 33.74
C GLU C 333 1.22 19.29 33.86
N TYR C 334 2.03 19.90 32.98
CA TYR C 334 3.48 19.67 33.00
C TYR C 334 4.18 20.98 32.82
N GLU C 335 5.32 21.17 33.47
CA GLU C 335 6.14 22.33 33.20
C GLU C 335 7.33 21.97 32.31
N LEU C 336 7.40 22.70 31.20
CA LEU C 336 8.54 22.56 30.28
C LEU C 336 9.72 23.25 30.98
N GLY C 337 10.90 22.62 30.93
CA GLY C 337 12.13 23.20 31.45
C GLY C 337 13.32 22.93 30.54
N PHE C 338 14.36 23.78 30.63
CA PHE C 338 15.53 23.63 29.78
C PHE C 338 16.75 23.55 30.63
N GLN C 339 17.63 22.60 30.37
CA GLN C 339 19.01 22.67 30.89
C GLN C 339 19.81 23.33 29.81
N LEU C 340 20.49 24.43 30.13
CA LEU C 340 21.20 25.23 29.14
C LEU C 340 22.65 25.22 29.36
N ILE C 341 23.47 25.01 28.33
CA ILE C 341 24.93 25.02 28.47
C ILE C 341 25.46 25.86 27.37
N PRO C 342 26.33 26.80 27.68
CA PRO C 342 26.88 27.58 26.63
C PRO C 342 27.83 26.83 25.72
N GLU C 343 27.95 27.31 24.49
CA GLU C 343 28.78 26.60 23.54
C GLU C 343 30.19 26.32 24.04
N GLU C 344 30.74 27.30 24.75
CA GLU C 344 32.12 27.19 25.18
C GLU C 344 32.28 26.22 26.33
N ASP C 345 31.16 25.66 26.87
CA ASP C 345 31.26 24.69 27.98
C ASP C 345 31.04 23.24 27.48
N GLU C 346 31.10 23.08 26.15
CA GLU C 346 30.86 21.77 25.52
C GLU C 346 31.70 20.68 26.16
N PHE C 347 32.97 21.03 26.46
CA PHE C 347 33.85 19.98 27.03
C PHE C 347 34.11 20.10 28.50
N LYS C 348 33.20 20.70 29.22
CA LYS C 348 33.51 20.94 30.63
C LYS C 348 33.14 19.84 31.58
N PHE C 349 32.54 18.78 31.06
CA PHE C 349 32.05 17.66 31.89
C PHE C 349 32.89 16.40 31.70
N ASP C 350 32.72 15.45 32.59
CA ASP C 350 33.38 14.16 32.51
C ASP C 350 32.75 13.27 31.45
N PHE C 351 31.66 13.70 30.82
CA PHE C 351 30.99 12.86 29.85
C PHE C 351 30.71 13.76 28.62
N ASP C 352 30.34 13.13 27.51
CA ASP C 352 30.21 13.87 26.25
C ASP C 352 28.75 14.35 26.21
N LEU C 353 28.51 15.63 25.96
CA LEU C 353 27.13 16.13 25.82
C LEU C 353 26.39 15.47 24.71
N LEU C 354 27.07 14.95 23.71
CA LEU C 354 26.41 14.30 22.59
C LEU C 354 26.05 12.85 22.82
N ASP C 355 26.37 12.31 23.99
CA ASP C 355 26.18 10.86 24.24
C ASP C 355 24.81 10.70 24.93
N PRO C 356 23.87 10.01 24.24
CA PRO C 356 22.51 10.00 24.70
C PRO C 356 22.37 8.91 25.79
N THR C 357 23.48 8.24 26.18
CA THR C 357 23.40 7.30 27.36
C THR C 357 23.86 8.02 28.63
N LYS C 358 24.21 9.29 28.54
CA LYS C 358 24.66 10.10 29.72
C LYS C 358 23.57 11.09 30.03
N LEU C 359 23.31 11.31 31.32
CA LEU C 359 22.42 12.39 31.71
C LEU C 359 23.24 13.60 32.14
N ILE C 360 22.59 14.77 32.18
CA ILE C 360 23.21 15.99 32.71
C ILE C 360 22.66 16.16 34.12
N PRO C 361 23.49 15.91 35.15
CA PRO C 361 22.86 15.95 36.50
C PRO C 361 22.32 17.41 36.77
N GLU C 362 21.14 17.54 37.35
CA GLU C 362 20.61 18.85 37.73
C GLU C 362 21.43 19.56 38.76
N GLU C 363 22.16 18.80 39.61
CA GLU C 363 23.14 19.45 40.50
C GLU C 363 24.20 20.26 39.75
N LEU C 364 24.55 19.85 38.52
CA LEU C 364 25.56 20.55 37.76
C LEU C 364 24.92 21.64 36.84
N VAL C 365 23.79 21.31 36.21
CA VAL C 365 23.13 22.25 35.27
C VAL C 365 21.63 22.24 35.63
N PRO C 366 21.14 23.33 36.28
CA PRO C 366 19.78 23.32 36.75
C PRO C 366 18.79 23.41 35.58
N VAL C 367 17.59 22.86 35.84
CA VAL C 367 16.52 22.99 34.86
C VAL C 367 15.90 24.39 35.08
N GLN C 368 15.85 25.18 34.03
CA GLN C 368 15.19 26.51 34.05
CA GLN C 368 15.20 26.48 34.08
C GLN C 368 13.76 26.35 33.57
N ARG C 369 12.78 26.79 34.35
CA ARG C 369 11.36 26.69 33.99
C ARG C 369 11.10 27.56 32.75
N VAL C 370 10.32 27.03 31.82
CA VAL C 370 10.06 27.69 30.57
C VAL C 370 8.56 27.98 30.38
N GLY C 371 7.70 27.00 30.68
CA GLY C 371 6.25 27.26 30.44
C GLY C 371 5.45 26.06 30.92
N LYS C 372 4.13 26.17 30.72
CA LYS C 372 3.20 25.13 31.23
C LYS C 372 2.38 24.60 30.10
N MET C 373 2.15 23.29 30.15
CA MET C 373 1.23 22.58 29.21
C MET C 373 0.14 22.01 30.03
N VAL C 374 -1.07 22.16 29.54
CA VAL C 374 -2.24 21.57 30.19
C VAL C 374 -2.98 20.75 29.16
N LEU C 375 -3.37 19.52 29.50
CA LEU C 375 -4.11 18.65 28.52
C LEU C 375 -5.55 18.65 29.00
N ASN C 376 -6.41 19.24 28.20
CA ASN C 376 -7.77 19.47 28.71
C ASN C 376 -8.88 19.03 27.80
N ARG C 377 -8.60 18.19 26.77
CA ARG C 377 -9.72 17.69 25.96
C ARG C 377 -9.30 16.31 25.40
N ASN C 378 -10.15 15.32 25.52
CA ASN C 378 -9.89 14.04 24.92
C ASN C 378 -10.25 14.15 23.43
N PRO C 379 -9.71 13.18 22.63
CA PRO C 379 -10.09 13.16 21.19
C PRO C 379 -11.55 12.75 21.03
N ASP C 380 -12.07 12.93 19.83
CA ASP C 380 -13.39 12.38 19.52
C ASP C 380 -13.29 10.92 19.01
N ASN C 381 -12.31 10.65 18.14
CA ASN C 381 -12.20 9.28 17.59
C ASN C 381 -10.73 8.85 17.76
N PHE C 382 -10.55 7.72 18.49
CA PHE C 382 -9.20 7.30 18.79
C PHE C 382 -8.41 6.99 17.50
N PHE C 383 -9.02 6.25 16.58
CA PHE C 383 -8.25 5.91 15.37
C PHE C 383 -7.88 7.18 14.61
N ALA C 384 -8.83 8.06 14.33
CA ALA C 384 -8.55 9.18 13.43
C ALA C 384 -7.51 10.15 14.02
N GLU C 385 -7.53 10.37 15.37
CA GLU C 385 -6.67 11.40 15.97
C GLU C 385 -5.44 10.78 16.61
N ASN C 386 -5.61 9.69 17.40
CA ASN C 386 -4.45 9.04 18.07
C ASN C 386 -3.73 8.11 17.11
N GLU C 387 -4.41 7.09 16.57
CA GLU C 387 -3.65 6.12 15.76
C GLU C 387 -2.93 6.78 14.59
N GLN C 388 -3.56 7.74 13.87
CA GLN C 388 -3.01 8.36 12.67
C GLN C 388 -2.06 9.50 13.00
N ALA C 389 -1.87 9.90 14.27
CA ALA C 389 -0.93 11.09 14.56
C ALA C 389 0.48 10.65 14.20
N ALA C 390 1.23 11.53 13.60
CA ALA C 390 2.64 11.31 13.31
C ALA C 390 3.50 12.37 14.01
N PHE C 391 4.38 11.89 14.87
CA PHE C 391 5.33 12.78 15.59
C PHE C 391 6.71 12.48 15.08
N HIS C 392 7.54 13.47 14.88
CA HIS C 392 8.89 13.13 14.41
C HIS C 392 9.82 14.25 14.93
N PRO C 393 10.96 13.89 15.54
CA PRO C 393 11.86 14.91 16.19
C PRO C 393 12.55 15.79 15.16
N GLY C 394 12.65 15.45 13.86
CA GLY C 394 13.14 16.32 12.80
C GLY C 394 12.20 17.50 12.57
N HIS C 395 10.97 17.47 13.09
CA HIS C 395 10.04 18.55 12.92
C HIS C 395 10.41 19.63 13.93
N ILE C 396 11.34 20.46 13.54
CA ILE C 396 11.79 21.61 14.36
C ILE C 396 11.41 22.91 13.65
N VAL C 397 11.62 24.03 14.35
CA VAL C 397 11.20 25.37 13.77
C VAL C 397 12.40 26.30 13.95
N PRO C 398 12.41 27.46 13.21
CA PRO C 398 13.49 28.43 13.36
C PRO C 398 13.59 28.80 14.86
N GLY C 399 14.85 28.83 15.30
CA GLY C 399 15.12 29.06 16.71
C GLY C 399 15.58 27.79 17.44
N LEU C 400 15.45 26.66 16.78
CA LEU C 400 15.96 25.34 17.29
C LEU C 400 16.92 24.78 16.22
N ASP C 401 17.81 23.88 16.65
CA ASP C 401 18.53 23.10 15.71
C ASP C 401 19.10 21.85 16.42
N PHE C 402 19.70 20.98 15.59
CA PHE C 402 20.11 19.70 16.09
C PHE C 402 21.56 19.80 16.57
N THR C 403 22.07 18.73 17.09
CA THR C 403 23.53 18.54 17.29
C THR C 403 23.94 17.20 16.63
N ASN C 404 25.23 16.88 16.82
CA ASN C 404 25.72 15.64 16.20
C ASN C 404 25.52 14.39 17.03
N ASP C 405 24.68 14.43 18.04
CA ASP C 405 24.37 13.18 18.77
C ASP C 405 24.04 12.10 17.75
N PRO C 406 24.69 10.92 17.80
CA PRO C 406 24.60 10.02 16.62
C PRO C 406 23.35 9.16 16.70
N LEU C 407 22.65 9.27 17.84
CA LEU C 407 21.37 8.55 17.94
C LEU C 407 20.31 9.51 17.34
N LEU C 408 20.30 10.78 17.74
CA LEU C 408 19.42 11.77 17.11
C LEU C 408 19.62 11.85 15.59
N GLN C 409 20.89 11.84 15.17
CA GLN C 409 21.13 11.99 13.74
C GLN C 409 20.38 10.91 12.96
N GLY C 410 20.38 9.63 13.39
CA GLY C 410 19.66 8.58 12.69
C GLY C 410 18.14 8.66 12.81
N ARG C 411 17.68 9.11 13.98
CA ARG C 411 16.27 9.30 14.16
C ARG C 411 15.73 10.23 13.06
N LEU C 412 16.49 11.24 12.67
CA LEU C 412 16.00 12.16 11.65
C LEU C 412 15.59 11.49 10.39
N PHE C 413 16.29 10.43 10.00
CA PHE C 413 15.82 9.63 8.82
C PHE C 413 14.51 8.84 9.04
N SER C 414 14.38 8.17 10.18
CA SER C 414 13.35 7.16 10.36
C SER C 414 11.91 7.73 10.40
N TYR C 415 11.71 8.82 11.11
CA TYR C 415 10.36 9.23 11.29
C TYR C 415 9.60 9.72 10.04
N THR C 416 10.32 10.20 9.05
CA THR C 416 9.66 10.53 7.78
C THR C 416 9.42 9.19 6.96
N ASP C 417 10.45 8.39 6.94
CA ASP C 417 10.36 7.14 6.15
C ASP C 417 9.20 6.22 6.58
N THR C 418 9.18 6.00 7.88
CA THR C 418 8.18 5.01 8.37
C THR C 418 6.70 5.35 8.05
N GLN C 419 6.43 6.63 7.94
CA GLN C 419 5.01 7.04 7.61
C GLN C 419 4.57 6.63 6.26
N ILE C 420 5.50 6.36 5.35
CA ILE C 420 5.11 5.96 3.97
C ILE C 420 4.35 4.62 3.97
N SER C 421 4.68 3.68 4.85
CA SER C 421 3.85 2.48 4.94
C SER C 421 2.82 2.67 6.04
N ARG C 422 3.16 3.28 7.22
CA ARG C 422 2.18 3.28 8.23
C ARG C 422 0.91 4.08 7.84
N LEU C 423 1.12 5.26 7.26
CA LEU C 423 -0.01 6.16 6.95
C LEU C 423 -0.25 6.25 5.42
N GLY C 424 0.37 5.35 4.63
CA GLY C 424 -0.07 5.11 3.26
C GLY C 424 0.55 5.97 2.21
N GLY C 425 1.42 6.87 2.59
CA GLY C 425 2.08 7.68 1.59
C GLY C 425 2.58 8.96 2.08
N PRO C 426 3.03 9.85 1.18
CA PRO C 426 3.74 11.07 1.54
C PRO C 426 2.85 12.28 1.92
N ASN C 427 1.53 12.04 1.83
CA ASN C 427 0.54 13.07 2.23
C ASN C 427 0.05 12.93 3.64
N PHE C 428 0.84 12.33 4.50
CA PHE C 428 0.36 12.08 5.85
C PHE C 428 0.20 13.37 6.62
N HIS C 429 0.79 14.49 6.17
CA HIS C 429 0.57 15.80 6.86
C HIS C 429 -0.84 16.33 6.59
N GLU C 430 -1.51 15.76 5.58
CA GLU C 430 -2.93 16.18 5.32
C GLU C 430 -3.94 15.41 6.08
N ILE C 431 -3.55 14.39 6.83
CA ILE C 431 -4.50 13.77 7.75
C ILE C 431 -4.79 14.84 8.81
N PRO C 432 -6.07 15.07 9.15
CA PRO C 432 -6.36 16.23 9.89
C PRO C 432 -5.56 16.48 11.15
N ILE C 433 -5.39 15.47 12.02
CA ILE C 433 -4.62 15.71 13.23
C ILE C 433 -3.20 16.20 12.98
N ASN C 434 -2.64 15.76 11.85
CA ASN C 434 -1.24 16.16 11.54
C ASN C 434 -1.11 17.54 10.87
N ARG C 435 -2.20 18.12 10.41
CA ARG C 435 -2.05 19.36 9.66
C ARG C 435 -1.57 20.53 10.47
N PRO C 436 -0.63 21.27 9.92
CA PRO C 436 -0.31 22.54 10.61
C PRO C 436 -1.52 23.49 10.66
N THR C 437 -1.51 24.34 11.67
CA THR C 437 -2.52 25.44 11.69
C THR C 437 -2.06 26.69 11.08
N CYS C 438 -0.75 26.77 10.82
CA CYS C 438 -0.11 27.94 10.10
C CYS C 438 -0.11 27.62 8.62
N PRO C 439 0.15 28.61 7.77
CA PRO C 439 0.16 28.36 6.29
C PRO C 439 1.26 27.37 5.89
N TYR C 440 0.93 26.61 4.84
CA TYR C 440 1.99 25.80 4.25
C TYR C 440 1.74 25.77 2.73
N HIS C 441 2.77 26.10 1.94
CA HIS C 441 2.66 26.20 0.47
C HIS C 441 3.99 25.81 -0.11
N ASN C 442 3.98 24.92 -1.10
CA ASN C 442 5.25 24.57 -1.72
C ASN C 442 4.97 23.97 -3.09
N PHE C 443 5.96 23.37 -3.73
CA PHE C 443 5.84 22.89 -5.06
C PHE C 443 5.67 21.36 -5.14
N GLN C 444 5.50 20.75 -3.99
CA GLN C 444 5.28 19.30 -3.90
C GLN C 444 3.86 18.97 -4.41
N ARG C 445 3.74 17.83 -5.11
CA ARG C 445 2.43 17.55 -5.74
C ARG C 445 2.21 16.03 -5.71
N ASP C 446 0.89 15.69 -5.79
CA ASP C 446 0.46 14.25 -6.08
C ASP C 446 0.74 13.37 -4.88
N GLY C 447 1.00 12.07 -5.14
CA GLY C 447 1.08 11.06 -4.09
C GLY C 447 -0.27 10.51 -3.68
N MET C 448 -0.24 9.30 -3.12
CA MET C 448 -1.50 8.73 -2.73
C MET C 448 -2.31 9.57 -1.73
N HIS C 449 -3.60 9.48 -1.73
N HIS C 449 -3.63 9.57 -2.10
CA HIS C 449 -4.38 10.28 -0.74
CA HIS C 449 -4.80 10.28 -1.43
C HIS C 449 -4.08 11.79 -0.92
C HIS C 449 -4.45 11.72 -1.13
N ARG C 450 -4.00 12.35 -2.15
CA ARG C 450 -3.71 13.80 -2.16
C ARG C 450 -5.03 14.53 -1.98
N MET C 451 -5.04 15.37 -0.91
CA MET C 451 -6.20 16.19 -0.66
C MET C 451 -6.08 17.57 -1.26
N GLY C 452 -4.95 18.22 -1.05
CA GLY C 452 -4.85 19.61 -1.49
C GLY C 452 -4.89 19.67 -3.01
N ILE C 453 -5.74 20.62 -3.57
CA ILE C 453 -5.82 20.82 -4.98
C ILE C 453 -5.13 22.15 -5.27
N ASP C 454 -3.93 22.00 -5.86
CA ASP C 454 -3.03 23.17 -6.07
C ASP C 454 -3.48 23.93 -7.29
N THR C 455 -3.66 25.23 -7.11
CA THR C 455 -4.03 26.03 -8.27
C THR C 455 -2.84 26.78 -8.92
N ASN C 456 -1.65 26.73 -8.26
CA ASN C 456 -0.49 27.42 -8.82
C ASN C 456 -0.20 26.95 -10.24
N PRO C 457 -0.08 27.86 -11.21
CA PRO C 457 0.32 27.52 -12.59
C PRO C 457 1.64 26.82 -12.63
N ALA C 458 2.52 27.09 -11.64
CA ALA C 458 3.82 26.41 -11.57
C ALA C 458 3.85 25.36 -10.48
N ASN C 459 4.61 24.29 -10.78
CA ASN C 459 4.93 23.29 -9.75
C ASN C 459 6.42 23.15 -9.64
N TYR C 460 7.14 24.26 -9.90
CA TYR C 460 8.61 24.21 -9.77
C TYR C 460 9.04 25.65 -9.41
N GLU C 461 10.26 25.76 -8.94
CA GLU C 461 10.89 27.08 -8.85
C GLU C 461 12.37 26.89 -9.16
N PRO C 462 13.01 27.90 -9.70
CA PRO C 462 12.40 29.22 -9.99
C PRO C 462 11.44 29.16 -11.15
N ASN C 463 10.37 29.99 -11.04
CA ASN C 463 9.45 30.12 -12.19
C ASN C 463 9.20 31.60 -12.43
N SER C 464 8.79 31.86 -13.64
CA SER C 464 8.32 33.26 -13.97
C SER C 464 6.83 33.24 -14.10
N ILE C 465 6.23 32.04 -14.35
CA ILE C 465 4.84 32.07 -14.82
C ILE C 465 3.92 32.29 -13.63
N ASN C 466 4.41 32.16 -12.39
CA ASN C 466 3.67 32.52 -11.18
C ASN C 466 4.45 33.56 -10.39
N ASP C 467 5.34 34.30 -11.07
CA ASP C 467 6.22 35.31 -10.42
C ASP C 467 7.00 34.73 -9.26
N ASN C 468 7.27 33.44 -9.40
CA ASN C 468 8.13 32.72 -8.43
C ASN C 468 7.54 32.48 -7.04
N TRP C 469 6.20 32.52 -6.95
CA TRP C 469 5.53 32.22 -5.71
C TRP C 469 5.12 30.73 -5.68
N PRO C 470 5.14 30.13 -4.51
CA PRO C 470 5.50 30.76 -3.22
C PRO C 470 7.03 30.91 -3.12
N ARG C 471 7.46 31.91 -2.38
CA ARG C 471 8.88 32.35 -2.41
C ARG C 471 9.64 32.04 -1.11
N GLU C 472 10.91 31.75 -1.32
CA GLU C 472 11.87 31.57 -0.20
C GLU C 472 11.89 32.85 0.66
N THR C 473 12.24 32.66 1.92
CA THR C 473 12.27 33.79 2.86
C THR C 473 13.62 33.76 3.56
N PRO C 474 14.36 34.87 3.52
CA PRO C 474 15.63 34.91 4.29
C PRO C 474 15.47 34.68 5.79
N PRO C 475 16.52 34.17 6.46
CA PRO C 475 16.43 34.04 7.87
C PRO C 475 16.36 35.38 8.48
N GLY C 476 15.76 35.43 9.68
CA GLY C 476 15.71 36.71 10.41
C GLY C 476 15.20 36.51 11.80
N PRO C 477 15.04 37.60 12.57
CA PRO C 477 14.62 37.45 13.97
C PRO C 477 13.22 36.85 14.22
N LYS C 478 12.27 37.14 13.32
CA LYS C 478 10.87 36.62 13.40
C LYS C 478 10.38 36.29 11.99
N ARG C 479 9.62 35.19 11.87
CA ARG C 479 9.00 34.88 10.59
C ARG C 479 9.99 34.69 9.47
N GLY C 480 11.22 34.27 9.82
CA GLY C 480 12.21 34.09 8.75
C GLY C 480 12.31 32.62 8.31
N GLY C 481 13.06 32.41 7.20
CA GLY C 481 13.30 31.05 6.69
C GLY C 481 14.28 30.28 7.62
N PHE C 482 14.16 28.97 7.62
CA PHE C 482 15.06 28.12 8.41
C PHE C 482 16.46 28.07 7.77
N GLU C 483 17.48 28.29 8.60
CA GLU C 483 18.91 28.13 8.19
C GLU C 483 19.52 27.31 9.33
N SER C 484 20.32 26.30 8.97
CA SER C 484 21.06 25.55 9.96
C SER C 484 22.22 26.36 10.55
N TYR C 485 22.47 26.15 11.84
CA TYR C 485 23.61 26.80 12.47
C TYR C 485 24.89 26.29 11.83
N GLN C 486 25.81 27.20 11.48
CA GLN C 486 27.01 26.82 10.73
C GLN C 486 28.10 26.21 11.57
N GLU C 487 27.75 25.08 12.19
CA GLU C 487 28.71 24.35 13.04
C GLU C 487 29.95 23.91 12.21
N ARG C 488 31.14 23.98 12.80
CA ARG C 488 32.30 23.47 12.11
C ARG C 488 32.35 21.91 12.11
N VAL C 489 32.71 21.34 10.95
CA VAL C 489 32.81 19.94 10.84
C VAL C 489 34.26 19.68 10.39
N GLU C 490 34.97 18.76 11.03
CA GLU C 490 36.31 18.47 10.61
C GLU C 490 36.59 17.04 11.01
N GLY C 491 36.96 16.24 10.00
CA GLY C 491 37.32 14.84 10.34
C GLY C 491 37.29 14.03 9.10
N ASN C 492 37.68 12.75 9.16
CA ASN C 492 37.58 11.92 7.94
C ASN C 492 36.21 11.23 7.94
N LYS C 493 35.79 10.66 6.82
CA LYS C 493 34.53 9.88 6.79
C LYS C 493 34.85 8.55 7.47
N VAL C 494 34.26 8.36 8.65
CA VAL C 494 34.49 7.11 9.44
C VAL C 494 33.26 6.51 10.00
N ARG C 495 33.33 5.18 10.12
CA ARG C 495 32.31 4.47 10.89
C ARG C 495 32.97 4.10 12.28
N GLU C 496 32.91 5.02 13.24
CA GLU C 496 33.73 4.91 14.43
C GLU C 496 32.97 5.59 15.56
N ARG C 497 32.98 4.96 16.78
CA ARG C 497 32.38 5.57 17.93
C ARG C 497 33.40 6.54 18.55
N SER C 498 32.93 7.67 19.01
CA SER C 498 33.86 8.60 19.64
C SER C 498 34.41 7.94 20.93
N PRO C 499 35.72 8.00 21.19
CA PRO C 499 36.25 7.46 22.40
C PRO C 499 35.63 8.06 23.64
N SER C 500 35.14 9.31 23.54
CA SER C 500 34.52 9.98 24.64
C SER C 500 33.22 9.32 25.06
N PHE C 501 32.66 8.45 24.19
CA PHE C 501 31.43 7.71 24.59
C PHE C 501 31.71 6.43 25.29
N GLY C 502 33.01 6.08 25.40
CA GLY C 502 33.32 4.73 25.88
C GLY C 502 33.42 4.56 27.39
N GLU C 503 32.42 5.00 28.13
CA GLU C 503 32.44 4.87 29.54
C GLU C 503 30.98 4.54 29.89
N TYR C 504 30.75 3.39 30.58
CA TYR C 504 29.42 2.81 30.69
C TYR C 504 28.87 2.71 32.07
N TYR C 505 29.69 2.95 33.13
CA TYR C 505 29.26 2.51 34.46
C TYR C 505 29.06 3.65 35.44
N SER C 506 29.64 4.81 35.18
CA SER C 506 29.60 5.86 36.16
C SER C 506 28.17 6.44 36.27
N HIS C 507 27.43 6.51 35.15
CA HIS C 507 26.10 7.12 35.26
C HIS C 507 25.12 6.12 35.90
N PRO C 508 25.19 4.83 35.52
CA PRO C 508 24.42 3.88 36.32
C PRO C 508 24.68 3.95 37.83
N ARG C 509 25.98 4.15 38.21
CA ARG C 509 26.31 4.15 39.68
C ARG C 509 25.77 5.43 40.30
N LEU C 510 25.84 6.56 39.56
CA LEU C 510 25.25 7.77 40.13
C LEU C 510 23.74 7.54 40.36
N PHE C 511 23.07 6.95 39.35
CA PHE C 511 21.65 6.74 39.53
C PHE C 511 21.38 5.88 40.78
N TRP C 512 22.07 4.74 40.88
CA TRP C 512 21.92 3.80 41.98
C TRP C 512 22.12 4.49 43.34
N LEU C 513 23.14 5.31 43.46
CA LEU C 513 23.45 5.97 44.77
C LEU C 513 22.48 7.05 45.10
N SER C 514 21.80 7.60 44.06
CA SER C 514 20.82 8.59 44.30
C SER C 514 19.46 8.05 44.79
N GLN C 515 19.27 6.73 44.78
CA GLN C 515 17.97 6.14 45.16
C GLN C 515 17.84 6.00 46.65
N THR C 516 16.62 6.14 47.21
CA THR C 516 16.36 5.77 48.64
C THR C 516 16.63 4.25 48.82
N PRO C 517 16.75 3.79 50.06
CA PRO C 517 16.94 2.36 50.31
C PRO C 517 15.84 1.49 49.77
N PHE C 518 14.58 1.92 49.85
CA PHE C 518 13.48 1.13 49.32
C PHE C 518 13.46 1.15 47.79
N GLU C 519 13.86 2.27 47.16
CA GLU C 519 14.00 2.26 45.71
C GLU C 519 15.08 1.32 45.25
N GLN C 520 16.20 1.27 45.97
CA GLN C 520 17.29 0.37 45.65
C GLN C 520 16.84 -1.09 45.73
N ARG C 521 16.07 -1.39 46.75
CA ARG C 521 15.48 -2.77 46.95
C ARG C 521 14.59 -3.10 45.72
N HIS C 522 13.80 -2.13 45.23
CA HIS C 522 12.93 -2.47 44.13
C HIS C 522 13.74 -2.61 42.84
N ILE C 523 14.84 -1.91 42.72
CA ILE C 523 15.77 -2.16 41.59
C ILE C 523 16.35 -3.58 41.60
N VAL C 524 16.89 -3.93 42.74
CA VAL C 524 17.36 -5.31 42.92
C VAL C 524 16.28 -6.33 42.56
N ASP C 525 15.07 -6.11 43.07
CA ASP C 525 13.99 -7.06 42.78
C ASP C 525 13.63 -7.06 41.30
N GLY C 526 13.71 -5.91 40.61
CA GLY C 526 13.41 -5.82 39.17
C GLY C 526 14.46 -6.69 38.39
N PHE C 527 15.77 -6.45 38.61
CA PHE C 527 16.75 -7.29 37.92
C PHE C 527 16.54 -8.76 38.34
N SER C 528 16.29 -9.04 39.62
CA SER C 528 16.18 -10.47 40.02
C SER C 528 15.00 -11.19 39.32
N PHE C 529 13.84 -10.53 39.33
CA PHE C 529 12.69 -11.13 38.64
C PHE C 529 12.98 -11.32 37.15
N GLU C 530 13.49 -10.28 36.45
CA GLU C 530 13.73 -10.40 34.97
C GLU C 530 14.72 -11.51 34.68
N LEU C 531 15.83 -11.56 35.43
CA LEU C 531 16.88 -12.53 35.12
C LEU C 531 16.45 -13.94 35.50
N SER C 532 15.53 -14.05 36.43
CA SER C 532 15.01 -15.41 36.66
C SER C 532 14.20 -15.96 35.51
N LYS C 533 13.67 -15.11 34.62
CA LYS C 533 12.92 -15.55 33.44
C LYS C 533 13.86 -15.81 32.26
N VAL C 534 15.15 -15.50 32.38
CA VAL C 534 16.12 -15.84 31.35
C VAL C 534 16.47 -17.35 31.46
N VAL C 535 16.23 -18.14 30.40
CA VAL C 535 16.36 -19.59 30.48
C VAL C 535 17.83 -20.03 30.49
N ARG C 536 18.69 -19.28 29.80
CA ARG C 536 20.15 -19.71 29.63
C ARG C 536 20.92 -19.11 30.79
N PRO C 537 21.38 -19.91 31.78
CA PRO C 537 21.96 -19.33 32.96
C PRO C 537 23.18 -18.47 32.74
N TYR C 538 23.98 -18.73 31.71
CA TYR C 538 25.20 -17.97 31.52
C TYR C 538 24.85 -16.52 31.22
N ILE C 539 23.64 -16.27 30.70
CA ILE C 539 23.34 -14.86 30.34
C ILE C 539 23.13 -14.12 31.71
N ARG C 540 22.44 -14.78 32.66
CA ARG C 540 22.24 -14.22 34.02
C ARG C 540 23.61 -13.93 34.69
N GLU C 541 24.55 -14.86 34.53
CA GLU C 541 25.93 -14.68 35.05
C GLU C 541 26.62 -13.51 34.43
N ARG C 542 26.45 -13.32 33.11
CA ARG C 542 27.12 -12.21 32.45
C ARG C 542 26.52 -10.83 32.86
N VAL C 543 25.20 -10.79 33.06
CA VAL C 543 24.58 -9.59 33.58
C VAL C 543 25.03 -9.25 35.00
N VAL C 544 25.03 -10.27 35.86
CA VAL C 544 25.60 -10.03 37.19
C VAL C 544 27.05 -9.49 37.15
N ASP C 545 27.86 -9.99 36.25
CA ASP C 545 29.21 -9.43 36.08
C ASP C 545 29.19 -7.94 35.70
N GLN C 546 28.26 -7.54 34.80
CA GLN C 546 28.14 -6.09 34.50
C GLN C 546 27.72 -5.33 35.73
N LEU C 547 26.77 -5.84 36.52
CA LEU C 547 26.35 -5.12 37.72
C LEU C 547 27.52 -4.92 38.69
N ALA C 548 28.43 -5.91 38.71
CA ALA C 548 29.60 -5.75 39.60
C ALA C 548 30.54 -4.60 39.21
N HIS C 549 30.51 -4.16 37.94
CA HIS C 549 31.26 -2.97 37.52
C HIS C 549 30.57 -1.64 37.90
N ILE C 550 29.32 -1.75 38.34
CA ILE C 550 28.55 -0.59 38.73
C ILE C 550 28.58 -0.38 40.26
N ASP C 551 28.10 -1.40 41.00
CA ASP C 551 28.08 -1.33 42.46
C ASP C 551 28.06 -2.74 42.99
N LEU C 552 29.01 -3.05 43.88
CA LEU C 552 29.07 -4.39 44.47
C LEU C 552 27.84 -4.80 45.28
N THR C 553 27.32 -3.89 46.05
CA THR C 553 26.12 -4.14 46.84
C THR C 553 24.93 -4.57 45.96
N LEU C 554 24.63 -3.73 44.94
CA LEU C 554 23.69 -4.14 43.88
C LEU C 554 24.00 -5.56 43.30
N ALA C 555 25.24 -5.78 42.86
CA ALA C 555 25.55 -7.05 42.22
C ALA C 555 25.38 -8.22 43.19
N GLN C 556 25.90 -8.09 44.42
CA GLN C 556 25.74 -9.17 45.38
C GLN C 556 24.27 -9.49 45.70
N ALA C 557 23.42 -8.45 45.73
CA ALA C 557 22.04 -8.67 46.15
C ALA C 557 21.27 -9.38 44.99
N VAL C 558 21.60 -8.98 43.74
CA VAL C 558 20.98 -9.70 42.63
C VAL C 558 21.47 -11.14 42.59
N ALA C 559 22.79 -11.31 42.67
CA ALA C 559 23.41 -12.64 42.65
C ALA C 559 22.77 -13.59 43.67
N LYS C 560 22.48 -13.07 44.88
CA LYS C 560 21.97 -13.91 45.93
C LYS C 560 20.57 -14.48 45.53
N ASN C 561 19.80 -13.62 44.85
CA ASN C 561 18.46 -14.01 44.42
C ASN C 561 18.52 -14.93 43.26
N LEU C 562 19.67 -15.04 42.60
CA LEU C 562 19.81 -15.93 41.43
C LEU C 562 20.59 -17.21 41.74
N GLY C 563 21.03 -17.32 43.00
CA GLY C 563 21.93 -18.45 43.41
C GLY C 563 23.29 -18.41 42.72
N ILE C 564 23.80 -17.22 42.43
CA ILE C 564 25.10 -17.03 41.80
C ILE C 564 26.00 -16.47 42.91
N GLU C 565 27.25 -16.95 42.96
CA GLU C 565 28.22 -16.42 43.93
C GLU C 565 29.23 -15.62 43.17
N LEU C 566 29.51 -14.39 43.58
CA LEU C 566 30.53 -13.62 42.89
C LEU C 566 31.94 -14.21 43.10
N THR C 567 32.80 -14.10 42.10
CA THR C 567 34.19 -14.58 42.25
C THR C 567 35.02 -13.59 43.01
N ASP C 568 36.25 -13.96 43.40
CA ASP C 568 37.09 -12.96 44.09
C ASP C 568 37.44 -11.79 43.17
N ASP C 569 37.67 -12.09 41.88
CA ASP C 569 37.94 -11.05 40.91
C ASP C 569 36.71 -10.07 40.81
N GLN C 570 35.49 -10.61 40.73
CA GLN C 570 34.28 -9.70 40.75
C GLN C 570 34.17 -8.88 42.03
N LEU C 571 34.52 -9.48 43.19
CA LEU C 571 34.44 -8.75 44.47
C LEU C 571 35.45 -7.58 44.50
N ASN C 572 36.41 -7.62 43.58
CA ASN C 572 37.51 -6.69 43.63
C ASN C 572 37.55 -5.67 42.49
N ILE C 573 36.47 -5.59 41.69
CA ILE C 573 36.40 -4.56 40.64
C ILE C 573 36.30 -3.16 41.26
N THR C 574 37.14 -2.24 40.79
CA THR C 574 37.08 -0.87 41.31
C THR C 574 35.84 -0.18 40.79
N PRO C 575 35.09 0.45 41.68
CA PRO C 575 33.93 1.21 41.27
C PRO C 575 34.30 2.31 40.32
N PRO C 576 33.33 2.67 39.44
CA PRO C 576 33.64 3.70 38.50
C PRO C 576 33.73 5.05 39.22
N PRO C 577 34.34 6.03 38.58
CA PRO C 577 34.45 7.31 39.26
C PRO C 577 33.09 8.05 39.46
N ASP C 578 33.11 9.03 40.33
CA ASP C 578 31.93 9.88 40.48
CA ASP C 578 31.97 9.91 40.50
C ASP C 578 31.79 10.74 39.20
N VAL C 579 30.66 11.37 39.03
CA VAL C 579 30.48 12.21 37.81
C VAL C 579 30.66 13.67 38.22
N ASN C 580 31.74 14.30 37.76
CA ASN C 580 32.09 15.71 38.14
C ASN C 580 31.94 15.97 39.59
N GLY C 581 32.47 15.02 40.35
CA GLY C 581 32.52 15.11 41.81
C GLY C 581 31.26 14.71 42.56
N LEU C 582 30.18 14.36 41.86
CA LEU C 582 28.91 14.04 42.52
C LEU C 582 28.86 12.56 42.90
N LYS C 583 28.52 12.27 44.15
CA LYS C 583 28.25 10.92 44.63
C LYS C 583 26.73 10.72 44.82
N LYS C 584 25.94 11.63 44.25
CA LYS C 584 24.51 11.38 44.17
C LYS C 584 23.88 12.65 43.71
N ASP C 585 22.65 12.53 43.26
CA ASP C 585 21.89 13.70 42.87
C ASP C 585 20.44 13.33 43.16
N PRO C 586 19.82 13.93 44.16
CA PRO C 586 18.51 13.51 44.60
C PRO C 586 17.42 13.77 43.59
N SER C 587 17.68 14.62 42.57
CA SER C 587 16.65 14.80 41.53
C SER C 587 16.36 13.48 40.72
N LEU C 588 17.25 12.51 40.85
CA LEU C 588 17.14 11.24 40.13
C LEU C 588 16.23 10.20 40.84
N SER C 589 15.90 10.50 42.08
CA SER C 589 15.06 9.57 42.85
C SER C 589 13.58 9.98 42.60
N LEU C 590 12.65 9.04 42.68
CA LEU C 590 11.23 9.41 42.57
C LEU C 590 10.76 10.03 43.83
N TYR C 591 11.38 9.60 44.94
CA TYR C 591 10.74 9.83 46.26
C TYR C 591 11.61 10.54 47.28
N ALA C 592 12.90 10.66 47.00
CA ALA C 592 13.85 11.31 47.97
C ALA C 592 13.32 12.65 48.46
N ILE C 593 12.77 13.46 47.55
CA ILE C 593 12.21 14.79 47.84
C ILE C 593 10.70 14.80 47.59
N PRO C 594 9.90 14.73 48.67
CA PRO C 594 8.42 14.75 48.57
C PRO C 594 7.91 15.75 47.54
N ASP C 595 7.05 15.27 46.63
CA ASP C 595 6.37 16.17 45.65
C ASP C 595 4.91 15.74 45.36
N GLY C 596 4.40 14.89 46.23
CA GLY C 596 2.98 14.49 46.21
C GLY C 596 1.85 15.54 46.13
N ASP C 597 0.78 15.12 45.49
CA ASP C 597 -0.43 15.91 45.29
C ASP C 597 -1.54 14.88 45.32
N VAL C 598 -2.56 15.06 46.12
CA VAL C 598 -3.57 14.04 46.12
C VAL C 598 -4.74 14.32 45.16
N LYS C 599 -4.82 15.53 44.60
CA LYS C 599 -5.93 15.82 43.68
C LYS C 599 -5.96 14.77 42.56
N GLY C 600 -7.13 14.23 42.33
CA GLY C 600 -7.25 13.21 41.25
C GLY C 600 -6.98 11.74 41.59
N ARG C 601 -6.46 11.46 42.80
CA ARG C 601 -6.33 10.08 43.27
C ARG C 601 -7.71 9.57 43.67
N VAL C 602 -7.80 8.30 44.03
CA VAL C 602 -9.06 7.60 44.20
C VAL C 602 -8.92 6.69 45.40
N VAL C 603 -9.97 6.65 46.23
CA VAL C 603 -10.05 5.79 47.38
C VAL C 603 -11.17 4.81 47.18
N ALA C 604 -10.97 3.59 47.64
CA ALA C 604 -12.00 2.54 47.66
C ALA C 604 -12.61 2.70 49.03
N ILE C 605 -13.95 2.71 49.07
CA ILE C 605 -14.71 2.73 50.33
C ILE C 605 -15.48 1.41 50.38
N LEU C 606 -15.13 0.54 51.34
CA LEU C 606 -15.79 -0.77 51.37
C LEU C 606 -17.10 -0.68 52.20
N LEU C 607 -18.26 -0.93 51.58
CA LEU C 607 -19.53 -0.72 52.27
C LEU C 607 -19.95 -1.99 52.92
N ASN C 608 -20.95 -1.84 53.79
CA ASN C 608 -21.67 -2.99 54.28
C ASN C 608 -23.14 -2.72 54.16
N ASP C 609 -23.97 -3.70 54.54
CA ASP C 609 -25.42 -3.58 54.28
C ASP C 609 -26.11 -2.66 55.31
N GLU C 610 -25.37 -2.24 56.34
CA GLU C 610 -25.89 -1.19 57.22
C GLU C 610 -24.88 -0.10 57.63
N VAL C 611 -24.38 0.64 56.63
CA VAL C 611 -23.27 1.55 56.86
C VAL C 611 -23.65 2.65 57.84
N ARG C 612 -22.67 3.04 58.65
CA ARG C 612 -22.88 4.17 59.57
C ARG C 612 -22.80 5.48 58.79
N SER C 613 -23.93 6.15 58.57
CA SER C 613 -23.93 7.31 57.67
C SER C 613 -23.05 8.49 58.15
N ALA C 614 -22.98 8.72 59.45
CA ALA C 614 -22.07 9.74 59.97
C ALA C 614 -20.59 9.51 59.55
N ASP C 615 -20.18 8.25 59.46
CA ASP C 615 -18.80 7.93 59.01
C ASP C 615 -18.65 8.30 57.53
N LEU C 616 -19.55 7.79 56.72
CA LEU C 616 -19.55 8.08 55.28
C LEU C 616 -19.59 9.58 54.97
N LEU C 617 -20.42 10.35 55.70
CA LEU C 617 -20.53 11.78 55.43
C LEU C 617 -19.18 12.44 55.68
N ALA C 618 -18.50 12.09 56.78
CA ALA C 618 -17.23 12.75 57.11
C ALA C 618 -16.08 12.42 56.12
N ILE C 619 -16.02 11.15 55.73
CA ILE C 619 -15.04 10.65 54.72
C ILE C 619 -15.20 11.43 53.42
N LEU C 620 -16.43 11.49 52.95
CA LEU C 620 -16.71 12.03 51.62
C LEU C 620 -16.51 13.54 51.62
N LYS C 621 -16.86 14.22 52.73
CA LYS C 621 -16.66 15.65 52.82
C LYS C 621 -15.15 15.98 52.73
N ALA C 622 -14.33 15.16 53.41
CA ALA C 622 -12.92 15.41 53.48
C ALA C 622 -12.25 15.11 52.13
N LEU C 623 -12.65 14.01 51.52
CA LEU C 623 -12.11 13.66 50.20
C LEU C 623 -12.47 14.74 49.16
N LYS C 624 -13.72 15.18 49.19
CA LYS C 624 -14.16 16.27 48.27
C LYS C 624 -13.34 17.53 48.36
N ALA C 625 -13.05 17.92 49.60
CA ALA C 625 -12.31 19.15 49.85
C ALA C 625 -10.92 19.13 49.20
N LYS C 626 -10.32 17.94 49.05
CA LYS C 626 -8.97 17.85 48.50
C LYS C 626 -8.98 17.32 47.03
N GLY C 627 -10.20 17.11 46.52
CA GLY C 627 -10.35 16.68 45.10
C GLY C 627 -9.97 15.22 44.86
N VAL C 628 -10.12 14.43 45.89
CA VAL C 628 -9.93 13.01 45.87
C VAL C 628 -11.23 12.32 45.53
N HIS C 629 -11.20 11.38 44.59
CA HIS C 629 -12.42 10.59 44.22
C HIS C 629 -12.60 9.39 45.11
N ALA C 630 -13.81 8.89 45.16
CA ALA C 630 -14.17 7.70 45.88
C ALA C 630 -14.87 6.70 44.98
N LYS C 631 -14.67 5.42 45.24
CA LYS C 631 -15.56 4.38 44.66
C LYS C 631 -16.16 3.54 45.79
N LEU C 632 -17.47 3.44 45.78
CA LEU C 632 -18.22 2.68 46.81
C LEU C 632 -18.43 1.26 46.32
N LEU C 633 -17.86 0.33 47.09
CA LEU C 633 -17.80 -1.06 46.71
C LEU C 633 -18.62 -1.91 47.67
N TYR C 634 -19.14 -3.00 47.14
CA TYR C 634 -19.82 -3.97 47.97
C TYR C 634 -19.72 -5.33 47.23
N SER C 635 -20.44 -6.31 47.76
CA SER C 635 -20.38 -7.69 47.26
C SER C 635 -21.31 -7.98 46.08
N ARG C 636 -22.17 -7.01 45.75
CA ARG C 636 -23.09 -7.13 44.60
C ARG C 636 -23.28 -5.73 44.02
N MET C 637 -23.88 -5.59 42.83
CA MET C 637 -24.24 -4.26 42.30
C MET C 637 -25.58 -3.81 42.92
N GLY C 638 -26.06 -2.63 42.54
CA GLY C 638 -27.37 -2.08 42.98
C GLY C 638 -27.15 -1.03 44.06
N GLU C 639 -27.85 -1.11 45.17
CA GLU C 639 -27.68 -0.06 46.18
C GLU C 639 -27.74 -0.73 47.54
N VAL C 640 -27.26 -0.05 48.56
CA VAL C 640 -27.50 -0.50 49.90
C VAL C 640 -28.07 0.69 50.69
N THR C 641 -28.63 0.38 51.86
CA THR C 641 -29.22 1.44 52.68
C THR C 641 -28.51 1.65 54.00
N ALA C 642 -28.11 2.90 54.24
CA ALA C 642 -27.41 3.29 55.47
C ALA C 642 -28.28 3.14 56.72
N ASP C 643 -27.64 3.23 57.88
CA ASP C 643 -28.35 3.01 59.15
C ASP C 643 -29.51 3.99 59.30
N ASP C 644 -29.34 5.20 58.74
CA ASP C 644 -30.31 6.32 58.83
C ASP C 644 -31.21 6.44 57.59
N GLY C 645 -31.35 5.37 56.81
CA GLY C 645 -32.20 5.40 55.62
C GLY C 645 -31.59 5.86 54.30
N THR C 646 -30.42 6.51 54.32
CA THR C 646 -29.76 6.96 53.06
C THR C 646 -29.42 5.81 52.11
N VAL C 647 -29.75 6.00 50.83
CA VAL C 647 -29.54 4.98 49.83
C VAL C 647 -28.21 5.26 49.15
N LEU C 648 -27.37 4.23 49.19
CA LEU C 648 -25.99 4.33 48.71
C LEU C 648 -25.78 3.45 47.50
N PRO C 649 -25.54 4.08 46.31
CA PRO C 649 -25.34 3.34 45.03
C PRO C 649 -23.94 2.67 44.97
N ILE C 650 -23.92 1.41 44.57
CA ILE C 650 -22.67 0.69 44.51
C ILE C 650 -22.03 0.87 43.17
N ALA C 651 -20.75 1.25 43.14
CA ALA C 651 -20.02 1.42 41.90
C ALA C 651 -19.58 0.11 41.25
N ALA C 652 -19.09 -0.81 42.10
CA ALA C 652 -18.40 -2.06 41.64
C ALA C 652 -18.41 -3.03 42.80
N THR C 653 -18.07 -4.30 42.53
CA THR C 653 -17.93 -5.32 43.53
C THR C 653 -16.43 -5.37 43.95
N PHE C 654 -16.17 -5.92 45.13
CA PHE C 654 -14.79 -6.21 45.59
C PHE C 654 -13.90 -6.79 44.45
N ALA C 655 -14.40 -7.79 43.72
CA ALA C 655 -13.60 -8.51 42.67
C ALA C 655 -13.53 -7.68 41.42
N GLY C 656 -14.60 -6.92 41.19
CA GLY C 656 -14.68 -6.15 39.97
C GLY C 656 -13.88 -4.87 39.91
N ALA C 657 -13.64 -4.25 41.07
CA ALA C 657 -12.75 -3.10 41.14
C ALA C 657 -11.72 -3.28 42.24
N PRO C 658 -10.68 -4.07 41.94
CA PRO C 658 -9.77 -4.49 43.02
C PRO C 658 -8.93 -3.33 43.53
N SER C 659 -8.19 -3.59 44.64
CA SER C 659 -7.45 -2.56 45.31
C SER C 659 -6.36 -2.02 44.37
N LEU C 660 -5.96 -2.82 43.39
CA LEU C 660 -4.99 -2.38 42.43
C LEU C 660 -5.31 -1.04 41.81
N THR C 661 -6.60 -0.75 41.69
CA THR C 661 -7.02 0.35 40.89
C THR C 661 -7.19 1.64 41.74
N VAL C 662 -6.94 1.55 43.04
CA VAL C 662 -7.11 2.69 43.95
C VAL C 662 -5.80 3.07 44.64
N ASP C 663 -5.80 4.23 45.30
CA ASP C 663 -4.63 4.68 46.02
C ASP C 663 -4.67 4.46 47.51
N ALA C 664 -5.85 4.12 48.05
CA ALA C 664 -6.00 3.96 49.51
C ALA C 664 -7.33 3.30 49.73
N VAL C 665 -7.56 2.72 50.91
CA VAL C 665 -8.80 2.01 51.16
C VAL C 665 -9.34 2.50 52.48
N ILE C 666 -10.66 2.75 52.56
CA ILE C 666 -11.26 3.19 53.84
C ILE C 666 -12.46 2.25 54.09
N VAL C 667 -12.58 1.77 55.33
CA VAL C 667 -13.72 0.98 55.69
C VAL C 667 -14.48 1.70 56.82
N PRO C 668 -15.70 2.17 56.52
CA PRO C 668 -16.47 2.81 57.60
C PRO C 668 -17.11 1.73 58.46
N CYS C 669 -17.66 2.14 59.60
CA CYS C 669 -18.42 1.23 60.48
C CYS C 669 -19.82 0.83 59.93
N GLY C 670 -20.57 0.09 60.73
CA GLY C 670 -21.95 -0.27 60.37
C GLY C 670 -22.10 -1.72 60.73
N ASN C 671 -22.77 -2.49 59.87
CA ASN C 671 -22.86 -3.94 60.11
C ASN C 671 -21.63 -4.71 59.59
N ILE C 672 -20.53 -4.67 60.31
CA ILE C 672 -19.26 -5.28 59.82
C ILE C 672 -19.42 -6.80 59.57
N ALA C 673 -20.18 -7.48 60.42
CA ALA C 673 -20.44 -8.92 60.25
C ALA C 673 -20.95 -9.29 58.88
N ASP C 674 -21.61 -8.36 58.18
CA ASP C 674 -22.06 -8.55 56.79
C ASP C 674 -20.86 -8.95 55.88
N ILE C 675 -19.74 -8.27 56.07
CA ILE C 675 -18.55 -8.43 55.21
C ILE C 675 -17.32 -9.08 55.90
N ALA C 676 -17.34 -9.11 57.24
CA ALA C 676 -16.28 -9.73 58.07
C ALA C 676 -15.71 -11.07 57.55
N ASP C 677 -16.53 -11.97 57.00
CA ASP C 677 -16.01 -13.26 56.48
C ASP C 677 -16.22 -13.43 54.99
N ASN C 678 -16.37 -12.28 54.31
CA ASN C 678 -16.36 -12.18 52.85
C ASN C 678 -14.88 -12.27 52.46
N GLY C 679 -14.49 -13.38 51.82
CA GLY C 679 -13.09 -13.56 51.40
C GLY C 679 -12.56 -12.42 50.54
N ASP C 680 -13.41 -11.97 49.62
CA ASP C 680 -13.05 -10.90 48.67
C ASP C 680 -12.74 -9.57 49.45
N ALA C 681 -13.53 -9.27 50.48
CA ALA C 681 -13.32 -8.07 51.26
C ALA C 681 -12.00 -8.09 52.08
N ASN C 682 -11.80 -9.21 52.75
CA ASN C 682 -10.54 -9.52 53.36
C ASN C 682 -9.37 -9.47 52.41
N TYR C 683 -9.50 -10.15 51.28
CA TYR C 683 -8.44 -10.13 50.28
C TYR C 683 -8.18 -8.68 49.81
N TYR C 684 -9.24 -7.86 49.66
CA TYR C 684 -9.07 -6.47 49.24
C TYR C 684 -8.04 -5.69 50.11
N LEU C 685 -8.17 -5.84 51.43
CA LEU C 685 -7.31 -5.20 52.36
C LEU C 685 -5.91 -5.80 52.40
N MET C 686 -5.77 -7.13 52.30
CA MET C 686 -4.45 -7.77 52.21
C MET C 686 -3.65 -7.33 51.02
N GLU C 687 -4.33 -7.19 49.88
CA GLU C 687 -3.71 -6.77 48.60
C GLU C 687 -3.24 -5.31 48.75
N ALA C 688 -4.13 -4.45 49.25
CA ALA C 688 -3.79 -3.05 49.43
C ALA C 688 -2.67 -2.92 50.46
N TYR C 689 -2.69 -3.83 51.46
CA TYR C 689 -1.64 -3.75 52.51
C TYR C 689 -0.30 -4.13 51.91
N LYS C 690 -0.27 -5.26 51.19
CA LYS C 690 0.94 -5.71 50.49
C LYS C 690 1.57 -4.63 49.63
N HIS C 691 0.67 -3.90 48.93
CA HIS C 691 1.14 -2.91 47.91
C HIS C 691 1.39 -1.55 48.52
N LEU C 692 1.44 -1.51 49.85
CA LEU C 692 1.88 -0.34 50.61
C LEU C 692 0.94 0.82 50.59
N LYS C 693 -0.35 0.53 50.40
CA LYS C 693 -1.34 1.62 50.32
C LYS C 693 -1.88 1.95 51.72
N PRO C 694 -2.10 3.23 51.97
CA PRO C 694 -2.75 3.68 53.21
C PRO C 694 -4.14 2.99 53.35
N ILE C 695 -4.45 2.57 54.58
CA ILE C 695 -5.70 1.91 54.92
C ILE C 695 -6.24 2.57 56.17
N ALA C 696 -7.51 2.87 56.14
CA ALA C 696 -8.15 3.56 57.29
C ALA C 696 -9.40 2.75 57.71
N LEU C 697 -9.46 2.45 59.02
CA LEU C 697 -10.55 1.63 59.57
C LEU C 697 -11.29 2.38 60.70
N ALA C 698 -12.61 2.60 60.53
CA ALA C 698 -13.43 3.25 61.60
C ALA C 698 -14.26 2.25 62.39
N GLY C 699 -14.25 2.41 63.72
CA GLY C 699 -15.14 1.62 64.62
C GLY C 699 -14.96 0.13 64.47
N ASP C 700 -16.04 -0.61 64.25
CA ASP C 700 -15.95 -2.06 64.13
C ASP C 700 -15.18 -2.58 62.91
N ALA C 701 -15.03 -1.76 61.86
CA ALA C 701 -14.06 -2.06 60.76
C ALA C 701 -12.62 -2.34 61.28
N ARG C 702 -12.33 -1.91 62.51
CA ARG C 702 -11.05 -2.27 63.10
C ARG C 702 -10.88 -3.75 63.34
N LYS C 703 -11.95 -4.51 63.16
CA LYS C 703 -11.84 -5.93 63.31
C LYS C 703 -11.04 -6.51 62.14
N PHE C 704 -10.98 -5.77 61.03
CA PHE C 704 -10.14 -6.17 59.88
C PHE C 704 -8.64 -6.10 60.18
N LYS C 705 -8.25 -5.47 61.29
CA LYS C 705 -6.86 -5.53 61.74
C LYS C 705 -6.33 -6.97 61.80
N ALA C 706 -7.17 -7.93 62.12
CA ALA C 706 -6.65 -9.31 62.27
C ALA C 706 -6.29 -9.89 60.91
N THR C 707 -7.04 -9.54 59.87
CA THR C 707 -6.70 -10.14 58.58
C THR C 707 -5.32 -9.68 58.01
N ILE C 708 -4.83 -8.52 58.46
CA ILE C 708 -3.53 -7.99 58.00
C ILE C 708 -2.47 -7.96 59.11
N LYS C 709 -2.75 -8.74 60.13
CA LYS C 709 -1.85 -8.96 61.24
C LYS C 709 -1.34 -7.68 61.90
N ILE C 710 -2.23 -6.71 62.08
CA ILE C 710 -1.93 -5.45 62.78
C ILE C 710 -2.17 -5.64 64.31
N ALA C 711 -1.19 -5.19 65.11
CA ALA C 711 -1.21 -5.24 66.59
C ALA C 711 -2.20 -4.24 67.20
N ASP C 712 -2.54 -4.39 68.47
CA ASP C 712 -3.56 -3.54 69.10
C ASP C 712 -3.14 -2.07 69.21
N GLN C 713 -1.87 -1.82 69.48
CA GLN C 713 -1.34 -0.45 69.52
C GLN C 713 -1.32 0.21 68.12
N GLY C 714 -1.58 -0.57 67.07
CA GLY C 714 -1.59 -0.10 65.66
C GLY C 714 -0.20 0.06 65.05
N GLU C 715 -0.13 0.66 63.84
CA GLU C 715 1.16 0.86 63.18
C GLU C 715 1.06 1.99 62.17
N GLU C 716 2.21 2.62 61.89
CA GLU C 716 2.29 3.76 60.96
C GLU C 716 1.78 3.27 59.59
N GLY C 717 0.82 3.98 59.00
CA GLY C 717 0.26 3.63 57.70
C GLY C 717 -1.11 3.00 57.78
N ILE C 718 -1.55 2.62 59.00
CA ILE C 718 -2.93 2.14 59.21
C ILE C 718 -3.62 3.17 60.09
N VAL C 719 -4.63 3.86 59.56
CA VAL C 719 -5.35 4.90 60.36
C VAL C 719 -6.53 4.25 61.03
N GLU C 720 -6.69 4.48 62.34
CA GLU C 720 -7.79 3.79 63.01
C GLU C 720 -8.35 4.68 64.11
N ALA C 721 -9.67 4.57 64.28
CA ALA C 721 -10.39 5.32 65.34
C ALA C 721 -11.82 4.86 65.57
N ASP C 722 -12.44 5.35 66.66
CA ASP C 722 -13.81 4.96 66.95
C ASP C 722 -14.81 5.45 65.89
N SER C 723 -14.53 6.63 65.33
CA SER C 723 -15.37 7.24 64.29
C SER C 723 -14.49 7.90 63.24
N ALA C 724 -15.11 8.15 62.08
CA ALA C 724 -14.41 8.78 61.00
C ALA C 724 -14.29 10.30 61.08
N ASP C 725 -14.50 10.99 62.20
CA ASP C 725 -13.70 12.22 62.28
C ASP C 725 -12.83 12.65 63.41
N GLY C 726 -12.93 13.94 63.75
CA GLY C 726 -11.76 14.66 64.27
C GLY C 726 -10.65 14.50 63.21
N SER C 727 -9.54 13.88 63.60
CA SER C 727 -8.36 13.90 62.73
C SER C 727 -8.13 12.66 61.82
N PHE C 728 -9.15 11.81 61.67
CA PHE C 728 -9.00 10.51 61.02
C PHE C 728 -8.76 10.77 59.51
N MET C 729 -9.51 11.72 58.91
CA MET C 729 -9.35 11.94 57.46
C MET C 729 -8.12 12.79 57.17
N ASP C 730 -7.80 13.72 58.07
CA ASP C 730 -6.53 14.41 57.93
C ASP C 730 -5.35 13.44 57.97
N GLU C 731 -5.39 12.46 58.91
CA GLU C 731 -4.33 11.43 58.96
C GLU C 731 -4.21 10.63 57.65
N LEU C 732 -5.34 10.18 57.14
CA LEU C 732 -5.39 9.41 55.91
C LEU C 732 -4.89 10.24 54.72
N LEU C 733 -5.37 11.46 54.62
CA LEU C 733 -4.89 12.33 53.58
C LEU C 733 -3.37 12.66 53.61
N THR C 734 -2.78 12.76 54.80
CA THR C 734 -1.34 12.93 54.89
C THR C 734 -0.60 11.67 54.40
N LEU C 735 -1.13 10.50 54.71
CA LEU C 735 -0.53 9.25 54.16
C LEU C 735 -0.66 9.27 52.65
N MET C 736 -1.79 9.76 52.12
CA MET C 736 -1.95 9.74 50.64
C MET C 736 -0.94 10.70 49.98
N ALA C 737 -0.64 11.83 50.62
CA ALA C 737 0.32 12.80 50.02
C ALA C 737 1.72 12.19 49.92
N ALA C 738 2.01 11.22 50.77
CA ALA C 738 3.27 10.52 50.67
C ALA C 738 3.22 9.25 49.81
N HIS C 739 2.07 9.04 49.18
CA HIS C 739 1.88 7.99 48.13
C HIS C 739 1.82 6.57 48.68
N ARG C 740 2.93 6.08 49.20
CA ARG C 740 2.91 4.70 49.75
C ARG C 740 3.58 4.61 51.13
N VAL C 741 3.32 3.54 51.85
CA VAL C 741 3.81 3.45 53.24
C VAL C 741 5.12 2.63 53.20
N TRP C 742 6.22 3.29 52.85
CA TRP C 742 7.47 2.57 52.57
C TRP C 742 7.98 1.81 53.80
N SER C 743 7.63 2.30 54.97
CA SER C 743 8.11 1.67 56.24
C SER C 743 7.49 0.30 56.50
N ARG C 744 6.41 0.01 55.77
CA ARG C 744 5.74 -1.24 55.82
C ARG C 744 6.48 -2.40 55.16
N ILE C 745 7.44 -2.09 54.27
CA ILE C 745 8.08 -3.11 53.43
C ILE C 745 8.60 -4.33 54.22
N PRO C 746 9.35 -4.14 55.32
CA PRO C 746 9.68 -5.34 56.17
C PRO C 746 8.50 -6.28 56.51
N LYS C 747 7.29 -5.74 56.71
CA LYS C 747 6.14 -6.51 57.21
C LYS C 747 5.36 -7.32 56.17
N ILE C 748 5.56 -6.99 54.91
CA ILE C 748 4.68 -7.56 53.92
C ILE C 748 4.97 -9.01 53.56
N ASP C 749 6.22 -9.44 53.66
CA ASP C 749 6.60 -10.83 53.30
C ASP C 749 5.82 -11.96 54.01
N LYS C 750 5.32 -11.68 55.23
CA LYS C 750 4.54 -12.59 56.07
C LYS C 750 3.03 -12.49 55.78
N ILE C 751 2.67 -11.80 54.70
CA ILE C 751 1.27 -11.78 54.32
C ILE C 751 1.12 -12.69 53.11
N PRO C 752 0.26 -13.71 53.25
CA PRO C 752 -0.08 -14.55 52.10
C PRO C 752 -0.99 -13.80 51.12
N ALA C 753 -0.45 -12.90 50.31
CA ALA C 753 -1.29 -12.20 49.31
C ALA C 753 -0.60 -12.05 47.93
N SER D 28 -8.41 -28.55 -28.98
CA SER D 28 -7.14 -28.17 -29.77
C SER D 28 -7.35 -27.04 -30.91
N LEU D 29 -7.04 -25.83 -30.48
CA LEU D 29 -7.14 -24.59 -31.30
C LEU D 29 -5.88 -24.22 -32.12
N ALA D 30 -4.72 -24.81 -31.80
CA ALA D 30 -3.50 -24.51 -32.55
C ALA D 30 -3.68 -25.09 -33.94
N PRO D 31 -3.09 -24.45 -34.97
CA PRO D 31 -3.09 -25.02 -36.36
C PRO D 31 -2.35 -26.38 -36.38
N GLU D 32 -2.81 -27.38 -37.16
CA GLU D 32 -2.11 -28.71 -37.12
C GLU D 32 -0.66 -28.61 -37.69
N ASP D 33 -0.43 -27.63 -38.56
CA ASP D 33 0.96 -27.43 -39.07
C ASP D 33 2.04 -26.89 -38.06
N GLY D 34 1.65 -26.52 -36.82
CA GLY D 34 2.64 -26.00 -35.85
C GLY D 34 3.13 -24.58 -36.13
N SER D 35 2.46 -23.85 -37.02
CA SER D 35 2.90 -22.46 -37.36
C SER D 35 2.56 -21.42 -36.26
N HIS D 36 1.88 -21.87 -35.21
CA HIS D 36 1.58 -20.93 -34.15
C HIS D 36 2.89 -20.65 -33.35
N ARG D 37 3.91 -21.51 -33.46
CA ARG D 37 5.01 -21.53 -32.47
C ARG D 37 6.33 -21.15 -33.18
N PRO D 38 7.05 -20.17 -32.66
CA PRO D 38 8.25 -19.73 -33.32
C PRO D 38 9.36 -20.75 -33.12
N ALA D 39 10.25 -20.85 -34.11
CA ALA D 39 11.40 -21.73 -34.00
C ALA D 39 12.34 -21.24 -32.89
N ALA D 40 12.89 -22.19 -32.12
CA ALA D 40 13.81 -21.88 -31.03
C ALA D 40 15.26 -21.79 -31.55
N GLU D 41 15.44 -20.84 -32.49
CA GLU D 41 16.69 -20.63 -33.16
C GLU D 41 16.73 -19.18 -33.56
N PRO D 42 17.90 -18.60 -33.76
CA PRO D 42 17.96 -17.19 -34.18
C PRO D 42 17.29 -16.96 -35.56
N THR D 43 16.52 -15.89 -35.70
CA THR D 43 15.72 -15.70 -36.89
C THR D 43 15.67 -14.21 -37.07
N PRO D 44 15.65 -13.74 -38.27
CA PRO D 44 15.62 -12.28 -38.48
C PRO D 44 14.30 -11.61 -38.12
N PRO D 45 14.33 -10.26 -37.94
CA PRO D 45 13.12 -9.55 -37.53
C PRO D 45 11.98 -9.83 -38.53
N GLY D 46 10.82 -10.12 -37.96
CA GLY D 46 9.62 -10.37 -38.76
C GLY D 46 9.49 -11.77 -39.35
N ALA D 47 10.50 -12.63 -39.28
CA ALA D 47 10.36 -13.98 -39.86
C ALA D 47 9.42 -14.89 -39.02
N GLN D 48 9.38 -14.69 -37.68
CA GLN D 48 8.60 -15.57 -36.84
C GLN D 48 7.98 -14.64 -35.80
N PRO D 49 6.91 -15.07 -35.14
CA PRO D 49 6.39 -14.29 -33.98
C PRO D 49 7.49 -14.27 -32.92
N THR D 50 7.52 -13.17 -32.17
CA THR D 50 8.40 -13.10 -31.04
C THR D 50 7.91 -13.96 -29.89
N ALA D 51 8.83 -14.31 -28.97
CA ALA D 51 8.48 -15.19 -27.85
C ALA D 51 9.23 -14.83 -26.59
N PRO D 52 8.72 -15.29 -25.44
CA PRO D 52 9.56 -15.23 -24.21
C PRO D 52 10.98 -15.76 -24.41
N GLY D 53 11.99 -15.11 -23.81
CA GLY D 53 13.35 -15.52 -24.09
C GLY D 53 13.64 -16.96 -23.77
N SER D 54 13.11 -17.52 -22.69
CA SER D 54 13.49 -18.87 -22.32
C SER D 54 12.89 -19.93 -23.34
N LEU D 55 11.89 -19.52 -24.12
CA LEU D 55 11.29 -20.40 -25.13
C LEU D 55 12.00 -20.16 -26.46
N LYS D 56 12.38 -18.89 -26.75
CA LYS D 56 13.08 -18.63 -28.01
C LYS D 56 14.51 -19.11 -27.98
N ALA D 57 15.20 -19.02 -26.84
CA ALA D 57 16.64 -19.30 -26.77
C ALA D 57 16.91 -20.10 -25.47
N PRO D 58 16.37 -21.34 -25.40
CA PRO D 58 16.44 -22.11 -24.15
C PRO D 58 17.89 -22.45 -23.80
N ASP D 59 18.81 -22.44 -24.75
CA ASP D 59 20.15 -22.93 -24.40
C ASP D 59 21.05 -21.73 -24.04
N THR D 60 20.55 -20.47 -24.12
CA THR D 60 21.34 -19.30 -23.68
C THR D 60 21.20 -19.17 -22.19
N ARG D 61 22.30 -19.30 -21.49
CA ARG D 61 22.24 -19.35 -20.06
C ARG D 61 23.29 -18.49 -19.43
N ASN D 62 23.01 -18.03 -18.19
CA ASN D 62 24.02 -17.46 -17.30
C ASN D 62 23.61 -17.72 -15.87
N GLU D 63 24.48 -17.43 -14.92
CA GLU D 63 24.20 -17.79 -13.56
C GLU D 63 22.89 -17.13 -13.00
N LYS D 64 22.59 -15.87 -13.43
CA LYS D 64 21.33 -15.27 -12.95
C LYS D 64 20.11 -15.96 -13.62
N LEU D 65 20.23 -16.16 -14.96
CA LEU D 65 19.06 -16.80 -15.64
C LEU D 65 18.77 -18.23 -15.07
N ASN D 66 19.85 -18.97 -14.71
CA ASN D 66 19.64 -20.27 -14.07
C ASN D 66 19.03 -20.14 -12.72
N SER D 67 19.41 -19.12 -11.96
CA SER D 67 18.87 -18.94 -10.58
C SER D 67 17.41 -18.58 -10.62
N LEU D 68 16.84 -18.08 -11.76
CA LEU D 68 15.42 -17.78 -11.87
C LEU D 68 14.59 -18.97 -12.21
N GLU D 69 15.20 -20.14 -12.40
CA GLU D 69 14.44 -21.36 -12.68
C GLU D 69 13.41 -21.69 -11.59
N ASP D 70 13.68 -21.40 -10.32
CA ASP D 70 12.77 -21.70 -9.21
C ASP D 70 11.43 -20.99 -9.31
N VAL D 71 11.39 -19.90 -10.05
CA VAL D 71 10.14 -19.16 -10.15
C VAL D 71 9.54 -19.14 -11.58
N ARG D 72 10.22 -19.70 -12.57
CA ARG D 72 9.66 -19.76 -13.93
C ARG D 72 8.48 -20.75 -13.92
N LYS D 73 7.34 -20.37 -14.50
CA LYS D 73 6.15 -21.27 -14.50
C LYS D 73 5.87 -21.52 -15.98
N GLY D 74 5.79 -22.79 -16.35
CA GLY D 74 5.29 -23.19 -17.69
C GLY D 74 3.77 -23.22 -17.78
N SER D 75 3.26 -24.00 -18.72
CA SER D 75 1.81 -23.99 -18.95
C SER D 75 1.32 -25.17 -19.75
N GLU D 76 2.13 -25.60 -20.74
CA GLU D 76 1.64 -26.65 -21.63
C GLU D 76 1.41 -27.90 -20.81
N ASN D 77 0.31 -28.56 -21.19
CA ASN D 77 -0.12 -29.79 -20.55
C ASN D 77 -0.66 -29.67 -19.11
N TYR D 78 -0.77 -28.46 -18.55
CA TYR D 78 -1.28 -28.33 -17.19
C TYR D 78 -2.74 -27.89 -17.23
N ALA D 79 -3.44 -28.32 -16.19
CA ALA D 79 -4.85 -27.93 -15.98
C ALA D 79 -4.92 -26.46 -15.52
N LEU D 80 -6.02 -25.78 -15.96
CA LEU D 80 -6.26 -24.38 -15.52
C LEU D 80 -6.77 -24.49 -14.10
N THR D 81 -6.28 -23.62 -13.19
CA THR D 81 -6.70 -23.71 -11.79
C THR D 81 -6.87 -22.32 -11.21
N THR D 82 -7.53 -22.25 -10.07
CA THR D 82 -7.47 -21.04 -9.29
C THR D 82 -6.01 -20.92 -8.73
N ASN D 83 -5.77 -19.77 -8.08
CA ASN D 83 -4.45 -19.60 -7.41
C ASN D 83 -4.26 -20.48 -6.22
N GLN D 84 -5.32 -21.10 -5.74
CA GLN D 84 -5.30 -22.09 -4.67
C GLN D 84 -5.19 -23.54 -5.19
N GLY D 85 -4.97 -23.71 -6.49
CA GLY D 85 -4.71 -25.03 -7.10
C GLY D 85 -5.97 -25.81 -7.38
N VAL D 86 -7.15 -25.16 -7.36
CA VAL D 86 -8.41 -25.91 -7.64
C VAL D 86 -8.69 -25.88 -9.13
N ARG D 87 -8.87 -27.06 -9.75
CA ARG D 87 -9.15 -27.04 -11.19
C ARG D 87 -10.46 -26.41 -11.56
N ILE D 88 -10.42 -25.67 -12.66
CA ILE D 88 -11.61 -24.94 -13.11
C ILE D 88 -12.21 -25.74 -14.25
N ALA D 89 -13.53 -25.90 -14.18
CA ALA D 89 -14.26 -26.63 -15.28
C ALA D 89 -14.79 -25.69 -16.37
N ASP D 90 -15.32 -24.54 -15.95
CA ASP D 90 -15.92 -23.62 -16.94
C ASP D 90 -15.39 -22.24 -16.71
N ASP D 91 -14.44 -21.84 -17.53
CA ASP D 91 -13.79 -20.53 -17.41
C ASP D 91 -14.49 -19.60 -18.45
N GLN D 92 -15.73 -19.90 -18.81
CA GLN D 92 -16.38 -18.97 -19.74
C GLN D 92 -17.57 -18.30 -19.10
N ASN D 93 -17.94 -18.65 -17.89
CA ASN D 93 -19.25 -18.20 -17.34
C ASN D 93 -19.15 -17.98 -15.86
N SER D 94 -19.89 -16.98 -15.38
CA SER D 94 -20.10 -16.72 -13.95
C SER D 94 -21.21 -17.69 -13.49
N LEU D 95 -21.18 -17.94 -12.19
CA LEU D 95 -22.27 -18.69 -11.61
C LEU D 95 -23.48 -17.83 -11.38
N ARG D 96 -24.66 -18.32 -11.82
CA ARG D 96 -25.87 -17.49 -11.72
C ARG D 96 -27.05 -18.38 -11.37
N ALA D 97 -28.11 -17.76 -10.89
CA ALA D 97 -29.33 -18.53 -10.53
C ALA D 97 -30.18 -18.53 -11.79
N GLY D 98 -30.05 -19.56 -12.57
CA GLY D 98 -30.63 -19.61 -13.91
C GLY D 98 -29.66 -19.07 -14.91
N SER D 99 -29.75 -19.60 -16.15
CA SER D 99 -28.80 -19.12 -17.15
C SER D 99 -29.01 -17.68 -17.58
N ARG D 100 -30.14 -17.06 -17.32
CA ARG D 100 -30.34 -15.57 -17.50
C ARG D 100 -30.52 -14.91 -16.13
N GLY D 101 -29.98 -15.49 -15.07
CA GLY D 101 -30.28 -14.95 -13.76
C GLY D 101 -29.10 -14.11 -13.18
N PRO D 102 -29.25 -13.70 -11.93
CA PRO D 102 -28.21 -12.82 -11.34
C PRO D 102 -27.00 -13.64 -10.96
N THR D 103 -25.83 -12.99 -10.97
CA THR D 103 -24.59 -13.62 -10.57
C THR D 103 -24.56 -13.76 -9.03
N LEU D 104 -24.03 -14.90 -8.55
CA LEU D 104 -24.05 -15.18 -7.15
C LEU D 104 -22.73 -14.82 -6.47
N LEU D 105 -22.80 -14.30 -5.28
CA LEU D 105 -21.63 -13.94 -4.47
C LEU D 105 -20.78 -15.14 -4.19
N GLU D 106 -21.33 -16.37 -4.19
CA GLU D 106 -20.51 -17.54 -3.85
C GLU D 106 -19.62 -17.96 -5.04
N ASP D 107 -19.67 -17.24 -6.16
CA ASP D 107 -18.72 -17.57 -7.22
C ASP D 107 -17.28 -17.04 -6.90
N PHE D 108 -16.53 -17.93 -6.24
CA PHE D 108 -15.19 -17.60 -5.72
C PHE D 108 -14.22 -17.69 -6.88
N ILE D 109 -14.55 -18.41 -7.97
CA ILE D 109 -13.62 -18.53 -9.11
C ILE D 109 -13.64 -17.21 -9.92
N LEU D 110 -14.83 -16.66 -10.17
CA LEU D 110 -14.98 -15.37 -10.76
C LEU D 110 -14.29 -14.34 -9.86
N ARG D 111 -14.63 -14.30 -8.59
CA ARG D 111 -14.12 -13.17 -7.78
C ARG D 111 -12.57 -13.28 -7.67
N GLU D 112 -11.97 -14.46 -7.55
CA GLU D 112 -10.49 -14.46 -7.52
C GLU D 112 -9.91 -13.92 -8.83
N LYS D 113 -10.45 -14.35 -9.98
CA LYS D 113 -9.91 -13.94 -11.28
C LYS D 113 -10.04 -12.44 -11.43
N ILE D 114 -11.21 -11.90 -11.12
CA ILE D 114 -11.41 -10.47 -11.30
C ILE D 114 -10.62 -9.69 -10.25
N THR D 115 -10.47 -10.20 -9.02
CA THR D 115 -9.69 -9.48 -7.95
C THR D 115 -8.28 -9.35 -8.48
N HIS D 116 -7.76 -10.45 -9.04
CA HIS D 116 -6.35 -10.39 -9.46
C HIS D 116 -6.17 -9.32 -10.56
N PHE D 117 -7.10 -9.38 -11.50
CA PHE D 117 -7.12 -8.43 -12.59
C PHE D 117 -7.19 -7.00 -12.07
N ASP D 118 -8.09 -6.79 -11.12
CA ASP D 118 -8.35 -5.44 -10.56
C ASP D 118 -7.14 -4.81 -9.89
N HIS D 119 -6.13 -5.67 -9.51
CA HIS D 119 -4.98 -5.11 -8.78
C HIS D 119 -3.71 -5.43 -9.54
N GLU D 120 -3.82 -5.54 -10.87
CA GLU D 120 -2.59 -5.83 -11.64
C GLU D 120 -1.54 -4.72 -11.68
N ARG D 121 -1.96 -3.45 -11.58
CA ARG D 121 -1.04 -2.32 -11.83
C ARG D 121 -0.37 -1.89 -10.55
N ILE D 122 0.94 -1.55 -10.73
CA ILE D 122 1.71 -0.93 -9.65
C ILE D 122 2.13 0.45 -10.11
N PRO D 123 2.55 1.30 -9.16
CA PRO D 123 2.95 2.61 -9.61
C PRO D 123 4.12 2.58 -10.62
N GLU D 124 4.09 3.46 -11.64
CA GLU D 124 5.28 3.46 -12.55
C GLU D 124 6.38 4.21 -11.85
N ARG D 125 7.56 4.07 -12.41
CA ARG D 125 8.74 4.79 -11.87
C ARG D 125 8.50 6.29 -11.99
N ILE D 126 9.00 7.09 -11.02
CA ILE D 126 8.65 8.51 -11.03
C ILE D 126 9.27 9.17 -12.27
N VAL D 127 10.48 8.74 -12.63
CA VAL D 127 11.12 9.12 -13.90
C VAL D 127 11.64 7.82 -14.55
N HIS D 128 11.88 7.92 -15.85
CA HIS D 128 12.33 6.70 -16.68
C HIS D 128 11.27 5.59 -16.62
N ALA D 129 9.99 6.02 -16.53
CA ALA D 129 8.93 4.99 -16.49
C ALA D 129 8.87 4.14 -17.79
N ARG D 130 9.32 4.65 -18.94
CA ARG D 130 9.23 3.96 -20.29
C ARG D 130 10.63 3.32 -20.52
N GLY D 131 10.68 1.99 -20.47
CA GLY D 131 12.05 1.37 -20.64
C GLY D 131 11.90 -0.07 -21.10
N SER D 132 13.04 -0.51 -21.63
CA SER D 132 13.07 -1.86 -22.28
C SER D 132 14.34 -2.56 -21.85
N ALA D 133 14.22 -3.85 -21.51
CA ALA D 133 15.34 -4.50 -20.76
C ALA D 133 15.72 -5.82 -21.34
N ALA D 134 16.97 -6.25 -21.02
CA ALA D 134 17.40 -7.57 -21.48
C ALA D 134 18.49 -8.10 -20.58
N HIS D 135 18.66 -9.42 -20.64
CA HIS D 135 19.73 -10.12 -19.88
C HIS D 135 20.99 -10.22 -20.68
N GLY D 136 22.10 -10.36 -19.97
CA GLY D 136 23.38 -10.57 -20.72
C GLY D 136 24.49 -10.85 -19.74
N TYR D 137 25.72 -10.65 -20.23
CA TYR D 137 26.89 -10.94 -19.36
C TYR D 137 28.03 -9.97 -19.66
N PHE D 138 28.91 -9.79 -18.65
CA PHE D 138 30.04 -8.85 -18.78
C PHE D 138 31.29 -9.64 -18.39
N GLN D 139 32.37 -9.27 -19.04
CA GLN D 139 33.68 -9.90 -18.74
C GLN D 139 34.74 -8.79 -18.87
N PRO D 140 35.68 -8.66 -17.91
CA PRO D 140 36.77 -7.66 -18.13
C PRO D 140 37.84 -8.21 -19.06
N TYR D 141 38.52 -7.31 -19.72
CA TYR D 141 39.64 -7.73 -20.63
C TYR D 141 40.83 -8.16 -19.89
N LYS D 142 41.12 -7.53 -18.76
CA LYS D 142 42.28 -7.88 -17.89
C LYS D 142 41.91 -7.57 -16.45
N SER D 143 42.66 -8.15 -15.52
CA SER D 143 42.48 -7.84 -14.11
C SER D 143 42.78 -6.36 -13.86
N LEU D 144 41.91 -5.69 -13.10
CA LEU D 144 42.15 -4.25 -12.77
C LEU D 144 42.54 -4.19 -11.29
N SER D 145 43.08 -5.28 -10.73
CA SER D 145 43.46 -5.28 -9.28
C SER D 145 44.45 -4.16 -8.89
N ASP D 146 45.22 -3.64 -9.83
CA ASP D 146 46.08 -2.48 -9.47
C ASP D 146 45.36 -1.20 -9.09
N ILE D 147 44.13 -1.02 -9.60
CA ILE D 147 43.38 0.22 -9.37
C ILE D 147 42.08 -0.02 -8.57
N THR D 148 41.58 -1.27 -8.51
CA THR D 148 40.33 -1.50 -7.74
C THR D 148 40.34 -2.96 -7.24
N LYS D 149 39.84 -3.14 -6.03
CA LYS D 149 39.63 -4.48 -5.52
C LYS D 149 38.26 -5.03 -5.84
N ALA D 150 37.54 -4.39 -6.78
CA ALA D 150 36.22 -4.94 -7.10
C ALA D 150 36.35 -6.35 -7.72
N ASP D 151 35.60 -7.30 -7.13
CA ASP D 151 35.76 -8.71 -7.50
C ASP D 151 35.39 -8.91 -8.99
N PHE D 152 34.33 -8.21 -9.45
CA PHE D 152 33.91 -8.47 -10.83
C PHE D 152 34.92 -7.98 -11.90
N LEU D 153 35.92 -7.17 -11.50
CA LEU D 153 36.89 -6.62 -12.49
C LEU D 153 38.28 -7.29 -12.18
N SER D 154 38.29 -8.35 -11.36
CA SER D 154 39.55 -8.93 -10.88
C SER D 154 40.21 -9.96 -11.85
N ASP D 155 39.46 -10.46 -12.80
CA ASP D 155 39.92 -11.70 -13.55
C ASP D 155 39.19 -11.70 -14.89
N PRO D 156 39.92 -11.74 -16.00
CA PRO D 156 39.31 -11.76 -17.31
C PRO D 156 38.47 -13.06 -17.54
N ASN D 157 38.63 -14.09 -16.73
CA ASN D 157 37.84 -15.28 -16.93
C ASN D 157 36.56 -15.29 -16.06
N LYS D 158 36.40 -14.30 -15.20
CA LYS D 158 35.20 -14.15 -14.38
C LYS D 158 34.06 -13.43 -15.16
N ILE D 159 33.01 -14.20 -15.42
CA ILE D 159 31.80 -13.69 -16.11
C ILE D 159 30.80 -13.24 -15.08
N THR D 160 30.26 -12.02 -15.30
CA THR D 160 29.22 -11.52 -14.35
C THR D 160 27.93 -11.41 -15.15
N PRO D 161 26.83 -12.07 -14.72
CA PRO D 161 25.59 -11.79 -15.40
C PRO D 161 25.17 -10.32 -15.18
N VAL D 162 24.47 -9.79 -16.18
CA VAL D 162 23.87 -8.47 -16.06
C VAL D 162 22.40 -8.47 -16.44
N PHE D 163 21.68 -7.43 -15.99
CA PHE D 163 20.35 -7.15 -16.53
C PHE D 163 20.39 -5.66 -16.84
N VAL D 164 20.00 -5.28 -18.02
CA VAL D 164 20.11 -3.89 -18.43
C VAL D 164 18.77 -3.38 -18.83
N ARG D 165 18.45 -2.18 -18.34
CA ARG D 165 17.22 -1.47 -18.77
C ARG D 165 17.62 -0.14 -19.42
N PHE D 166 17.11 0.09 -20.61
CA PHE D 166 17.28 1.38 -21.30
C PHE D 166 15.95 2.11 -21.20
N SER D 167 15.96 3.42 -21.21
CA SER D 167 14.70 4.11 -20.92
C SER D 167 14.70 5.48 -21.51
N THR D 168 13.51 6.09 -21.54
CA THR D 168 13.46 7.56 -21.72
C THR D 168 13.29 8.17 -20.35
N VAL D 169 13.17 9.48 -20.24
CA VAL D 169 13.07 10.14 -18.89
C VAL D 169 11.71 10.62 -18.54
N GLN D 170 11.11 11.41 -19.41
CA GLN D 170 9.90 12.15 -18.98
C GLN D 170 8.59 11.37 -19.09
N GLY D 171 8.42 10.59 -20.14
CA GLY D 171 7.06 10.07 -20.43
C GLY D 171 6.71 8.88 -19.56
N GLY D 172 5.41 8.60 -19.52
CA GLY D 172 4.97 7.45 -18.73
C GLY D 172 5.24 6.12 -19.40
N ALA D 173 4.95 5.02 -18.70
CA ALA D 173 5.29 3.68 -19.19
C ALA D 173 4.63 3.39 -20.56
N GLY D 174 3.52 4.11 -20.88
CA GLY D 174 2.81 3.83 -22.17
C GLY D 174 3.09 4.93 -23.17
N SER D 175 4.13 5.78 -22.90
CA SER D 175 4.57 6.79 -23.89
C SER D 175 5.42 6.18 -25.01
N ALA D 176 5.78 7.00 -25.98
CA ALA D 176 6.48 6.52 -27.18
C ALA D 176 7.98 6.47 -27.00
N ASP D 177 8.60 5.56 -27.77
CA ASP D 177 10.09 5.38 -27.67
C ASP D 177 10.92 6.48 -28.36
N THR D 178 10.56 6.93 -29.57
CA THR D 178 11.50 7.81 -30.33
C THR D 178 11.23 9.31 -30.14
N VAL D 179 10.89 9.66 -28.90
CA VAL D 179 10.73 11.08 -28.49
C VAL D 179 12.14 11.70 -28.50
N ARG D 180 12.19 13.05 -28.44
CA ARG D 180 13.46 13.71 -28.12
C ARG D 180 13.56 13.75 -26.61
N ASP D 181 14.59 13.09 -26.04
CA ASP D 181 14.76 13.07 -24.59
C ASP D 181 16.13 12.57 -24.30
N ILE D 182 16.54 12.72 -23.04
CA ILE D 182 17.70 11.90 -22.59
C ILE D 182 17.25 10.48 -22.47
N ARG D 183 18.20 9.56 -22.64
CA ARG D 183 17.94 8.12 -22.37
C ARG D 183 18.69 7.66 -21.16
N GLY D 184 18.01 6.78 -20.41
CA GLY D 184 18.69 6.08 -19.29
C GLY D 184 19.29 4.79 -19.84
N PHE D 185 20.35 4.38 -19.14
CA PHE D 185 21.12 3.19 -19.47
C PHE D 185 21.57 2.65 -18.12
N ALA D 186 20.81 1.67 -17.63
CA ALA D 186 21.03 1.12 -16.27
C ALA D 186 21.42 -0.31 -16.33
N THR D 187 22.50 -0.65 -15.64
CA THR D 187 23.04 -2.03 -15.66
C THR D 187 23.20 -2.60 -14.25
N LYS D 188 22.54 -3.72 -14.02
CA LYS D 188 22.65 -4.45 -12.75
C LYS D 188 23.65 -5.58 -12.96
N PHE D 189 24.78 -5.44 -12.25
CA PHE D 189 25.84 -6.51 -12.30
C PHE D 189 25.68 -7.44 -11.13
N TYR D 190 25.43 -8.71 -11.39
CA TYR D 190 25.18 -9.63 -10.28
C TYR D 190 26.54 -10.26 -9.92
N THR D 191 27.24 -9.54 -9.05
CA THR D 191 28.62 -10.01 -8.74
C THR D 191 28.69 -10.99 -7.60
N GLU D 192 29.89 -11.56 -7.41
CA GLU D 192 30.09 -12.52 -6.32
C GLU D 192 30.18 -11.82 -4.94
N GLU D 193 30.31 -10.50 -4.93
CA GLU D 193 30.46 -9.72 -3.70
C GLU D 193 29.37 -8.69 -3.59
N GLY D 194 28.24 -8.96 -4.28
CA GLY D 194 27.04 -8.08 -4.19
C GLY D 194 26.61 -7.50 -5.53
N ILE D 195 25.39 -6.99 -5.54
CA ILE D 195 24.82 -6.33 -6.75
C ILE D 195 25.51 -4.96 -6.87
N PHE D 196 26.06 -4.68 -8.06
CA PHE D 196 26.48 -3.30 -8.38
C PHE D 196 25.62 -2.80 -9.50
N ASP D 197 24.91 -1.65 -9.23
CA ASP D 197 24.09 -1.04 -10.26
C ASP D 197 24.80 0.20 -10.76
N LEU D 198 25.03 0.22 -12.04
CA LEU D 198 25.66 1.38 -12.74
C LEU D 198 24.48 2.08 -13.48
N VAL D 199 24.00 3.16 -12.88
CA VAL D 199 22.66 3.70 -13.31
C VAL D 199 23.01 5.01 -14.06
N GLY D 200 23.16 4.96 -15.37
CA GLY D 200 23.69 6.03 -16.18
C GLY D 200 22.67 6.54 -17.21
N ASN D 201 23.09 7.52 -17.95
CA ASN D 201 22.34 8.07 -19.13
C ASN D 201 23.15 8.06 -20.38
N ASN D 202 22.56 8.51 -21.48
CA ASN D 202 23.30 8.56 -22.77
C ASN D 202 23.97 9.87 -23.06
N THR D 203 24.07 10.77 -22.08
CA THR D 203 24.94 12.00 -22.24
C THR D 203 25.81 12.02 -20.97
N PRO D 204 26.97 12.71 -21.00
CA PRO D 204 27.97 12.57 -19.96
C PRO D 204 27.78 13.55 -18.83
N ILE D 205 26.66 14.27 -18.87
CA ILE D 205 26.35 15.24 -17.80
C ILE D 205 24.88 15.20 -17.50
N PHE D 206 24.50 15.91 -16.47
CA PHE D 206 23.09 16.06 -16.12
C PHE D 206 22.65 17.53 -16.27
N PHE D 207 21.33 17.79 -16.14
CA PHE D 207 20.86 19.19 -16.25
C PHE D 207 21.12 20.06 -15.02
N ILE D 208 21.24 19.47 -13.83
CA ILE D 208 21.29 20.26 -12.62
C ILE D 208 22.45 19.85 -11.78
N GLN D 209 22.83 20.73 -10.82
CA GLN D 209 24.04 20.47 -9.98
C GLN D 209 23.74 19.85 -8.61
N ASP D 210 22.60 20.16 -7.99
CA ASP D 210 22.33 19.72 -6.66
C ASP D 210 20.98 18.99 -6.63
N ALA D 211 20.98 17.81 -6.00
CA ALA D 211 19.76 16.99 -5.90
C ALA D 211 18.55 17.73 -5.32
N HIS D 212 18.78 18.72 -4.44
CA HIS D 212 17.63 19.47 -3.93
C HIS D 212 16.74 20.04 -5.05
N LYS D 213 17.33 20.29 -6.24
CA LYS D 213 16.50 20.79 -7.31
C LYS D 213 15.87 19.74 -8.23
N PHE D 214 16.11 18.48 -7.95
CA PHE D 214 15.64 17.49 -8.92
C PHE D 214 14.08 17.53 -9.05
N PRO D 215 13.31 17.67 -7.92
CA PRO D 215 11.86 17.71 -8.15
C PRO D 215 11.45 18.94 -8.91
N ASP D 216 12.18 20.05 -8.79
CA ASP D 216 11.85 21.25 -9.60
C ASP D 216 12.10 21.03 -11.09
N PHE D 217 13.32 20.54 -11.38
CA PHE D 217 13.60 20.29 -12.77
C PHE D 217 12.59 19.26 -13.38
N VAL D 218 12.41 18.14 -12.67
CA VAL D 218 11.54 17.13 -13.25
C VAL D 218 10.11 17.68 -13.39
N HIS D 219 9.63 18.37 -12.35
CA HIS D 219 8.27 18.96 -12.55
C HIS D 219 8.22 19.90 -13.73
N ALA D 220 9.31 20.65 -13.98
CA ALA D 220 9.24 21.56 -15.13
C ALA D 220 9.24 20.84 -16.49
N VAL D 221 9.93 19.67 -16.60
CA VAL D 221 10.00 18.99 -17.93
C VAL D 221 8.75 18.08 -18.10
N LYS D 222 8.19 17.60 -17.00
CA LYS D 222 7.01 16.67 -17.08
C LYS D 222 5.74 17.42 -17.53
N PRO D 223 4.67 16.71 -17.88
CA PRO D 223 3.45 17.41 -18.37
C PRO D 223 2.99 18.42 -17.26
N GLU D 224 2.46 19.53 -17.70
CA GLU D 224 2.15 20.67 -16.87
C GLU D 224 0.95 20.29 -16.00
N PRO D 225 0.89 20.77 -14.76
CA PRO D 225 0.07 20.13 -13.77
C PRO D 225 -1.45 20.40 -13.87
N HIS D 226 -1.85 21.48 -14.53
CA HIS D 226 -3.29 21.71 -14.66
C HIS D 226 -3.91 20.68 -15.60
N TRP D 227 -3.28 20.46 -16.74
CA TRP D 227 -3.93 19.61 -17.78
C TRP D 227 -3.19 18.33 -18.17
N ALA D 228 -2.02 18.15 -17.60
CA ALA D 228 -1.18 16.98 -17.95
C ALA D 228 -0.85 16.83 -19.40
N ILE D 229 -0.35 17.93 -19.98
CA ILE D 229 0.13 17.94 -21.32
C ILE D 229 1.53 18.67 -21.21
N PRO D 230 2.55 18.36 -22.07
CA PRO D 230 2.61 17.36 -23.12
C PRO D 230 3.30 16.07 -22.64
N GLN D 231 2.89 14.94 -23.24
CA GLN D 231 3.61 13.68 -22.93
C GLN D 231 4.85 13.53 -23.77
N GLY D 232 5.94 13.13 -23.08
CA GLY D 232 7.19 12.78 -23.82
C GLY D 232 7.89 13.92 -24.47
N GLN D 233 7.74 15.16 -24.07
CA GLN D 233 8.23 16.32 -24.85
C GLN D 233 8.67 17.34 -23.83
N SER D 234 9.82 17.92 -24.14
CA SER D 234 10.22 19.11 -23.32
C SER D 234 9.78 20.38 -23.99
N ALA D 235 9.08 20.23 -25.09
CA ALA D 235 8.70 21.42 -25.93
C ALA D 235 7.43 22.05 -25.36
N HIS D 236 7.64 22.74 -24.23
CA HIS D 236 6.54 23.44 -23.61
C HIS D 236 7.09 24.51 -22.66
N ASP D 237 6.19 25.44 -22.27
CA ASP D 237 6.66 26.63 -21.52
C ASP D 237 7.37 26.34 -20.19
N THR D 238 6.92 25.40 -19.35
CA THR D 238 7.56 25.29 -18.07
C THR D 238 8.97 24.77 -18.14
N PHE D 239 9.27 23.87 -19.10
CA PHE D 239 10.64 23.41 -19.24
C PHE D 239 11.54 24.59 -19.58
N TRP D 240 11.12 25.34 -20.58
CA TRP D 240 12.03 26.39 -21.03
C TRP D 240 12.06 27.58 -20.07
N ASP D 241 11.01 27.78 -19.32
CA ASP D 241 11.05 28.76 -18.21
C ASP D 241 12.14 28.40 -17.25
N TYR D 242 12.17 27.14 -16.76
CA TYR D 242 13.23 26.68 -15.83
C TYR D 242 14.63 26.83 -16.44
N VAL D 243 14.75 26.34 -17.67
CA VAL D 243 16.08 26.47 -18.36
C VAL D 243 16.51 27.95 -18.37
N SER D 244 15.58 28.84 -18.75
CA SER D 244 15.96 30.26 -18.91
C SER D 244 16.43 30.89 -17.61
N LEU D 245 16.01 30.33 -16.49
CA LEU D 245 16.27 30.80 -15.12
C LEU D 245 17.36 30.04 -14.42
N GLN D 246 17.79 28.94 -15.00
CA GLN D 246 18.85 28.10 -14.38
C GLN D 246 19.85 27.74 -15.49
N PRO D 247 20.78 28.64 -15.83
CA PRO D 247 21.78 28.38 -16.90
C PRO D 247 22.66 27.14 -16.67
N GLU D 248 22.68 26.55 -15.46
CA GLU D 248 23.44 25.30 -15.28
C GLU D 248 22.88 24.22 -16.19
N THR D 249 21.58 24.31 -16.56
CA THR D 249 20.94 23.29 -17.39
C THR D 249 21.43 23.35 -18.80
N LEU D 250 22.13 24.41 -19.31
CA LEU D 250 22.31 24.61 -20.76
C LEU D 250 23.16 23.55 -21.39
N HIS D 251 24.10 22.97 -20.64
CA HIS D 251 24.99 21.97 -21.27
C HIS D 251 24.15 20.73 -21.61
N ASN D 252 23.38 20.13 -20.68
CA ASN D 252 22.61 18.95 -21.08
C ASN D 252 21.47 19.28 -22.03
N VAL D 253 20.95 20.52 -21.97
CA VAL D 253 19.93 20.92 -22.99
C VAL D 253 20.57 20.91 -24.39
N MET D 254 21.83 21.42 -24.53
CA MET D 254 22.53 21.28 -25.84
C MET D 254 22.58 19.84 -26.35
N TRP D 255 22.93 18.91 -25.44
CA TRP D 255 22.94 17.50 -25.88
C TRP D 255 21.52 17.02 -26.25
N ALA D 256 20.49 17.42 -25.53
CA ALA D 256 19.11 16.95 -25.87
C ALA D 256 18.63 17.51 -27.19
N MET D 257 19.04 18.73 -27.46
CA MET D 257 18.66 19.37 -28.74
C MET D 257 19.41 18.85 -29.94
N SER D 258 20.55 18.25 -29.70
CA SER D 258 21.30 17.67 -30.79
C SER D 258 20.62 16.33 -31.15
N ASP D 259 21.16 15.71 -32.18
CA ASP D 259 20.62 14.39 -32.54
C ASP D 259 20.93 13.35 -31.48
N ARG D 260 21.74 13.67 -30.45
CA ARG D 260 21.90 12.71 -29.32
C ARG D 260 20.52 12.46 -28.67
N GLY D 261 19.57 13.39 -28.81
CA GLY D 261 18.29 13.25 -28.12
C GLY D 261 17.34 12.32 -28.84
N ILE D 262 17.75 11.84 -30.03
CA ILE D 262 16.87 10.97 -30.86
C ILE D 262 17.68 9.78 -31.44
N PRO D 263 18.18 8.88 -30.57
CA PRO D 263 18.98 7.76 -31.08
C PRO D 263 18.23 6.82 -32.01
N ARG D 264 18.97 6.24 -32.91
CA ARG D 264 18.40 5.22 -33.89
C ARG D 264 17.94 3.97 -33.10
N SER D 265 18.70 3.61 -32.11
CA SER D 265 18.42 2.37 -31.33
C SER D 265 19.17 2.44 -30.05
N TYR D 266 18.78 1.67 -29.04
CA TYR D 266 19.59 1.61 -27.81
C TYR D 266 20.98 1.00 -28.05
N ARG D 267 21.09 0.24 -29.13
CA ARG D 267 22.40 -0.31 -29.54
C ARG D 267 23.37 0.72 -30.08
N THR D 268 22.89 1.91 -30.50
CA THR D 268 23.77 2.85 -31.20
C THR D 268 23.76 4.17 -30.44
N MET D 269 23.78 4.07 -29.11
CA MET D 269 23.99 5.28 -28.30
C MET D 269 25.15 5.00 -27.32
N GLU D 270 25.75 6.09 -26.76
CA GLU D 270 26.74 5.90 -25.72
C GLU D 270 26.01 5.88 -24.34
N GLY D 271 26.73 5.41 -23.33
CA GLY D 271 26.27 5.44 -21.93
C GLY D 271 27.34 6.15 -21.13
N PHE D 272 26.90 6.72 -20.00
CA PHE D 272 27.80 7.42 -19.06
C PHE D 272 27.28 7.31 -17.66
N GLY D 273 28.16 7.11 -16.67
CA GLY D 273 27.71 7.19 -15.28
C GLY D 273 27.49 8.62 -14.81
N VAL D 274 27.96 9.62 -15.59
CA VAL D 274 27.87 11.11 -15.29
C VAL D 274 28.81 11.48 -14.16
N HIS D 275 28.62 10.99 -12.96
CA HIS D 275 29.37 11.46 -11.82
C HIS D 275 30.77 10.90 -11.79
N THR D 276 31.64 11.67 -11.14
CA THR D 276 32.94 11.08 -10.73
C THR D 276 32.68 10.22 -9.49
N PHE D 277 33.11 8.97 -9.59
CA PHE D 277 33.10 8.05 -8.43
C PHE D 277 34.57 7.79 -8.06
N ARG D 278 34.78 6.87 -7.15
CA ARG D 278 36.19 6.42 -6.81
C ARG D 278 36.31 4.94 -7.02
N LEU D 279 37.53 4.57 -7.48
CA LEU D 279 37.98 3.20 -7.36
C LEU D 279 38.95 3.10 -6.19
N ILE D 280 38.88 1.98 -5.44
CA ILE D 280 39.74 1.82 -4.27
C ILE D 280 40.42 0.45 -4.45
N ASN D 281 41.77 0.46 -4.35
CA ASN D 281 42.53 -0.77 -4.52
C ASN D 281 42.84 -1.41 -3.17
N ALA D 282 43.49 -2.58 -3.21
CA ALA D 282 43.71 -3.30 -1.95
C ALA D 282 44.72 -2.59 -1.04
N GLU D 283 45.52 -1.69 -1.61
CA GLU D 283 46.48 -0.87 -0.79
C GLU D 283 45.77 0.35 -0.20
N GLY D 284 44.49 0.56 -0.56
CA GLY D 284 43.65 1.69 -0.06
C GLY D 284 43.81 2.97 -0.90
N LYS D 285 44.48 2.89 -2.02
CA LYS D 285 44.58 4.08 -2.91
C LYS D 285 43.25 4.30 -3.60
N ALA D 286 42.80 5.55 -3.59
CA ALA D 286 41.58 5.99 -4.32
C ALA D 286 42.01 6.64 -5.67
N THR D 287 41.32 6.29 -6.76
CA THR D 287 41.50 6.94 -8.03
C THR D 287 40.10 7.47 -8.41
N PHE D 288 39.97 8.73 -8.86
CA PHE D 288 38.66 9.17 -9.42
C PHE D 288 38.42 8.50 -10.72
N VAL D 289 37.13 8.17 -10.92
CA VAL D 289 36.76 7.50 -12.20
C VAL D 289 35.42 8.11 -12.73
N ARG D 290 35.34 8.18 -14.04
CA ARG D 290 33.99 8.31 -14.67
C ARG D 290 33.80 7.15 -15.61
N PHE D 291 32.60 6.59 -15.56
CA PHE D 291 32.24 5.35 -16.33
C PHE D 291 31.66 5.70 -17.66
N HIS D 292 32.07 4.91 -18.67
CA HIS D 292 31.57 5.04 -20.04
C HIS D 292 31.13 3.72 -20.63
N TRP D 293 30.09 3.73 -21.44
CA TRP D 293 29.82 2.58 -22.35
C TRP D 293 29.93 3.01 -23.78
N LYS D 294 30.75 2.27 -24.55
CA LYS D 294 30.87 2.54 -26.00
C LYS D 294 30.07 1.53 -26.76
N PRO D 295 29.20 1.96 -27.66
CA PRO D 295 28.42 0.97 -28.42
C PRO D 295 29.25 0.37 -29.56
N LEU D 296 29.38 -0.96 -29.51
CA LEU D 296 30.14 -1.64 -30.58
C LEU D 296 29.46 -1.61 -31.92
N ALA D 297 28.17 -1.33 -31.99
CA ALA D 297 27.44 -1.12 -33.25
C ALA D 297 27.71 0.30 -33.82
N GLY D 298 28.41 1.15 -33.10
CA GLY D 298 28.58 2.50 -33.51
C GLY D 298 27.51 3.47 -32.99
N LYS D 299 27.74 4.76 -33.21
CA LYS D 299 26.74 5.76 -32.76
C LYS D 299 25.87 6.12 -33.97
N ALA D 300 24.60 6.25 -33.74
CA ALA D 300 23.65 6.60 -34.87
C ALA D 300 22.41 7.21 -34.27
N SER D 301 21.90 8.26 -34.95
CA SER D 301 20.63 8.83 -34.52
C SER D 301 19.71 9.03 -35.68
N LEU D 302 18.46 9.25 -35.35
CA LEU D 302 17.46 9.62 -36.32
C LEU D 302 17.56 11.09 -36.62
N VAL D 303 16.71 11.58 -37.54
CA VAL D 303 16.49 13.07 -37.71
C VAL D 303 15.13 13.38 -37.14
N TRP D 304 14.93 14.65 -36.75
CA TRP D 304 13.75 14.96 -35.95
C TRP D 304 12.41 14.56 -36.65
N ASP D 305 12.18 14.97 -37.89
CA ASP D 305 10.90 14.72 -38.50
C ASP D 305 10.56 13.21 -38.54
N GLU D 306 11.57 12.42 -38.80
CA GLU D 306 11.48 10.95 -38.75
C GLU D 306 11.18 10.45 -37.35
N ALA D 307 11.95 10.89 -36.32
CA ALA D 307 11.65 10.50 -34.96
C ALA D 307 10.22 10.83 -34.53
N GLN D 308 9.78 12.01 -34.89
CA GLN D 308 8.45 12.46 -34.38
C GLN D 308 7.41 11.67 -35.09
N LYS D 309 7.57 11.49 -36.38
CA LYS D 309 6.62 10.68 -37.12
C LYS D 309 6.54 9.20 -36.66
N LEU D 310 7.71 8.68 -36.30
CA LEU D 310 7.79 7.32 -35.87
C LEU D 310 7.11 7.17 -34.54
N THR D 311 7.04 8.20 -33.69
CA THR D 311 6.31 8.04 -32.43
C THR D 311 4.84 7.75 -32.70
N GLY D 312 4.33 8.14 -33.87
CA GLY D 312 2.95 7.77 -34.28
C GLY D 312 2.86 6.44 -35.03
N ARG D 313 3.77 6.17 -35.98
CA ARG D 313 3.67 4.97 -36.82
C ARG D 313 4.08 3.76 -35.98
N ASP D 314 5.11 3.94 -35.11
CA ASP D 314 5.42 2.78 -34.16
C ASP D 314 6.03 3.33 -32.87
N PRO D 315 5.17 3.58 -31.88
CA PRO D 315 5.65 4.08 -30.58
C PRO D 315 6.48 3.09 -29.81
N ASP D 316 6.53 1.85 -30.29
CA ASP D 316 7.35 0.86 -29.57
C ASP D 316 8.65 0.53 -30.34
N PHE D 317 9.08 1.42 -31.26
CA PHE D 317 10.14 1.10 -32.22
C PHE D 317 11.44 0.65 -31.48
N HIS D 318 11.87 1.36 -30.42
CA HIS D 318 13.14 0.97 -29.78
C HIS D 318 13.00 -0.34 -28.97
N ARG D 319 11.85 -0.53 -28.32
CA ARG D 319 11.66 -1.71 -27.55
C ARG D 319 11.63 -2.95 -28.53
N ARG D 320 10.98 -2.73 -29.70
CA ARG D 320 10.86 -3.77 -30.70
C ARG D 320 12.19 -4.14 -31.29
N GLU D 321 12.96 -3.10 -31.61
CA GLU D 321 14.26 -3.26 -32.27
C GLU D 321 15.23 -3.98 -31.35
N LEU D 322 15.18 -3.64 -30.05
CA LEU D 322 16.05 -4.34 -29.12
C LEU D 322 15.72 -5.85 -29.00
N TRP D 323 14.44 -6.10 -28.81
CA TRP D 323 13.99 -7.50 -28.67
C TRP D 323 14.34 -8.35 -29.91
N GLU D 324 14.12 -7.75 -31.08
CA GLU D 324 14.28 -8.45 -32.37
C GLU D 324 15.73 -8.55 -32.70
N ALA D 325 16.55 -7.60 -32.29
CA ALA D 325 18.02 -7.76 -32.54
C ALA D 325 18.54 -8.96 -31.72
N ILE D 326 18.08 -9.07 -30.46
CA ILE D 326 18.49 -10.22 -29.62
C ILE D 326 17.96 -11.55 -30.23
N GLU D 327 16.73 -11.56 -30.70
CA GLU D 327 16.19 -12.84 -31.26
C GLU D 327 16.93 -13.17 -32.55
N ALA D 328 17.50 -12.19 -33.23
CA ALA D 328 18.25 -12.46 -34.46
C ALA D 328 19.70 -12.85 -34.22
N GLY D 329 20.16 -12.70 -33.00
CA GLY D 329 21.60 -12.86 -32.72
C GLY D 329 22.44 -11.63 -32.97
N ASP D 330 21.84 -10.53 -33.22
CA ASP D 330 22.54 -9.23 -33.36
C ASP D 330 22.66 -8.64 -31.96
N PHE D 331 23.36 -9.34 -31.05
CA PHE D 331 23.33 -8.97 -29.64
C PHE D 331 23.85 -7.57 -29.48
N PRO D 332 23.19 -6.76 -28.68
CA PRO D 332 23.79 -5.41 -28.36
C PRO D 332 25.09 -5.65 -27.58
N GLU D 333 26.20 -5.04 -28.03
CA GLU D 333 27.43 -5.17 -27.30
C GLU D 333 27.95 -3.80 -26.95
N TYR D 334 28.55 -3.68 -25.76
CA TYR D 334 29.07 -2.35 -25.35
C TYR D 334 30.42 -2.59 -24.63
N GLU D 335 31.36 -1.68 -24.81
CA GLU D 335 32.60 -1.72 -24.09
C GLU D 335 32.55 -0.74 -22.91
N LEU D 336 32.79 -1.29 -21.70
CA LEU D 336 32.93 -0.45 -20.48
C LEU D 336 34.31 0.18 -20.60
N GLY D 337 34.35 1.46 -20.27
CA GLY D 337 35.59 2.22 -20.24
C GLY D 337 35.61 3.16 -19.04
N PHE D 338 36.82 3.46 -18.57
CA PHE D 338 36.97 4.33 -17.41
C PHE D 338 37.81 5.55 -17.81
N GLN D 339 37.38 6.72 -17.36
CA GLN D 339 38.32 7.92 -17.37
C GLN D 339 38.86 8.00 -15.97
N LEU D 340 40.18 7.90 -15.81
CA LEU D 340 40.81 7.80 -14.49
C LEU D 340 41.60 9.06 -14.22
N ILE D 341 41.42 9.61 -13.03
CA ILE D 341 42.19 10.88 -12.67
C ILE D 341 42.76 10.59 -11.26
N PRO D 342 44.07 10.73 -11.10
CA PRO D 342 44.64 10.48 -9.77
C PRO D 342 44.15 11.53 -8.78
N GLU D 343 44.17 11.16 -7.54
CA GLU D 343 43.67 12.01 -6.49
C GLU D 343 44.40 13.40 -6.46
N GLU D 344 45.70 13.41 -6.76
CA GLU D 344 46.55 14.66 -6.81
C GLU D 344 46.10 15.59 -7.92
N ASP D 345 45.28 15.13 -8.87
CA ASP D 345 44.95 15.98 -10.03
C ASP D 345 43.51 16.51 -9.90
N GLU D 346 42.94 16.38 -8.73
CA GLU D 346 41.52 16.80 -8.52
C GLU D 346 41.27 18.22 -9.03
N PHE D 347 42.25 19.14 -8.82
CA PHE D 347 42.00 20.55 -9.04
C PHE D 347 42.68 21.10 -10.24
N LYS D 348 43.07 20.21 -11.14
CA LYS D 348 43.87 20.59 -12.31
C LYS D 348 43.09 20.96 -13.51
N PHE D 349 41.76 21.01 -13.43
CA PHE D 349 40.94 21.36 -14.58
C PHE D 349 40.23 22.68 -14.39
N ASP D 350 39.76 23.26 -15.50
CA ASP D 350 39.02 24.49 -15.38
C ASP D 350 37.62 24.32 -14.73
N PHE D 351 37.19 23.10 -14.59
CA PHE D 351 35.85 22.82 -14.09
C PHE D 351 36.06 21.92 -12.87
N ASP D 352 35.03 21.81 -12.01
CA ASP D 352 35.19 20.95 -10.87
C ASP D 352 34.83 19.52 -11.18
N LEU D 353 35.66 18.56 -10.75
CA LEU D 353 35.32 17.14 -11.09
C LEU D 353 34.00 16.70 -10.47
N LEU D 354 33.58 17.38 -9.44
CA LEU D 354 32.35 16.97 -8.70
C LEU D 354 31.13 17.64 -9.27
N ASP D 355 31.28 18.38 -10.37
CA ASP D 355 30.09 19.10 -10.90
C ASP D 355 29.56 18.23 -12.04
N PRO D 356 28.32 17.72 -11.86
CA PRO D 356 27.72 16.81 -12.90
C PRO D 356 27.20 17.54 -14.11
N THR D 357 27.30 18.85 -14.21
CA THR D 357 26.99 19.57 -15.48
C THR D 357 28.23 19.76 -16.35
N LYS D 358 29.38 19.22 -15.89
CA LYS D 358 30.63 19.38 -16.63
C LYS D 358 31.03 18.02 -17.13
N LEU D 359 31.52 17.94 -18.37
CA LEU D 359 32.13 16.64 -18.80
C LEU D 359 33.64 16.72 -18.72
N ILE D 360 34.29 15.55 -18.79
CA ILE D 360 35.75 15.51 -18.78
C ILE D 360 36.08 15.18 -20.29
N PRO D 361 36.63 16.13 -21.03
CA PRO D 361 36.90 15.87 -22.46
C PRO D 361 37.87 14.69 -22.63
N GLU D 362 37.57 13.78 -23.57
CA GLU D 362 38.47 12.68 -23.74
C GLU D 362 39.86 13.09 -24.28
N GLU D 363 39.91 14.26 -24.89
CA GLU D 363 41.23 14.80 -25.33
C GLU D 363 42.13 15.10 -24.12
N LEU D 364 41.55 15.44 -22.99
CA LEU D 364 42.26 15.66 -21.75
C LEU D 364 42.51 14.39 -20.96
N VAL D 365 41.50 13.54 -20.84
CA VAL D 365 41.61 12.33 -20.06
C VAL D 365 41.00 11.19 -20.95
N PRO D 366 41.82 10.30 -21.48
CA PRO D 366 41.28 9.21 -22.37
C PRO D 366 40.47 8.17 -21.60
N VAL D 367 39.53 7.58 -22.33
CA VAL D 367 38.80 6.46 -21.78
C VAL D 367 39.67 5.20 -21.93
N GLN D 368 39.95 4.51 -20.84
CA GLN D 368 40.69 3.25 -20.88
C GLN D 368 39.69 2.13 -21.01
N ARG D 369 39.87 1.25 -21.95
CA ARG D 369 38.95 0.10 -22.19
C ARG D 369 39.06 -0.85 -21.01
N VAL D 370 37.92 -1.33 -20.51
CA VAL D 370 37.94 -2.22 -19.37
C VAL D 370 37.27 -3.59 -19.60
N GLY D 371 36.19 -3.70 -20.35
CA GLY D 371 35.57 -5.05 -20.52
C GLY D 371 34.38 -4.92 -21.48
N LYS D 372 33.73 -6.05 -21.74
CA LYS D 372 32.72 -6.04 -22.80
C LYS D 372 31.48 -6.62 -22.16
N MET D 373 30.35 -5.99 -22.46
CA MET D 373 29.02 -6.49 -22.10
C MET D 373 28.26 -6.89 -23.35
N VAL D 374 27.62 -8.05 -23.31
CA VAL D 374 26.77 -8.57 -24.39
C VAL D 374 25.40 -8.85 -23.87
N LEU D 375 24.37 -8.32 -24.55
CA LEU D 375 22.99 -8.64 -24.03
C LEU D 375 22.47 -9.68 -25.01
N ASN D 376 22.20 -10.87 -24.49
CA ASN D 376 21.92 -11.93 -25.46
C ASN D 376 20.67 -12.72 -25.09
N ARG D 377 19.81 -12.22 -24.18
CA ARG D 377 18.52 -13.00 -23.98
C ARG D 377 17.46 -11.99 -23.54
N ASN D 378 16.26 -12.07 -24.13
CA ASN D 378 15.16 -11.26 -23.67
C ASN D 378 14.52 -11.87 -22.48
N PRO D 379 13.78 -11.04 -21.70
CA PRO D 379 13.10 -11.57 -20.55
C PRO D 379 11.98 -12.58 -20.99
N ASP D 380 11.38 -13.26 -20.02
CA ASP D 380 10.21 -14.13 -20.21
C ASP D 380 8.92 -13.32 -20.04
N ASN D 381 8.89 -12.48 -18.99
CA ASN D 381 7.68 -11.71 -18.69
C ASN D 381 8.06 -10.28 -18.39
N PHE D 382 7.55 -9.37 -19.19
CA PHE D 382 8.02 -7.97 -19.07
C PHE D 382 7.67 -7.44 -17.72
N PHE D 383 6.44 -7.65 -17.22
CA PHE D 383 6.14 -7.09 -15.87
C PHE D 383 7.04 -7.64 -14.81
N ALA D 384 7.19 -8.96 -14.79
CA ALA D 384 7.88 -9.55 -13.65
C ALA D 384 9.38 -9.17 -13.60
N GLU D 385 9.96 -9.06 -14.78
CA GLU D 385 11.43 -8.84 -14.88
C GLU D 385 11.80 -7.38 -15.16
N ASN D 386 11.10 -6.70 -16.11
CA ASN D 386 11.47 -5.33 -16.48
C ASN D 386 10.76 -4.43 -15.46
N GLU D 387 9.41 -4.53 -15.41
CA GLU D 387 8.69 -3.49 -14.68
C GLU D 387 9.13 -3.51 -13.19
N GLN D 388 9.34 -4.70 -12.56
CA GLN D 388 9.67 -4.74 -11.14
C GLN D 388 11.17 -4.67 -10.88
N ALA D 389 12.03 -4.51 -11.92
CA ALA D 389 13.49 -4.43 -11.60
C ALA D 389 13.76 -3.08 -10.86
N ALA D 390 14.64 -3.12 -9.86
CA ALA D 390 14.97 -1.92 -9.06
C ALA D 390 16.51 -1.68 -9.20
N PHE D 391 16.90 -0.59 -9.87
CA PHE D 391 18.30 -0.20 -9.99
C PHE D 391 18.54 0.96 -9.04
N HIS D 392 19.71 1.05 -8.46
CA HIS D 392 19.96 2.18 -7.58
C HIS D 392 21.46 2.41 -7.47
N PRO D 393 21.90 3.65 -7.78
CA PRO D 393 23.39 3.87 -7.85
C PRO D 393 24.09 3.75 -6.47
N GLY D 394 23.36 3.79 -5.38
CA GLY D 394 23.95 3.43 -4.07
C GLY D 394 24.32 1.98 -3.95
N HIS D 395 23.91 1.12 -4.91
CA HIS D 395 24.29 -0.28 -4.84
C HIS D 395 25.70 -0.45 -5.38
N ILE D 396 26.71 -0.20 -4.53
CA ILE D 396 28.12 -0.41 -4.95
C ILE D 396 28.70 -1.58 -4.16
N VAL D 397 29.94 -1.94 -4.51
CA VAL D 397 30.59 -3.13 -3.91
C VAL D 397 31.99 -2.69 -3.43
N PRO D 398 32.58 -3.44 -2.55
CA PRO D 398 33.97 -3.08 -2.17
C PRO D 398 34.89 -2.98 -3.37
N GLY D 399 35.69 -1.93 -3.37
CA GLY D 399 36.46 -1.57 -4.54
C GLY D 399 35.94 -0.33 -5.26
N LEU D 400 34.72 0.09 -4.90
CA LEU D 400 34.12 1.33 -5.44
C LEU D 400 33.76 2.22 -4.25
N ASP D 401 33.68 3.50 -4.53
CA ASP D 401 33.17 4.43 -3.48
C ASP D 401 32.61 5.67 -4.19
N PHE D 402 31.95 6.48 -3.39
CA PHE D 402 31.32 7.67 -3.84
C PHE D 402 32.23 8.90 -3.82
N THR D 403 31.77 9.99 -4.37
CA THR D 403 32.40 11.26 -4.12
C THR D 403 31.36 12.24 -3.60
N ASN D 404 31.80 13.50 -3.35
CA ASN D 404 30.80 14.46 -2.78
C ASN D 404 30.03 15.24 -3.87
N ASP D 405 30.01 14.75 -5.14
CA ASP D 405 29.12 15.33 -6.15
C ASP D 405 27.73 15.49 -5.51
N PRO D 406 27.19 16.73 -5.50
CA PRO D 406 25.99 16.99 -4.64
C PRO D 406 24.68 16.48 -5.32
N LEU D 407 24.76 16.10 -6.57
CA LEU D 407 23.63 15.43 -7.28
C LEU D 407 23.66 13.94 -6.86
N LEU D 408 24.85 13.33 -7.03
CA LEU D 408 25.04 11.92 -6.61
C LEU D 408 24.63 11.74 -5.18
N GLN D 409 25.05 12.67 -4.31
CA GLN D 409 24.78 12.51 -2.89
C GLN D 409 23.28 12.39 -2.62
N GLY D 410 22.42 13.18 -3.30
CA GLY D 410 20.95 13.07 -3.10
C GLY D 410 20.36 11.86 -3.74
N ARG D 411 20.94 11.44 -4.86
CA ARG D 411 20.45 10.18 -5.47
C ARG D 411 20.53 9.08 -4.52
N LEU D 412 21.60 9.03 -3.69
CA LEU D 412 21.68 7.90 -2.81
C LEU D 412 20.47 7.70 -1.85
N PHE D 413 19.82 8.78 -1.48
CA PHE D 413 18.60 8.72 -0.67
C PHE D 413 17.41 8.14 -1.49
N SER D 414 17.24 8.65 -2.72
CA SER D 414 15.98 8.48 -3.48
C SER D 414 15.70 7.03 -3.91
N TYR D 415 16.74 6.34 -4.37
CA TYR D 415 16.44 5.04 -5.03
C TYR D 415 16.08 3.96 -4.06
N THR D 416 16.40 4.09 -2.76
CA THR D 416 15.84 3.07 -1.88
C THR D 416 14.41 3.48 -1.34
N ASP D 417 14.26 4.78 -1.12
CA ASP D 417 13.01 5.32 -0.65
C ASP D 417 11.84 4.97 -1.63
N THR D 418 12.09 5.25 -2.88
CA THR D 418 10.99 5.15 -3.92
C THR D 418 10.44 3.73 -4.05
N GLN D 419 11.30 2.73 -3.77
CA GLN D 419 10.78 1.37 -3.85
C GLN D 419 9.78 0.99 -2.87
N ILE D 420 9.70 1.66 -1.70
CA ILE D 420 8.68 1.30 -0.69
C ILE D 420 7.24 1.49 -1.23
N SER D 421 7.02 2.47 -2.11
CA SER D 421 5.72 2.55 -2.73
C SER D 421 5.68 1.86 -4.07
N ARG D 422 6.75 1.93 -4.86
CA ARG D 422 6.64 1.36 -6.17
C ARG D 422 6.51 -0.13 -6.15
N LEU D 423 7.32 -0.76 -5.29
CA LEU D 423 7.36 -2.23 -5.28
C LEU D 423 6.75 -2.74 -3.98
N GLY D 424 6.12 -1.90 -3.15
CA GLY D 424 5.18 -2.37 -2.16
C GLY D 424 5.82 -2.57 -0.80
N GLY D 425 7.12 -2.35 -0.67
CA GLY D 425 7.67 -2.51 0.69
C GLY D 425 9.13 -2.72 0.63
N PRO D 426 9.74 -3.05 1.78
CA PRO D 426 11.19 -3.10 1.92
C PRO D 426 11.82 -4.43 1.54
N ASN D 427 10.96 -5.41 1.08
CA ASN D 427 11.46 -6.68 0.60
C ASN D 427 11.59 -6.76 -0.90
N PHE D 428 11.80 -5.60 -1.57
CA PHE D 428 11.92 -5.59 -3.05
C PHE D 428 13.13 -6.37 -3.55
N HIS D 429 14.18 -6.58 -2.71
CA HIS D 429 15.29 -7.42 -3.11
C HIS D 429 14.95 -8.90 -3.24
N GLU D 430 13.81 -9.31 -2.72
CA GLU D 430 13.37 -10.68 -2.88
C GLU D 430 12.51 -10.89 -4.13
N ILE D 431 12.16 -9.82 -4.84
CA ILE D 431 11.50 -10.02 -6.13
C ILE D 431 12.58 -10.71 -7.00
N PRO D 432 12.23 -11.76 -7.79
CA PRO D 432 13.28 -12.57 -8.32
C PRO D 432 14.34 -11.83 -9.14
N ILE D 433 13.91 -10.95 -10.01
CA ILE D 433 14.90 -10.23 -10.83
C ILE D 433 15.94 -9.44 -10.00
N ASN D 434 15.52 -8.97 -8.82
CA ASN D 434 16.43 -8.12 -8.03
C ASN D 434 17.33 -8.96 -7.10
N ARG D 435 17.06 -10.26 -6.98
CA ARG D 435 17.81 -11.02 -5.99
C ARG D 435 19.31 -11.11 -6.34
N PRO D 436 20.18 -10.95 -5.33
CA PRO D 436 21.64 -11.21 -5.59
C PRO D 436 21.79 -12.70 -5.91
N THR D 437 22.82 -13.02 -6.67
CA THR D 437 23.19 -14.45 -6.93
C THR D 437 24.21 -14.95 -5.88
N CYS D 438 24.80 -14.00 -5.16
CA CYS D 438 25.72 -14.32 -4.04
C CYS D 438 24.95 -14.39 -2.75
N PRO D 439 25.59 -14.88 -1.67
CA PRO D 439 24.85 -15.00 -0.38
C PRO D 439 24.45 -13.69 0.21
N TYR D 440 23.31 -13.69 0.87
CA TYR D 440 22.97 -12.47 1.63
C TYR D 440 22.29 -12.99 2.91
N HIS D 441 22.76 -12.48 4.05
CA HIS D 441 22.28 -12.90 5.37
C HIS D 441 22.43 -11.73 6.33
N ASN D 442 21.39 -11.44 7.09
CA ASN D 442 21.47 -10.34 8.11
C ASN D 442 20.35 -10.50 9.07
N PHE D 443 20.19 -9.49 9.89
CA PHE D 443 19.24 -9.60 11.01
C PHE D 443 17.96 -8.80 10.71
N GLN D 444 17.79 -8.38 9.44
CA GLN D 444 16.55 -7.68 9.04
C GLN D 444 15.41 -8.72 8.93
N ARG D 445 14.20 -8.34 9.38
CA ARG D 445 13.08 -9.33 9.43
C ARG D 445 11.82 -8.62 8.94
N ASP D 446 10.84 -9.44 8.59
CA ASP D 446 9.43 -9.01 8.40
C ASP D 446 9.29 -8.08 7.22
N GLY D 447 8.30 -7.17 7.29
CA GLY D 447 7.96 -6.31 6.15
C GLY D 447 6.95 -7.02 5.27
N MET D 448 6.22 -6.18 4.45
CA MET D 448 5.24 -6.79 3.55
C MET D 448 5.86 -7.75 2.54
N HIS D 449 5.18 -8.80 2.14
N HIS D 449 5.06 -8.84 2.36
CA HIS D 449 5.78 -9.65 1.08
CA HIS D 449 5.34 -10.02 1.44
C HIS D 449 7.07 -10.31 1.56
C HIS D 449 6.76 -10.52 1.58
N ARG D 450 7.10 -10.72 2.83
CA ARG D 450 8.38 -11.38 3.30
C ARG D 450 8.45 -12.82 2.74
N MET D 451 9.38 -13.08 1.86
CA MET D 451 9.59 -14.42 1.33
C MET D 451 10.52 -15.30 2.16
N GLY D 452 11.67 -14.78 2.50
CA GLY D 452 12.65 -15.65 3.26
C GLY D 452 12.17 -15.96 4.66
N ILE D 453 12.26 -17.23 5.03
CA ILE D 453 11.90 -17.73 6.36
C ILE D 453 13.20 -17.88 7.14
N ASP D 454 13.48 -16.91 8.02
CA ASP D 454 14.75 -17.00 8.74
C ASP D 454 14.67 -18.02 9.86
N THR D 455 15.74 -18.81 9.92
CA THR D 455 15.76 -19.77 11.00
C THR D 455 16.76 -19.37 12.10
N ASN D 456 17.48 -18.29 11.93
CA ASN D 456 18.41 -17.88 13.03
C ASN D 456 17.64 -17.68 14.34
N PRO D 457 18.09 -18.30 15.44
CA PRO D 457 17.53 -18.02 16.76
C PRO D 457 17.61 -16.51 17.09
N ALA D 458 18.59 -15.80 16.53
CA ALA D 458 18.82 -14.36 16.83
C ALA D 458 18.36 -13.55 15.68
N ASN D 459 17.78 -12.41 16.02
CA ASN D 459 17.48 -11.39 15.01
C ASN D 459 18.18 -10.07 15.39
N TYR D 460 19.31 -10.15 16.07
CA TYR D 460 20.05 -8.94 16.47
C TYR D 460 21.50 -9.33 16.61
N GLU D 461 22.36 -8.31 16.54
CA GLU D 461 23.76 -8.55 16.96
C GLU D 461 24.18 -7.36 17.80
N PRO D 462 25.10 -7.56 18.74
CA PRO D 462 25.79 -8.86 19.01
C PRO D 462 24.90 -9.82 19.69
N ASN D 463 25.03 -11.13 19.36
CA ASN D 463 24.29 -12.15 20.11
C ASN D 463 25.24 -13.26 20.50
N SER D 464 24.87 -13.91 21.57
CA SER D 464 25.59 -15.17 21.92
C SER D 464 24.77 -16.38 21.50
N ILE D 465 23.45 -16.22 21.39
CA ILE D 465 22.60 -17.41 21.21
C ILE D 465 22.79 -18.08 19.85
N ASN D 466 23.34 -17.38 18.85
CA ASN D 466 23.75 -17.98 17.60
C ASN D 466 25.23 -17.78 17.31
N ASP D 467 25.99 -17.63 18.42
CA ASP D 467 27.44 -17.40 18.28
C ASP D 467 27.76 -16.22 17.39
N ASN D 468 26.87 -15.24 17.46
CA ASN D 468 27.06 -14.01 16.65
C ASN D 468 26.98 -14.06 15.14
N TRP D 469 26.45 -15.17 14.61
CA TRP D 469 26.35 -15.28 13.14
C TRP D 469 24.94 -14.76 12.74
N PRO D 470 24.89 -14.18 11.52
CA PRO D 470 26.03 -13.95 10.56
C PRO D 470 26.94 -12.78 11.05
N ARG D 471 28.21 -12.96 10.84
CA ARG D 471 29.25 -12.04 11.39
C ARG D 471 29.80 -10.99 10.43
N GLU D 472 30.19 -9.83 11.00
CA GLU D 472 30.91 -8.81 10.25
C GLU D 472 32.22 -9.39 9.71
N THR D 473 32.67 -8.79 8.61
CA THR D 473 33.92 -9.25 7.95
C THR D 473 34.82 -8.01 7.81
N PRO D 474 36.07 -8.10 8.30
CA PRO D 474 36.93 -6.94 8.06
C PRO D 474 37.23 -6.66 6.58
N PRO D 475 37.59 -5.43 6.26
CA PRO D 475 37.96 -5.13 4.86
C PRO D 475 39.26 -5.82 4.55
N GLY D 476 39.42 -6.11 3.29
CA GLY D 476 40.64 -6.84 2.87
C GLY D 476 40.69 -6.82 1.38
N PRO D 477 41.68 -7.46 0.77
CA PRO D 477 41.87 -7.41 -0.66
C PRO D 477 40.83 -8.13 -1.45
N LYS D 478 40.20 -9.17 -0.85
CA LYS D 478 39.20 -9.96 -1.57
C LYS D 478 38.20 -10.43 -0.53
N ARG D 479 36.91 -10.46 -0.88
CA ARG D 479 35.90 -11.00 0.03
C ARG D 479 35.82 -10.33 1.44
N GLY D 480 36.23 -9.07 1.44
CA GLY D 480 36.21 -8.33 2.69
C GLY D 480 34.98 -7.46 2.87
N GLY D 481 34.80 -6.94 4.06
CA GLY D 481 33.63 -6.03 4.30
C GLY D 481 33.78 -4.68 3.67
N PHE D 482 32.67 -3.97 3.49
CA PHE D 482 32.78 -2.65 2.89
C PHE D 482 33.20 -1.64 3.97
N GLU D 483 34.17 -0.82 3.58
CA GLU D 483 34.59 0.34 4.40
C GLU D 483 34.69 1.53 3.50
N SER D 484 34.16 2.70 3.92
CA SER D 484 34.26 3.91 3.11
C SER D 484 35.67 4.44 3.17
N TYR D 485 36.07 4.95 2.03
CA TYR D 485 37.37 5.66 1.90
C TYR D 485 37.28 6.84 2.92
N GLN D 486 38.38 7.02 3.67
CA GLN D 486 38.45 8.00 4.78
C GLN D 486 38.83 9.39 4.22
N GLU D 487 37.97 9.92 3.36
CA GLU D 487 38.17 11.27 2.79
C GLU D 487 38.08 12.33 3.88
N ARG D 488 38.92 13.35 3.82
CA ARG D 488 38.82 14.41 4.83
C ARG D 488 37.68 15.33 4.52
N VAL D 489 36.91 15.68 5.55
CA VAL D 489 35.81 16.63 5.39
C VAL D 489 36.18 17.81 6.28
N GLU D 490 36.00 19.01 5.77
CA GLU D 490 36.30 20.20 6.55
C GLU D 490 35.47 21.37 6.07
N GLY D 491 34.67 21.95 6.97
CA GLY D 491 33.87 23.09 6.55
C GLY D 491 32.74 23.26 7.54
N ASN D 492 31.93 24.28 7.33
CA ASN D 492 30.85 24.48 8.27
C ASN D 492 29.62 23.83 7.60
N LYS D 493 28.59 23.57 8.39
CA LYS D 493 27.31 23.06 7.84
C LYS D 493 26.64 24.20 7.04
N VAL D 494 26.59 24.08 5.71
CA VAL D 494 26.06 25.18 4.92
C VAL D 494 25.12 24.62 3.84
N ARG D 495 24.15 25.43 3.46
CA ARG D 495 23.40 25.18 2.16
C ARG D 495 23.94 26.18 1.19
N GLU D 496 24.95 25.75 0.43
CA GLU D 496 25.68 26.68 -0.39
C GLU D 496 26.22 25.90 -1.58
N ARG D 497 26.18 26.55 -2.74
CA ARG D 497 26.73 25.95 -4.01
C ARG D 497 28.21 26.34 -3.99
N SER D 498 29.06 25.39 -4.34
CA SER D 498 30.47 25.76 -4.44
C SER D 498 30.66 26.82 -5.52
N PRO D 499 31.50 27.86 -5.28
CA PRO D 499 31.80 28.81 -6.34
C PRO D 499 32.43 28.16 -7.59
N SER D 500 33.10 27.03 -7.38
CA SER D 500 33.71 26.30 -8.50
C SER D 500 32.70 25.77 -9.50
N PHE D 501 31.43 25.74 -9.09
CA PHE D 501 30.33 25.24 -9.95
C PHE D 501 29.68 26.35 -10.74
N GLY D 502 30.12 27.59 -10.56
CA GLY D 502 29.30 28.72 -11.07
C GLY D 502 29.81 29.16 -12.41
N GLU D 503 29.92 28.24 -13.32
CA GLU D 503 30.31 28.54 -14.68
C GLU D 503 29.40 27.68 -15.59
N TYR D 504 28.73 28.32 -16.57
CA TYR D 504 27.65 27.59 -17.28
C TYR D 504 27.76 27.43 -18.75
N TYR D 505 28.64 28.23 -19.38
CA TYR D 505 28.59 28.39 -20.86
C TYR D 505 29.72 27.72 -21.58
N SER D 506 30.87 27.49 -20.92
CA SER D 506 32.05 26.99 -21.67
C SER D 506 31.80 25.54 -22.14
N HIS D 507 31.15 24.69 -21.34
CA HIS D 507 30.98 23.34 -21.85
C HIS D 507 29.92 23.22 -22.94
N PRO D 508 28.82 23.98 -22.85
CA PRO D 508 27.94 24.07 -23.99
C PRO D 508 28.66 24.54 -25.27
N ARG D 509 29.53 25.56 -25.15
CA ARG D 509 30.29 25.99 -26.29
C ARG D 509 31.24 24.91 -26.84
N LEU D 510 31.93 24.19 -25.94
CA LEU D 510 32.82 23.13 -26.40
C LEU D 510 32.03 22.09 -27.15
N PHE D 511 30.81 21.77 -26.63
CA PHE D 511 29.98 20.80 -27.39
C PHE D 511 29.59 21.33 -28.74
N TRP D 512 29.11 22.57 -28.81
CA TRP D 512 28.70 23.18 -30.10
C TRP D 512 29.86 23.12 -31.12
N LEU D 513 31.05 23.54 -30.66
CA LEU D 513 32.17 23.63 -31.65
C LEU D 513 32.70 22.27 -32.11
N SER D 514 32.36 21.20 -31.38
CA SER D 514 32.78 19.86 -31.71
C SER D 514 31.88 19.17 -32.69
N GLN D 515 30.72 19.79 -32.99
CA GLN D 515 29.77 19.07 -33.89
C GLN D 515 30.10 19.35 -35.34
N THR D 516 29.75 18.47 -36.27
CA THR D 516 29.88 18.81 -37.71
C THR D 516 28.88 19.93 -38.06
N PRO D 517 28.95 20.51 -39.25
CA PRO D 517 28.02 21.58 -39.69
C PRO D 517 26.58 21.06 -39.76
N PHE D 518 26.38 19.81 -40.23
CA PHE D 518 25.01 19.30 -40.22
C PHE D 518 24.48 18.99 -38.80
N GLU D 519 25.37 18.60 -37.90
CA GLU D 519 24.90 18.41 -36.52
C GLU D 519 24.52 19.74 -35.91
N GLN D 520 25.30 20.82 -36.20
CA GLN D 520 24.95 22.13 -35.72
C GLN D 520 23.60 22.60 -36.27
N ARG D 521 23.37 22.40 -37.56
CA ARG D 521 22.04 22.72 -38.15
C ARG D 521 20.93 21.97 -37.36
N HIS D 522 21.12 20.68 -37.10
CA HIS D 522 20.12 19.95 -36.34
C HIS D 522 19.93 20.46 -34.90
N ILE D 523 21.00 20.96 -34.25
CA ILE D 523 20.89 21.57 -32.93
C ILE D 523 20.01 22.87 -33.07
N VAL D 524 20.33 23.69 -34.07
CA VAL D 524 19.58 24.96 -34.22
C VAL D 524 18.10 24.59 -34.46
N ASP D 525 17.82 23.57 -35.29
CA ASP D 525 16.44 23.23 -35.62
C ASP D 525 15.76 22.67 -34.41
N GLY D 526 16.50 21.96 -33.57
CA GLY D 526 15.90 21.43 -32.30
C GLY D 526 15.45 22.56 -31.36
N PHE D 527 16.36 23.49 -31.03
CA PHE D 527 15.97 24.61 -30.23
C PHE D 527 14.83 25.40 -30.93
N SER D 528 14.89 25.55 -32.24
CA SER D 528 13.86 26.38 -32.92
C SER D 528 12.47 25.71 -32.82
N PHE D 529 12.42 24.39 -33.02
CA PHE D 529 11.14 23.72 -32.99
C PHE D 529 10.64 23.81 -31.55
N GLU D 530 11.49 23.46 -30.57
CA GLU D 530 11.00 23.44 -29.22
C GLU D 530 10.50 24.80 -28.76
N LEU D 531 11.25 25.86 -29.07
CA LEU D 531 10.86 27.17 -28.58
C LEU D 531 9.63 27.70 -29.30
N SER D 532 9.38 27.21 -30.50
CA SER D 532 8.12 27.55 -31.22
C SER D 532 6.93 27.02 -30.50
N LYS D 533 7.06 25.98 -29.65
CA LYS D 533 5.93 25.44 -28.92
C LYS D 533 5.76 26.13 -27.58
N VAL D 534 6.61 27.12 -27.30
CA VAL D 534 6.48 27.85 -26.02
C VAL D 534 5.56 29.01 -26.32
N VAL D 535 4.44 29.04 -25.61
CA VAL D 535 3.32 29.96 -25.92
C VAL D 535 3.66 31.36 -25.45
N ARG D 536 4.45 31.53 -24.38
CA ARG D 536 4.80 32.90 -23.85
C ARG D 536 6.07 33.41 -24.55
N PRO D 537 5.99 34.46 -25.38
CA PRO D 537 7.15 34.76 -26.22
C PRO D 537 8.34 35.24 -25.41
N TYR D 538 8.11 35.85 -24.23
CA TYR D 538 9.24 36.34 -23.44
C TYR D 538 10.19 35.17 -23.02
N ILE D 539 9.60 33.96 -22.85
CA ILE D 539 10.49 32.81 -22.50
C ILE D 539 11.40 32.47 -23.68
N ARG D 540 10.87 32.56 -24.91
CA ARG D 540 11.71 32.30 -26.08
C ARG D 540 12.84 33.32 -26.15
N GLU D 541 12.50 34.57 -25.86
CA GLU D 541 13.52 35.64 -25.88
C GLU D 541 14.59 35.38 -24.81
N ARG D 542 14.15 34.99 -23.59
CA ARG D 542 15.12 34.71 -22.47
C ARG D 542 16.05 33.54 -22.84
N VAL D 543 15.54 32.48 -23.51
CA VAL D 543 16.41 31.37 -23.98
C VAL D 543 17.42 31.83 -25.02
N VAL D 544 16.93 32.61 -25.95
CA VAL D 544 17.82 33.11 -27.02
C VAL D 544 18.96 33.95 -26.39
N ASP D 545 18.65 34.74 -25.41
CA ASP D 545 19.69 35.49 -24.71
C ASP D 545 20.72 34.54 -24.06
N GLN D 546 20.28 33.40 -23.48
CA GLN D 546 21.26 32.46 -22.94
C GLN D 546 22.09 31.92 -24.05
N LEU D 547 21.47 31.55 -25.20
CA LEU D 547 22.27 31.04 -26.36
C LEU D 547 23.40 32.03 -26.73
N ALA D 548 23.10 33.32 -26.63
CA ALA D 548 24.08 34.34 -27.03
C ALA D 548 25.26 34.35 -26.10
N HIS D 549 25.12 33.81 -24.88
CA HIS D 549 26.29 33.63 -23.98
C HIS D 549 27.10 32.41 -24.30
N ILE D 550 26.61 31.57 -25.19
CA ILE D 550 27.32 30.34 -25.59
C ILE D 550 28.03 30.52 -26.98
N ASP D 551 27.30 30.95 -27.99
CA ASP D 551 27.90 31.09 -29.32
C ASP D 551 26.92 32.00 -30.12
N LEU D 552 27.45 33.10 -30.65
CA LEU D 552 26.66 34.02 -31.40
C LEU D 552 26.07 33.40 -32.68
N THR D 553 26.79 32.49 -33.39
CA THR D 553 26.24 31.87 -34.60
C THR D 553 24.95 31.04 -34.24
N LEU D 554 25.09 30.21 -33.23
CA LEU D 554 23.92 29.44 -32.73
C LEU D 554 22.79 30.39 -32.37
N ALA D 555 23.09 31.43 -31.55
CA ALA D 555 21.99 32.29 -31.08
C ALA D 555 21.34 33.00 -32.27
N GLN D 556 22.13 33.50 -33.21
CA GLN D 556 21.53 34.17 -34.35
C GLN D 556 20.67 33.29 -35.25
N ALA D 557 21.06 32.03 -35.40
CA ALA D 557 20.33 31.13 -36.29
C ALA D 557 19.00 30.71 -35.63
N VAL D 558 19.03 30.53 -34.30
CA VAL D 558 17.77 30.22 -33.52
C VAL D 558 16.86 31.46 -33.55
N ALA D 559 17.48 32.62 -33.29
CA ALA D 559 16.68 33.84 -33.30
C ALA D 559 16.01 34.08 -34.69
N LYS D 560 16.72 33.80 -35.76
CA LYS D 560 16.13 34.00 -37.11
C LYS D 560 14.88 33.14 -37.34
N ASN D 561 14.92 31.87 -36.90
CA ASN D 561 13.75 30.97 -36.99
C ASN D 561 12.63 31.37 -36.09
N LEU D 562 12.94 32.17 -35.05
CA LEU D 562 11.88 32.61 -34.16
C LEU D 562 11.39 34.04 -34.45
N GLY D 563 11.96 34.64 -35.50
CA GLY D 563 11.61 36.05 -35.84
C GLY D 563 12.04 37.06 -34.76
N ILE D 564 13.09 36.75 -34.00
CA ILE D 564 13.69 37.58 -32.97
C ILE D 564 14.99 38.19 -33.49
N GLU D 565 15.27 39.47 -33.18
CA GLU D 565 16.49 40.13 -33.63
C GLU D 565 17.33 40.31 -32.38
N LEU D 566 18.59 39.91 -32.40
CA LEU D 566 19.48 40.11 -31.28
C LEU D 566 19.78 41.61 -31.13
N THR D 567 19.88 42.06 -29.89
CA THR D 567 20.21 43.48 -29.61
C THR D 567 21.70 43.71 -29.77
N ASP D 568 22.12 44.97 -29.86
CA ASP D 568 23.55 45.21 -29.97
C ASP D 568 24.30 44.65 -28.76
N ASP D 569 23.70 44.72 -27.56
CA ASP D 569 24.34 44.15 -26.36
C ASP D 569 24.58 42.64 -26.48
N GLN D 570 23.59 41.93 -26.99
CA GLN D 570 23.72 40.50 -27.22
C GLN D 570 24.79 40.14 -28.27
N LEU D 571 24.85 40.95 -29.32
CA LEU D 571 25.83 40.72 -30.35
C LEU D 571 27.25 40.87 -29.80
N ASN D 572 27.40 41.58 -28.69
CA ASN D 572 28.70 41.89 -28.14
C ASN D 572 29.08 41.08 -26.93
N ILE D 573 28.24 40.09 -26.51
CA ILE D 573 28.69 39.27 -25.38
C ILE D 573 29.95 38.50 -25.69
N THR D 574 30.92 38.56 -24.80
CA THR D 574 32.16 37.87 -25.19
C THR D 574 31.96 36.36 -24.90
N PRO D 575 32.49 35.51 -25.78
CA PRO D 575 32.31 34.09 -25.61
C PRO D 575 33.00 33.56 -24.38
N PRO D 576 32.50 32.47 -23.83
CA PRO D 576 33.16 31.89 -22.69
C PRO D 576 34.53 31.33 -23.08
N PRO D 577 35.38 31.15 -22.10
CA PRO D 577 36.72 30.60 -22.37
C PRO D 577 36.67 29.15 -22.89
N ASP D 578 37.72 28.76 -23.61
CA ASP D 578 37.94 27.36 -24.03
C ASP D 578 38.02 26.50 -22.76
N VAL D 579 37.89 25.17 -22.88
CA VAL D 579 38.02 24.30 -21.69
C VAL D 579 39.41 23.72 -21.66
N ASN D 580 40.25 24.19 -20.73
CA ASN D 580 41.63 23.73 -20.66
C ASN D 580 42.31 23.78 -21.99
N GLY D 581 42.05 24.87 -22.69
CA GLY D 581 42.73 25.03 -23.97
C GLY D 581 42.13 24.39 -25.18
N LEU D 582 41.04 23.66 -25.01
CA LEU D 582 40.42 22.99 -26.16
C LEU D 582 39.36 23.87 -26.78
N LYS D 583 39.39 23.95 -28.08
CA LYS D 583 38.28 24.55 -28.82
C LYS D 583 37.45 23.51 -29.59
N LYS D 584 37.79 22.24 -29.47
CA LYS D 584 36.82 21.21 -29.86
C LYS D 584 37.35 19.91 -29.38
N ASP D 585 36.45 18.91 -29.32
CA ASP D 585 36.85 17.57 -29.03
C ASP D 585 35.95 16.67 -29.86
N PRO D 586 36.50 16.01 -30.88
CA PRO D 586 35.68 15.23 -31.81
C PRO D 586 35.00 14.02 -31.23
N SER D 587 35.39 13.56 -30.04
CA SER D 587 34.62 12.48 -29.46
C SER D 587 33.23 12.93 -28.99
N LEU D 588 32.96 14.26 -29.01
CA LEU D 588 31.63 14.79 -28.63
C LEU D 588 30.64 14.75 -29.78
N SER D 589 31.13 14.50 -31.00
CA SER D 589 30.22 14.41 -32.16
C SER D 589 29.73 12.97 -32.36
N LEU D 590 28.52 12.79 -32.89
CA LEU D 590 28.10 11.42 -33.26
C LEU D 590 28.80 10.98 -34.51
N TYR D 591 29.11 11.91 -35.44
CA TYR D 591 29.46 11.47 -36.81
C TYR D 591 30.83 11.97 -37.28
N ALA D 592 31.45 12.88 -36.54
CA ALA D 592 32.73 13.44 -37.09
C ALA D 592 33.79 12.36 -37.33
N ILE D 593 33.86 11.34 -36.47
CA ILE D 593 34.76 10.19 -36.74
C ILE D 593 33.95 8.93 -37.07
N PRO D 594 34.08 8.43 -38.32
CA PRO D 594 33.23 7.32 -38.79
C PRO D 594 33.42 6.06 -37.92
N ASP D 595 32.31 5.44 -37.50
CA ASP D 595 32.33 4.21 -36.67
C ASP D 595 31.10 3.41 -37.12
N GLY D 596 30.77 3.50 -38.42
CA GLY D 596 29.58 2.81 -38.99
C GLY D 596 29.64 1.28 -38.90
N ASP D 597 28.50 0.63 -38.64
CA ASP D 597 28.43 -0.84 -38.63
C ASP D 597 27.06 -1.20 -39.23
N VAL D 598 27.03 -1.91 -40.33
CA VAL D 598 25.73 -2.23 -40.93
C VAL D 598 25.05 -3.44 -40.37
N LYS D 599 25.75 -4.29 -39.62
CA LYS D 599 25.05 -5.49 -39.20
C LYS D 599 23.86 -5.19 -38.29
N GLY D 600 22.71 -5.79 -38.59
CA GLY D 600 21.49 -5.58 -37.77
C GLY D 600 20.66 -4.43 -38.26
N ARG D 601 21.13 -3.66 -39.26
CA ARG D 601 20.29 -2.66 -39.91
C ARG D 601 19.26 -3.34 -40.82
N VAL D 602 18.32 -2.56 -41.36
CA VAL D 602 17.26 -3.18 -42.19
C VAL D 602 16.97 -2.33 -43.40
N VAL D 603 16.72 -2.99 -44.53
CA VAL D 603 16.41 -2.31 -45.76
C VAL D 603 15.02 -2.73 -46.20
N ALA D 604 14.25 -1.75 -46.70
CA ALA D 604 12.95 -2.07 -47.36
C ALA D 604 13.24 -2.35 -48.85
N ILE D 605 12.60 -3.41 -49.34
CA ILE D 605 12.68 -3.81 -50.78
C ILE D 605 11.26 -3.61 -51.31
N LEU D 606 11.06 -2.67 -52.24
CA LEU D 606 9.73 -2.40 -52.77
C LEU D 606 9.52 -3.30 -53.99
N LEU D 607 8.60 -4.25 -53.82
CA LEU D 607 8.31 -5.25 -54.85
C LEU D 607 7.26 -4.72 -55.84
N ASN D 608 7.22 -5.40 -57.00
CA ASN D 608 6.17 -5.21 -58.00
C ASN D 608 5.59 -6.57 -58.34
N ASP D 609 4.54 -6.66 -59.16
CA ASP D 609 3.93 -8.00 -59.37
C ASP D 609 4.70 -8.95 -60.34
N GLU D 610 5.83 -8.52 -60.87
CA GLU D 610 6.72 -9.45 -61.62
C GLU D 610 8.18 -9.04 -61.52
N VAL D 611 8.72 -9.15 -60.31
CA VAL D 611 10.06 -8.69 -59.99
C VAL D 611 11.06 -9.43 -60.84
N ARG D 612 12.07 -8.72 -61.28
CA ARG D 612 13.23 -9.33 -61.89
C ARG D 612 14.03 -10.16 -60.87
N SER D 613 13.86 -11.48 -60.89
CA SER D 613 14.37 -12.38 -59.85
C SER D 613 15.89 -12.31 -59.71
N ALA D 614 16.63 -12.13 -60.80
CA ALA D 614 18.12 -11.98 -60.69
C ALA D 614 18.56 -10.77 -59.85
N ASP D 615 17.78 -9.69 -59.88
CA ASP D 615 18.07 -8.49 -59.09
C ASP D 615 17.85 -8.92 -57.68
N LEU D 616 16.71 -9.56 -57.39
CA LEU D 616 16.36 -9.84 -55.99
C LEU D 616 17.34 -10.86 -55.41
N LEU D 617 17.83 -11.81 -56.22
CA LEU D 617 18.83 -12.77 -55.66
C LEU D 617 20.13 -12.06 -55.24
N ALA D 618 20.58 -11.13 -56.09
CA ALA D 618 21.79 -10.38 -55.89
C ALA D 618 21.62 -9.45 -54.66
N ILE D 619 20.46 -8.79 -54.59
CA ILE D 619 20.20 -7.88 -53.43
C ILE D 619 20.18 -8.71 -52.16
N LEU D 620 19.35 -9.75 -52.12
CA LEU D 620 19.18 -10.40 -50.86
C LEU D 620 20.44 -11.09 -50.36
N LYS D 621 21.23 -11.66 -51.28
CA LYS D 621 22.40 -12.38 -50.80
C LYS D 621 23.46 -11.39 -50.37
N ALA D 622 23.52 -10.21 -50.96
CA ALA D 622 24.52 -9.25 -50.52
C ALA D 622 24.20 -8.74 -49.09
N LEU D 623 22.92 -8.47 -48.85
CA LEU D 623 22.48 -8.01 -47.50
C LEU D 623 22.81 -9.12 -46.48
N LYS D 624 22.49 -10.35 -46.83
CA LYS D 624 22.68 -11.45 -45.86
C LYS D 624 24.14 -11.61 -45.49
N ALA D 625 25.00 -11.44 -46.47
CA ALA D 625 26.46 -11.55 -46.26
C ALA D 625 26.99 -10.52 -45.27
N LYS D 626 26.31 -9.36 -45.14
CA LYS D 626 26.77 -8.32 -44.21
C LYS D 626 25.86 -8.22 -42.94
N GLY D 627 24.94 -9.16 -42.82
CA GLY D 627 24.04 -9.26 -41.60
C GLY D 627 23.01 -8.18 -41.61
N VAL D 628 22.70 -7.67 -42.80
CA VAL D 628 21.66 -6.64 -42.96
C VAL D 628 20.33 -7.28 -43.29
N HIS D 629 19.29 -6.95 -42.56
CA HIS D 629 18.02 -7.61 -42.82
C HIS D 629 17.20 -6.94 -43.91
N ALA D 630 16.23 -7.68 -44.45
CA ALA D 630 15.35 -7.12 -45.49
C ALA D 630 13.93 -7.25 -45.15
N LYS D 631 13.10 -6.30 -45.60
CA LYS D 631 11.63 -6.50 -45.53
C LYS D 631 11.04 -6.27 -46.92
N LEU D 632 10.35 -7.29 -47.40
CA LEU D 632 9.79 -7.25 -48.72
C LEU D 632 8.39 -6.62 -48.62
N LEU D 633 8.22 -5.51 -49.29
CA LEU D 633 6.99 -4.72 -49.20
C LEU D 633 6.21 -4.71 -50.51
N TYR D 634 4.90 -4.62 -50.35
CA TYR D 634 4.04 -4.51 -51.52
C TYR D 634 2.75 -3.69 -51.17
N SER D 635 1.82 -3.61 -52.10
CA SER D 635 0.58 -2.84 -51.89
C SER D 635 -0.53 -3.65 -51.18
N ARG D 636 -0.28 -4.93 -50.91
CA ARG D 636 -1.21 -5.83 -50.22
C ARG D 636 -0.38 -6.93 -49.56
N MET D 637 -0.98 -7.72 -48.68
CA MET D 637 -0.28 -8.89 -48.12
C MET D 637 -0.38 -10.12 -49.07
N GLY D 638 0.22 -11.23 -48.66
CA GLY D 638 0.17 -12.55 -49.33
C GLY D 638 1.44 -12.75 -50.10
N GLU D 639 1.31 -13.05 -51.40
CA GLU D 639 2.51 -13.35 -52.23
C GLU D 639 2.46 -12.61 -53.54
N VAL D 640 3.63 -12.42 -54.12
CA VAL D 640 3.73 -12.10 -55.54
C VAL D 640 4.68 -13.12 -56.20
N THR D 641 4.59 -13.26 -57.53
CA THR D 641 5.46 -14.15 -58.30
C THR D 641 6.45 -13.40 -59.22
N ALA D 642 7.76 -13.73 -59.09
CA ALA D 642 8.81 -13.11 -59.86
C ALA D 642 8.74 -13.59 -61.34
N ASP D 643 9.50 -12.94 -62.21
CA ASP D 643 9.61 -13.30 -63.62
C ASP D 643 9.89 -14.80 -63.84
N ASP D 644 10.71 -15.44 -63.00
CA ASP D 644 11.12 -16.82 -63.23
C ASP D 644 10.24 -17.75 -62.43
N GLY D 645 9.12 -17.24 -61.90
CA GLY D 645 8.24 -18.07 -61.13
C GLY D 645 8.46 -18.20 -59.63
N THR D 646 9.50 -17.56 -59.09
CA THR D 646 9.75 -17.72 -57.64
C THR D 646 8.63 -16.95 -56.90
N VAL D 647 8.09 -17.58 -55.87
CA VAL D 647 6.97 -17.06 -55.07
C VAL D 647 7.58 -16.27 -53.91
N LEU D 648 7.26 -14.97 -53.84
CA LEU D 648 7.88 -14.05 -52.86
C LEU D 648 6.89 -13.72 -51.75
N PRO D 649 7.16 -14.08 -50.46
CA PRO D 649 6.19 -13.70 -49.46
C PRO D 649 6.33 -12.24 -49.02
N ILE D 650 5.19 -11.60 -48.78
CA ILE D 650 5.23 -10.15 -48.48
C ILE D 650 5.19 -9.99 -47.00
N ALA D 651 6.06 -9.11 -46.49
CA ALA D 651 6.19 -8.85 -45.05
C ALA D 651 5.19 -7.84 -44.55
N ALA D 652 4.97 -6.83 -45.37
CA ALA D 652 4.13 -5.68 -45.00
C ALA D 652 3.78 -4.88 -46.18
N THR D 653 2.79 -4.01 -46.01
CA THR D 653 2.46 -3.10 -47.06
C THR D 653 3.28 -1.83 -46.96
N PHE D 654 3.32 -1.07 -48.03
CA PHE D 654 4.05 0.22 -48.04
C PHE D 654 3.59 1.09 -46.83
N ALA D 655 2.28 1.18 -46.60
CA ALA D 655 1.80 2.00 -45.44
C ALA D 655 1.95 1.31 -44.09
N GLY D 656 1.93 0.00 -44.10
CA GLY D 656 2.08 -0.82 -42.89
C GLY D 656 3.47 -0.76 -42.27
N ALA D 657 4.52 -0.62 -43.10
CA ALA D 657 5.90 -0.64 -42.67
C ALA D 657 6.60 0.56 -43.34
N PRO D 658 6.32 1.79 -42.85
CA PRO D 658 6.82 2.96 -43.57
C PRO D 658 8.33 3.06 -43.53
N SER D 659 8.85 3.95 -44.40
CA SER D 659 10.30 4.08 -44.53
C SER D 659 10.95 4.54 -43.23
N LEU D 660 10.14 5.05 -42.33
CA LEU D 660 10.66 5.49 -41.02
C LEU D 660 11.39 4.32 -40.32
N THR D 661 10.88 3.10 -40.59
CA THR D 661 11.29 1.92 -39.83
C THR D 661 12.49 1.24 -40.48
N VAL D 662 13.06 1.81 -41.57
CA VAL D 662 14.20 1.16 -42.18
C VAL D 662 15.35 2.09 -42.34
N ASP D 663 16.52 1.54 -42.74
CA ASP D 663 17.74 2.37 -42.90
C ASP D 663 18.06 2.78 -44.33
N ALA D 664 17.39 2.08 -45.24
CA ALA D 664 17.65 2.30 -46.69
C ALA D 664 16.55 1.61 -47.47
N VAL D 665 16.43 2.02 -48.73
CA VAL D 665 15.37 1.52 -49.58
C VAL D 665 15.96 1.04 -50.93
N ILE D 666 15.56 -0.15 -51.37
CA ILE D 666 16.12 -0.68 -52.64
C ILE D 666 14.85 -1.03 -53.48
N VAL D 667 14.83 -0.63 -54.75
CA VAL D 667 13.70 -0.96 -55.66
C VAL D 667 14.30 -1.81 -56.82
N PRO D 668 13.93 -3.11 -56.89
CA PRO D 668 14.43 -3.95 -58.01
C PRO D 668 13.55 -3.70 -59.21
N CYS D 669 14.05 -4.17 -60.35
CA CYS D 669 13.33 -4.03 -61.61
C CYS D 669 12.20 -5.05 -61.71
N GLY D 670 11.49 -5.01 -62.85
CA GLY D 670 10.40 -5.94 -63.00
C GLY D 670 9.31 -5.11 -63.66
N ASN D 671 8.07 -5.44 -63.33
CA ASN D 671 6.95 -4.62 -63.89
C ASN D 671 6.74 -3.34 -63.07
N ILE D 672 7.56 -2.34 -63.34
CA ILE D 672 7.52 -1.09 -62.51
C ILE D 672 6.21 -0.30 -62.68
N ALA D 673 5.52 -0.55 -63.80
CA ALA D 673 4.22 0.11 -64.00
C ALA D 673 3.20 -0.30 -62.95
N ASP D 674 3.39 -1.46 -62.33
CA ASP D 674 2.47 -1.91 -61.28
C ASP D 674 2.45 -0.94 -60.09
N ILE D 675 3.58 -0.30 -59.80
CA ILE D 675 3.72 0.55 -58.56
C ILE D 675 4.08 2.02 -58.85
N ALA D 676 4.41 2.28 -60.11
CA ALA D 676 4.83 3.62 -60.52
C ALA D 676 3.84 4.72 -60.21
N ASP D 677 2.55 4.39 -60.17
CA ASP D 677 1.57 5.42 -59.90
C ASP D 677 0.89 5.14 -58.59
N ASN D 678 1.50 4.27 -57.75
CA ASN D 678 0.96 3.98 -56.41
C ASN D 678 1.45 5.13 -55.51
N GLY D 679 0.52 5.91 -54.96
CA GLY D 679 0.94 7.07 -54.21
C GLY D 679 1.80 6.65 -53.02
N ASP D 680 1.43 5.55 -52.33
CA ASP D 680 2.24 5.03 -51.22
C ASP D 680 3.66 4.64 -51.63
N ALA D 681 3.83 3.98 -52.76
CA ALA D 681 5.19 3.68 -53.23
C ALA D 681 6.01 4.94 -53.49
N ASN D 682 5.45 5.90 -54.24
CA ASN D 682 6.12 7.13 -54.40
C ASN D 682 6.43 7.88 -53.09
N TYR D 683 5.48 7.93 -52.18
CA TYR D 683 5.68 8.67 -50.96
C TYR D 683 6.77 7.95 -50.12
N TYR D 684 6.82 6.61 -50.24
CA TYR D 684 7.79 5.80 -49.47
C TYR D 684 9.20 6.36 -49.80
N LEU D 685 9.46 6.59 -51.10
CA LEU D 685 10.75 7.09 -51.57
C LEU D 685 10.97 8.56 -51.19
N MET D 686 9.90 9.37 -51.28
CA MET D 686 10.01 10.76 -50.86
C MET D 686 10.37 10.90 -49.39
N GLU D 687 9.71 10.10 -48.56
CA GLU D 687 9.96 10.18 -47.11
C GLU D 687 11.38 9.69 -46.83
N ALA D 688 11.82 8.57 -47.43
CA ALA D 688 13.21 8.06 -47.27
C ALA D 688 14.22 9.09 -47.76
N TYR D 689 13.90 9.75 -48.86
CA TYR D 689 14.80 10.74 -49.43
C TYR D 689 14.96 11.94 -48.45
N LYS D 690 13.81 12.48 -47.99
CA LYS D 690 13.78 13.59 -46.97
C LYS D 690 14.62 13.28 -45.75
N HIS D 691 14.55 12.02 -45.31
CA HIS D 691 15.20 11.63 -44.06
C HIS D 691 16.63 11.17 -44.31
N LEU D 692 17.16 11.47 -45.49
CA LEU D 692 18.63 11.29 -45.79
C LEU D 692 19.05 9.80 -45.88
N LYS D 693 18.10 8.91 -46.18
CA LYS D 693 18.43 7.52 -46.29
C LYS D 693 18.95 7.14 -47.67
N PRO D 694 19.87 6.21 -47.71
CA PRO D 694 20.34 5.73 -49.02
C PRO D 694 19.18 5.07 -49.75
N ILE D 695 19.14 5.30 -51.05
CA ILE D 695 18.14 4.71 -51.93
C ILE D 695 18.84 4.10 -53.16
N ALA D 696 18.39 2.89 -53.54
CA ALA D 696 19.03 2.19 -54.69
C ALA D 696 17.96 1.74 -55.64
N LEU D 697 18.14 2.07 -56.93
CA LEU D 697 17.10 1.87 -57.94
C LEU D 697 17.71 1.04 -59.14
N ALA D 698 17.22 -0.16 -59.34
CA ALA D 698 17.77 -1.00 -60.47
C ALA D 698 16.84 -0.93 -61.67
N GLY D 699 17.44 -0.78 -62.85
CA GLY D 699 16.70 -1.11 -64.05
C GLY D 699 15.61 -0.08 -64.21
N ASP D 700 14.41 -0.52 -64.53
CA ASP D 700 13.31 0.41 -64.79
C ASP D 700 12.89 1.11 -63.48
N ALA D 701 13.37 0.63 -62.33
CA ALA D 701 12.98 1.32 -61.10
C ALA D 701 13.58 2.74 -61.14
N ARG D 702 14.50 2.99 -62.10
CA ARG D 702 15.06 4.32 -62.19
C ARG D 702 14.01 5.39 -62.63
N LYS D 703 12.85 4.93 -63.05
CA LYS D 703 11.73 5.86 -63.35
C LYS D 703 11.26 6.63 -62.09
N PHE D 704 11.52 6.07 -60.90
CA PHE D 704 11.28 6.81 -59.65
C PHE D 704 12.21 8.01 -59.41
N LYS D 705 13.28 8.17 -60.17
CA LYS D 705 14.10 9.36 -60.05
C LYS D 705 13.25 10.66 -60.18
N ALA D 706 12.25 10.68 -61.08
CA ALA D 706 11.43 11.88 -61.24
C ALA D 706 10.66 12.25 -59.97
N THR D 707 10.19 11.23 -59.24
CA THR D 707 9.50 11.45 -57.97
C THR D 707 10.36 12.24 -56.95
N ILE D 708 11.62 11.91 -56.85
CA ILE D 708 12.51 12.57 -55.90
C ILE D 708 13.41 13.60 -56.57
N LYS D 709 13.07 13.90 -57.83
CA LYS D 709 13.76 14.95 -58.60
C LYS D 709 15.29 14.74 -58.68
N ILE D 710 15.74 13.55 -59.06
CA ILE D 710 17.16 13.30 -59.25
C ILE D 710 17.45 13.63 -60.72
N ALA D 711 18.61 14.26 -60.96
CA ALA D 711 19.07 14.59 -62.31
C ALA D 711 19.52 13.30 -63.04
N ASP D 712 19.58 13.35 -64.37
CA ASP D 712 19.90 12.16 -65.18
C ASP D 712 21.25 11.58 -64.87
N GLN D 713 22.24 12.45 -64.65
CA GLN D 713 23.59 11.96 -64.41
C GLN D 713 23.75 11.44 -62.97
N GLY D 714 22.66 11.49 -62.19
CA GLY D 714 22.61 10.96 -60.81
C GLY D 714 23.10 11.93 -59.72
N GLU D 715 23.19 11.44 -58.48
CA GLU D 715 23.60 12.25 -57.35
C GLU D 715 24.14 11.35 -56.25
N GLU D 716 25.12 11.85 -55.47
CA GLU D 716 25.67 11.11 -54.32
C GLU D 716 24.52 10.75 -53.34
N GLY D 717 24.48 9.46 -52.97
CA GLY D 717 23.40 9.01 -52.13
C GLY D 717 22.30 8.25 -52.82
N ILE D 718 22.25 8.27 -54.15
CA ILE D 718 21.30 7.47 -54.88
C ILE D 718 22.08 6.46 -55.71
N VAL D 719 21.87 5.16 -55.46
CA VAL D 719 22.62 4.15 -56.22
C VAL D 719 21.75 3.76 -57.38
N GLU D 720 22.25 3.78 -58.61
CA GLU D 720 21.39 3.43 -59.77
C GLU D 720 22.26 2.71 -60.77
N ALA D 721 21.70 1.67 -61.34
CA ALA D 721 22.34 0.91 -62.42
C ALA D 721 21.29 0.16 -63.28
N ASP D 722 21.75 -0.35 -64.43
CA ASP D 722 20.91 -1.27 -65.24
C ASP D 722 20.44 -2.50 -64.50
N SER D 723 21.31 -3.05 -63.63
CA SER D 723 20.93 -4.23 -62.87
C SER D 723 21.52 -4.18 -61.43
N ALA D 724 21.00 -5.05 -60.55
CA ALA D 724 21.48 -4.98 -59.13
C ALA D 724 22.83 -5.71 -58.95
N ASP D 725 23.43 -6.07 -60.07
CA ASP D 725 24.72 -6.78 -60.05
C ASP D 725 25.90 -5.83 -60.01
N GLY D 726 27.09 -6.39 -60.21
CA GLY D 726 28.33 -5.63 -60.19
C GLY D 726 28.45 -4.89 -58.88
N SER D 727 28.75 -3.61 -58.99
CA SER D 727 29.07 -2.84 -57.81
C SER D 727 27.86 -2.21 -57.11
N PHE D 728 26.65 -2.44 -57.62
CA PHE D 728 25.43 -1.84 -57.04
C PHE D 728 25.25 -2.09 -55.54
N MET D 729 25.34 -3.35 -55.10
CA MET D 729 25.14 -3.62 -53.64
C MET D 729 26.32 -3.11 -52.85
N ASP D 730 27.55 -3.17 -53.39
CA ASP D 730 28.67 -2.62 -52.60
C ASP D 730 28.52 -1.13 -52.39
N GLU D 731 28.03 -0.44 -53.41
CA GLU D 731 27.81 0.99 -53.28
C GLU D 731 26.75 1.30 -52.27
N LEU D 732 25.67 0.56 -52.32
CA LEU D 732 24.56 0.81 -51.38
C LEU D 732 25.08 0.51 -49.95
N LEU D 733 25.85 -0.57 -49.78
CA LEU D 733 26.32 -0.92 -48.43
C LEU D 733 27.33 0.08 -47.90
N THR D 734 28.06 0.73 -48.78
CA THR D 734 28.97 1.81 -48.39
C THR D 734 28.23 3.02 -47.90
N LEU D 735 27.12 3.30 -48.56
CA LEU D 735 26.26 4.37 -48.09
C LEU D 735 25.70 4.04 -46.68
N MET D 736 25.22 2.80 -46.51
CA MET D 736 24.66 2.37 -45.23
C MET D 736 25.65 2.47 -44.13
N ALA D 737 26.93 2.21 -44.42
CA ALA D 737 27.95 2.23 -43.35
C ALA D 737 28.13 3.71 -42.90
N ALA D 738 27.84 4.67 -43.77
CA ALA D 738 27.97 6.09 -43.34
C ALA D 738 26.64 6.61 -42.72
N HIS D 739 25.65 5.73 -42.64
CA HIS D 739 24.34 5.95 -41.91
C HIS D 739 23.33 6.80 -42.71
N ARG D 740 23.66 8.07 -42.94
CA ARG D 740 22.77 8.98 -43.70
C ARG D 740 23.57 9.82 -44.71
N VAL D 741 22.86 10.39 -45.69
CA VAL D 741 23.48 11.10 -46.78
C VAL D 741 23.39 12.61 -46.39
N TRP D 742 24.31 13.05 -45.52
CA TRP D 742 24.24 14.43 -45.05
C TRP D 742 24.34 15.50 -46.19
N SER D 743 25.03 15.15 -47.25
CA SER D 743 25.19 16.06 -48.41
C SER D 743 23.85 16.41 -49.07
N ARG D 744 22.82 15.63 -48.80
CA ARG D 744 21.50 15.86 -49.35
C ARG D 744 20.70 16.95 -48.64
N ILE D 745 21.20 17.44 -47.52
CA ILE D 745 20.36 18.33 -46.70
C ILE D 745 19.89 19.58 -47.48
N PRO D 746 20.77 20.30 -48.18
CA PRO D 746 20.20 21.44 -48.93
C PRO D 746 19.19 21.09 -50.01
N LYS D 747 19.25 19.86 -50.54
CA LYS D 747 18.32 19.36 -51.55
C LYS D 747 16.92 19.05 -51.02
N ILE D 748 16.77 18.62 -49.74
CA ILE D 748 15.49 18.07 -49.25
C ILE D 748 14.63 19.22 -48.89
N ASP D 749 15.33 20.32 -48.62
CA ASP D 749 14.86 21.50 -47.99
C ASP D 749 13.58 22.06 -48.60
N LYS D 750 13.29 21.67 -49.86
CA LYS D 750 12.09 22.09 -50.57
C LYS D 750 11.24 20.95 -51.19
N ILE D 751 11.52 19.68 -50.85
CA ILE D 751 10.70 18.53 -51.31
C ILE D 751 9.38 18.55 -50.50
N PRO D 752 8.24 18.33 -51.16
CA PRO D 752 6.98 18.38 -50.36
C PRO D 752 6.73 16.97 -49.74
N ALA D 753 7.26 16.72 -48.55
CA ALA D 753 7.09 15.42 -47.89
C ALA D 753 7.20 15.56 -46.37
#